data_1S4D
#
_entry.id   1S4D
#
_cell.length_a   218.097
_cell.length_b   218.097
_cell.length_c   190.341
_cell.angle_alpha   90.00
_cell.angle_beta   90.00
_cell.angle_gamma   90.00
#
_symmetry.space_group_name_H-M   'I 4'
#
loop_
_entity.id
_entity.type
_entity.pdbx_description
1 polymer 'Uroporphyrin-III C-methyltransferase'
2 non-polymer S-ADENOSYL-L-HOMOCYSTEINE
3 non-polymer GLYCEROL
4 water water
#
_entity_poly.entity_id   1
_entity_poly.type   'polypeptide(L)'
_entity_poly.pdbx_seq_one_letter_code
;MIDDLFAGLPALEKGSVWLVGAGPGDPGLLTLHAANALRQADVIVHDALVNEDCLKLARPGAVLEFAGKRGGKPSPKQRD
ISLRLVELARAGNRVLRLKGGDPFVFGRGGEEALTLVEHQVPFRIVPGITAGIGGLAYAGIPVTHREVNHAVTFLTGHDS
SGLVPDRINWQGIASGSPVIVMYMAMKHIGAITANLIAGGRSPDEPVAFVCNAATPQQAVLETTLARAEADVAAAGLEPP
AIVVVGEVVRLRAALDWIGALDGRKLAADPFANRILRNPA
;
_entity_poly.pdbx_strand_id   A,B,D,E,F,G,H,I,J,K,L,M
#
loop_
_chem_comp.id
_chem_comp.type
_chem_comp.name
_chem_comp.formula
GOL non-polymer GLYCEROL 'C3 H8 O3'
#
# COMPACT_ATOMS: atom_id res chain seq x y z
N PHE A 6 56.43 -15.98 -40.77
CA PHE A 6 55.39 -15.14 -40.07
C PHE A 6 54.29 -14.55 -40.96
N ALA A 7 53.33 -15.44 -41.25
CA ALA A 7 52.14 -15.20 -42.05
C ALA A 7 51.22 -16.43 -41.98
N GLY A 8 50.31 -16.49 -40.99
CA GLY A 8 49.20 -17.48 -40.98
C GLY A 8 47.92 -16.65 -41.12
N LEU A 9 47.68 -16.12 -42.33
CA LEU A 9 46.59 -15.17 -42.56
C LEU A 9 45.75 -15.61 -43.72
N PRO A 10 44.58 -14.99 -43.92
CA PRO A 10 43.68 -15.58 -44.92
C PRO A 10 44.28 -15.64 -46.33
N ALA A 11 43.92 -16.71 -47.05
CA ALA A 11 44.34 -16.96 -48.42
C ALA A 11 43.46 -16.20 -49.39
N LEU A 12 44.05 -15.70 -50.47
CA LEU A 12 43.28 -15.11 -51.54
C LEU A 12 42.67 -16.22 -52.34
N GLU A 13 41.36 -16.35 -52.25
CA GLU A 13 40.67 -17.49 -52.84
C GLU A 13 40.32 -17.25 -54.30
N LYS A 14 39.30 -17.89 -54.80
CA LYS A 14 38.94 -17.86 -56.21
C LYS A 14 37.48 -17.55 -56.39
N GLY A 15 37.10 -17.30 -57.62
CA GLY A 15 35.92 -16.45 -57.85
C GLY A 15 35.95 -15.20 -56.98
N SER A 16 37.15 -14.87 -56.35
CA SER A 16 37.22 -13.77 -55.39
C SER A 16 38.12 -12.60 -55.80
N VAL A 17 37.81 -11.43 -55.25
CA VAL A 17 38.61 -10.24 -55.49
C VAL A 17 38.90 -9.59 -54.15
N TRP A 18 40.16 -9.20 -53.94
CA TRP A 18 40.47 -8.34 -52.81
C TRP A 18 40.66 -6.93 -53.35
N LEU A 19 40.01 -5.96 -52.72
CA LEU A 19 40.28 -4.56 -53.02
C LEU A 19 41.34 -4.11 -52.02
N VAL A 20 42.55 -3.85 -52.48
CA VAL A 20 43.71 -3.74 -51.59
C VAL A 20 44.39 -2.37 -51.63
N GLY A 21 44.60 -1.78 -50.46
CA GLY A 21 45.23 -0.46 -50.39
C GLY A 21 46.74 -0.55 -50.53
N ALA A 22 47.33 0.16 -51.49
CA ALA A 22 48.80 0.17 -51.62
C ALA A 22 49.51 1.23 -50.78
N GLY A 23 48.76 2.10 -50.11
CA GLY A 23 49.35 3.19 -49.37
C GLY A 23 49.78 4.29 -50.33
N PRO A 24 50.41 5.35 -49.80
CA PRO A 24 50.75 6.52 -50.62
C PRO A 24 52.00 6.35 -51.50
N GLY A 25 52.77 5.30 -51.30
CA GLY A 25 53.96 5.10 -52.11
C GLY A 25 55.05 4.19 -51.53
N ASP A 26 55.63 4.62 -50.41
CA ASP A 26 56.64 3.85 -49.70
C ASP A 26 56.11 2.42 -49.56
N PRO A 27 56.79 1.43 -50.11
CA PRO A 27 56.33 0.05 -49.99
C PRO A 27 56.62 -0.27 -48.54
N GLY A 28 56.00 -1.22 -47.91
CA GLY A 28 56.40 -1.26 -46.50
C GLY A 28 55.57 -0.33 -45.64
N LEU A 29 54.91 0.64 -46.29
CA LEU A 29 53.63 1.11 -45.81
C LEU A 29 52.53 0.15 -46.29
N LEU A 30 52.89 -0.91 -47.03
CA LEU A 30 51.91 -1.97 -47.30
C LEU A 30 51.58 -2.70 -46.03
N THR A 31 50.33 -3.13 -45.92
CA THR A 31 49.96 -3.98 -44.79
C THR A 31 50.39 -5.41 -45.09
N LEU A 32 50.53 -6.20 -44.03
CA LEU A 32 50.93 -7.59 -44.18
C LEU A 32 49.89 -8.30 -45.01
N HIS A 33 48.62 -7.93 -44.82
CA HIS A 33 47.55 -8.45 -45.68
C HIS A 33 47.82 -8.16 -47.16
N ALA A 34 48.27 -6.93 -47.46
CA ALA A 34 48.61 -6.54 -48.83
C ALA A 34 49.77 -7.34 -49.37
N ALA A 35 50.82 -7.48 -48.56
CA ALA A 35 52.03 -8.18 -49.01
C ALA A 35 51.67 -9.61 -49.36
N ASN A 36 50.91 -10.24 -48.48
CA ASN A 36 50.41 -11.58 -48.68
C ASN A 36 49.57 -11.73 -49.95
N ALA A 37 48.64 -10.79 -50.16
CA ALA A 37 47.78 -10.79 -51.35
C ALA A 37 48.60 -10.65 -52.62
N LEU A 38 49.55 -9.72 -52.60
CA LEU A 38 50.52 -9.53 -53.66
C LEU A 38 51.28 -10.83 -53.95
N ARG A 39 51.62 -11.58 -52.91
CA ARG A 39 52.31 -12.87 -53.08
C ARG A 39 51.43 -13.89 -53.78
N GLN A 40 50.12 -13.84 -53.58
CA GLN A 40 49.31 -14.93 -54.12
C GLN A 40 48.33 -14.64 -55.26
N ALA A 41 48.17 -13.38 -55.65
CA ALA A 41 47.26 -13.05 -56.74
C ALA A 41 47.71 -13.71 -58.04
N ASP A 42 46.75 -14.19 -58.83
CA ASP A 42 47.02 -14.63 -60.19
C ASP A 42 47.10 -13.41 -61.10
N VAL A 43 46.25 -12.44 -60.84
CA VAL A 43 46.15 -11.23 -61.65
C VAL A 43 45.99 -9.96 -60.80
N ILE A 44 46.78 -8.93 -61.10
CA ILE A 44 46.78 -7.67 -60.38
C ILE A 44 46.36 -6.52 -61.29
N VAL A 45 45.21 -5.91 -60.96
CA VAL A 45 44.68 -4.77 -61.70
C VAL A 45 44.99 -3.53 -60.87
N HIS A 46 45.99 -2.79 -61.31
CA HIS A 46 46.54 -1.70 -60.51
C HIS A 46 46.28 -0.31 -61.12
N ASP A 47 46.48 0.74 -60.32
CA ASP A 47 46.40 2.10 -60.82
C ASP A 47 47.77 2.70 -61.22
N ALA A 48 47.69 3.92 -61.74
CA ALA A 48 48.67 4.99 -61.49
C ALA A 48 49.32 4.83 -60.10
N LEU A 49 50.42 4.08 -60.04
CA LEU A 49 51.07 3.84 -58.75
C LEU A 49 52.19 4.83 -58.53
N VAL A 50 52.23 5.40 -57.33
CA VAL A 50 53.28 6.34 -57.00
C VAL A 50 54.63 5.59 -56.87
N ASN A 51 54.62 4.42 -56.23
CA ASN A 51 55.73 3.45 -56.37
C ASN A 51 55.28 2.21 -57.11
N GLU A 52 55.96 1.94 -58.22
CA GLU A 52 55.82 0.70 -58.95
C GLU A 52 56.74 -0.34 -58.31
N ASP A 53 56.91 -0.26 -57.01
CA ASP A 53 57.93 -1.03 -56.34
C ASP A 53 57.34 -2.28 -55.72
N CYS A 54 56.15 -2.12 -55.18
CA CYS A 54 55.46 -3.16 -54.47
C CYS A 54 55.01 -4.28 -55.40
N LEU A 55 54.97 -3.98 -56.70
CA LEU A 55 54.64 -4.97 -57.73
C LEU A 55 55.75 -6.01 -57.92
N LYS A 56 56.95 -5.69 -57.44
CA LYS A 56 58.08 -6.63 -57.39
C LYS A 56 57.77 -7.80 -56.46
N LEU A 57 56.73 -7.64 -55.65
CA LEU A 57 56.27 -8.67 -54.72
C LEU A 57 55.40 -9.74 -55.40
N ALA A 58 54.90 -9.44 -56.60
CA ALA A 58 53.98 -10.31 -57.32
C ALA A 58 54.59 -11.67 -57.57
N ARG A 59 53.77 -12.72 -57.51
CA ARG A 59 54.24 -14.09 -57.67
C ARG A 59 54.79 -14.37 -59.07
N PRO A 60 55.72 -15.33 -59.17
CA PRO A 60 56.40 -15.66 -60.43
C PRO A 60 55.59 -15.28 -61.64
N GLY A 61 55.99 -14.17 -62.26
CA GLY A 61 55.20 -13.43 -63.24
C GLY A 61 53.85 -14.01 -63.66
N ALA A 62 52.79 -13.51 -63.03
CA ALA A 62 51.43 -13.75 -63.50
C ALA A 62 50.77 -12.38 -63.64
N VAL A 63 49.79 -12.28 -64.53
CA VAL A 63 49.41 -11.02 -65.21
C VAL A 63 49.29 -9.73 -64.41
N LEU A 64 50.06 -8.73 -64.83
CA LEU A 64 49.85 -7.35 -64.44
C LEU A 64 48.85 -6.69 -65.40
N GLU A 65 47.97 -5.86 -64.86
CA GLU A 65 46.92 -5.23 -65.63
C GLU A 65 46.76 -3.77 -65.21
N PHE A 66 47.31 -2.87 -66.02
CA PHE A 66 47.14 -1.43 -65.82
C PHE A 66 45.68 -1.02 -66.00
N ALA A 67 45.20 -0.10 -65.18
CA ALA A 67 43.80 0.32 -65.22
C ALA A 67 43.61 1.85 -65.21
N GLY A 68 44.69 2.59 -65.36
CA GLY A 68 44.65 4.05 -65.43
C GLY A 68 44.68 4.58 -66.86
N LYS A 69 45.01 5.88 -67.01
CA LYS A 69 45.04 6.54 -68.32
C LYS A 69 46.15 6.00 -69.22
N ARG A 70 45.77 5.63 -70.44
CA ARG A 70 46.68 4.94 -71.35
C ARG A 70 47.07 5.80 -72.56
N GLY A 71 47.84 6.95 -72.26
CA GLY A 71 48.29 7.82 -73.33
C GLY A 71 48.54 9.31 -72.99
N PRO A 74 43.05 8.67 -73.67
CA PRO A 74 41.71 8.15 -73.34
C PRO A 74 41.70 7.46 -71.96
N SER A 75 40.56 6.89 -71.57
CA SER A 75 40.41 6.26 -70.24
C SER A 75 39.60 4.96 -70.28
N PRO A 76 39.65 4.19 -69.18
CA PRO A 76 38.60 3.20 -68.87
C PRO A 76 37.64 3.72 -67.78
N LYS A 77 36.32 3.72 -68.05
CA LYS A 77 35.34 4.07 -67.01
C LYS A 77 35.26 2.93 -65.98
N GLN A 78 35.09 3.32 -64.71
CA GLN A 78 34.98 2.39 -63.57
C GLN A 78 34.14 1.17 -63.88
N ARG A 79 32.96 1.39 -64.46
CA ARG A 79 32.07 0.33 -64.92
C ARG A 79 32.89 -0.83 -65.51
N ASP A 80 33.77 -0.51 -66.46
CA ASP A 80 34.59 -1.52 -67.13
C ASP A 80 35.62 -2.15 -66.20
N ILE A 81 36.33 -1.32 -65.43
CA ILE A 81 37.32 -1.81 -64.47
C ILE A 81 36.65 -2.82 -63.54
N SER A 82 35.55 -2.41 -62.94
CA SER A 82 34.78 -3.28 -62.04
C SER A 82 34.39 -4.56 -62.72
N LEU A 83 33.83 -4.45 -63.92
CA LEU A 83 33.35 -5.61 -64.65
C LEU A 83 34.46 -6.58 -65.12
N ARG A 84 35.66 -6.04 -65.33
CA ARG A 84 36.88 -6.83 -65.54
C ARG A 84 37.17 -7.73 -64.32
N LEU A 85 37.08 -7.16 -63.12
CA LEU A 85 37.29 -7.91 -61.89
C LEU A 85 36.40 -9.15 -61.84
N VAL A 86 35.10 -8.96 -62.06
CA VAL A 86 34.16 -10.07 -62.07
C VAL A 86 34.47 -11.08 -63.20
N GLU A 87 34.85 -10.57 -64.37
CA GLU A 87 35.20 -11.43 -65.49
C GLU A 87 36.34 -12.36 -65.08
N LEU A 88 37.43 -11.77 -64.59
CA LEU A 88 38.59 -12.50 -64.06
C LEU A 88 38.21 -13.50 -62.96
N ALA A 89 37.42 -13.04 -61.98
CA ALA A 89 36.95 -13.86 -60.86
C ALA A 89 36.10 -15.06 -61.30
N ARG A 90 35.13 -14.84 -62.18
CA ARG A 90 34.29 -15.95 -62.66
C ARG A 90 35.09 -17.00 -63.44
N ALA A 91 36.26 -16.62 -63.94
CA ALA A 91 37.17 -17.55 -64.61
C ALA A 91 38.24 -18.16 -63.69
N GLY A 92 38.02 -18.09 -62.37
CA GLY A 92 38.81 -18.83 -61.40
C GLY A 92 40.15 -18.25 -60.96
N ASN A 93 40.41 -16.97 -61.26
CA ASN A 93 41.64 -16.34 -60.82
C ASN A 93 41.56 -15.90 -59.38
N ARG A 94 42.70 -15.89 -58.70
CA ARG A 94 42.82 -15.09 -57.50
C ARG A 94 43.08 -13.64 -57.93
N VAL A 95 42.04 -12.82 -57.88
CA VAL A 95 42.09 -11.43 -58.38
C VAL A 95 42.49 -10.50 -57.25
N LEU A 96 43.43 -9.61 -57.53
CA LEU A 96 43.80 -8.57 -56.60
C LEU A 96 43.67 -7.21 -57.29
N ARG A 97 42.71 -6.42 -56.83
CA ARG A 97 42.52 -5.07 -57.32
C ARG A 97 43.34 -4.16 -56.43
N LEU A 98 44.39 -3.56 -56.99
CA LEU A 98 45.40 -2.83 -56.23
C LEU A 98 45.23 -1.32 -56.37
N LYS A 99 44.81 -0.70 -55.28
CA LYS A 99 44.43 0.70 -55.25
C LYS A 99 45.43 1.56 -54.51
N GLY A 100 45.66 2.77 -55.02
CA GLY A 100 46.50 3.75 -54.34
C GLY A 100 45.90 4.09 -53.00
N GLY A 101 46.70 4.17 -51.95
CA GLY A 101 46.21 4.61 -50.67
C GLY A 101 45.28 3.59 -50.08
N ASP A 102 44.13 4.04 -49.61
CA ASP A 102 43.16 3.15 -49.02
C ASP A 102 42.00 3.03 -49.98
N PRO A 103 41.44 1.83 -50.08
CA PRO A 103 40.40 1.60 -51.07
C PRO A 103 39.15 2.43 -50.83
N PHE A 104 38.91 2.97 -49.63
CA PHE A 104 37.62 3.61 -49.30
C PHE A 104 37.73 5.09 -49.04
N VAL A 105 38.94 5.62 -49.18
CA VAL A 105 39.19 7.05 -49.07
C VAL A 105 39.37 7.61 -50.48
N PHE A 106 38.24 7.76 -51.19
CA PHE A 106 38.09 8.60 -52.40
C PHE A 106 38.63 7.78 -53.56
N GLY A 107 38.53 6.47 -53.45
CA GLY A 107 39.18 5.61 -54.40
C GLY A 107 38.22 4.70 -55.15
N ARG A 108 36.92 5.03 -55.12
CA ARG A 108 35.92 4.26 -55.84
C ARG A 108 35.75 2.82 -55.35
N GLY A 109 36.39 2.46 -54.25
CA GLY A 109 36.36 1.11 -53.71
C GLY A 109 34.97 0.59 -53.35
N GLY A 110 34.15 1.45 -52.75
CA GLY A 110 32.76 1.12 -52.48
C GLY A 110 31.98 0.78 -53.75
N GLU A 111 32.30 1.46 -54.84
CA GLU A 111 31.69 1.20 -56.13
C GLU A 111 32.06 -0.19 -56.62
N GLU A 112 33.36 -0.44 -56.70
CA GLU A 112 33.90 -1.73 -57.10
C GLU A 112 33.25 -2.88 -56.32
N ALA A 113 33.21 -2.76 -54.98
CA ALA A 113 32.66 -3.81 -54.13
C ALA A 113 31.17 -4.03 -54.33
N LEU A 114 30.43 -2.95 -54.52
CA LEU A 114 29.02 -3.04 -54.85
C LEU A 114 28.83 -3.89 -56.12
N THR A 115 29.54 -3.54 -57.19
CA THR A 115 29.55 -4.37 -58.39
C THR A 115 29.86 -5.83 -58.09
N LEU A 116 30.91 -6.07 -57.31
CA LEU A 116 31.25 -7.43 -56.94
C LEU A 116 30.06 -8.24 -56.40
N VAL A 117 29.37 -7.74 -55.37
CA VAL A 117 28.26 -8.49 -54.75
C VAL A 117 27.08 -8.69 -55.72
N GLU A 118 26.77 -7.62 -56.44
CA GLU A 118 25.84 -7.56 -57.57
C GLU A 118 26.00 -8.71 -58.55
N HIS A 119 27.16 -9.37 -58.50
CA HIS A 119 27.43 -10.51 -59.38
C HIS A 119 27.86 -11.75 -58.58
N GLN A 120 27.40 -11.86 -57.33
CA GLN A 120 27.77 -12.95 -56.40
C GLN A 120 29.26 -13.30 -56.32
N VAL A 121 30.10 -12.28 -56.44
CA VAL A 121 31.53 -12.44 -56.26
C VAL A 121 31.93 -12.08 -54.82
N PRO A 122 32.51 -13.03 -54.09
CA PRO A 122 33.00 -12.76 -52.74
C PRO A 122 34.22 -11.87 -52.81
N PHE A 123 34.35 -10.98 -51.83
CA PHE A 123 35.47 -10.03 -51.79
C PHE A 123 35.96 -9.83 -50.38
N ARG A 124 37.14 -9.26 -50.24
CA ARG A 124 37.70 -8.85 -48.95
C ARG A 124 38.16 -7.41 -49.20
N ILE A 125 38.17 -6.57 -48.16
CA ILE A 125 38.76 -5.24 -48.24
C ILE A 125 40.03 -5.24 -47.41
N VAL A 126 41.13 -4.76 -47.97
CA VAL A 126 42.35 -4.61 -47.17
C VAL A 126 42.66 -3.12 -47.08
N PRO A 127 42.35 -2.53 -45.93
CA PRO A 127 42.65 -1.13 -45.65
C PRO A 127 44.09 -0.76 -46.02
N GLY A 128 44.32 0.50 -46.37
CA GLY A 128 45.65 0.98 -46.63
C GLY A 128 45.92 2.31 -45.94
N ILE A 129 47.17 2.74 -45.95
CA ILE A 129 47.54 4.06 -45.48
C ILE A 129 47.12 5.06 -46.55
N THR A 130 46.39 6.07 -46.12
CA THR A 130 45.92 7.08 -47.02
C THR A 130 46.85 8.27 -47.00
N ALA A 131 47.00 8.93 -48.14
CA ALA A 131 47.86 10.10 -48.28
C ALA A 131 47.52 11.24 -47.32
N GLY A 132 46.23 11.42 -47.03
CA GLY A 132 45.75 12.45 -46.10
C GLY A 132 46.14 12.25 -44.64
N ILE A 133 46.58 11.06 -44.26
CA ILE A 133 47.07 10.85 -42.90
C ILE A 133 48.55 10.42 -42.87
N GLY A 134 48.87 9.32 -43.54
CA GLY A 134 50.25 8.85 -43.53
C GLY A 134 51.18 9.76 -44.32
N GLY A 135 50.75 10.16 -45.52
CA GLY A 135 51.52 11.08 -46.34
C GLY A 135 51.84 12.32 -45.54
N LEU A 136 50.82 12.97 -45.03
CA LEU A 136 51.04 14.11 -44.14
C LEU A 136 52.10 13.80 -43.09
N ALA A 137 52.06 12.61 -42.49
CA ALA A 137 53.06 12.22 -41.48
C ALA A 137 54.51 12.26 -42.00
N TYR A 138 54.71 11.82 -43.23
CA TYR A 138 56.04 11.91 -43.79
C TYR A 138 56.51 13.37 -43.95
N ALA A 139 55.59 14.33 -43.87
CA ALA A 139 55.95 15.75 -43.98
C ALA A 139 56.11 16.40 -42.61
N GLY A 140 55.99 15.59 -41.56
CA GLY A 140 55.98 16.07 -40.19
C GLY A 140 54.72 16.83 -39.77
N ILE A 141 53.59 16.61 -40.45
CA ILE A 141 52.33 17.26 -40.08
C ILE A 141 51.26 16.28 -39.61
N PRO A 142 50.93 16.24 -38.32
CA PRO A 142 49.88 15.33 -37.85
C PRO A 142 48.48 15.89 -38.18
N VAL A 143 47.52 15.05 -38.56
CA VAL A 143 46.16 15.53 -38.84
C VAL A 143 45.40 15.97 -37.59
N THR A 144 45.80 15.48 -36.42
CA THR A 144 45.21 15.96 -35.16
C THR A 144 46.29 16.24 -34.10
N HIS A 145 46.05 17.23 -33.26
CA HIS A 145 46.95 17.56 -32.18
C HIS A 145 46.13 18.30 -31.11
N ARG A 146 46.22 17.85 -29.87
CA ARG A 146 45.34 18.34 -28.79
C ARG A 146 45.10 19.85 -28.73
N GLU A 147 46.16 20.63 -28.65
CA GLU A 147 46.03 22.09 -28.57
C GLU A 147 45.30 22.70 -29.76
N VAL A 148 45.20 21.97 -30.87
CA VAL A 148 44.92 22.60 -32.16
C VAL A 148 43.56 22.27 -32.71
N ASN A 149 43.20 20.99 -32.75
CA ASN A 149 41.92 20.60 -33.34
C ASN A 149 41.30 19.37 -32.68
N HIS A 150 39.98 19.38 -32.55
CA HIS A 150 39.22 18.20 -32.14
C HIS A 150 38.45 17.59 -33.27
N ALA A 151 38.49 18.23 -34.44
CA ALA A 151 37.87 17.72 -35.65
C ALA A 151 38.87 17.89 -36.77
N VAL A 152 38.75 17.06 -37.80
CA VAL A 152 39.45 17.15 -39.10
C VAL A 152 38.46 16.71 -40.18
N THR A 153 38.36 17.50 -41.24
CA THR A 153 37.59 17.14 -42.44
C THR A 153 38.46 16.79 -43.65
N PHE A 154 38.15 15.65 -44.27
CA PHE A 154 38.84 15.19 -45.46
C PHE A 154 37.89 15.40 -46.64
N LEU A 155 38.36 16.09 -47.66
CA LEU A 155 37.49 16.37 -48.77
C LEU A 155 38.20 16.21 -50.11
N THR A 156 37.42 16.11 -51.17
CA THR A 156 37.93 16.16 -52.55
C THR A 156 37.57 17.48 -53.28
N GLY A 157 38.50 18.03 -54.10
CA GLY A 157 38.21 19.10 -55.06
C GLY A 157 37.71 18.41 -56.33
N HIS A 158 36.94 19.05 -57.20
CA HIS A 158 36.11 18.24 -58.16
C HIS A 158 36.93 17.39 -59.14
N ASP A 166 30.80 22.10 -56.73
CA ASP A 166 30.64 20.99 -55.77
C ASP A 166 29.21 20.98 -55.19
N ARG A 167 28.90 19.91 -54.48
CA ARG A 167 28.06 19.99 -53.30
C ARG A 167 29.10 19.74 -52.23
N ILE A 168 29.46 20.77 -51.49
CA ILE A 168 30.37 20.68 -50.35
C ILE A 168 30.02 21.93 -49.56
N ASN A 169 29.55 21.72 -48.33
CA ASN A 169 29.21 22.83 -47.49
C ASN A 169 30.45 23.56 -47.00
N TRP A 170 30.92 24.49 -47.82
CA TRP A 170 32.19 25.14 -47.57
C TRP A 170 32.14 25.95 -46.28
N GLN A 171 30.99 26.55 -46.00
CA GLN A 171 30.87 27.32 -44.77
C GLN A 171 30.97 26.41 -43.54
N GLY A 172 30.23 25.30 -43.55
CA GLY A 172 30.24 24.36 -42.45
C GLY A 172 31.63 23.79 -42.19
N ILE A 173 32.38 23.55 -43.27
CA ILE A 173 33.75 23.11 -43.13
C ILE A 173 34.60 24.25 -42.56
N ALA A 174 34.45 25.46 -43.09
CA ALA A 174 35.22 26.59 -42.62
C ALA A 174 35.04 26.78 -41.11
N SER A 175 33.79 26.91 -40.68
CA SER A 175 33.46 26.91 -39.25
C SER A 175 33.61 25.46 -38.86
N GLY A 176 33.53 25.10 -37.60
CA GLY A 176 33.53 23.66 -37.40
C GLY A 176 34.80 22.83 -37.61
N SER A 177 35.65 23.10 -38.60
CA SER A 177 36.81 22.21 -38.88
C SER A 177 38.22 22.81 -38.83
N PRO A 178 38.82 22.92 -37.64
CA PRO A 178 40.11 23.61 -37.52
C PRO A 178 41.23 23.07 -38.39
N VAL A 179 41.17 21.81 -38.83
CA VAL A 179 42.14 21.28 -39.80
C VAL A 179 41.38 20.71 -40.99
N ILE A 180 41.84 21.05 -42.21
CA ILE A 180 41.21 20.60 -43.42
C ILE A 180 42.23 19.95 -44.31
N VAL A 181 41.88 18.79 -44.88
CA VAL A 181 42.81 17.97 -45.62
C VAL A 181 42.18 17.70 -46.98
N MET A 182 42.88 18.08 -48.04
CA MET A 182 42.24 18.12 -49.34
C MET A 182 42.94 17.25 -50.37
N TYR A 183 42.15 16.36 -50.96
CA TYR A 183 42.52 15.47 -52.04
C TYR A 183 42.07 16.11 -53.34
N MET A 184 42.85 15.91 -54.39
CA MET A 184 42.56 16.47 -55.73
C MET A 184 42.08 17.92 -55.75
N ALA A 185 42.80 18.79 -55.06
CA ALA A 185 42.41 20.20 -55.00
C ALA A 185 43.47 21.10 -55.63
N MET A 186 44.25 20.60 -56.57
CA MET A 186 45.30 21.44 -57.14
C MET A 186 44.77 22.46 -58.18
N LYS A 187 43.94 22.00 -59.10
CA LYS A 187 43.34 22.82 -60.15
C LYS A 187 42.42 23.91 -59.61
N HIS A 188 41.93 23.71 -58.40
CA HIS A 188 40.96 24.63 -57.86
C HIS A 188 41.47 25.37 -56.62
N ILE A 189 42.75 25.21 -56.30
CA ILE A 189 43.25 25.79 -55.07
C ILE A 189 42.88 27.28 -54.86
N GLY A 190 42.93 28.07 -55.93
CA GLY A 190 42.54 29.47 -55.92
C GLY A 190 41.10 29.70 -55.45
N ALA A 191 40.14 29.00 -56.07
CA ALA A 191 38.73 29.10 -55.65
C ALA A 191 38.52 28.68 -54.19
N ILE A 192 39.02 27.50 -53.83
CA ILE A 192 38.82 26.92 -52.50
C ILE A 192 39.32 27.85 -51.39
N THR A 193 40.57 28.30 -51.48
CA THR A 193 41.12 29.15 -50.43
C THR A 193 40.31 30.42 -50.32
N ALA A 194 39.82 30.92 -51.45
CA ALA A 194 38.97 32.12 -51.44
C ALA A 194 37.64 31.79 -50.76
N ASN A 195 37.20 30.55 -50.88
CA ASN A 195 35.98 30.19 -50.21
C ASN A 195 36.13 30.15 -48.69
N LEU A 196 37.27 29.62 -48.22
CA LEU A 196 37.56 29.55 -46.81
C LEU A 196 37.76 30.91 -46.18
N ILE A 197 38.55 31.77 -46.83
CA ILE A 197 38.77 33.13 -46.36
C ILE A 197 37.44 33.88 -46.18
N ALA A 198 36.53 33.72 -47.13
CA ALA A 198 35.27 34.45 -47.08
C ALA A 198 34.35 33.84 -46.03
N GLY A 199 34.64 32.60 -45.65
CA GLY A 199 33.90 31.95 -44.60
C GLY A 199 34.37 32.34 -43.21
N GLY A 200 35.43 33.15 -43.11
CA GLY A 200 35.89 33.65 -41.83
C GLY A 200 37.26 33.13 -41.40
N ARG A 201 37.86 32.31 -42.25
CA ARG A 201 39.21 31.86 -42.03
C ARG A 201 40.19 32.97 -42.30
N SER A 202 41.25 33.03 -41.50
CA SER A 202 42.26 34.05 -41.68
C SER A 202 43.03 33.89 -43.00
N PRO A 203 43.20 34.97 -43.76
CA PRO A 203 44.09 34.97 -44.93
C PRO A 203 45.47 34.42 -44.58
N ASP A 204 45.89 34.63 -43.33
CA ASP A 204 47.22 34.26 -42.86
C ASP A 204 47.33 32.86 -42.28
N GLU A 205 46.23 32.09 -42.32
CA GLU A 205 46.22 30.74 -41.79
C GLU A 205 47.22 29.86 -42.58
N PRO A 206 48.09 29.14 -41.88
CA PRO A 206 49.09 28.28 -42.55
C PRO A 206 48.46 27.17 -43.38
N VAL A 207 49.08 26.87 -44.51
CA VAL A 207 48.68 25.87 -45.48
C VAL A 207 49.89 25.11 -46.03
N ALA A 208 49.78 23.84 -46.27
CA ALA A 208 50.93 23.08 -46.79
C ALA A 208 50.51 22.19 -47.91
N PHE A 209 51.33 22.14 -48.95
CA PHE A 209 51.11 21.18 -50.02
C PHE A 209 52.15 20.11 -49.86
N VAL A 210 51.73 18.87 -49.96
CA VAL A 210 52.67 17.75 -49.97
C VAL A 210 52.43 16.95 -51.25
N CYS A 211 53.42 16.99 -52.13
CA CYS A 211 53.42 16.23 -53.38
C CYS A 211 54.26 14.98 -53.22
N ASN A 212 53.74 13.90 -53.79
CA ASN A 212 54.34 12.58 -53.71
C ASN A 212 54.83 12.27 -52.30
N ALA A 213 53.93 12.52 -51.36
CA ALA A 213 54.08 12.07 -49.99
C ALA A 213 54.64 10.66 -49.93
N ALA A 214 55.62 10.46 -49.06
CA ALA A 214 56.13 9.15 -48.71
C ALA A 214 56.78 8.41 -49.90
N THR A 215 57.36 9.19 -50.81
CA THR A 215 58.18 8.66 -51.89
C THR A 215 59.50 9.41 -51.81
N PRO A 216 60.58 8.90 -52.40
CA PRO A 216 61.79 9.72 -52.50
C PRO A 216 61.55 11.04 -53.28
N GLN A 217 60.47 11.18 -54.07
CA GLN A 217 60.21 12.47 -54.78
C GLN A 217 59.41 13.51 -53.96
N GLN A 218 59.24 13.24 -52.66
CA GLN A 218 58.40 14.09 -51.82
C GLN A 218 58.84 15.56 -51.80
N ALA A 219 57.86 16.47 -51.84
CA ALA A 219 58.11 17.90 -51.91
C ALA A 219 57.02 18.68 -51.15
N VAL A 220 57.44 19.69 -50.41
CA VAL A 220 56.54 20.43 -49.53
C VAL A 220 56.55 21.92 -49.82
N LEU A 221 55.37 22.53 -49.82
CA LEU A 221 55.21 23.99 -49.90
C LEU A 221 54.50 24.48 -48.65
N GLU A 222 55.17 25.35 -47.92
CA GLU A 222 54.53 26.00 -46.77
C GLU A 222 54.12 27.39 -47.17
N THR A 223 52.85 27.69 -47.00
CA THR A 223 52.27 28.93 -47.44
C THR A 223 51.08 29.14 -46.56
N THR A 224 50.04 29.69 -47.17
CA THR A 224 49.07 30.49 -46.48
C THR A 224 47.83 30.54 -47.36
N LEU A 225 46.66 30.72 -46.75
CA LEU A 225 45.40 30.70 -47.50
C LEU A 225 45.40 31.78 -48.54
N ALA A 226 45.89 32.97 -48.19
CA ALA A 226 45.86 34.10 -49.10
C ALA A 226 46.88 33.97 -50.22
N ARG A 227 48.03 33.39 -49.91
CA ARG A 227 49.15 33.28 -50.85
C ARG A 227 49.24 31.94 -51.61
N ALA A 228 48.41 30.97 -51.24
CA ALA A 228 48.54 29.60 -51.74
C ALA A 228 48.57 29.48 -53.26
N GLU A 229 47.66 30.18 -53.93
CA GLU A 229 47.60 30.14 -55.38
C GLU A 229 48.89 30.70 -56.07
N ALA A 230 49.39 31.85 -55.62
CA ALA A 230 50.62 32.41 -56.17
C ALA A 230 51.81 31.49 -55.87
N ASP A 231 51.93 31.05 -54.62
CA ASP A 231 53.03 30.17 -54.21
C ASP A 231 53.14 28.86 -55.01
N VAL A 232 52.02 28.07 -55.18
CA VAL A 232 52.12 26.81 -55.91
C VAL A 232 52.27 27.07 -57.41
N ALA A 233 51.86 28.20 -58.00
CA ALA A 233 52.19 28.50 -59.40
C ALA A 233 53.70 28.66 -59.47
N ALA A 234 54.22 29.42 -58.51
CA ALA A 234 55.61 29.83 -58.54
C ALA A 234 56.51 28.64 -58.25
N ALA A 235 56.06 27.74 -57.37
CA ALA A 235 56.88 26.59 -57.01
C ALA A 235 56.80 25.51 -58.10
N GLY A 236 55.89 25.71 -59.07
CA GLY A 236 55.67 24.77 -60.17
C GLY A 236 55.09 23.42 -59.81
N LEU A 237 54.57 23.31 -58.60
CA LEU A 237 53.96 22.11 -58.05
C LEU A 237 52.89 21.45 -58.92
N GLU A 238 52.76 20.12 -58.75
CA GLU A 238 51.90 19.26 -59.57
C GLU A 238 51.33 18.08 -58.79
N PRO A 239 50.14 17.60 -59.20
CA PRO A 239 49.56 16.36 -58.65
C PRO A 239 50.56 15.22 -58.78
N PRO A 240 50.50 14.21 -57.91
CA PRO A 240 49.54 14.17 -56.78
C PRO A 240 49.97 14.93 -55.51
N ALA A 241 49.05 15.64 -54.88
CA ALA A 241 49.35 16.44 -53.68
C ALA A 241 48.21 16.45 -52.69
N ILE A 242 48.56 16.41 -51.43
CA ILE A 242 47.57 16.59 -50.39
C ILE A 242 47.69 18.05 -50.00
N VAL A 243 46.57 18.73 -49.87
CA VAL A 243 46.61 20.09 -49.34
C VAL A 243 46.08 20.06 -47.91
N VAL A 244 46.85 20.59 -46.96
CA VAL A 244 46.36 20.69 -45.59
C VAL A 244 46.31 22.16 -45.13
N VAL A 245 45.20 22.51 -44.46
CA VAL A 245 44.97 23.85 -43.92
C VAL A 245 44.87 23.78 -42.40
N GLY A 246 45.53 24.71 -41.68
CA GLY A 246 45.34 24.85 -40.25
C GLY A 246 46.62 24.87 -39.44
N GLU A 247 46.52 25.20 -38.17
CA GLU A 247 47.69 25.33 -37.30
C GLU A 247 48.66 24.16 -37.34
N VAL A 248 48.16 22.92 -37.47
CA VAL A 248 49.08 21.76 -37.49
C VAL A 248 50.23 21.92 -38.49
N VAL A 249 50.08 22.76 -39.50
CA VAL A 249 51.18 23.04 -40.41
C VAL A 249 52.43 23.59 -39.68
N ARG A 250 52.20 24.39 -38.65
CA ARG A 250 53.27 24.96 -37.83
C ARG A 250 54.17 23.91 -37.21
N LEU A 251 53.62 22.71 -36.97
CA LEU A 251 54.36 21.59 -36.38
C LEU A 251 55.40 20.98 -37.31
N ARG A 252 55.33 21.26 -38.60
CA ARG A 252 56.29 20.66 -39.48
C ARG A 252 57.72 21.07 -39.09
N ALA A 253 57.93 22.33 -38.73
CA ALA A 253 59.25 22.81 -38.29
C ALA A 253 59.79 21.98 -37.11
N ALA A 254 58.88 21.32 -36.39
CA ALA A 254 59.24 20.58 -35.18
C ALA A 254 59.16 19.06 -35.33
N LEU A 255 58.41 18.56 -36.31
CA LEU A 255 58.23 17.12 -36.39
C LEU A 255 58.69 16.50 -37.69
N ASP A 256 59.48 17.24 -38.46
CA ASP A 256 59.92 16.79 -39.77
C ASP A 256 61.07 15.82 -39.57
N TRP A 257 60.72 14.58 -39.26
CA TRP A 257 61.71 13.57 -38.96
C TRP A 257 62.48 13.15 -40.19
N ILE A 258 61.87 13.20 -41.36
CA ILE A 258 62.70 13.00 -42.54
C ILE A 258 63.78 14.10 -42.66
N GLY A 259 63.41 15.37 -42.54
CA GLY A 259 64.38 16.43 -42.59
C GLY A 259 65.52 16.14 -41.62
N ALA A 260 65.16 15.75 -40.40
CA ALA A 260 66.13 15.42 -39.35
C ALA A 260 67.19 14.40 -39.79
N LEU A 261 66.84 13.51 -40.74
CA LEU A 261 67.79 12.47 -41.15
C LEU A 261 68.97 13.07 -41.90
N ASP A 262 68.70 14.01 -42.82
CA ASP A 262 69.72 14.90 -43.35
C ASP A 262 69.94 15.92 -42.25
N GLY A 263 70.42 17.12 -42.50
CA GLY A 263 70.77 17.88 -41.31
C GLY A 263 69.77 18.53 -40.34
N ARG A 264 68.46 18.35 -40.51
CA ARG A 264 67.49 19.34 -39.96
C ARG A 264 67.47 19.56 -38.44
N LYS A 265 67.51 20.82 -38.03
CA LYS A 265 67.42 21.19 -36.61
C LYS A 265 65.95 21.40 -36.26
N LEU A 266 65.36 20.42 -35.59
CA LEU A 266 63.94 20.47 -35.24
C LEU A 266 63.69 21.43 -34.06
N ALA A 267 62.62 22.23 -34.17
CA ALA A 267 62.31 23.30 -33.22
C ALA A 267 61.29 22.88 -32.15
N ALA A 268 60.83 23.83 -31.33
CA ALA A 268 59.74 23.61 -30.35
C ALA A 268 58.45 24.34 -30.79
N ASP A 269 57.30 23.80 -30.38
CA ASP A 269 56.00 24.01 -31.09
C ASP A 269 55.54 25.41 -31.53
N PRO A 270 54.89 26.21 -30.67
CA PRO A 270 54.71 27.65 -30.92
C PRO A 270 55.62 28.57 -30.07
N ASP B 4 60.35 -13.68 -49.55
CA ASP B 4 61.81 -13.90 -49.40
C ASP B 4 62.51 -12.80 -48.57
N LEU B 5 62.39 -11.55 -48.99
CA LEU B 5 63.03 -10.44 -48.27
C LEU B 5 62.03 -9.39 -47.84
N PHE B 6 62.54 -8.48 -46.98
CA PHE B 6 61.97 -7.16 -46.66
C PHE B 6 63.08 -6.37 -45.94
N ALA B 7 64.15 -6.15 -46.66
CA ALA B 7 65.43 -6.00 -45.98
C ALA B 7 66.26 -4.81 -46.43
N GLY B 8 65.68 -3.95 -47.27
CA GLY B 8 66.19 -2.61 -47.50
C GLY B 8 65.40 -1.60 -46.67
N LEU B 9 64.63 -2.11 -45.71
CA LEU B 9 63.88 -1.27 -44.78
C LEU B 9 64.82 -0.71 -43.74
N PRO B 10 64.51 0.49 -43.22
CA PRO B 10 65.40 1.15 -42.26
C PRO B 10 65.44 0.38 -40.96
N ALA B 11 66.63 0.26 -40.39
CA ALA B 11 66.81 -0.34 -39.07
C ALA B 11 66.17 0.55 -38.02
N LEU B 12 65.61 -0.04 -36.97
CA LEU B 12 65.31 0.72 -35.76
C LEU B 12 66.59 0.82 -34.91
N GLU B 13 67.20 2.00 -34.98
CA GLU B 13 68.53 2.28 -34.48
C GLU B 13 68.63 2.44 -32.96
N LYS B 14 69.73 1.98 -32.38
CA LYS B 14 69.99 2.16 -30.96
C LYS B 14 69.83 3.63 -30.57
N GLY B 15 69.07 3.88 -29.51
CA GLY B 15 68.92 5.24 -29.01
C GLY B 15 67.92 6.09 -29.77
N SER B 16 67.04 5.46 -30.52
CA SER B 16 65.97 6.20 -31.15
C SER B 16 64.60 5.62 -30.84
N VAL B 17 63.56 6.39 -31.09
CA VAL B 17 62.20 5.94 -30.84
C VAL B 17 61.36 5.95 -32.13
N TRP B 18 60.74 4.83 -32.45
CA TRP B 18 59.70 4.82 -33.47
C TRP B 18 58.31 4.88 -32.81
N LEU B 19 57.50 5.84 -33.24
CA LEU B 19 56.07 5.86 -32.93
C LEU B 19 55.38 5.10 -34.07
N VAL B 20 54.83 3.94 -33.74
CA VAL B 20 54.33 2.97 -34.71
C VAL B 20 52.85 2.67 -34.45
N GLY B 21 52.04 2.78 -35.51
CA GLY B 21 50.64 2.43 -35.44
C GLY B 21 50.53 0.91 -35.47
N ALA B 22 49.76 0.33 -34.55
CA ALA B 22 49.46 -1.11 -34.59
C ALA B 22 48.22 -1.39 -35.44
N GLY B 23 47.55 -0.33 -35.91
CA GLY B 23 46.23 -0.50 -36.50
C GLY B 23 45.21 -0.81 -35.42
N PRO B 24 43.97 -1.10 -35.84
CA PRO B 24 42.82 -1.34 -34.95
C PRO B 24 42.74 -2.68 -34.26
N GLY B 25 43.48 -3.70 -34.69
CA GLY B 25 43.44 -4.99 -34.05
C GLY B 25 44.08 -6.07 -34.86
N ASP B 26 43.43 -6.43 -35.96
CA ASP B 26 43.91 -7.46 -36.86
C ASP B 26 45.44 -7.35 -37.14
N PRO B 27 46.22 -8.34 -36.75
CA PRO B 27 47.68 -8.30 -37.02
C PRO B 27 48.02 -8.20 -38.50
N GLY B 28 47.14 -8.63 -39.41
CA GLY B 28 47.39 -8.47 -40.84
C GLY B 28 47.49 -7.04 -41.34
N LEU B 29 47.04 -6.09 -40.52
CA LEU B 29 46.93 -4.66 -40.86
C LEU B 29 48.16 -3.90 -40.40
N LEU B 30 49.05 -4.57 -39.68
CA LEU B 30 50.39 -4.04 -39.47
C LEU B 30 51.00 -3.70 -40.84
N THR B 31 51.80 -2.64 -40.92
CA THR B 31 52.57 -2.35 -42.13
C THR B 31 53.88 -3.10 -42.08
N LEU B 32 54.52 -3.31 -43.22
CA LEU B 32 55.85 -3.94 -43.28
C LEU B 32 56.83 -3.26 -42.28
N HIS B 33 56.85 -1.93 -42.31
CA HIS B 33 57.62 -1.10 -41.40
C HIS B 33 57.36 -1.41 -39.91
N ALA B 34 56.09 -1.54 -39.53
CA ALA B 34 55.70 -1.86 -38.16
C ALA B 34 56.21 -3.26 -37.78
N ALA B 35 55.93 -4.25 -38.63
CA ALA B 35 56.40 -5.63 -38.45
C ALA B 35 57.92 -5.68 -38.35
N ASN B 36 58.58 -4.93 -39.24
CA ASN B 36 60.01 -4.75 -39.13
C ASN B 36 60.47 -4.12 -37.80
N ALA B 37 59.82 -3.04 -37.35
CA ALA B 37 60.12 -2.47 -36.01
C ALA B 37 60.01 -3.52 -34.91
N LEU B 38 58.83 -4.14 -34.82
CA LEU B 38 58.55 -5.18 -33.82
C LEU B 38 59.67 -6.20 -33.68
N ARG B 39 60.23 -6.63 -34.82
CA ARG B 39 61.23 -7.70 -34.85
C ARG B 39 62.58 -7.21 -34.37
N GLN B 40 62.77 -5.91 -34.36
CA GLN B 40 64.06 -5.31 -33.99
C GLN B 40 64.09 -4.74 -32.59
N ALA B 41 62.93 -4.35 -32.06
CA ALA B 41 62.85 -3.60 -30.82
C ALA B 41 63.51 -4.25 -29.59
N ASP B 42 64.17 -3.43 -28.78
CA ASP B 42 64.63 -3.89 -27.47
C ASP B 42 63.51 -3.77 -26.47
N VAL B 43 62.65 -2.78 -26.65
CA VAL B 43 61.55 -2.55 -25.73
C VAL B 43 60.34 -2.02 -26.49
N ILE B 44 59.17 -2.57 -26.19
CA ILE B 44 57.94 -2.21 -26.88
C ILE B 44 57.00 -1.65 -25.82
N VAL B 45 56.84 -0.33 -25.86
CA VAL B 45 55.93 0.34 -24.95
C VAL B 45 54.62 0.46 -25.70
N HIS B 46 53.61 -0.24 -25.20
CA HIS B 46 52.36 -0.37 -25.93
C HIS B 46 51.10 0.03 -25.15
N ASP B 47 50.03 0.29 -25.89
CA ASP B 47 48.71 0.62 -25.35
C ASP B 47 47.96 -0.60 -24.81
N ALA B 48 46.94 -0.37 -23.98
CA ALA B 48 45.98 -1.43 -23.65
C ALA B 48 45.20 -1.67 -24.93
N LEU B 49 44.91 -0.57 -25.63
CA LEU B 49 44.26 -0.60 -26.94
C LEU B 49 45.19 -1.31 -27.94
N VAL B 50 45.97 -2.24 -27.38
CA VAL B 50 46.74 -3.22 -28.15
C VAL B 50 46.13 -4.61 -27.96
N ASN B 51 46.86 -5.61 -28.44
CA ASN B 51 46.28 -6.86 -28.92
C ASN B 51 47.36 -7.92 -29.09
N GLU B 52 47.60 -8.71 -28.04
CA GLU B 52 48.63 -9.76 -28.09
C GLU B 52 49.20 -9.93 -29.50
N ASP B 53 48.46 -10.56 -30.38
CA ASP B 53 48.98 -11.08 -31.66
C ASP B 53 50.14 -10.29 -32.25
N CYS B 54 50.01 -8.98 -32.39
CA CYS B 54 51.12 -8.08 -32.76
C CYS B 54 52.40 -8.35 -31.98
N LEU B 55 52.28 -8.40 -30.66
CA LEU B 55 53.42 -8.49 -29.74
C LEU B 55 54.23 -9.76 -29.91
N LYS B 56 53.59 -10.79 -30.45
CA LYS B 56 54.23 -12.08 -30.73
C LYS B 56 55.36 -11.99 -31.76
N LEU B 57 55.45 -10.86 -32.47
CA LEU B 57 56.49 -10.67 -33.48
C LEU B 57 57.81 -10.19 -32.86
N ALA B 58 57.72 -9.64 -31.65
CA ALA B 58 58.89 -9.20 -30.89
C ALA B 58 59.90 -10.32 -30.81
N ARG B 59 61.18 -9.98 -30.89
CA ARG B 59 62.23 -10.99 -30.69
C ARG B 59 62.16 -11.45 -29.23
N PRO B 60 62.65 -12.66 -28.94
CA PRO B 60 62.62 -13.16 -27.55
C PRO B 60 63.62 -12.36 -26.71
N GLY B 61 63.21 -12.03 -25.49
CA GLY B 61 64.02 -11.17 -24.64
C GLY B 61 63.88 -9.68 -24.91
N ALA B 62 62.97 -9.30 -25.82
CA ALA B 62 62.50 -7.91 -25.89
C ALA B 62 61.63 -7.69 -24.67
N VAL B 63 61.63 -6.50 -24.10
CA VAL B 63 60.66 -6.27 -23.03
C VAL B 63 59.39 -5.56 -23.51
N LEU B 64 58.27 -5.98 -22.95
CA LEU B 64 56.97 -5.46 -23.31
C LEU B 64 56.44 -4.67 -22.14
N GLU B 65 56.20 -3.38 -22.34
CA GLU B 65 55.76 -2.51 -21.27
C GLU B 65 54.42 -1.94 -21.58
N PHE B 66 53.50 -2.15 -20.66
CA PHE B 66 52.19 -1.59 -20.78
C PHE B 66 52.28 -0.15 -20.31
N ALA B 67 52.02 0.78 -21.22
CA ALA B 67 52.10 2.20 -20.94
C ALA B 67 50.89 2.73 -20.17
N GLY B 68 49.77 2.03 -20.26
CA GLY B 68 48.48 2.58 -19.85
C GLY B 68 48.08 2.47 -18.37
N LYS B 69 46.74 2.44 -18.16
CA LYS B 69 46.11 2.45 -16.82
C LYS B 69 45.90 1.06 -16.18
N ARG B 70 46.63 0.80 -15.09
CA ARG B 70 46.47 -0.45 -14.34
C ARG B 70 45.89 -0.24 -12.92
N GLY B 71 45.31 -1.30 -12.36
CA GLY B 71 44.67 -1.27 -11.05
C GLY B 71 43.19 -0.93 -11.14
N GLY B 72 42.87 0.36 -11.02
CA GLY B 72 41.54 0.87 -11.28
C GLY B 72 41.68 1.94 -12.36
N LYS B 73 41.80 3.19 -11.90
CA LYS B 73 41.97 4.35 -12.80
C LYS B 73 43.29 5.18 -12.67
N PRO B 74 44.21 4.86 -11.74
CA PRO B 74 45.35 5.76 -11.43
C PRO B 74 46.35 5.96 -12.60
N SER B 75 46.03 6.93 -13.46
CA SER B 75 46.72 7.15 -14.72
C SER B 75 48.14 7.73 -14.61
N PRO B 76 49.03 7.29 -15.50
CA PRO B 76 50.23 8.09 -15.80
C PRO B 76 49.77 9.17 -16.80
N LYS B 77 50.19 10.41 -16.61
CA LYS B 77 49.87 11.43 -17.62
C LYS B 77 50.74 11.12 -18.84
N GLN B 78 50.35 11.67 -19.99
CA GLN B 78 51.05 11.50 -21.24
C GLN B 78 52.54 11.80 -21.10
N ARG B 79 52.86 12.86 -20.37
CA ARG B 79 54.23 13.33 -20.17
C ARG B 79 55.10 12.22 -19.55
N ASP B 80 54.49 11.45 -18.65
CA ASP B 80 55.19 10.38 -17.96
C ASP B 80 55.59 9.32 -18.97
N ILE B 81 54.68 8.97 -19.86
CA ILE B 81 54.96 8.00 -20.90
C ILE B 81 56.05 8.51 -21.85
N SER B 82 56.02 9.81 -22.13
CA SER B 82 56.97 10.40 -23.05
C SER B 82 58.36 10.45 -22.43
N LEU B 83 58.44 10.80 -21.15
CA LEU B 83 59.72 10.86 -20.48
C LEU B 83 60.37 9.46 -20.44
N ARG B 84 59.55 8.41 -20.30
CA ARG B 84 60.02 7.04 -20.17
C ARG B 84 60.65 6.60 -21.50
N LEU B 85 60.01 7.01 -22.61
CA LEU B 85 60.57 6.81 -23.94
C LEU B 85 61.95 7.45 -24.07
N VAL B 86 62.08 8.66 -23.57
CA VAL B 86 63.34 9.36 -23.56
C VAL B 86 64.35 8.60 -22.69
N GLU B 87 63.90 8.03 -21.57
CA GLU B 87 64.83 7.36 -20.65
C GLU B 87 65.38 6.08 -21.31
N LEU B 88 64.49 5.33 -21.95
CA LEU B 88 64.83 4.13 -22.71
C LEU B 88 65.80 4.39 -23.86
N ALA B 89 65.56 5.48 -24.59
CA ALA B 89 66.39 5.86 -25.71
C ALA B 89 67.79 6.36 -25.28
N ARG B 90 67.84 7.25 -24.29
CA ARG B 90 69.11 7.71 -23.74
C ARG B 90 69.99 6.56 -23.21
N ALA B 91 69.39 5.46 -22.81
CA ALA B 91 70.15 4.30 -22.33
C ALA B 91 70.62 3.37 -23.45
N GLY B 92 70.25 3.67 -24.69
CA GLY B 92 70.76 2.97 -25.84
C GLY B 92 69.89 1.85 -26.38
N ASN B 93 68.65 1.75 -25.89
CA ASN B 93 67.70 0.78 -26.44
C ASN B 93 67.17 1.22 -27.82
N ARG B 94 66.83 0.23 -28.65
CA ARG B 94 66.01 0.48 -29.83
C ARG B 94 64.56 0.48 -29.29
N VAL B 95 63.91 1.63 -29.35
CA VAL B 95 62.62 1.83 -28.67
C VAL B 95 61.46 1.92 -29.65
N LEU B 96 60.47 1.07 -29.43
CA LEU B 96 59.24 1.01 -30.21
C LEU B 96 58.08 1.46 -29.32
N ARG B 97 57.44 2.57 -29.67
CA ARG B 97 56.21 2.98 -28.96
C ARG B 97 55.10 2.53 -29.88
N LEU B 98 54.36 1.49 -29.46
CA LEU B 98 53.35 0.85 -30.30
C LEU B 98 52.01 1.46 -29.99
N LYS B 99 51.44 2.23 -30.91
CA LYS B 99 50.18 2.84 -30.56
C LYS B 99 49.05 2.21 -31.34
N GLY B 100 47.87 2.15 -30.71
CA GLY B 100 46.66 1.72 -31.38
C GLY B 100 46.38 2.59 -32.62
N GLY B 101 46.02 1.93 -33.72
CA GLY B 101 45.63 2.64 -34.92
C GLY B 101 46.75 3.37 -35.63
N ASP B 102 46.58 4.68 -35.79
CA ASP B 102 47.61 5.58 -36.29
C ASP B 102 48.09 6.52 -35.18
N PRO B 103 49.40 6.71 -35.07
CA PRO B 103 49.97 7.59 -34.05
C PRO B 103 49.40 9.02 -34.07
N PHE B 104 48.97 9.52 -35.23
CA PHE B 104 48.60 10.93 -35.35
C PHE B 104 47.08 11.19 -35.38
N VAL B 105 46.28 10.13 -35.26
CA VAL B 105 44.83 10.32 -35.21
C VAL B 105 44.32 10.20 -33.77
N PHE B 106 44.07 11.32 -33.11
CA PHE B 106 43.67 11.35 -31.71
C PHE B 106 44.45 10.34 -30.87
N GLY B 107 45.72 10.12 -31.14
CA GLY B 107 46.49 9.26 -30.25
C GLY B 107 47.73 9.83 -29.54
N ARG B 108 47.74 11.15 -29.28
CA ARG B 108 48.87 11.88 -28.70
C ARG B 108 50.29 11.59 -29.22
N GLY B 109 50.42 11.21 -30.48
CA GLY B 109 51.71 11.00 -31.12
C GLY B 109 52.54 12.26 -31.34
N GLY B 110 51.87 13.33 -31.75
CA GLY B 110 52.49 14.65 -31.80
C GLY B 110 53.15 15.06 -30.49
N GLU B 111 52.42 14.95 -29.38
CA GLU B 111 52.97 15.27 -28.06
C GLU B 111 54.22 14.44 -27.79
N GLU B 112 54.12 13.13 -28.00
CA GLU B 112 55.26 12.25 -27.75
C GLU B 112 56.47 12.71 -28.56
N ALA B 113 56.31 12.84 -29.89
CA ALA B 113 57.40 13.26 -30.76
C ALA B 113 57.97 14.59 -30.27
N LEU B 114 57.09 15.50 -29.88
CA LEU B 114 57.51 16.81 -29.40
C LEU B 114 58.40 16.67 -28.17
N THR B 115 58.02 15.79 -27.27
CA THR B 115 58.85 15.48 -26.12
C THR B 115 60.18 14.88 -26.55
N LEU B 116 60.12 13.92 -27.48
CA LEU B 116 61.35 13.34 -28.05
C LEU B 116 62.31 14.46 -28.57
N VAL B 117 61.81 15.38 -29.39
CA VAL B 117 62.62 16.45 -29.93
C VAL B 117 63.27 17.32 -28.83
N GLU B 118 62.45 17.78 -27.87
CA GLU B 118 62.88 18.56 -26.72
C GLU B 118 64.11 17.95 -26.02
N HIS B 119 64.17 16.62 -25.96
CA HIS B 119 65.25 15.94 -25.25
C HIS B 119 66.28 15.32 -26.19
N GLN B 120 66.27 15.79 -27.45
CA GLN B 120 67.31 15.44 -28.43
C GLN B 120 67.31 13.96 -28.83
N VAL B 121 66.13 13.33 -28.86
CA VAL B 121 66.05 11.93 -29.24
C VAL B 121 65.50 11.81 -30.67
N PRO B 122 66.21 11.18 -31.60
CA PRO B 122 65.68 11.03 -32.96
C PRO B 122 64.52 10.05 -32.97
N PHE B 123 63.61 10.21 -33.93
CA PHE B 123 62.42 9.37 -34.03
C PHE B 123 62.02 9.25 -35.47
N ARG B 124 61.23 8.21 -35.74
CA ARG B 124 60.55 8.03 -37.01
C ARG B 124 59.06 7.90 -36.68
N ILE B 125 58.18 8.29 -37.62
CA ILE B 125 56.75 7.95 -37.53
C ILE B 125 56.39 6.86 -38.54
N VAL B 126 55.68 5.85 -38.07
CA VAL B 126 55.19 4.81 -38.92
C VAL B 126 53.69 4.82 -38.83
N PRO B 127 53.07 5.37 -39.86
CA PRO B 127 51.61 5.31 -40.03
C PRO B 127 51.01 3.95 -39.76
N GLY B 128 49.78 3.95 -39.28
CA GLY B 128 49.00 2.73 -39.15
C GLY B 128 47.58 2.90 -39.65
N ILE B 129 46.86 1.78 -39.80
CA ILE B 129 45.46 1.83 -40.17
C ILE B 129 44.65 2.42 -39.01
N THR B 130 43.79 3.39 -39.32
CA THR B 130 42.99 4.05 -38.27
C THR B 130 41.60 3.41 -38.11
N ALA B 131 41.11 3.40 -36.89
CA ALA B 131 39.83 2.75 -36.63
C ALA B 131 38.70 3.36 -37.51
N GLY B 132 38.71 4.69 -37.66
CA GLY B 132 37.71 5.39 -38.44
C GLY B 132 37.72 5.14 -39.94
N ILE B 133 38.80 4.59 -40.50
CA ILE B 133 38.77 4.24 -41.91
C ILE B 133 38.83 2.74 -42.07
N GLY B 134 39.89 2.12 -41.54
CA GLY B 134 40.05 0.69 -41.72
C GLY B 134 39.05 -0.09 -40.90
N GLY B 135 38.87 0.30 -39.63
CA GLY B 135 37.85 -0.26 -38.78
C GLY B 135 36.48 -0.30 -39.41
N LEU B 136 36.05 0.82 -39.97
CA LEU B 136 34.73 0.87 -40.60
C LEU B 136 34.64 -0.01 -41.84
N ALA B 137 35.76 -0.10 -42.58
CA ALA B 137 35.88 -1.06 -43.68
C ALA B 137 35.54 -2.48 -43.23
N TYR B 138 35.97 -2.86 -42.02
CA TYR B 138 35.69 -4.23 -41.56
C TYR B 138 34.21 -4.45 -41.18
N ALA B 139 33.42 -3.38 -41.17
CA ALA B 139 32.01 -3.49 -40.85
C ALA B 139 31.17 -3.29 -42.09
N GLY B 140 31.84 -3.15 -43.23
CA GLY B 140 31.20 -2.87 -44.50
C GLY B 140 30.76 -1.44 -44.70
N ILE B 141 31.37 -0.50 -43.99
CA ILE B 141 31.03 0.92 -44.16
C ILE B 141 32.20 1.72 -44.74
N PRO B 142 32.12 2.11 -46.01
CA PRO B 142 33.13 3.01 -46.55
C PRO B 142 32.89 4.41 -46.02
N VAL B 143 33.97 5.09 -45.72
CA VAL B 143 33.97 6.39 -45.11
C VAL B 143 33.66 7.49 -46.17
N THR B 144 33.69 7.08 -47.43
CA THR B 144 33.57 7.96 -48.59
C THR B 144 32.86 7.17 -49.67
N HIS B 145 31.95 7.81 -50.40
CA HIS B 145 31.27 7.16 -51.50
C HIS B 145 30.56 8.24 -52.34
N ARG B 146 30.94 8.38 -53.60
CA ARG B 146 30.64 9.59 -54.36
C ARG B 146 29.16 9.96 -54.52
N GLU B 147 28.29 8.97 -54.36
CA GLU B 147 26.85 9.21 -54.35
C GLU B 147 26.39 9.70 -52.98
N VAL B 148 27.26 9.68 -51.98
CA VAL B 148 26.87 10.04 -50.61
C VAL B 148 27.56 11.30 -50.09
N ASN B 149 28.85 11.46 -50.39
CA ASN B 149 29.63 12.52 -49.74
C ASN B 149 30.92 12.85 -50.49
N HIS B 150 31.31 14.12 -50.41
CA HIS B 150 32.55 14.54 -51.03
C HIS B 150 33.49 15.01 -49.92
N ALA B 151 32.99 14.90 -48.68
CA ALA B 151 33.73 15.28 -47.49
C ALA B 151 33.42 14.32 -46.32
N VAL B 152 34.42 14.04 -45.48
CA VAL B 152 34.23 13.32 -44.21
C VAL B 152 34.89 14.11 -43.09
N THR B 153 34.19 14.19 -41.95
CA THR B 153 34.73 14.75 -40.72
C THR B 153 35.02 13.71 -39.64
N PHE B 154 36.25 13.71 -39.11
CA PHE B 154 36.59 12.83 -37.99
C PHE B 154 36.57 13.70 -36.73
N LEU B 155 36.07 13.18 -35.60
CA LEU B 155 36.15 13.95 -34.35
C LEU B 155 36.40 13.14 -33.05
N THR B 156 36.79 13.83 -31.97
CA THR B 156 36.72 13.26 -30.61
C THR B 156 35.51 13.76 -29.92
N GLY B 157 34.79 12.85 -29.28
CA GLY B 157 33.69 13.20 -28.41
C GLY B 157 34.23 13.33 -27.02
N HIS B 158 35.54 13.18 -26.86
CA HIS B 158 36.15 13.06 -25.55
C HIS B 158 35.71 14.10 -24.53
N ASP B 159 35.76 15.38 -24.90
CA ASP B 159 35.45 16.48 -24.00
C ASP B 159 34.13 17.12 -24.39
N SER B 160 33.12 16.31 -24.70
CA SER B 160 31.85 16.83 -25.15
C SER B 160 30.78 16.40 -24.18
N SER B 161 31.04 16.64 -22.89
CA SER B 161 30.13 16.21 -21.83
C SER B 161 28.83 17.04 -21.81
N GLY B 162 28.93 18.33 -22.13
CA GLY B 162 27.77 19.21 -22.14
C GLY B 162 27.84 20.22 -21.01
N VAL B 164 30.88 20.95 -18.71
CA VAL B 164 31.69 22.13 -19.06
C VAL B 164 31.88 22.34 -20.59
N PRO B 165 31.29 23.44 -21.09
CA PRO B 165 31.41 23.84 -22.51
C PRO B 165 32.79 23.62 -23.16
N ASP B 166 32.79 23.26 -24.45
CA ASP B 166 34.04 23.08 -25.19
C ASP B 166 33.87 23.51 -26.65
N ARG B 167 34.95 23.72 -27.38
CA ARG B 167 34.66 24.30 -28.67
C ARG B 167 34.92 23.32 -29.76
N ILE B 168 33.92 22.48 -29.90
CA ILE B 168 33.54 22.02 -31.18
C ILE B 168 32.29 22.88 -31.43
N ASN B 169 32.23 23.33 -32.67
CA ASN B 169 31.12 24.08 -33.14
C ASN B 169 30.24 23.03 -33.81
N TRP B 170 29.38 22.39 -33.00
CA TRP B 170 28.60 21.27 -33.47
C TRP B 170 27.72 21.56 -34.69
N GLN B 171 27.36 22.82 -34.92
CA GLN B 171 26.53 23.18 -36.07
C GLN B 171 27.33 23.15 -37.38
N GLY B 172 28.53 23.75 -37.35
CA GLY B 172 29.47 23.64 -38.45
C GLY B 172 29.76 22.18 -38.79
N ILE B 173 29.96 21.37 -37.76
CA ILE B 173 30.23 19.96 -37.93
C ILE B 173 29.04 19.26 -38.56
N ALA B 174 27.83 19.63 -38.14
CA ALA B 174 26.59 19.14 -38.76
C ALA B 174 26.43 19.45 -40.27
N SER B 175 26.73 20.70 -40.69
CA SER B 175 26.63 21.08 -42.12
C SER B 175 27.83 20.74 -42.98
N GLY B 176 29.00 20.62 -42.36
CA GLY B 176 30.25 20.41 -43.09
C GLY B 176 30.32 19.16 -43.96
N SER B 177 29.98 17.99 -43.42
CA SER B 177 30.03 16.75 -44.20
C SER B 177 28.78 15.91 -43.97
N PRO B 178 28.33 15.22 -45.03
CA PRO B 178 27.23 14.30 -44.88
C PRO B 178 27.69 13.20 -43.93
N VAL B 179 28.90 12.65 -44.02
CA VAL B 179 29.37 11.64 -43.04
C VAL B 179 30.21 12.18 -41.89
N ILE B 180 29.90 11.76 -40.65
CA ILE B 180 30.72 12.13 -39.48
C ILE B 180 31.23 10.85 -38.86
N VAL B 181 32.51 10.84 -38.50
CA VAL B 181 33.11 9.65 -37.90
C VAL B 181 33.68 10.04 -36.55
N MET B 182 33.21 9.39 -35.50
CA MET B 182 33.49 9.87 -34.17
C MET B 182 34.26 8.86 -33.34
N TYR B 183 35.37 9.35 -32.77
CA TYR B 183 36.27 8.63 -31.88
C TYR B 183 35.91 9.02 -30.45
N MET B 184 36.08 8.10 -29.49
CA MET B 184 35.83 8.38 -28.07
C MET B 184 34.54 9.15 -27.81
N ALA B 185 33.44 8.65 -28.35
CA ALA B 185 32.15 9.33 -28.32
C ALA B 185 31.09 8.52 -27.59
N MET B 186 31.49 7.48 -26.89
CA MET B 186 30.52 6.59 -26.25
C MET B 186 29.93 7.19 -24.97
N LYS B 187 30.80 7.61 -24.07
CA LYS B 187 30.40 8.05 -22.76
C LYS B 187 29.53 9.30 -22.88
N HIS B 188 29.75 10.08 -23.91
CA HIS B 188 29.01 11.30 -24.12
C HIS B 188 28.12 11.27 -25.35
N ILE B 189 27.73 10.07 -25.79
CA ILE B 189 26.84 9.92 -26.95
C ILE B 189 25.53 10.72 -26.90
N GLY B 190 24.82 10.67 -25.78
CA GLY B 190 23.63 11.47 -25.57
C GLY B 190 23.82 12.95 -25.92
N ALA B 191 24.79 13.60 -25.31
CA ALA B 191 25.00 15.02 -25.58
C ALA B 191 25.44 15.27 -27.03
N ILE B 192 26.35 14.43 -27.54
CA ILE B 192 26.86 14.61 -28.90
C ILE B 192 25.73 14.49 -29.90
N THR B 193 24.99 13.40 -29.76
CA THR B 193 23.88 13.13 -30.62
C THR B 193 22.81 14.22 -30.56
N ALA B 194 22.60 14.79 -29.39
CA ALA B 194 21.69 15.93 -29.32
C ALA B 194 22.30 17.21 -29.99
N ASN B 195 23.63 17.37 -29.91
CA ASN B 195 24.28 18.51 -30.56
C ASN B 195 24.00 18.45 -32.06
N LEU B 196 24.25 17.30 -32.64
CA LEU B 196 24.05 17.10 -34.05
C LEU B 196 22.61 17.36 -34.46
N ILE B 197 21.64 16.87 -33.68
CA ILE B 197 20.23 17.10 -34.00
C ILE B 197 19.86 18.61 -33.91
N ALA B 198 20.40 19.31 -32.90
CA ALA B 198 20.19 20.74 -32.76
C ALA B 198 20.81 21.46 -33.97
N GLY B 199 21.82 20.81 -34.54
CA GLY B 199 22.52 21.32 -35.70
C GLY B 199 21.88 21.03 -37.04
N GLY B 200 20.72 20.41 -37.06
CA GLY B 200 20.00 20.27 -38.33
C GLY B 200 19.99 18.88 -38.92
N ARG B 201 20.77 18.00 -38.31
CA ARG B 201 20.78 16.60 -38.65
C ARG B 201 19.41 15.97 -38.36
N SER B 202 18.99 14.99 -39.15
CA SER B 202 17.67 14.41 -38.96
C SER B 202 17.66 13.40 -37.79
N PRO B 203 16.65 13.44 -36.91
CA PRO B 203 16.56 12.49 -35.79
C PRO B 203 16.62 11.04 -36.28
N ASP B 204 16.22 10.81 -37.51
CA ASP B 204 16.25 9.48 -38.11
C ASP B 204 17.49 9.18 -38.93
N GLU B 205 18.44 10.08 -39.06
CA GLU B 205 19.58 9.75 -39.90
C GLU B 205 20.30 8.50 -39.36
N PRO B 206 20.64 7.56 -40.25
CA PRO B 206 21.29 6.30 -39.84
C PRO B 206 22.64 6.54 -39.18
N VAL B 207 22.93 5.68 -38.23
CA VAL B 207 24.11 5.73 -37.36
C VAL B 207 24.54 4.27 -37.16
N ALA B 208 25.84 4.01 -37.15
CA ALA B 208 26.34 2.68 -36.76
C ALA B 208 27.40 2.84 -35.68
N PHE B 209 27.45 1.88 -34.76
CA PHE B 209 28.48 1.78 -33.75
C PHE B 209 29.26 0.56 -34.16
N VAL B 210 30.59 0.70 -34.19
CA VAL B 210 31.44 -0.46 -34.47
C VAL B 210 32.42 -0.62 -33.31
N CYS B 211 32.21 -1.67 -32.52
CA CYS B 211 33.04 -1.94 -31.37
C CYS B 211 34.07 -2.98 -31.66
N ASN B 212 35.31 -2.68 -31.27
CA ASN B 212 36.39 -3.62 -31.47
C ASN B 212 36.46 -3.98 -32.95
N ALA B 213 36.34 -2.97 -33.82
CA ALA B 213 36.54 -3.18 -35.24
C ALA B 213 37.80 -4.01 -35.47
N ALA B 214 37.68 -4.90 -36.44
CA ALA B 214 38.76 -5.74 -36.94
C ALA B 214 39.35 -6.67 -35.91
N THR B 215 38.52 -7.19 -35.01
CA THR B 215 38.91 -8.25 -34.07
C THR B 215 37.86 -9.35 -34.11
N PRO B 216 38.15 -10.54 -33.61
CA PRO B 216 37.09 -11.57 -33.51
C PRO B 216 35.91 -11.10 -32.63
N GLN B 217 36.12 -10.08 -31.80
CA GLN B 217 35.05 -9.55 -30.95
C GLN B 217 34.22 -8.44 -31.60
N GLN B 218 34.42 -8.14 -32.87
CA GLN B 218 33.69 -7.06 -33.51
C GLN B 218 32.19 -7.21 -33.38
N ALA B 219 31.54 -6.09 -33.06
CA ALA B 219 30.11 -6.00 -32.90
C ALA B 219 29.65 -4.68 -33.47
N VAL B 220 28.52 -4.71 -34.17
CA VAL B 220 27.99 -3.55 -34.87
C VAL B 220 26.55 -3.38 -34.50
N LEU B 221 26.16 -2.14 -34.22
CA LEU B 221 24.78 -1.79 -34.03
C LEU B 221 24.42 -0.65 -35.00
N GLU B 222 23.40 -0.87 -35.81
CA GLU B 222 22.77 0.21 -36.55
C GLU B 222 21.50 0.62 -35.85
N THR B 223 21.23 1.89 -36.07
CA THR B 223 20.38 2.73 -35.27
C THR B 223 20.19 4.07 -35.99
N THR B 224 19.75 5.11 -35.27
CA THR B 224 19.60 6.46 -35.80
C THR B 224 20.10 7.43 -34.75
N LEU B 225 20.19 8.72 -35.11
CA LEU B 225 20.68 9.73 -34.15
C LEU B 225 19.80 9.82 -32.90
N ALA B 226 18.48 9.91 -33.12
CA ALA B 226 17.57 10.01 -31.99
C ALA B 226 17.71 8.77 -31.11
N ARG B 227 17.70 7.58 -31.69
CA ARG B 227 17.69 6.34 -30.90
C ARG B 227 19.06 5.89 -30.42
N ALA B 228 20.13 6.56 -30.88
CA ALA B 228 21.48 6.06 -30.67
C ALA B 228 21.82 5.81 -29.19
N GLU B 229 21.53 6.82 -28.36
CA GLU B 229 21.89 6.77 -26.94
C GLU B 229 21.20 5.61 -26.22
N ALA B 230 19.90 5.47 -26.41
CA ALA B 230 19.16 4.37 -25.80
C ALA B 230 19.60 2.99 -26.33
N ASP B 231 19.77 2.92 -27.65
CA ASP B 231 20.08 1.65 -28.28
C ASP B 231 21.39 1.07 -27.80
N VAL B 232 22.43 1.91 -27.74
CA VAL B 232 23.76 1.44 -27.45
C VAL B 232 23.81 0.94 -26.00
N ALA B 233 23.06 1.60 -25.14
CA ALA B 233 22.99 1.17 -23.77
C ALA B 233 22.34 -0.22 -23.71
N ALA B 234 21.19 -0.38 -24.36
CA ALA B 234 20.50 -1.67 -24.34
C ALA B 234 21.31 -2.80 -25.00
N ALA B 235 22.13 -2.46 -25.98
CA ALA B 235 22.95 -3.45 -26.67
C ALA B 235 24.12 -3.88 -25.80
N GLY B 236 24.39 -3.14 -24.75
CA GLY B 236 25.45 -3.47 -23.79
C GLY B 236 26.84 -3.12 -24.28
N LEU B 237 26.93 -2.35 -25.38
CA LEU B 237 28.20 -2.11 -26.06
C LEU B 237 29.10 -1.21 -25.27
N GLU B 238 30.42 -1.35 -25.50
CA GLU B 238 31.46 -0.59 -24.77
C GLU B 238 32.57 -0.14 -25.70
N PRO B 239 33.30 0.93 -25.31
CA PRO B 239 34.57 1.27 -25.96
C PRO B 239 35.48 0.04 -26.04
N PRO B 240 36.39 0.01 -27.00
CA PRO B 240 36.51 1.09 -28.00
C PRO B 240 35.47 0.92 -29.13
N ALA B 241 34.89 2.02 -29.62
CA ALA B 241 33.92 1.97 -30.69
C ALA B 241 34.11 3.15 -31.62
N ILE B 242 33.82 2.98 -32.88
CA ILE B 242 33.77 4.14 -33.74
C ILE B 242 32.29 4.37 -34.04
N VAL B 243 31.81 5.61 -33.91
CA VAL B 243 30.45 5.94 -34.26
C VAL B 243 30.40 6.74 -35.56
N VAL B 244 29.73 6.18 -36.56
CA VAL B 244 29.64 6.78 -37.90
C VAL B 244 28.22 7.22 -38.17
N VAL B 245 28.08 8.44 -38.65
CA VAL B 245 26.79 9.04 -38.93
C VAL B 245 26.68 9.25 -40.45
N GLY B 246 25.53 8.86 -41.01
CA GLY B 246 25.23 9.15 -42.40
C GLY B 246 24.99 8.00 -43.35
N GLU B 247 24.71 8.34 -44.60
CA GLU B 247 24.10 7.38 -45.51
C GLU B 247 24.97 6.19 -45.82
N VAL B 248 26.29 6.37 -45.72
CA VAL B 248 27.22 5.25 -45.89
C VAL B 248 26.89 4.07 -44.97
N VAL B 249 26.26 4.33 -43.82
CA VAL B 249 25.85 3.26 -42.92
C VAL B 249 24.91 2.28 -43.63
N ARG B 250 24.16 2.76 -44.60
CA ARG B 250 23.22 1.91 -45.33
C ARG B 250 23.92 0.88 -46.20
N LEU B 251 25.17 1.14 -46.56
CA LEU B 251 25.92 0.22 -47.42
C LEU B 251 26.43 -1.02 -46.68
N ARG B 252 26.36 -1.06 -45.35
CA ARG B 252 26.85 -2.23 -44.65
C ARG B 252 26.04 -3.50 -45.03
N ALA B 253 24.75 -3.33 -45.30
CA ALA B 253 23.90 -4.46 -45.69
C ALA B 253 24.40 -5.12 -46.99
N ALA B 254 24.97 -4.31 -47.88
CA ALA B 254 25.51 -4.80 -49.14
C ALA B 254 26.99 -5.11 -49.13
N LEU B 255 27.73 -4.57 -48.17
CA LEU B 255 29.19 -4.63 -48.22
C LEU B 255 29.81 -5.36 -47.04
N ASP B 256 28.96 -5.98 -46.23
CA ASP B 256 29.43 -6.67 -45.02
C ASP B 256 30.15 -7.99 -45.37
N TRP B 257 31.39 -7.85 -45.84
CA TRP B 257 32.17 -9.00 -46.28
C TRP B 257 32.58 -9.94 -45.16
N ILE B 258 32.81 -9.40 -43.96
CA ILE B 258 33.18 -10.25 -42.83
C ILE B 258 32.04 -11.18 -42.46
N GLY B 259 30.83 -10.71 -42.68
CA GLY B 259 29.67 -11.58 -42.83
C GLY B 259 29.90 -12.62 -43.93
N ALA B 260 31.09 -13.21 -43.96
CA ALA B 260 31.34 -14.49 -44.65
C ALA B 260 31.51 -15.60 -43.63
N LEU B 261 30.69 -15.51 -42.60
CA LEU B 261 30.26 -16.61 -41.76
C LEU B 261 28.95 -17.22 -42.26
N ASP B 262 28.38 -16.43 -43.21
CA ASP B 262 27.06 -16.76 -43.73
C ASP B 262 26.57 -15.86 -44.88
N GLY B 263 25.69 -16.44 -45.71
CA GLY B 263 25.23 -15.69 -46.85
C GLY B 263 24.82 -14.29 -46.38
N ARG B 264 23.89 -14.27 -45.42
CA ARG B 264 22.76 -13.49 -45.92
C ARG B 264 22.88 -12.05 -46.34
N LYS B 265 22.67 -12.04 -47.67
CA LYS B 265 23.63 -11.51 -48.61
C LYS B 265 23.35 -10.08 -48.97
N LEU B 266 24.26 -9.55 -49.71
CA LEU B 266 24.37 -8.14 -49.92
C LEU B 266 23.26 -7.59 -50.83
N ALA B 267 22.66 -6.48 -50.39
CA ALA B 267 21.72 -5.70 -51.20
C ALA B 267 22.44 -5.00 -52.39
N ALA C 7 -18.56 53.84 12.29
CA ALA C 7 -17.30 53.93 13.08
C ALA C 7 -17.59 54.16 14.57
N GLY C 8 -17.39 53.08 15.36
CA GLY C 8 -17.06 53.20 16.78
C GLY C 8 -15.91 52.21 16.87
N LEU C 9 -15.00 52.26 15.89
CA LEU C 9 -13.96 51.26 15.71
C LEU C 9 -12.68 51.62 16.48
N PRO C 10 -11.75 50.67 16.63
CA PRO C 10 -10.50 50.97 17.35
C PRO C 10 -9.73 52.14 16.74
N ALA C 11 -9.16 52.95 17.62
CA ALA C 11 -8.27 54.03 17.25
C ALA C 11 -6.85 53.52 16.98
N LEU C 12 -6.19 54.17 16.02
CA LEU C 12 -4.77 53.99 15.80
C LEU C 12 -4.05 54.80 16.83
N GLU C 13 -3.62 54.15 17.90
CA GLU C 13 -3.03 54.83 19.04
C GLU C 13 -1.63 55.38 18.71
N LYS C 14 -1.26 56.45 19.40
CA LYS C 14 0.10 56.99 19.33
C LYS C 14 1.15 56.00 19.81
N GLY C 15 2.27 55.99 19.12
CA GLY C 15 3.35 55.09 19.45
C GLY C 15 3.18 53.69 18.92
N SER C 16 2.18 53.46 18.06
CA SER C 16 1.92 52.14 17.49
C SER C 16 1.90 52.16 15.96
N VAL C 17 2.07 50.98 15.32
CA VAL C 17 2.13 50.86 13.86
C VAL C 17 1.02 49.91 13.41
N TRP C 18 0.22 50.33 12.43
CA TRP C 18 -0.75 49.45 11.82
C TRP C 18 -0.22 49.02 10.47
N LEU C 19 -0.16 47.72 10.24
CA LEU C 19 0.24 47.24 8.93
C LEU C 19 -1.05 47.04 8.16
N VAL C 20 -1.34 47.93 7.22
CA VAL C 20 -2.66 47.93 6.64
C VAL C 20 -2.67 47.50 5.19
N GLY C 21 -3.53 46.53 4.87
CA GLY C 21 -3.71 46.11 3.49
C GLY C 21 -4.48 47.16 2.71
N ALA C 22 -3.90 47.63 1.61
CA ALA C 22 -4.58 48.63 0.81
C ALA C 22 -5.45 47.93 -0.22
N GLY C 23 -5.31 46.62 -0.36
CA GLY C 23 -6.06 45.95 -1.41
C GLY C 23 -5.38 46.15 -2.74
N PRO C 24 -5.97 45.63 -3.82
CA PRO C 24 -5.29 45.56 -5.13
C PRO C 24 -5.13 46.85 -5.90
N GLY C 25 -6.04 47.81 -5.73
CA GLY C 25 -5.99 49.04 -6.49
C GLY C 25 -7.17 49.91 -6.11
N ASP C 26 -8.36 49.48 -6.54
CA ASP C 26 -9.63 50.13 -6.22
C ASP C 26 -9.82 50.49 -4.73
N PRO C 27 -9.93 51.78 -4.43
CA PRO C 27 -10.26 52.21 -3.06
C PRO C 27 -11.67 51.68 -2.81
N GLY C 28 -12.12 51.52 -1.60
CA GLY C 28 -13.46 50.95 -1.57
C GLY C 28 -13.41 49.43 -1.45
N LEU C 29 -12.34 48.85 -1.98
CA LEU C 29 -11.86 47.58 -1.46
C LEU C 29 -11.00 47.76 -0.19
N LEU C 30 -10.76 49.01 0.24
CA LEU C 30 -10.21 49.23 1.57
C LEU C 30 -11.20 48.69 2.62
N THR C 31 -10.71 48.07 3.68
CA THR C 31 -11.60 47.78 4.81
C THR C 31 -11.96 49.08 5.52
N LEU C 32 -13.02 49.04 6.33
CA LEU C 32 -13.41 50.20 7.10
C LEU C 32 -12.25 50.57 7.99
N HIS C 33 -11.61 49.54 8.57
CA HIS C 33 -10.43 49.71 9.42
C HIS C 33 -9.34 50.47 8.68
N ALA C 34 -9.13 50.14 7.40
CA ALA C 34 -8.11 50.77 6.60
C ALA C 34 -8.40 52.26 6.43
N ALA C 35 -9.64 52.55 6.02
CA ALA C 35 -10.12 53.91 5.83
C ALA C 35 -10.02 54.67 7.14
N ASN C 36 -10.49 54.04 8.21
CA ASN C 36 -10.36 54.64 9.52
C ASN C 36 -8.91 55.03 9.81
N ALA C 37 -7.97 54.09 9.63
CA ALA C 37 -6.54 54.40 9.82
C ALA C 37 -6.04 55.54 8.92
N LEU C 38 -6.38 55.51 7.63
CA LEU C 38 -6.07 56.61 6.72
C LEU C 38 -6.44 58.02 7.27
N ARG C 39 -7.56 58.12 7.99
CA ARG C 39 -8.04 59.39 8.55
C ARG C 39 -7.28 59.79 9.81
N GLN C 40 -6.75 58.79 10.50
CA GLN C 40 -6.16 58.96 11.81
C GLN C 40 -4.65 59.11 11.79
N ALA C 41 -4.02 58.56 10.78
CA ALA C 41 -2.57 58.43 10.75
C ALA C 41 -1.86 59.77 10.79
N ASP C 42 -0.71 59.78 11.43
CA ASP C 42 0.16 60.95 11.41
C ASP C 42 1.09 60.87 10.22
N VAL C 43 1.56 59.66 9.93
CA VAL C 43 2.46 59.47 8.81
C VAL C 43 2.10 58.18 8.10
N ILE C 44 1.84 58.28 6.80
CA ILE C 44 1.49 57.10 6.00
C ILE C 44 2.72 56.65 5.21
N VAL C 45 3.26 55.50 5.56
CA VAL C 45 4.43 54.95 4.87
C VAL C 45 3.99 53.85 3.91
N HIS C 46 4.03 54.15 2.61
CA HIS C 46 3.45 53.29 1.56
C HIS C 46 4.46 52.86 0.49
N ASP C 47 4.07 51.82 -0.24
CA ASP C 47 4.86 51.36 -1.39
C ASP C 47 4.39 51.96 -2.72
N ALA C 48 5.12 51.57 -3.77
CA ALA C 48 4.57 51.24 -5.10
C ALA C 48 3.04 51.07 -5.09
N LEU C 49 2.30 52.17 -5.10
CA LEU C 49 0.85 51.99 -4.99
C LEU C 49 0.31 51.87 -6.39
N VAL C 50 -0.39 50.74 -6.66
CA VAL C 50 -1.07 50.56 -7.94
C VAL C 50 -2.03 51.72 -8.18
N ASN C 51 -2.76 52.10 -7.13
CA ASN C 51 -3.58 53.31 -7.12
C ASN C 51 -3.21 54.25 -5.95
N GLU C 52 -3.41 55.54 -6.18
CA GLU C 52 -3.07 56.59 -5.24
C GLU C 52 -4.30 57.26 -4.59
N ASP C 53 -5.49 57.10 -5.17
CA ASP C 53 -6.70 57.83 -4.70
C ASP C 53 -7.04 57.59 -3.22
N CYS C 54 -6.56 56.47 -2.67
CA CYS C 54 -6.89 56.07 -1.30
C CYS C 54 -6.21 56.98 -0.29
N LEU C 55 -5.05 57.50 -0.67
CA LEU C 55 -4.31 58.47 0.13
C LEU C 55 -5.07 59.77 0.31
N LYS C 56 -6.00 60.08 -0.59
CA LYS C 56 -6.85 61.27 -0.43
C LYS C 56 -7.56 61.31 0.92
N LEU C 57 -7.55 60.17 1.63
CA LEU C 57 -8.24 60.00 2.90
C LEU C 57 -7.40 60.46 4.09
N ALA C 58 -6.10 60.62 3.88
CA ALA C 58 -5.20 61.15 4.89
C ALA C 58 -5.73 62.48 5.41
N ARG C 59 -5.66 62.68 6.72
CA ARG C 59 -6.12 63.93 7.30
C ARG C 59 -5.38 65.14 6.68
N PRO C 60 -6.02 66.32 6.75
CA PRO C 60 -5.53 67.54 6.11
C PRO C 60 -4.02 67.52 5.81
N GLY C 61 -3.16 67.55 6.82
CA GLY C 61 -1.72 67.47 6.59
C GLY C 61 -1.04 66.36 7.38
N ALA C 62 -1.16 65.12 6.87
CA ALA C 62 -0.39 63.96 7.33
C ALA C 62 0.83 63.85 6.43
N VAL C 63 1.87 63.16 6.90
CA VAL C 63 3.03 62.99 6.06
C VAL C 63 2.90 61.71 5.24
N LEU C 64 3.06 61.86 3.93
CA LEU C 64 3.08 60.74 3.01
C LEU C 64 4.52 60.38 2.66
N GLU C 65 4.92 59.16 2.97
CA GLU C 65 6.29 58.73 2.76
C GLU C 65 6.39 57.44 1.91
N PHE C 66 7.16 57.51 0.81
CA PHE C 66 7.36 56.36 -0.08
C PHE C 66 8.48 55.45 0.45
N ALA C 67 8.20 54.16 0.61
CA ALA C 67 9.16 53.25 1.24
C ALA C 67 10.48 53.11 0.48
N GLY C 68 10.41 53.17 -0.86
CA GLY C 68 11.62 53.29 -1.67
C GLY C 68 11.40 52.99 -3.13
N PRO C 74 19.68 53.19 -5.94
CA PRO C 74 19.86 52.22 -4.85
C PRO C 74 18.59 52.02 -4.00
N SER C 75 18.00 50.82 -4.11
CA SER C 75 16.89 50.39 -3.26
C SER C 75 17.23 50.50 -1.74
N PRO C 76 16.21 50.65 -0.89
CA PRO C 76 16.40 50.42 0.56
C PRO C 76 16.04 48.98 0.94
N LYS C 77 16.84 48.36 1.80
CA LYS C 77 16.52 47.01 2.29
C LYS C 77 15.29 47.07 3.17
N GLN C 78 14.64 45.92 3.34
CA GLN C 78 13.44 45.79 4.17
C GLN C 78 13.66 46.26 5.62
N ARG C 79 14.83 45.95 6.18
CA ARG C 79 15.15 46.26 7.58
C ARG C 79 15.13 47.78 7.78
N ASP C 80 15.52 48.50 6.73
CA ASP C 80 15.49 49.97 6.68
C ASP C 80 14.08 50.56 6.85
N ILE C 81 13.15 50.08 6.04
CA ILE C 81 11.74 50.46 6.14
C ILE C 81 11.18 50.10 7.54
N SER C 82 11.52 48.90 8.00
CA SER C 82 11.06 48.43 9.31
C SER C 82 11.54 49.34 10.42
N LEU C 83 12.84 49.66 10.40
CA LEU C 83 13.48 50.49 11.42
C LEU C 83 12.96 51.91 11.39
N ARG C 84 12.61 52.39 10.20
CA ARG C 84 11.94 53.66 10.03
C ARG C 84 10.58 53.72 10.74
N LEU C 85 9.81 52.64 10.64
CA LEU C 85 8.55 52.51 11.37
C LEU C 85 8.75 52.63 12.88
N VAL C 86 9.82 52.04 13.42
CA VAL C 86 10.00 52.13 14.86
C VAL C 86 10.40 53.51 15.31
N GLU C 87 11.18 54.19 14.49
CA GLU C 87 11.66 55.50 14.89
C GLU C 87 10.47 56.47 14.80
N LEU C 88 9.65 56.34 13.77
CA LEU C 88 8.36 57.01 13.70
C LEU C 88 7.48 56.80 14.96
N ALA C 89 7.30 55.54 15.35
CA ALA C 89 6.46 55.17 16.48
C ALA C 89 7.01 55.61 17.83
N ARG C 90 8.31 55.46 18.01
CA ARG C 90 8.96 55.81 19.25
C ARG C 90 8.85 57.30 19.52
N ALA C 91 8.62 58.07 18.47
CA ALA C 91 8.52 59.50 18.58
C ALA C 91 7.08 59.93 18.89
N GLY C 92 6.19 58.95 18.87
CA GLY C 92 4.81 59.19 19.26
C GLY C 92 3.86 59.45 18.09
N ASN C 93 4.26 59.11 16.87
CA ASN C 93 3.33 59.13 15.75
C ASN C 93 2.32 57.97 15.75
N ARG C 94 1.10 58.27 15.35
CA ARG C 94 0.16 57.25 14.91
C ARG C 94 0.66 56.82 13.53
N VAL C 95 1.24 55.63 13.44
CA VAL C 95 1.95 55.23 12.22
C VAL C 95 1.14 54.23 11.40
N LEU C 96 0.95 54.55 10.13
CA LEU C 96 0.29 53.63 9.22
C LEU C 96 1.20 53.20 8.06
N ARG C 97 1.54 51.91 8.09
CA ARG C 97 2.25 51.25 7.00
C ARG C 97 1.22 50.61 6.07
N LEU C 98 1.06 51.21 4.88
CA LEU C 98 0.15 50.73 3.84
C LEU C 98 0.92 49.81 2.93
N LYS C 99 0.46 48.58 2.80
CA LYS C 99 1.03 47.65 1.82
C LYS C 99 -0.03 47.26 0.81
N GLY C 100 0.39 47.01 -0.43
CA GLY C 100 -0.53 46.59 -1.46
C GLY C 100 -1.14 45.25 -1.10
N GLY C 101 -2.40 45.07 -1.49
CA GLY C 101 -3.08 43.81 -1.25
C GLY C 101 -3.25 43.55 0.22
N ASP C 102 -2.83 42.37 0.66
CA ASP C 102 -2.87 41.97 2.05
C ASP C 102 -1.46 41.97 2.65
N PRO C 103 -1.31 42.50 3.87
CA PRO C 103 0.03 42.60 4.44
C PRO C 103 0.71 41.22 4.57
N PHE C 104 -0.05 40.12 4.55
CA PHE C 104 0.52 38.79 4.81
C PHE C 104 0.55 37.83 3.61
N VAL C 105 0.11 38.31 2.44
CA VAL C 105 0.21 37.54 1.20
C VAL C 105 1.31 38.10 0.28
N PHE C 106 2.55 37.91 0.73
CA PHE C 106 3.79 37.96 -0.07
C PHE C 106 4.25 39.40 -0.01
N GLY C 107 4.04 40.05 1.14
CA GLY C 107 4.32 41.47 1.26
C GLY C 107 5.23 41.88 2.40
N ARG C 108 6.08 40.95 2.86
CA ARG C 108 6.98 41.23 3.97
C ARG C 108 6.33 41.75 5.27
N GLY C 109 5.01 41.66 5.39
CA GLY C 109 4.35 42.20 6.56
C GLY C 109 4.80 41.50 7.81
N GLY C 110 4.92 40.17 7.72
CA GLY C 110 5.38 39.38 8.85
C GLY C 110 6.75 39.87 9.23
N GLU C 111 7.58 40.09 8.21
CA GLU C 111 8.94 40.58 8.40
C GLU C 111 8.93 41.91 9.11
N GLU C 112 8.14 42.84 8.61
CA GLU C 112 8.05 44.12 9.26
C GLU C 112 7.59 43.97 10.73
N ALA C 113 6.50 43.22 10.97
CA ALA C 113 5.98 43.07 12.33
C ALA C 113 7.04 42.51 13.29
N LEU C 114 7.80 41.52 12.85
CA LEU C 114 8.87 40.97 13.69
C LEU C 114 9.83 42.05 14.19
N THR C 115 10.23 42.94 13.29
CA THR C 115 11.09 44.03 13.66
C THR C 115 10.34 44.93 14.64
N LEU C 116 9.05 45.17 14.41
CA LEU C 116 8.28 45.91 15.40
C LEU C 116 8.40 45.22 16.78
N VAL C 117 8.17 43.90 16.81
CA VAL C 117 8.27 43.15 18.06
C VAL C 117 9.65 43.24 18.68
N GLU C 118 10.69 43.12 17.86
CA GLU C 118 12.08 43.20 18.32
C GLU C 118 12.35 44.49 19.09
N HIS C 119 11.64 45.56 18.75
CA HIS C 119 11.87 46.88 19.36
C HIS C 119 10.73 47.36 20.25
N GLN C 120 9.96 46.41 20.77
CA GLN C 120 8.84 46.70 21.66
C GLN C 120 7.84 47.72 21.13
N VAL C 121 7.54 47.69 19.85
CA VAL C 121 6.54 48.61 19.30
C VAL C 121 5.22 47.86 19.09
N PRO C 122 4.12 48.30 19.69
CA PRO C 122 2.83 47.64 19.46
C PRO C 122 2.36 47.90 18.04
N PHE C 123 1.60 46.95 17.50
CA PHE C 123 1.15 46.99 16.12
C PHE C 123 -0.19 46.29 15.95
N ARG C 124 -0.91 46.61 14.89
CA ARG C 124 -2.12 45.87 14.54
C ARG C 124 -1.91 45.44 13.09
N ILE C 125 -2.43 44.28 12.71
CA ILE C 125 -2.50 43.87 11.31
C ILE C 125 -3.95 44.04 10.87
N VAL C 126 -4.16 44.72 9.75
CA VAL C 126 -5.49 44.94 9.18
C VAL C 126 -5.43 44.28 7.82
N PRO C 127 -6.09 43.15 7.72
CA PRO C 127 -6.13 42.39 6.47
C PRO C 127 -6.65 43.23 5.30
N GLY C 128 -6.23 42.86 4.10
CA GLY C 128 -6.62 43.56 2.88
C GLY C 128 -7.05 42.55 1.84
N ILE C 129 -7.67 43.04 0.76
CA ILE C 129 -8.05 42.19 -0.37
C ILE C 129 -6.79 41.91 -1.17
N THR C 130 -6.50 40.64 -1.41
CA THR C 130 -5.29 40.26 -2.14
C THR C 130 -5.53 40.13 -3.65
N ALA C 131 -4.50 40.40 -4.44
CA ALA C 131 -4.61 40.37 -5.91
C ALA C 131 -5.07 39.01 -6.42
N GLY C 132 -4.54 37.95 -5.82
CA GLY C 132 -4.82 36.59 -6.22
C GLY C 132 -6.24 36.12 -6.04
N ILE C 133 -7.05 36.85 -5.26
CA ILE C 133 -8.48 36.54 -5.12
C ILE C 133 -9.37 37.66 -5.61
N GLY C 134 -9.30 38.83 -4.97
CA GLY C 134 -10.09 39.97 -5.40
C GLY C 134 -9.68 40.48 -6.77
N GLY C 135 -8.36 40.56 -7.02
CA GLY C 135 -7.83 40.86 -8.32
C GLY C 135 -8.49 39.99 -9.39
N LEU C 136 -8.33 38.67 -9.28
CA LEU C 136 -8.94 37.77 -10.24
C LEU C 136 -10.47 37.98 -10.34
N ALA C 137 -11.11 38.30 -9.23
CA ALA C 137 -12.54 38.55 -9.24
C ALA C 137 -12.91 39.70 -10.17
N TYR C 138 -12.04 40.70 -10.25
CA TYR C 138 -12.32 41.88 -11.04
C TYR C 138 -12.14 41.56 -12.52
N ALA C 139 -11.58 40.39 -12.80
CA ALA C 139 -11.37 39.96 -14.18
C ALA C 139 -12.38 38.89 -14.61
N GLY C 140 -13.32 38.58 -13.73
CA GLY C 140 -14.31 37.55 -13.97
C GLY C 140 -13.90 36.13 -13.62
N ILE C 141 -12.75 35.97 -12.97
CA ILE C 141 -12.22 34.64 -12.61
C ILE C 141 -12.27 34.35 -11.09
N PRO C 142 -13.13 33.45 -10.66
CA PRO C 142 -13.13 33.01 -9.25
C PRO C 142 -11.99 32.05 -8.98
N VAL C 143 -11.33 32.12 -7.81
CA VAL C 143 -10.28 31.15 -7.49
C VAL C 143 -10.81 29.75 -7.15
N THR C 144 -12.07 29.66 -6.72
CA THR C 144 -12.74 28.36 -6.53
C THR C 144 -14.08 28.24 -7.20
N HIS C 145 -14.39 27.00 -7.57
CA HIS C 145 -15.64 26.63 -8.20
C HIS C 145 -15.69 25.09 -8.16
N ARG C 146 -16.73 24.55 -7.53
CA ARG C 146 -16.73 23.14 -7.13
C ARG C 146 -16.86 22.13 -8.29
N GLU C 147 -17.23 22.60 -9.48
CA GLU C 147 -17.12 21.77 -10.68
C GLU C 147 -15.69 21.79 -11.25
N VAL C 148 -14.88 22.75 -10.80
CA VAL C 148 -13.49 22.84 -11.22
C VAL C 148 -12.48 22.32 -10.18
N ASN C 149 -12.48 22.86 -8.96
CA ASN C 149 -11.44 22.56 -7.98
C ASN C 149 -11.91 22.56 -6.54
N HIS C 150 -11.31 21.74 -5.70
CA HIS C 150 -11.56 21.78 -4.27
C HIS C 150 -10.35 22.32 -3.48
N ALA C 151 -9.31 22.71 -4.22
CA ALA C 151 -8.11 23.32 -3.67
C ALA C 151 -7.64 24.41 -4.61
N VAL C 152 -7.00 25.46 -4.07
CA VAL C 152 -6.23 26.43 -4.85
C VAL C 152 -4.80 26.59 -4.30
N THR C 153 -3.80 26.66 -5.18
CA THR C 153 -2.45 26.93 -4.73
C THR C 153 -1.98 28.33 -5.11
N PHE C 154 -1.61 29.09 -4.10
CA PHE C 154 -0.99 30.40 -4.30
C PHE C 154 0.51 30.24 -4.27
N LEU C 155 1.19 30.91 -5.21
CA LEU C 155 2.64 30.84 -5.19
C LEU C 155 3.32 32.12 -5.63
N THR C 156 4.61 32.20 -5.33
CA THR C 156 5.44 33.28 -5.84
C THR C 156 6.50 32.78 -6.82
N GLY C 157 6.53 33.42 -7.99
CA GLY C 157 7.49 33.11 -9.03
C GLY C 157 8.82 33.81 -8.87
N HIS C 158 8.97 34.63 -7.84
CA HIS C 158 10.17 35.47 -7.68
C HIS C 158 11.53 34.81 -7.81
N ASP C 159 11.75 33.66 -7.16
CA ASP C 159 13.04 32.97 -7.22
C ASP C 159 13.04 31.74 -8.13
N SER C 160 12.38 31.83 -9.27
CA SER C 160 12.30 30.67 -10.15
C SER C 160 12.89 30.89 -11.54
N SER C 161 14.17 31.31 -11.54
CA SER C 161 14.98 31.36 -12.75
C SER C 161 15.62 29.99 -13.04
N GLY C 162 16.80 29.71 -12.44
CA GLY C 162 17.47 28.42 -12.61
C GLY C 162 18.99 28.49 -12.56
N ARG C 167 13.72 25.31 -4.88
CA ARG C 167 13.02 25.17 -3.60
C ARG C 167 11.56 24.66 -3.73
N ILE C 168 10.84 25.16 -4.73
CA ILE C 168 9.50 24.68 -4.97
C ILE C 168 9.58 23.27 -5.58
N ASN C 169 8.55 22.49 -5.28
CA ASN C 169 8.36 21.16 -5.84
C ASN C 169 7.25 21.27 -6.88
N TRP C 170 7.65 21.41 -8.14
CA TRP C 170 6.73 21.67 -9.21
C TRP C 170 5.83 20.48 -9.55
N GLN C 171 6.35 19.23 -9.48
CA GLN C 171 5.48 18.05 -9.52
C GLN C 171 4.34 18.27 -8.53
N GLY C 172 4.70 18.53 -7.28
CA GLY C 172 3.73 18.79 -6.23
C GLY C 172 2.76 19.92 -6.55
N ILE C 173 3.28 21.10 -6.92
CA ILE C 173 2.40 22.18 -7.28
C ILE C 173 1.47 21.74 -8.39
N ALA C 174 2.03 21.08 -9.41
CA ALA C 174 1.28 20.64 -10.57
C ALA C 174 0.07 19.76 -10.21
N SER C 175 0.25 18.83 -9.26
CA SER C 175 -0.74 17.84 -8.83
C SER C 175 -1.72 18.39 -7.78
N GLY C 176 -3.00 18.05 -7.95
CA GLY C 176 -4.08 18.84 -7.32
C GLY C 176 -3.53 19.90 -6.33
N SER C 177 -3.60 21.22 -6.59
CA SER C 177 -4.77 21.93 -7.05
C SER C 177 -4.88 22.04 -8.51
N PRO C 178 -6.10 21.93 -9.05
CA PRO C 178 -6.35 22.24 -10.45
C PRO C 178 -6.26 23.73 -10.75
N VAL C 179 -6.23 24.57 -9.70
CA VAL C 179 -6.07 26.00 -9.95
C VAL C 179 -4.82 26.53 -9.27
N ILE C 180 -3.99 27.23 -10.01
CA ILE C 180 -2.74 27.74 -9.48
C ILE C 180 -2.73 29.22 -9.73
N VAL C 181 -2.43 29.98 -8.71
CA VAL C 181 -2.56 31.43 -8.79
C VAL C 181 -1.20 32.00 -8.48
N MET C 182 -0.59 32.71 -9.42
CA MET C 182 0.81 33.06 -9.25
C MET C 182 1.14 34.57 -9.18
N TYR C 183 1.80 34.95 -8.09
CA TYR C 183 2.32 36.31 -7.88
C TYR C 183 3.75 36.38 -8.37
N MET C 184 4.19 37.57 -8.76
CA MET C 184 5.57 37.78 -9.21
C MET C 184 6.11 36.73 -10.15
N ALA C 185 5.29 36.32 -11.12
CA ALA C 185 5.68 35.34 -12.10
C ALA C 185 6.03 35.91 -13.48
N MET C 186 5.89 37.22 -13.68
CA MET C 186 6.19 37.78 -15.01
C MET C 186 7.62 37.49 -15.48
N LYS C 187 8.65 38.00 -14.78
CA LYS C 187 10.05 37.80 -15.17
C LYS C 187 10.36 36.34 -15.58
N HIS C 188 9.95 35.38 -14.75
CA HIS C 188 10.42 34.00 -14.87
C HIS C 188 9.37 33.05 -15.43
N ILE C 189 8.46 33.62 -16.25
CA ILE C 189 7.29 32.93 -16.79
C ILE C 189 7.64 31.75 -17.68
N GLY C 190 8.71 31.89 -18.46
CA GLY C 190 9.19 30.82 -19.30
C GLY C 190 9.58 29.58 -18.51
N ALA C 191 10.38 29.79 -17.47
CA ALA C 191 10.83 28.68 -16.63
C ALA C 191 9.66 28.14 -15.85
N ILE C 192 8.77 29.03 -15.40
CA ILE C 192 7.63 28.59 -14.59
C ILE C 192 6.66 27.71 -15.40
N THR C 193 6.35 28.11 -16.63
CA THR C 193 5.45 27.30 -17.45
C THR C 193 6.08 25.99 -17.84
N ALA C 194 7.37 26.03 -18.20
CA ALA C 194 8.14 24.79 -18.48
C ALA C 194 8.03 23.78 -17.32
N ASN C 195 8.28 24.23 -16.08
CA ASN C 195 8.14 23.36 -14.92
C ASN C 195 6.74 22.74 -14.80
N LEU C 196 5.69 23.58 -14.80
CA LEU C 196 4.33 23.07 -14.73
C LEU C 196 4.08 22.00 -15.77
N ILE C 197 4.51 22.25 -17.00
CA ILE C 197 4.37 21.29 -18.09
C ILE C 197 5.18 20.02 -17.79
N ALA C 198 6.37 20.17 -17.24
CA ALA C 198 7.20 19.02 -16.91
C ALA C 198 6.57 18.29 -15.71
N GLY C 199 5.68 18.99 -15.00
CA GLY C 199 5.01 18.42 -13.84
C GLY C 199 3.70 17.72 -14.14
N GLY C 200 3.29 17.67 -15.41
CA GLY C 200 2.10 16.93 -15.77
C GLY C 200 0.95 17.73 -16.37
N ARG C 201 1.03 19.05 -16.28
CA ARG C 201 0.00 19.95 -16.78
C ARG C 201 -0.04 19.99 -18.30
N SER C 202 -1.23 20.10 -18.87
CA SER C 202 -1.37 20.14 -20.31
C SER C 202 -0.86 21.46 -20.92
N PRO C 203 -0.03 21.33 -21.95
CA PRO C 203 0.42 22.49 -22.73
C PRO C 203 -0.74 23.43 -23.08
N ASP C 204 -1.93 22.87 -23.26
CA ASP C 204 -3.08 23.59 -23.76
C ASP C 204 -3.99 24.04 -22.64
N GLU C 205 -3.49 23.95 -21.42
CA GLU C 205 -4.31 24.38 -20.30
C GLU C 205 -4.44 25.89 -20.28
N PRO C 206 -5.67 26.37 -20.13
CA PRO C 206 -5.95 27.81 -20.07
C PRO C 206 -5.12 28.49 -19.00
N VAL C 207 -4.69 29.70 -19.27
CA VAL C 207 -4.03 30.52 -18.25
C VAL C 207 -4.36 31.95 -18.56
N ALA C 208 -4.40 32.78 -17.53
CA ALA C 208 -4.71 34.17 -17.73
C ALA C 208 -3.72 35.07 -17.02
N PHE C 209 -3.34 36.15 -17.70
CA PHE C 209 -2.60 37.19 -17.05
C PHE C 209 -3.57 38.30 -16.78
N VAL C 210 -3.55 38.78 -15.55
CA VAL C 210 -4.34 39.94 -15.19
C VAL C 210 -3.41 41.02 -14.63
N CYS C 211 -3.20 42.07 -15.42
CA CYS C 211 -2.34 43.19 -15.02
C CYS C 211 -3.14 44.35 -14.46
N ASN C 212 -2.60 44.92 -13.40
CA ASN C 212 -3.27 46.02 -12.74
C ASN C 212 -4.77 45.71 -12.48
N ALA C 213 -5.04 44.52 -11.95
CA ALA C 213 -6.39 44.16 -11.51
C ALA C 213 -7.00 45.26 -10.63
N ALA C 214 -8.31 45.46 -10.73
CA ALA C 214 -9.07 46.46 -9.96
C ALA C 214 -8.63 47.92 -10.16
N THR C 215 -8.18 48.25 -11.37
CA THR C 215 -7.88 49.63 -11.76
C THR C 215 -8.47 49.88 -13.14
N PRO C 216 -8.64 51.14 -13.51
CA PRO C 216 -9.13 51.46 -14.85
C PRO C 216 -8.19 50.96 -15.95
N GLN C 217 -6.92 50.72 -15.63
CA GLN C 217 -5.98 50.22 -16.65
C GLN C 217 -5.77 48.68 -16.66
N GLN C 218 -6.58 47.97 -15.88
CA GLN C 218 -6.62 46.51 -15.89
C GLN C 218 -6.65 45.95 -17.33
N ALA C 219 -5.70 45.05 -17.61
CA ALA C 219 -5.63 44.40 -18.92
C ALA C 219 -5.56 42.91 -18.70
N VAL C 220 -6.17 42.13 -19.60
CA VAL C 220 -6.28 40.68 -19.43
C VAL C 220 -5.89 39.96 -20.71
N LEU C 221 -4.96 39.04 -20.57
CA LEU C 221 -4.55 38.16 -21.64
C LEU C 221 -4.93 36.71 -21.35
N GLU C 222 -5.76 36.12 -22.22
CA GLU C 222 -6.01 34.69 -22.17
C GLU C 222 -5.09 33.93 -23.10
N THR C 223 -4.52 32.85 -22.58
CA THR C 223 -3.57 32.10 -23.37
C THR C 223 -3.55 30.67 -22.86
N THR C 224 -2.41 30.02 -22.99
CA THR C 224 -2.23 28.61 -22.77
C THR C 224 -0.89 28.44 -22.05
N LEU C 225 -0.66 27.34 -21.33
CA LEU C 225 0.64 27.20 -20.68
C LEU C 225 1.78 27.25 -21.71
N ALA C 226 1.62 26.52 -22.81
CA ALA C 226 2.66 26.41 -23.81
C ALA C 226 2.99 27.75 -24.45
N ARG C 227 1.98 28.58 -24.68
CA ARG C 227 2.15 29.81 -25.44
C ARG C 227 2.33 31.02 -24.52
N ALA C 228 2.13 30.78 -23.23
CA ALA C 228 2.16 31.82 -22.21
C ALA C 228 3.31 32.78 -22.39
N GLU C 229 4.51 32.22 -22.40
CA GLU C 229 5.68 33.05 -22.47
C GLU C 229 5.75 33.90 -23.75
N ALA C 230 5.48 33.31 -24.91
CA ALA C 230 5.53 34.07 -26.16
C ALA C 230 4.48 35.16 -26.22
N ASP C 231 3.24 34.78 -25.86
CA ASP C 231 2.08 35.66 -25.88
C ASP C 231 2.20 36.83 -24.92
N VAL C 232 2.71 36.61 -23.71
CA VAL C 232 2.90 37.74 -22.79
C VAL C 232 3.81 38.75 -23.44
N ALA C 233 4.91 38.27 -24.00
CA ALA C 233 5.89 39.16 -24.55
C ALA C 233 5.26 39.94 -25.71
N ALA C 234 4.55 39.23 -26.58
CA ALA C 234 3.95 39.85 -27.77
C ALA C 234 3.00 40.98 -27.38
N ALA C 235 2.23 40.74 -26.31
CA ALA C 235 1.25 41.71 -25.86
C ALA C 235 1.85 42.92 -25.12
N GLY C 236 3.09 42.79 -24.65
CA GLY C 236 3.81 43.88 -24.02
C GLY C 236 3.33 44.10 -22.61
N LEU C 237 2.72 43.07 -22.05
CA LEU C 237 2.23 43.16 -20.68
C LEU C 237 3.36 43.24 -19.67
N GLU C 238 3.09 43.87 -18.54
CA GLU C 238 4.10 44.14 -17.50
C GLU C 238 3.52 44.00 -16.09
N PRO C 239 4.38 43.77 -15.08
CA PRO C 239 3.94 43.76 -13.67
C PRO C 239 3.29 45.08 -13.29
N PRO C 240 2.43 45.09 -12.26
CA PRO C 240 2.06 43.89 -11.49
C PRO C 240 0.99 43.04 -12.15
N ALA C 241 1.21 41.73 -12.17
CA ALA C 241 0.22 40.81 -12.74
C ALA C 241 -0.01 39.53 -11.92
N ILE C 242 -1.20 38.95 -12.04
CA ILE C 242 -1.45 37.68 -11.43
C ILE C 242 -1.58 36.72 -12.60
N VAL C 243 -0.93 35.57 -12.50
CA VAL C 243 -1.06 34.56 -13.53
C VAL C 243 -1.88 33.44 -12.88
N VAL C 244 -2.98 33.04 -13.51
CA VAL C 244 -3.78 31.97 -12.93
C VAL C 244 -3.87 30.87 -13.95
N VAL C 245 -3.67 29.64 -13.50
CA VAL C 245 -3.65 28.46 -14.39
C VAL C 245 -4.83 27.57 -14.02
N GLY C 246 -5.52 27.03 -15.03
CA GLY C 246 -6.65 26.15 -14.76
C GLY C 246 -8.02 26.56 -15.28
N GLU C 247 -8.98 25.65 -15.16
CA GLU C 247 -10.26 25.79 -15.86
C GLU C 247 -11.11 26.99 -15.47
N VAL C 248 -10.88 27.50 -14.26
CA VAL C 248 -11.64 28.66 -13.80
C VAL C 248 -11.51 29.81 -14.79
N VAL C 249 -10.36 29.89 -15.46
CA VAL C 249 -10.09 30.88 -16.51
C VAL C 249 -11.23 30.94 -17.54
N ARG C 250 -11.75 29.77 -17.91
CA ARG C 250 -12.85 29.68 -18.86
C ARG C 250 -14.11 30.43 -18.43
N LEU C 251 -14.21 30.79 -17.16
CA LEU C 251 -15.40 31.43 -16.66
C LEU C 251 -15.47 32.92 -16.98
N ARG C 252 -14.32 33.49 -17.34
CA ARG C 252 -14.18 34.91 -17.59
C ARG C 252 -15.10 35.38 -18.71
N ALA C 253 -15.25 34.54 -19.74
CA ALA C 253 -16.18 34.85 -20.83
C ALA C 253 -17.58 35.13 -20.27
N ALA C 254 -18.03 34.28 -19.35
CA ALA C 254 -19.35 34.42 -18.73
C ALA C 254 -19.38 35.42 -17.58
N LEU C 255 -18.29 35.52 -16.82
CA LEU C 255 -18.37 36.26 -15.57
C LEU C 255 -17.72 37.62 -15.57
N ASP C 256 -17.39 38.14 -16.76
CA ASP C 256 -16.66 39.40 -16.86
C ASP C 256 -17.56 40.61 -16.65
N TRP C 257 -17.86 40.90 -15.39
CA TRP C 257 -18.78 41.96 -15.05
C TRP C 257 -18.22 43.38 -15.19
N ILE C 258 -16.89 43.53 -15.19
CA ILE C 258 -16.27 44.83 -15.47
C ILE C 258 -16.37 45.20 -16.95
N GLY C 259 -16.14 44.22 -17.83
CA GLY C 259 -16.42 44.40 -19.23
C GLY C 259 -17.90 44.18 -19.43
N ALA C 260 -18.75 45.13 -18.92
CA ALA C 260 -20.17 45.09 -19.31
C ALA C 260 -21.08 45.93 -18.39
N LEU C 261 -21.12 47.26 -18.41
CA LEU C 261 -19.97 48.20 -18.38
C LEU C 261 -19.37 48.50 -19.76
N ASP C 262 -20.30 48.37 -20.71
CA ASP C 262 -20.46 49.14 -21.93
C ASP C 262 -21.63 50.09 -21.65
N GLY C 263 -21.64 51.28 -22.26
CA GLY C 263 -22.65 52.29 -21.92
C GLY C 263 -23.74 52.46 -22.97
N ASP D 4 -16.70 62.86 4.19
CA ASP D 4 -17.25 61.48 4.38
C ASP D 4 -16.63 60.48 3.38
N LEU D 5 -17.25 59.29 3.27
CA LEU D 5 -16.90 58.30 2.24
C LEU D 5 -17.21 58.88 0.86
N PHE D 6 -16.93 58.11 -0.19
CA PHE D 6 -17.09 58.59 -1.55
C PHE D 6 -18.53 58.54 -2.04
N ALA D 7 -18.97 59.66 -2.59
CA ALA D 7 -20.21 59.72 -3.37
C ALA D 7 -19.88 59.34 -4.82
N GLY D 8 -18.59 59.09 -5.08
CA GLY D 8 -18.11 58.63 -6.36
C GLY D 8 -18.15 57.12 -6.47
N LEU D 9 -18.59 56.45 -5.40
CA LEU D 9 -18.75 55.00 -5.38
C LEU D 9 -20.00 54.58 -6.15
N PRO D 10 -19.99 53.40 -6.78
CA PRO D 10 -21.18 52.97 -7.52
C PRO D 10 -22.14 52.23 -6.55
N ALA D 11 -23.23 51.56 -6.92
CA ALA D 11 -24.34 52.15 -7.68
C ALA D 11 -25.52 51.36 -7.13
N LEU D 12 -25.28 50.08 -6.85
CA LEU D 12 -26.34 49.08 -6.61
C LEU D 12 -27.65 49.48 -7.27
N GLU D 13 -27.71 49.42 -8.58
CA GLU D 13 -28.81 49.98 -9.33
C GLU D 13 -30.01 49.05 -9.37
N LYS D 14 -31.21 49.63 -9.38
CA LYS D 14 -32.45 48.85 -9.43
C LYS D 14 -32.34 47.79 -10.53
N GLY D 15 -32.56 46.53 -10.16
CA GLY D 15 -32.54 45.42 -11.11
C GLY D 15 -31.26 44.61 -11.16
N SER D 16 -30.27 45.03 -10.38
CA SER D 16 -28.95 44.40 -10.32
C SER D 16 -28.72 43.64 -9.01
N VAL D 17 -27.77 42.71 -9.01
CA VAL D 17 -27.46 41.92 -7.82
C VAL D 17 -25.98 42.05 -7.56
N TRP D 18 -25.60 42.33 -6.32
CA TRP D 18 -24.20 42.35 -5.93
C TRP D 18 -23.95 41.16 -5.02
N LEU D 19 -22.97 40.34 -5.36
CA LEU D 19 -22.54 39.29 -4.44
C LEU D 19 -21.46 39.91 -3.59
N VAL D 20 -21.74 40.13 -2.31
CA VAL D 20 -20.85 40.91 -1.46
C VAL D 20 -20.26 40.11 -0.30
N GLY D 21 -18.93 40.14 -0.18
CA GLY D 21 -18.23 39.57 0.96
C GLY D 21 -18.52 40.28 2.29
N ALA D 22 -18.95 39.54 3.31
CA ALA D 22 -19.06 40.14 4.65
C ALA D 22 -17.76 40.07 5.44
N GLY D 23 -16.77 39.32 4.95
CA GLY D 23 -15.58 39.09 5.72
C GLY D 23 -15.85 38.05 6.80
N PRO D 24 -14.84 37.72 7.60
CA PRO D 24 -14.95 36.60 8.55
C PRO D 24 -15.74 36.93 9.79
N GLY D 25 -16.01 38.19 10.05
CA GLY D 25 -16.68 38.51 11.30
C GLY D 25 -16.68 39.98 11.65
N ASP D 26 -15.51 40.49 12.06
CA ASP D 26 -15.30 41.87 12.46
C ASP D 26 -15.83 42.86 11.42
N PRO D 27 -16.79 43.70 11.81
CA PRO D 27 -17.37 44.70 10.91
C PRO D 27 -16.35 45.69 10.31
N GLY D 28 -15.25 45.93 10.99
CA GLY D 28 -14.20 46.77 10.44
C GLY D 28 -13.56 46.18 9.19
N LEU D 29 -13.84 44.89 8.93
CA LEU D 29 -13.26 44.18 7.80
C LEU D 29 -14.17 44.28 6.58
N LEU D 30 -15.36 44.83 6.76
CA LEU D 30 -16.21 45.13 5.62
C LEU D 30 -15.42 46.03 4.66
N THR D 31 -15.61 45.86 3.36
CA THR D 31 -15.07 46.81 2.39
C THR D 31 -15.98 48.05 2.24
N LEU D 32 -15.39 49.18 1.87
CA LEU D 32 -16.15 50.39 1.61
C LEU D 32 -17.33 50.03 0.71
N HIS D 33 -17.05 49.42 -0.44
CA HIS D 33 -18.10 48.93 -1.35
C HIS D 33 -19.18 48.16 -0.58
N ALA D 34 -18.78 47.24 0.31
CA ALA D 34 -19.74 46.46 1.10
C ALA D 34 -20.63 47.38 1.95
N ALA D 35 -19.99 48.27 2.71
CA ALA D 35 -20.71 49.26 3.51
C ALA D 35 -21.64 50.06 2.63
N ASN D 36 -21.11 50.54 1.51
CA ASN D 36 -21.91 51.27 0.53
C ASN D 36 -23.15 50.50 0.07
N ALA D 37 -22.97 49.22 -0.26
CA ALA D 37 -24.04 48.39 -0.80
C ALA D 37 -25.05 48.02 0.28
N LEU D 38 -24.56 47.62 1.45
CA LEU D 38 -25.42 47.26 2.56
C LEU D 38 -26.45 48.35 2.80
N ARG D 39 -26.01 49.59 2.60
CA ARG D 39 -26.75 50.75 3.05
C ARG D 39 -27.73 51.27 2.01
N GLN D 40 -27.66 50.74 0.79
CA GLN D 40 -28.61 51.17 -0.24
C GLN D 40 -29.40 50.02 -0.89
N ALA D 41 -29.49 48.89 -0.19
CA ALA D 41 -30.11 47.69 -0.72
C ALA D 41 -31.59 47.60 -0.34
N ASP D 42 -32.44 47.14 -1.26
CA ASP D 42 -33.88 47.00 -0.98
C ASP D 42 -34.19 45.67 -0.29
N VAL D 43 -33.43 44.65 -0.68
CA VAL D 43 -33.51 43.33 -0.07
C VAL D 43 -32.08 42.82 0.08
N ILE D 44 -31.81 42.21 1.23
CA ILE D 44 -30.47 41.73 1.56
C ILE D 44 -30.59 40.25 1.86
N VAL D 45 -29.99 39.42 1.02
CA VAL D 45 -30.02 37.98 1.18
C VAL D 45 -28.71 37.46 1.81
N HIS D 46 -28.73 37.36 3.13
CA HIS D 46 -27.54 37.02 3.89
C HIS D 46 -27.53 35.53 4.22
N ASP D 47 -26.36 34.96 4.45
CA ASP D 47 -26.32 33.52 4.73
C ASP D 47 -26.07 33.15 6.19
N ALA D 48 -25.73 31.86 6.37
CA ALA D 48 -25.68 31.15 7.65
C ALA D 48 -25.28 31.96 8.87
N LEU D 49 -23.98 31.96 9.20
CA LEU D 49 -23.49 32.48 10.50
C LEU D 49 -23.12 33.98 10.52
N VAL D 50 -23.79 34.78 9.70
CA VAL D 50 -23.44 36.20 9.56
C VAL D 50 -23.59 36.99 10.87
N ASN D 51 -22.93 38.15 10.92
CA ASN D 51 -22.74 38.90 12.16
C ASN D 51 -23.57 40.16 12.21
N GLU D 52 -24.79 40.03 12.75
CA GLU D 52 -25.75 41.13 12.78
C GLU D 52 -25.17 42.55 12.72
N ASP D 53 -23.98 42.77 13.30
CA ASP D 53 -23.37 44.11 13.33
C ASP D 53 -23.34 44.78 11.97
N CYS D 54 -23.11 43.99 10.92
CA CYS D 54 -23.04 44.57 9.59
C CYS D 54 -24.43 44.81 9.02
N LEU D 55 -25.40 43.99 9.42
CA LEU D 55 -26.81 44.18 9.03
C LEU D 55 -27.42 45.49 9.54
N LYS D 56 -26.79 46.07 10.58
CA LYS D 56 -27.20 47.34 11.18
C LYS D 56 -27.16 48.50 10.20
N LEU D 57 -26.28 48.41 9.21
CA LEU D 57 -26.07 49.51 8.26
C LEU D 57 -27.14 49.59 7.17
N ALA D 58 -28.05 48.62 7.18
CA ALA D 58 -29.17 48.63 6.26
C ALA D 58 -30.17 49.70 6.66
N ARG D 59 -30.67 50.42 5.66
CA ARG D 59 -31.81 51.31 5.88
C ARG D 59 -33.06 50.47 6.19
N PRO D 60 -33.83 50.85 7.22
CA PRO D 60 -35.20 50.32 7.38
C PRO D 60 -36.03 50.66 6.14
N GLY D 61 -36.86 49.71 5.73
CA GLY D 61 -37.44 49.73 4.40
C GLY D 61 -36.73 48.66 3.59
N ALA D 62 -35.66 48.14 4.18
CA ALA D 62 -34.93 47.01 3.62
C ALA D 62 -35.43 45.75 4.31
N VAL D 63 -35.54 44.66 3.56
CA VAL D 63 -35.95 43.40 4.13
C VAL D 63 -34.81 42.39 4.07
N LEU D 64 -34.62 41.69 5.18
CA LEU D 64 -33.60 40.67 5.30
C LEU D 64 -34.19 39.28 5.11
N GLU D 65 -33.79 38.61 4.04
CA GLU D 65 -34.10 37.19 3.87
C GLU D 65 -32.94 36.32 4.35
N PHE D 66 -33.27 35.27 5.09
CA PHE D 66 -32.29 34.28 5.56
C PHE D 66 -32.12 33.21 4.49
N ALA D 67 -30.92 32.66 4.36
CA ALA D 67 -30.62 31.74 3.25
C ALA D 67 -30.14 30.35 3.69
N GLY D 68 -29.62 30.24 4.91
CA GLY D 68 -29.16 28.98 5.49
C GLY D 68 -30.29 28.07 5.97
N LYS D 69 -30.04 27.33 7.06
CA LYS D 69 -31.02 26.36 7.58
C LYS D 69 -31.77 26.85 8.83
N ARG D 70 -33.06 26.53 8.90
CA ARG D 70 -33.98 27.08 9.91
C ARG D 70 -34.54 26.01 10.88
N GLY D 71 -33.82 25.74 11.96
CA GLY D 71 -34.21 24.73 12.93
C GLY D 71 -33.48 23.42 12.69
N GLY D 72 -33.79 22.79 11.56
CA GLY D 72 -33.11 21.57 11.12
C GLY D 72 -33.64 21.01 9.81
N LYS D 73 -34.96 20.87 9.73
CA LYS D 73 -35.67 20.15 8.65
C LYS D 73 -35.64 20.77 7.23
N PRO D 74 -35.94 22.07 7.07
CA PRO D 74 -35.79 22.73 5.75
C PRO D 74 -34.35 23.21 5.48
N SER D 75 -33.66 22.61 4.51
CA SER D 75 -32.26 22.94 4.20
C SER D 75 -32.06 23.20 2.69
N PRO D 76 -32.04 24.48 2.29
CA PRO D 76 -32.33 24.86 0.89
C PRO D 76 -31.10 24.77 0.00
N LYS D 77 -31.22 24.02 -1.10
CA LYS D 77 -30.12 23.85 -2.04
C LYS D 77 -29.92 25.11 -2.87
N GLN D 78 -28.67 25.33 -3.29
CA GLN D 78 -28.24 26.59 -3.93
C GLN D 78 -29.16 27.08 -5.03
N ARG D 79 -29.61 26.16 -5.89
CA ARG D 79 -30.39 26.51 -7.08
C ARG D 79 -31.58 27.45 -6.78
N ASP D 80 -32.21 27.26 -5.62
CA ASP D 80 -33.34 28.09 -5.23
C ASP D 80 -32.91 29.48 -4.80
N ILE D 81 -31.78 29.54 -4.08
CA ILE D 81 -31.22 30.81 -3.62
C ILE D 81 -30.83 31.69 -4.80
N SER D 82 -30.13 31.11 -5.78
CA SER D 82 -29.84 31.81 -7.03
C SER D 82 -31.14 32.31 -7.70
N LEU D 83 -32.08 31.41 -7.96
CA LEU D 83 -33.33 31.79 -8.60
C LEU D 83 -34.05 32.92 -7.85
N ARG D 84 -33.91 32.95 -6.53
CA ARG D 84 -34.55 33.97 -5.70
C ARG D 84 -33.91 35.33 -5.95
N LEU D 85 -32.57 35.35 -6.02
CA LEU D 85 -31.87 36.55 -6.42
C LEU D 85 -32.44 37.06 -7.74
N VAL D 86 -32.59 36.14 -8.70
CA VAL D 86 -33.12 36.43 -10.03
C VAL D 86 -34.51 37.04 -9.96
N GLU D 87 -35.41 36.38 -9.22
CA GLU D 87 -36.77 36.85 -9.02
C GLU D 87 -36.80 38.27 -8.48
N LEU D 88 -35.97 38.54 -7.46
CA LEU D 88 -35.93 39.85 -6.79
C LEU D 88 -35.49 40.98 -7.73
N ALA D 89 -34.45 40.72 -8.53
CA ALA D 89 -33.92 41.71 -9.46
C ALA D 89 -34.89 42.03 -10.61
N ARG D 90 -35.62 41.03 -11.08
CA ARG D 90 -36.63 41.25 -12.11
C ARG D 90 -37.81 42.06 -11.56
N ALA D 91 -38.00 41.98 -10.24
CA ALA D 91 -39.03 42.76 -9.55
C ALA D 91 -38.62 44.21 -9.30
N GLY D 92 -37.40 44.58 -9.70
CA GLY D 92 -36.97 45.97 -9.63
C GLY D 92 -36.12 46.37 -8.43
N ASN D 93 -35.90 45.44 -7.51
CA ASN D 93 -35.08 45.71 -6.32
C ASN D 93 -33.63 46.06 -6.61
N ARG D 94 -32.94 46.56 -5.59
CA ARG D 94 -31.48 46.53 -5.57
C ARG D 94 -31.08 45.41 -4.60
N VAL D 95 -30.59 44.31 -5.18
CA VAL D 95 -30.39 43.06 -4.44
C VAL D 95 -28.94 42.86 -4.06
N LEU D 96 -28.76 42.45 -2.81
CA LEU D 96 -27.47 42.28 -2.17
C LEU D 96 -27.44 40.86 -1.64
N ARG D 97 -26.75 39.98 -2.33
CA ARG D 97 -26.45 38.66 -1.79
C ARG D 97 -25.26 38.90 -0.89
N LEU D 98 -25.48 38.75 0.43
CA LEU D 98 -24.43 38.98 1.42
C LEU D 98 -23.87 37.65 1.89
N LYS D 99 -22.61 37.40 1.56
CA LYS D 99 -22.00 36.10 1.78
C LYS D 99 -20.85 36.21 2.76
N GLY D 100 -20.68 35.21 3.63
CA GLY D 100 -19.59 35.22 4.59
C GLY D 100 -18.23 35.18 3.91
N GLY D 101 -17.27 35.90 4.43
CA GLY D 101 -15.93 35.91 3.86
C GLY D 101 -15.86 36.58 2.50
N ASP D 102 -15.32 35.84 1.51
CA ASP D 102 -15.27 36.30 0.15
C ASP D 102 -16.25 35.48 -0.67
N PRO D 103 -16.90 36.10 -1.66
CA PRO D 103 -17.87 35.38 -2.51
C PRO D 103 -17.27 34.23 -3.32
N PHE D 104 -15.96 34.26 -3.60
CA PHE D 104 -15.36 33.30 -4.54
C PHE D 104 -14.39 32.27 -3.90
N VAL D 105 -14.41 32.17 -2.57
CA VAL D 105 -13.55 31.22 -1.87
C VAL D 105 -14.46 30.23 -1.17
N PHE D 106 -14.69 29.07 -1.80
CA PHE D 106 -15.66 28.08 -1.31
C PHE D 106 -16.94 28.71 -0.76
N GLY D 107 -17.54 29.61 -1.52
CA GLY D 107 -18.77 30.34 -1.19
C GLY D 107 -19.89 30.23 -2.21
N ARG D 108 -19.77 29.33 -3.20
CA ARG D 108 -20.76 29.21 -4.30
C ARG D 108 -21.14 30.50 -5.02
N GLY D 109 -20.26 31.50 -4.95
CA GLY D 109 -20.49 32.76 -5.63
C GLY D 109 -20.45 32.65 -7.14
N GLY D 110 -19.57 31.80 -7.67
CA GLY D 110 -19.45 31.62 -9.10
C GLY D 110 -20.71 31.02 -9.68
N GLU D 111 -21.28 30.04 -8.99
CA GLU D 111 -22.58 29.48 -9.32
C GLU D 111 -23.68 30.52 -9.36
N GLU D 112 -23.73 31.36 -8.34
CA GLU D 112 -24.74 32.43 -8.28
C GLU D 112 -24.53 33.40 -9.42
N ALA D 113 -23.28 33.80 -9.61
CA ALA D 113 -22.92 34.67 -10.72
C ALA D 113 -23.36 34.09 -12.08
N LEU D 114 -23.05 32.82 -12.31
CA LEU D 114 -23.42 32.12 -13.54
C LEU D 114 -24.95 32.10 -13.76
N THR D 115 -25.70 31.85 -12.68
CA THR D 115 -27.16 31.85 -12.75
C THR D 115 -27.70 33.25 -13.06
N LEU D 116 -27.18 34.26 -12.36
CA LEU D 116 -27.49 35.63 -12.70
C LEU D 116 -27.33 35.89 -14.21
N VAL D 117 -26.20 35.44 -14.78
CA VAL D 117 -25.89 35.70 -16.18
C VAL D 117 -26.85 35.01 -17.16
N GLU D 118 -27.15 33.72 -16.94
CA GLU D 118 -28.09 32.99 -17.80
C GLU D 118 -29.48 33.59 -17.74
N HIS D 119 -29.83 34.22 -16.63
CA HIS D 119 -31.12 34.90 -16.51
C HIS D 119 -31.03 36.41 -16.82
N GLN D 120 -29.84 36.85 -17.20
CA GLN D 120 -29.57 38.23 -17.65
C GLN D 120 -29.76 39.30 -16.60
N VAL D 121 -29.35 38.99 -15.38
CA VAL D 121 -29.32 39.99 -14.32
C VAL D 121 -27.89 40.54 -14.30
N PRO D 122 -27.72 41.87 -14.46
CA PRO D 122 -26.38 42.45 -14.31
C PRO D 122 -25.98 42.32 -12.84
N PHE D 123 -24.70 42.04 -12.60
CA PHE D 123 -24.21 41.85 -11.25
C PHE D 123 -22.90 42.59 -11.04
N ARG D 124 -22.46 42.65 -9.77
CA ARG D 124 -21.13 43.10 -9.40
C ARG D 124 -20.60 42.10 -8.34
N ILE D 125 -19.30 41.90 -8.29
CA ILE D 125 -18.70 41.12 -7.21
C ILE D 125 -17.95 42.09 -6.32
N VAL D 126 -18.24 42.02 -5.03
CA VAL D 126 -17.52 42.83 -4.08
C VAL D 126 -16.75 41.88 -3.19
N PRO D 127 -15.44 41.78 -3.46
CA PRO D 127 -14.55 40.87 -2.75
C PRO D 127 -14.52 41.08 -1.26
N GLY D 128 -14.25 40.03 -0.49
CA GLY D 128 -14.13 40.15 0.95
C GLY D 128 -12.86 39.62 1.56
N ILE D 129 -12.64 39.90 2.84
CA ILE D 129 -11.59 39.25 3.60
C ILE D 129 -12.06 37.83 3.85
N THR D 130 -11.24 36.87 3.46
CA THR D 130 -11.49 35.45 3.68
C THR D 130 -10.91 34.95 5.02
N ALA D 131 -11.57 33.97 5.62
CA ALA D 131 -11.14 33.50 6.92
C ALA D 131 -9.72 32.94 6.87
N GLY D 132 -9.37 32.31 5.76
CA GLY D 132 -8.08 31.66 5.62
C GLY D 132 -6.89 32.58 5.51
N ILE D 133 -7.11 33.86 5.26
CA ILE D 133 -6.01 34.85 5.27
C ILE D 133 -6.20 35.85 6.41
N GLY D 134 -7.29 36.60 6.39
CA GLY D 134 -7.53 37.62 7.39
C GLY D 134 -7.85 37.00 8.72
N GLY D 135 -8.68 35.96 8.70
CA GLY D 135 -8.98 35.21 9.90
C GLY D 135 -7.71 34.75 10.58
N LEU D 136 -6.81 34.14 9.83
CA LEU D 136 -5.56 33.68 10.42
C LEU D 136 -4.70 34.85 10.87
N ALA D 137 -4.84 35.99 10.21
CA ALA D 137 -4.07 37.16 10.64
C ALA D 137 -4.51 37.56 12.05
N TYR D 138 -5.80 37.46 12.35
CA TYR D 138 -6.27 37.77 13.69
C TYR D 138 -5.73 36.78 14.74
N ALA D 139 -5.13 35.67 14.33
CA ALA D 139 -4.53 34.81 15.32
C ALA D 139 -3.00 34.84 15.28
N GLY D 140 -2.45 35.80 14.54
CA GLY D 140 -1.00 35.92 14.48
C GLY D 140 -0.31 34.94 13.53
N ILE D 141 -1.07 34.35 12.61
CA ILE D 141 -0.50 33.36 11.71
C ILE D 141 -0.55 33.90 10.30
N PRO D 142 0.60 34.29 9.78
CA PRO D 142 0.66 34.68 8.37
C PRO D 142 0.64 33.44 7.52
N VAL D 143 -0.09 33.58 6.43
CA VAL D 143 -0.30 32.56 5.44
C VAL D 143 0.99 32.42 4.56
N THR D 144 1.86 33.43 4.60
CA THR D 144 3.06 33.45 3.78
C THR D 144 4.21 34.07 4.60
N HIS D 145 5.41 33.54 4.52
CA HIS D 145 6.60 34.13 5.14
C HIS D 145 7.88 33.71 4.42
N ARG D 146 8.78 34.64 4.12
CA ARG D 146 9.91 34.35 3.22
C ARG D 146 10.76 33.08 3.48
N GLU D 147 11.03 32.69 4.73
CA GLU D 147 11.88 31.50 4.95
C GLU D 147 11.06 30.24 5.28
N VAL D 148 9.75 30.32 5.14
CA VAL D 148 8.91 29.20 5.51
C VAL D 148 8.35 28.58 4.24
N ASN D 149 7.90 29.43 3.32
CA ASN D 149 7.16 28.92 2.19
C ASN D 149 7.02 29.90 1.01
N HIS D 150 7.00 29.35 -0.21
CA HIS D 150 6.72 30.12 -1.42
C HIS D 150 5.41 29.72 -2.06
N ALA D 151 4.74 28.74 -1.47
CA ALA D 151 3.43 28.32 -1.91
C ALA D 151 2.57 28.14 -0.66
N VAL D 152 1.27 28.38 -0.80
CA VAL D 152 0.24 27.98 0.16
C VAL D 152 -0.89 27.38 -0.62
N THR D 153 -1.57 26.40 -0.04
CA THR D 153 -2.79 25.87 -0.64
C THR D 153 -4.00 26.02 0.27
N PHE D 154 -5.09 26.48 -0.32
CA PHE D 154 -6.37 26.62 0.37
C PHE D 154 -7.21 25.47 -0.15
N LEU D 155 -7.91 24.78 0.75
CA LEU D 155 -8.77 23.66 0.35
C LEU D 155 -10.05 23.54 1.24
N THR D 156 -11.10 22.90 0.71
CA THR D 156 -12.26 22.43 1.49
C THR D 156 -12.01 21.05 2.01
N GLY D 157 -12.57 20.75 3.17
CA GLY D 157 -12.56 19.40 3.66
C GLY D 157 -13.96 18.83 3.66
N HIS D 158 -14.93 19.55 3.09
CA HIS D 158 -16.31 19.07 3.09
C HIS D 158 -16.36 17.76 2.29
N ASP D 159 -16.97 16.72 2.90
CA ASP D 159 -16.98 15.35 2.33
C ASP D 159 -15.62 14.85 1.79
N SER D 160 -14.58 15.02 2.60
CA SER D 160 -13.23 14.55 2.27
C SER D 160 -12.77 13.44 3.24
N SER D 161 -13.29 12.22 3.03
CA SER D 161 -12.89 11.06 3.82
C SER D 161 -12.97 9.77 2.98
N GLY D 162 -14.19 9.33 2.68
CA GLY D 162 -14.44 8.11 1.93
C GLY D 162 -14.23 6.88 2.80
N PRO D 165 -15.93 10.16 -1.04
CA PRO D 165 -15.18 10.28 -2.30
C PRO D 165 -15.02 11.73 -2.74
N ASP D 166 -13.97 12.03 -3.50
CA ASP D 166 -13.77 13.35 -4.11
C ASP D 166 -12.52 13.23 -4.97
N ARG D 167 -12.02 14.33 -5.49
CA ARG D 167 -10.60 14.34 -5.76
C ARG D 167 -10.00 15.70 -5.88
N ILE D 168 -9.23 15.99 -4.84
CA ILE D 168 -7.98 16.66 -5.06
C ILE D 168 -6.91 15.78 -4.50
N ASN D 169 -5.70 16.23 -4.77
CA ASN D 169 -4.59 15.35 -4.79
C ASN D 169 -3.85 15.62 -3.50
N TRP D 170 -4.13 14.77 -2.50
CA TRP D 170 -3.51 14.87 -1.20
C TRP D 170 -1.99 14.71 -1.25
N GLN D 171 -1.49 13.86 -2.12
CA GLN D 171 -0.05 13.76 -2.29
C GLN D 171 0.51 15.10 -2.73
N GLY D 172 -0.01 15.63 -3.83
CA GLY D 172 0.49 16.87 -4.39
C GLY D 172 0.49 18.01 -3.36
N ILE D 173 -0.59 18.09 -2.59
CA ILE D 173 -0.65 19.09 -1.56
C ILE D 173 0.39 18.81 -0.47
N ALA D 174 0.51 17.54 -0.06
CA ALA D 174 1.54 17.15 0.90
C ALA D 174 2.95 17.56 0.47
N SER D 175 3.30 17.29 -0.78
CA SER D 175 4.67 17.38 -1.24
C SER D 175 5.03 18.77 -1.75
N GLY D 176 4.03 19.59 -1.97
CA GLY D 176 4.25 20.77 -2.80
C GLY D 176 3.94 22.06 -2.07
N SER D 177 3.13 21.96 -1.03
CA SER D 177 2.56 23.11 -0.37
C SER D 177 3.00 23.12 1.10
N PRO D 178 4.08 23.83 1.45
CA PRO D 178 4.58 23.87 2.84
C PRO D 178 3.61 24.47 3.83
N VAL D 179 2.57 25.18 3.38
CA VAL D 179 1.54 25.68 4.29
C VAL D 179 0.20 25.27 3.69
N ILE D 180 -0.61 24.48 4.41
CA ILE D 180 -1.97 24.16 3.96
C ILE D 180 -2.99 24.90 4.79
N VAL D 181 -3.98 25.50 4.15
CA VAL D 181 -5.00 26.25 4.86
C VAL D 181 -6.33 25.64 4.49
N MET D 182 -7.04 25.14 5.49
CA MET D 182 -8.20 24.29 5.24
C MET D 182 -9.52 24.80 5.79
N TYR D 183 -10.51 24.87 4.91
CA TYR D 183 -11.87 25.27 5.19
C TYR D 183 -12.70 24.03 5.32
N MET D 184 -13.79 24.11 6.11
CA MET D 184 -14.75 23.02 6.33
C MET D 184 -14.11 21.64 6.53
N ALA D 185 -13.01 21.62 7.26
CA ALA D 185 -12.22 20.43 7.56
C ALA D 185 -12.45 19.79 8.94
N MET D 186 -13.14 20.46 9.86
CA MET D 186 -13.31 19.94 11.23
C MET D 186 -13.83 18.53 11.37
N LYS D 187 -14.94 18.21 10.71
CA LYS D 187 -15.56 16.90 10.91
C LYS D 187 -14.71 15.74 10.34
N HIS D 188 -13.73 16.09 9.53
CA HIS D 188 -12.96 15.11 8.80
C HIS D 188 -11.45 15.25 9.12
N ILE D 189 -11.14 15.99 10.19
CA ILE D 189 -9.76 16.25 10.57
C ILE D 189 -8.91 15.00 10.83
N GLY D 190 -9.48 13.96 11.43
CA GLY D 190 -8.75 12.72 11.60
C GLY D 190 -8.23 12.17 10.30
N ALA D 191 -9.09 12.09 9.30
CA ALA D 191 -8.75 11.48 8.00
C ALA D 191 -7.73 12.32 7.22
N ILE D 192 -7.86 13.65 7.28
CA ILE D 192 -6.97 14.53 6.53
C ILE D 192 -5.55 14.43 7.08
N THR D 193 -5.46 14.47 8.39
CA THR D 193 -4.22 14.38 9.11
C THR D 193 -3.52 13.03 8.85
N ALA D 194 -4.28 11.95 8.99
CA ALA D 194 -3.81 10.62 8.64
C ALA D 194 -3.20 10.68 7.25
N ASN D 195 -3.94 11.29 6.33
CA ASN D 195 -3.52 11.39 4.96
C ASN D 195 -2.20 12.11 4.83
N LEU D 196 -2.17 13.32 5.40
CA LEU D 196 -0.99 14.17 5.36
C LEU D 196 0.25 13.47 5.94
N ILE D 197 0.14 12.91 7.14
CA ILE D 197 1.26 12.13 7.70
C ILE D 197 1.71 11.01 6.75
N ALA D 198 0.77 10.26 6.18
CA ALA D 198 1.11 9.18 5.24
C ALA D 198 1.76 9.67 3.94
N GLY D 199 1.42 10.87 3.52
CA GLY D 199 2.10 11.45 2.37
C GLY D 199 3.52 11.93 2.65
N GLY D 200 3.99 11.81 3.90
CA GLY D 200 5.36 12.15 4.25
C GLY D 200 5.56 13.42 5.06
N ARG D 201 4.47 14.06 5.47
CA ARG D 201 4.52 15.15 6.43
C ARG D 201 4.81 14.62 7.84
N SER D 202 5.61 15.36 8.60
CA SER D 202 6.01 14.95 9.92
C SER D 202 4.80 14.80 10.84
N PRO D 203 4.71 13.69 11.60
CA PRO D 203 3.76 13.63 12.70
C PRO D 203 4.19 14.83 13.45
N ASP D 204 3.35 15.48 14.18
CA ASP D 204 3.95 16.56 14.99
C ASP D 204 4.63 17.74 14.22
N GLU D 205 4.32 17.91 12.93
CA GLU D 205 4.47 19.20 12.29
C GLU D 205 3.36 20.10 12.86
N PRO D 206 3.68 21.35 13.21
CA PRO D 206 2.68 22.27 13.81
C PRO D 206 1.37 22.44 13.01
N VAL D 207 0.27 22.42 13.74
CA VAL D 207 -1.06 22.64 13.21
C VAL D 207 -1.77 23.66 14.11
N ALA D 208 -2.54 24.56 13.52
CA ALA D 208 -3.37 25.39 14.38
C ALA D 208 -4.81 25.36 13.92
N PHE D 209 -5.71 25.42 14.89
CA PHE D 209 -7.13 25.58 14.64
C PHE D 209 -7.52 26.94 15.17
N VAL D 210 -8.20 27.72 14.34
CA VAL D 210 -8.69 29.03 14.75
C VAL D 210 -10.19 28.99 14.60
N CYS D 211 -10.92 29.01 15.71
CA CYS D 211 -12.40 29.02 15.71
C CYS D 211 -12.96 30.45 15.85
N ASN D 212 -13.95 30.77 15.03
CA ASN D 212 -14.51 32.12 14.95
C ASN D 212 -13.43 33.20 14.89
N ALA D 213 -12.53 33.02 13.93
CA ALA D 213 -11.54 34.03 13.61
C ALA D 213 -12.21 35.41 13.52
N ALA D 214 -11.58 36.40 14.16
CA ALA D 214 -11.94 37.82 14.07
C ALA D 214 -13.31 38.16 14.66
N THR D 215 -13.66 37.47 15.74
CA THR D 215 -14.83 37.79 16.54
C THR D 215 -14.38 37.74 18.00
N PRO D 216 -15.11 38.36 18.93
CA PRO D 216 -14.73 38.25 20.34
C PRO D 216 -14.71 36.79 20.83
N GLN D 217 -15.29 35.89 20.05
CA GLN D 217 -15.30 34.47 20.41
C GLN D 217 -14.08 33.69 19.92
N GLN D 218 -13.16 34.35 19.22
CA GLN D 218 -11.95 33.67 18.72
C GLN D 218 -11.30 32.71 19.73
N ALA D 219 -11.16 31.46 19.29
CA ALA D 219 -10.46 30.48 20.09
C ALA D 219 -9.40 29.86 19.20
N VAL D 220 -8.22 29.63 19.76
CA VAL D 220 -7.15 29.04 19.00
C VAL D 220 -6.70 27.78 19.69
N LEU D 221 -6.43 26.72 18.92
CA LEU D 221 -5.73 25.58 19.49
C LEU D 221 -4.55 25.24 18.63
N GLU D 222 -3.40 25.10 19.27
CA GLU D 222 -2.22 24.67 18.55
C GLU D 222 -1.72 23.32 19.04
N THR D 223 -1.16 22.58 18.09
CA THR D 223 -1.20 21.15 18.13
C THR D 223 -0.34 20.74 16.93
N THR D 224 -0.51 19.54 16.46
CA THR D 224 0.47 18.86 15.67
C THR D 224 -0.35 17.97 14.72
N LEU D 225 0.22 17.55 13.59
CA LEU D 225 -0.52 16.65 12.70
C LEU D 225 -0.95 15.40 13.43
N ALA D 226 -0.04 14.76 14.18
CA ALA D 226 -0.38 13.54 14.89
C ALA D 226 -1.44 13.74 15.97
N ARG D 227 -1.26 14.76 16.82
CA ARG D 227 -2.15 15.00 17.97
C ARG D 227 -3.39 15.80 17.63
N ALA D 228 -3.47 16.33 16.40
CA ALA D 228 -4.54 17.23 15.99
C ALA D 228 -5.92 16.73 16.39
N GLU D 229 -6.27 15.53 15.94
CA GLU D 229 -7.60 15.01 16.18
C GLU D 229 -7.96 14.79 17.68
N ALA D 230 -7.07 14.15 18.42
CA ALA D 230 -7.35 13.97 19.84
C ALA D 230 -7.45 15.36 20.52
N ASP D 231 -6.54 16.28 20.22
CA ASP D 231 -6.62 17.54 20.94
C ASP D 231 -7.83 18.43 20.64
N VAL D 232 -8.32 18.41 19.41
CA VAL D 232 -9.53 19.13 19.04
C VAL D 232 -10.75 18.55 19.76
N ALA D 233 -10.80 17.23 19.83
CA ALA D 233 -11.89 16.58 20.56
C ALA D 233 -11.81 16.97 22.03
N ALA D 234 -10.61 17.01 22.58
CA ALA D 234 -10.44 17.29 24.00
C ALA D 234 -10.80 18.74 24.31
N ALA D 235 -10.52 19.64 23.37
CA ALA D 235 -10.83 21.06 23.54
C ALA D 235 -12.33 21.33 23.34
N GLY D 236 -13.06 20.33 22.82
CA GLY D 236 -14.45 20.49 22.45
C GLY D 236 -14.66 21.53 21.36
N LEU D 237 -13.69 21.69 20.49
CA LEU D 237 -13.78 22.63 19.38
C LEU D 237 -14.86 22.29 18.35
N GLU D 238 -15.51 23.34 17.85
CA GLU D 238 -16.58 23.23 16.88
C GLU D 238 -16.34 24.21 15.74
N PRO D 239 -16.98 23.99 14.58
CA PRO D 239 -16.91 24.91 13.43
C PRO D 239 -17.62 26.23 13.77
N PRO D 240 -17.39 27.33 13.06
CA PRO D 240 -16.46 27.41 11.93
C PRO D 240 -15.03 27.63 12.37
N ALA D 241 -14.13 26.93 11.72
CA ALA D 241 -12.73 26.98 12.05
C ALA D 241 -11.95 26.97 10.77
N ILE D 242 -10.79 27.61 10.79
CA ILE D 242 -9.78 27.38 9.76
C ILE D 242 -8.71 26.51 10.40
N VAL D 243 -8.27 25.49 9.69
CA VAL D 243 -7.13 24.71 10.14
C VAL D 243 -5.95 25.14 9.27
N VAL D 244 -4.77 25.26 9.86
CA VAL D 244 -3.61 25.64 9.06
C VAL D 244 -2.46 24.73 9.45
N VAL D 245 -1.80 24.19 8.46
CA VAL D 245 -0.69 23.28 8.71
C VAL D 245 0.57 23.98 8.23
N GLY D 246 1.63 23.87 9.02
CA GLY D 246 2.94 24.33 8.60
C GLY D 246 3.66 25.23 9.59
N GLU D 247 4.90 25.55 9.25
CA GLU D 247 5.78 26.31 10.16
C GLU D 247 5.30 27.72 10.47
N VAL D 248 4.53 28.35 9.58
CA VAL D 248 3.99 29.67 9.92
C VAL D 248 3.31 29.69 11.30
N VAL D 249 2.75 28.55 11.71
CA VAL D 249 2.03 28.45 12.96
C VAL D 249 2.90 28.93 14.13
N ARG D 250 4.20 28.67 14.05
CA ARG D 250 5.17 29.10 15.07
C ARG D 250 5.29 30.60 15.19
N LEU D 251 4.89 31.32 14.14
CA LEU D 251 4.94 32.78 14.18
C LEU D 251 3.87 33.38 15.11
N ARG D 252 2.87 32.57 15.51
CA ARG D 252 1.84 33.04 16.43
C ARG D 252 2.47 33.58 17.74
N ALA D 253 3.52 32.93 18.24
CA ALA D 253 4.19 33.39 19.45
C ALA D 253 4.80 34.80 19.28
N ALA D 254 5.11 35.16 18.04
CA ALA D 254 5.72 36.44 17.70
C ALA D 254 4.73 37.49 17.20
N LEU D 255 3.64 37.07 16.55
CA LEU D 255 2.75 38.02 15.90
C LEU D 255 1.29 38.10 16.42
N ASP D 256 1.00 37.47 17.56
CA ASP D 256 -0.33 37.50 18.16
C ASP D 256 -0.62 38.89 18.75
N TRP D 257 -0.89 39.85 17.88
CA TRP D 257 -1.12 41.22 18.31
C TRP D 257 -2.36 41.32 19.19
N ILE D 258 -3.42 40.61 18.83
CA ILE D 258 -4.63 40.59 19.64
C ILE D 258 -4.30 40.12 21.06
N GLY D 259 -3.57 38.99 21.18
CA GLY D 259 -3.02 38.58 22.46
C GLY D 259 -2.23 39.72 23.13
N ALA D 260 -1.39 40.41 22.35
CA ALA D 260 -0.55 41.46 22.93
C ALA D 260 -1.39 42.47 23.70
N LEU D 261 -2.61 42.75 23.23
CA LEU D 261 -3.51 43.73 23.85
C LEU D 261 -3.78 43.39 25.32
N ASP D 262 -3.98 42.09 25.58
CA ASP D 262 -4.18 41.57 26.93
C ASP D 262 -2.89 41.16 27.67
N GLY D 263 -1.73 41.61 27.19
CA GLY D 263 -0.51 41.42 27.95
C GLY D 263 0.51 40.42 27.51
N ARG D 264 0.30 39.73 26.39
CA ARG D 264 1.22 38.70 25.90
C ARG D 264 2.57 39.34 25.59
N LYS D 265 3.64 38.76 26.11
CA LYS D 265 4.98 39.22 25.77
C LYS D 265 5.38 38.41 24.54
N LEU D 266 5.22 39.03 23.37
CA LEU D 266 5.58 38.47 22.07
C LEU D 266 7.07 38.15 21.87
N ALA D 267 7.38 36.99 21.27
CA ALA D 267 8.77 36.54 20.99
C ALA D 267 9.42 37.03 19.67
N ALA D 268 10.72 36.73 19.47
CA ALA D 268 11.37 36.73 18.14
C ALA D 268 11.60 35.27 17.67
N ASP D 269 11.69 35.02 16.36
CA ASP D 269 11.37 33.65 15.87
C ASP D 269 12.19 33.02 14.71
N PRO D 270 11.93 31.72 14.43
CA PRO D 270 12.06 31.13 13.07
C PRO D 270 10.87 31.43 12.12
N ALA E 7 31.75 48.48 22.30
CA ALA E 7 31.31 49.90 22.48
C ALA E 7 30.83 50.17 23.92
N GLY E 8 30.88 51.44 24.32
CA GLY E 8 30.82 51.80 25.73
C GLY E 8 32.18 51.61 26.41
N LEU E 9 33.11 50.94 25.73
CA LEU E 9 34.46 50.70 26.28
C LEU E 9 35.34 51.95 26.18
N PRO E 10 36.34 52.06 27.06
CA PRO E 10 37.22 53.24 27.08
C PRO E 10 38.07 53.35 25.82
N ALA E 11 38.24 54.58 25.36
CA ALA E 11 39.14 54.89 24.24
C ALA E 11 40.63 54.78 24.65
N LEU E 12 41.46 54.35 23.70
CA LEU E 12 42.91 54.43 23.83
C LEU E 12 43.34 55.85 23.50
N GLU E 13 43.43 56.67 24.53
CA GLU E 13 43.73 58.08 24.36
C GLU E 13 45.13 58.34 23.77
N LYS E 14 45.23 59.38 22.97
CA LYS E 14 46.51 59.91 22.49
C LYS E 14 47.48 60.19 23.63
N GLY E 15 48.78 60.05 23.37
CA GLY E 15 49.78 60.32 24.39
C GLY E 15 49.74 59.31 25.53
N SER E 16 48.88 58.29 25.41
CA SER E 16 48.83 57.20 26.37
C SER E 16 49.25 55.82 25.79
N VAL E 17 49.68 54.93 26.68
CA VAL E 17 50.15 53.57 26.31
C VAL E 17 49.36 52.47 27.02
N TRP E 18 48.77 51.56 26.25
CA TRP E 18 48.21 50.34 26.84
C TRP E 18 49.21 49.18 26.71
N LEU E 19 49.38 48.49 27.84
CA LEU E 19 50.15 47.26 27.96
C LEU E 19 49.10 46.14 27.98
N VAL E 20 48.98 45.47 26.84
CA VAL E 20 47.82 44.64 26.55
C VAL E 20 48.23 43.18 26.36
N GLY E 21 47.51 42.26 26.99
CA GLY E 21 47.76 40.84 26.75
C GLY E 21 47.12 40.29 25.48
N ALA E 22 47.91 39.64 24.63
CA ALA E 22 47.33 39.03 23.42
C ALA E 22 46.83 37.63 23.70
N GLY E 23 47.18 37.11 24.87
CA GLY E 23 46.85 35.74 25.17
C GLY E 23 47.89 34.82 24.57
N PRO E 24 47.72 33.53 24.82
CA PRO E 24 48.67 32.50 24.37
C PRO E 24 48.74 32.23 22.87
N GLY E 25 47.81 32.73 22.06
CA GLY E 25 47.77 32.38 20.64
C GLY E 25 46.43 32.58 19.95
N ASP E 26 45.45 31.74 20.29
CA ASP E 26 44.13 31.73 19.66
C ASP E 26 43.52 33.13 19.67
N PRO E 27 43.19 33.71 18.52
CA PRO E 27 42.58 35.05 18.54
C PRO E 27 41.23 34.86 19.22
N GLY E 28 40.72 35.83 19.93
CA GLY E 28 39.43 35.55 20.53
C GLY E 28 39.54 34.93 21.90
N LEU E 29 40.76 34.60 22.29
CA LEU E 29 41.13 34.64 23.69
C LEU E 29 41.55 36.08 24.02
N LEU E 30 41.34 36.96 23.03
CA LEU E 30 41.59 38.39 23.16
C LEU E 30 40.41 38.98 23.88
N THR E 31 40.68 39.76 24.93
CA THR E 31 39.58 40.44 25.59
C THR E 31 38.93 41.47 24.66
N LEU E 32 37.77 41.97 25.06
CA LEU E 32 37.06 42.98 24.28
C LEU E 32 37.91 44.24 24.28
N HIS E 33 38.56 44.50 25.40
CA HIS E 33 39.49 45.60 25.54
C HIS E 33 40.65 45.45 24.54
N ALA E 34 41.25 44.27 24.50
CA ALA E 34 42.34 44.01 23.55
C ALA E 34 41.99 44.36 22.09
N ALA E 35 40.92 43.74 21.60
CA ALA E 35 40.45 43.92 20.23
C ALA E 35 40.13 45.38 19.99
N ASN E 36 39.66 46.04 21.04
CA ASN E 36 39.32 47.45 20.96
C ASN E 36 40.54 48.36 20.96
N ALA E 37 41.63 47.92 21.57
CA ALA E 37 42.89 48.65 21.51
C ALA E 37 43.56 48.39 20.16
N LEU E 38 43.36 47.19 19.64
CA LEU E 38 43.89 46.77 18.33
C LEU E 38 43.32 47.57 17.13
N ARG E 39 41.98 47.68 17.06
CA ARG E 39 41.33 48.36 15.94
C ARG E 39 41.42 49.89 16.05
N GLN E 40 42.19 50.36 17.02
CA GLN E 40 42.20 51.75 17.43
C GLN E 40 43.60 52.35 17.52
N ALA E 41 44.60 51.49 17.68
CA ALA E 41 45.98 51.94 17.90
C ALA E 41 46.58 52.64 16.69
N ASP E 42 47.39 53.67 16.97
CA ASP E 42 48.22 54.31 15.96
C ASP E 42 49.45 53.47 15.70
N VAL E 43 50.02 52.90 16.77
CA VAL E 43 51.23 52.11 16.65
C VAL E 43 51.27 50.97 17.67
N ILE E 44 51.58 49.77 17.15
CA ILE E 44 51.61 48.54 17.93
C ILE E 44 53.05 48.02 18.07
N VAL E 45 53.50 47.96 19.31
CA VAL E 45 54.82 47.43 19.62
C VAL E 45 54.62 45.99 20.18
N HIS E 46 54.80 45.01 19.31
CA HIS E 46 54.39 43.65 19.61
C HIS E 46 55.56 42.70 19.83
N ASP E 47 55.25 41.54 20.42
CA ASP E 47 56.24 40.51 20.70
C ASP E 47 56.37 39.53 19.53
N ALA E 48 57.44 38.73 19.59
CA ALA E 48 57.40 37.33 19.17
C ALA E 48 55.97 36.77 19.41
N LEU E 49 55.13 36.80 18.37
CA LEU E 49 53.75 36.34 18.56
C LEU E 49 53.59 34.93 18.04
N VAL E 50 52.84 34.12 18.77
CA VAL E 50 52.52 32.77 18.34
C VAL E 50 51.47 32.82 17.20
N ASN E 51 50.51 33.75 17.32
CA ASN E 51 49.59 34.12 16.23
C ASN E 51 49.74 35.57 15.78
N GLU E 52 50.24 35.78 14.56
CA GLU E 52 50.25 37.09 13.94
C GLU E 52 48.85 37.36 13.38
N ASP E 53 47.86 36.75 14.00
CA ASP E 53 46.51 36.70 13.44
C ASP E 53 45.67 37.88 13.91
N CYS E 54 45.83 38.22 15.17
CA CYS E 54 45.18 39.33 15.82
C CYS E 54 45.75 40.67 15.37
N LEU E 55 46.71 40.62 14.45
CA LEU E 55 47.28 41.82 13.83
C LEU E 55 46.39 42.32 12.69
N LYS E 56 45.54 41.43 12.20
CA LYS E 56 44.61 41.76 11.13
C LYS E 56 43.49 42.67 11.64
N LEU E 57 43.39 42.78 12.96
CA LEU E 57 42.41 43.65 13.60
C LEU E 57 42.81 45.13 13.55
N ALA E 58 44.11 45.39 13.31
CA ALA E 58 44.63 46.74 13.25
C ALA E 58 44.06 47.52 12.07
N ARG E 59 43.76 48.79 12.29
CA ARG E 59 43.30 49.66 11.21
C ARG E 59 44.39 49.77 10.15
N PRO E 60 44.01 49.89 8.87
CA PRO E 60 44.97 49.88 7.76
C PRO E 60 46.17 50.84 7.91
N GLY E 61 45.96 52.01 8.52
CA GLY E 61 47.02 52.99 8.69
C GLY E 61 47.99 52.78 9.85
N ALA E 62 47.86 51.66 10.57
CA ALA E 62 48.65 51.43 11.79
C ALA E 62 50.12 51.05 11.56
N VAL E 63 51.01 51.67 12.33
CA VAL E 63 52.42 51.34 12.29
C VAL E 63 52.72 50.18 13.24
N LEU E 64 53.20 49.06 12.69
CA LEU E 64 53.56 47.88 13.51
C LEU E 64 55.06 47.76 13.70
N GLU E 65 55.51 47.82 14.95
CA GLU E 65 56.93 47.63 15.28
C GLU E 65 57.20 46.31 15.99
N PHE E 66 58.01 45.46 15.38
CA PHE E 66 58.44 44.23 16.03
C PHE E 66 59.43 44.56 17.17
N ALA E 67 59.48 43.68 18.17
CA ALA E 67 60.46 43.77 19.26
C ALA E 67 60.76 42.36 19.82
N GLY E 68 61.98 41.87 19.65
CA GLY E 68 62.34 40.56 20.19
C GLY E 68 63.59 39.91 19.60
N LYS E 69 63.50 39.53 18.32
CA LYS E 69 64.58 38.86 17.61
C LYS E 69 65.34 39.85 16.71
N LYS E 73 71.38 37.02 17.86
CA LYS E 73 70.34 38.05 17.79
C LYS E 73 70.88 39.46 18.10
N PRO E 74 70.79 40.38 17.13
CA PRO E 74 70.95 41.82 17.40
C PRO E 74 69.79 42.35 18.28
N SER E 75 69.80 41.95 19.56
CA SER E 75 68.71 42.21 20.51
C SER E 75 68.36 43.72 20.67
N PRO E 76 67.13 44.02 21.13
CA PRO E 76 66.87 45.22 21.92
C PRO E 76 66.65 44.85 23.40
N LYS E 77 67.24 45.61 24.33
CA LYS E 77 67.05 45.40 25.77
C LYS E 77 65.67 45.96 26.17
N GLN E 78 65.20 45.62 27.36
CA GLN E 78 63.93 46.17 27.89
C GLN E 78 63.88 47.72 27.90
N ARG E 79 64.95 48.33 28.40
CA ARG E 79 65.13 49.79 28.39
C ARG E 79 64.77 50.46 27.06
N ASP E 80 65.22 49.86 25.96
CA ASP E 80 64.91 50.36 24.63
C ASP E 80 63.44 50.29 24.33
N ILE E 81 62.86 49.11 24.49
CA ILE E 81 61.45 48.93 24.28
C ILE E 81 60.67 49.95 25.13
N SER E 82 61.01 50.03 26.41
CA SER E 82 60.30 50.93 27.31
C SER E 82 60.38 52.39 26.85
N LEU E 83 61.59 52.89 26.58
CA LEU E 83 61.77 54.27 26.14
C LEU E 83 61.13 54.53 24.77
N ARG E 84 61.03 53.48 23.96
CA ARG E 84 60.32 53.56 22.67
C ARG E 84 58.83 53.81 22.89
N LEU E 85 58.29 53.27 23.97
CA LEU E 85 56.91 53.52 24.30
C LEU E 85 56.74 54.99 24.67
N VAL E 86 57.65 55.51 25.50
CA VAL E 86 57.54 56.90 25.96
C VAL E 86 57.72 57.92 24.83
N GLU E 87 58.76 57.73 24.01
CA GLU E 87 59.01 58.61 22.87
C GLU E 87 57.82 58.60 21.90
N LEU E 88 57.23 57.43 21.68
CA LEU E 88 56.07 57.28 20.81
C LEU E 88 54.86 57.98 21.40
N ALA E 89 54.60 57.73 22.69
CA ALA E 89 53.50 58.39 23.40
C ALA E 89 53.61 59.92 23.38
N ARG E 90 54.82 60.41 23.67
CA ARG E 90 55.09 61.85 23.74
C ARG E 90 54.93 62.55 22.40
N ALA E 91 54.99 61.79 21.31
CA ALA E 91 54.73 62.33 19.96
C ALA E 91 53.23 62.40 19.64
N GLY E 92 52.40 61.81 20.50
CA GLY E 92 50.96 61.92 20.39
C GLY E 92 50.22 60.72 19.81
N ASN E 93 50.87 59.57 19.76
CA ASN E 93 50.17 58.37 19.30
C ASN E 93 49.32 57.74 20.39
N ARG E 94 48.27 57.05 19.96
CA ARG E 94 47.64 56.03 20.77
C ARG E 94 48.53 54.79 20.63
N VAL E 95 49.20 54.43 21.72
CA VAL E 95 50.24 53.40 21.64
C VAL E 95 49.78 52.11 22.26
N LEU E 96 49.74 51.06 21.47
CA LEU E 96 49.45 49.75 22.03
C LEU E 96 50.70 48.87 22.10
N ARG E 97 51.03 48.45 23.32
CA ARG E 97 52.11 47.50 23.52
C ARG E 97 51.52 46.08 23.67
N LEU E 98 51.73 45.25 22.65
CA LEU E 98 51.05 43.95 22.58
C LEU E 98 51.92 42.80 23.11
N LYS E 99 51.63 42.36 24.33
CA LYS E 99 52.42 41.32 24.98
C LYS E 99 51.77 39.95 24.87
N GLY E 100 52.61 38.92 24.71
CA GLY E 100 52.13 37.54 24.72
C GLY E 100 51.49 37.23 26.05
N GLY E 101 50.42 36.47 26.03
CA GLY E 101 49.80 36.03 27.26
C GLY E 101 49.17 37.17 28.03
N ASP E 102 49.55 37.28 29.31
CA ASP E 102 49.18 38.40 30.19
C ASP E 102 50.38 39.33 30.49
N PRO E 103 50.17 40.66 30.50
CA PRO E 103 51.29 41.59 30.69
C PRO E 103 52.04 41.44 32.03
N PHE E 104 51.42 40.87 33.06
CA PHE E 104 52.04 40.80 34.39
C PHE E 104 52.50 39.37 34.86
N VAL E 105 52.36 38.37 34.02
CA VAL E 105 52.81 37.02 34.32
C VAL E 105 54.06 36.69 33.49
N PHE E 106 55.16 37.36 33.84
CA PHE E 106 56.57 37.03 33.46
C PHE E 106 56.82 37.72 32.13
N GLY E 107 56.20 38.89 31.94
CA GLY E 107 56.28 39.58 30.67
C GLY E 107 56.86 40.98 30.76
N ARG E 108 57.55 41.28 31.87
CA ARG E 108 58.21 42.57 32.08
C ARG E 108 57.26 43.79 32.08
N GLY E 109 55.94 43.51 32.09
CA GLY E 109 54.92 44.54 32.06
C GLY E 109 55.06 45.60 33.13
N GLY E 110 55.30 45.13 34.36
CA GLY E 110 55.55 45.98 35.51
C GLY E 110 56.72 46.92 35.30
N GLU E 111 57.80 46.42 34.66
CA GLU E 111 58.94 47.26 34.31
C GLU E 111 58.56 48.37 33.34
N GLU E 112 57.86 48.00 32.28
CA GLU E 112 57.45 48.95 31.24
C GLU E 112 56.58 50.01 31.89
N ALA E 113 55.49 49.59 32.54
CA ALA E 113 54.64 50.48 33.33
C ALA E 113 55.36 51.45 34.29
N LEU E 114 56.35 50.97 35.05
CA LEU E 114 56.98 51.87 36.02
C LEU E 114 57.97 52.85 35.39
N THR E 115 58.42 52.52 34.18
CA THR E 115 59.15 53.46 33.29
C THR E 115 58.19 54.50 32.66
N LEU E 116 57.02 54.06 32.21
CA LEU E 116 55.97 54.94 31.73
C LEU E 116 55.61 56.00 32.79
N VAL E 117 55.40 55.53 34.03
CA VAL E 117 55.05 56.38 35.17
C VAL E 117 56.14 57.43 35.42
N GLU E 118 57.38 56.97 35.35
CA GLU E 118 58.58 57.78 35.48
C GLU E 118 58.66 58.89 34.43
N HIS E 119 57.76 58.88 33.45
CA HIS E 119 58.00 59.60 32.21
C HIS E 119 56.97 60.57 31.58
N GLN E 120 56.05 61.18 32.31
CA GLN E 120 55.07 60.51 33.15
C GLN E 120 53.96 60.26 32.12
N VAL E 121 53.99 59.08 31.52
CA VAL E 121 53.05 58.73 30.47
C VAL E 121 51.87 57.98 31.09
N PRO E 122 50.66 58.43 30.81
CA PRO E 122 49.46 57.73 31.27
C PRO E 122 49.36 56.32 30.66
N PHE E 123 48.95 55.35 31.47
CA PHE E 123 48.88 54.02 30.93
C PHE E 123 47.71 53.23 31.44
N ARG E 124 47.35 52.22 30.67
CA ARG E 124 46.35 51.24 31.09
C ARG E 124 46.98 49.84 31.01
N ILE E 125 46.49 48.91 31.82
CA ILE E 125 46.89 47.51 31.70
C ILE E 125 45.63 46.78 31.35
N VAL E 126 45.68 46.05 30.25
CA VAL E 126 44.61 45.13 29.89
C VAL E 126 45.12 43.70 30.17
N PRO E 127 44.56 43.05 31.18
CA PRO E 127 44.87 41.64 31.42
C PRO E 127 44.67 40.78 30.18
N GLY E 128 45.46 39.71 30.05
CA GLY E 128 45.30 38.71 29.02
C GLY E 128 45.27 37.29 29.58
N ILE E 129 44.88 36.31 28.76
CA ILE E 129 44.94 34.91 29.17
C ILE E 129 46.39 34.45 29.15
N THR E 130 46.81 33.81 30.25
CA THR E 130 48.19 33.38 30.41
C THR E 130 48.36 31.92 30.06
N ALA E 131 49.50 31.58 29.51
CA ALA E 131 49.67 30.23 29.00
C ALA E 131 49.57 29.25 30.16
N GLY E 132 50.03 29.65 31.34
CA GLY E 132 49.90 28.81 32.52
C GLY E 132 48.48 28.43 32.98
N ILE E 133 47.45 29.13 32.49
CA ILE E 133 46.06 28.77 32.83
C ILE E 133 45.24 28.37 31.57
N GLY E 134 45.09 29.30 30.64
CA GLY E 134 44.35 29.03 29.42
C GLY E 134 45.10 28.10 28.48
N GLY E 135 46.40 28.33 28.33
CA GLY E 135 47.24 27.39 27.63
C GLY E 135 46.98 25.95 28.07
N LEU E 136 47.13 25.69 29.37
CA LEU E 136 46.88 24.37 29.91
C LEU E 136 45.44 23.88 29.66
N ALA E 137 44.48 24.79 29.70
CA ALA E 137 43.08 24.41 29.46
C ALA E 137 42.89 23.83 28.06
N TYR E 138 43.58 24.42 27.08
CA TYR E 138 43.47 23.95 25.68
C TYR E 138 44.07 22.57 25.54
N ALA E 139 44.77 22.13 26.57
CA ALA E 139 45.32 20.77 26.60
C ALA E 139 44.47 19.86 27.50
N GLY E 140 43.41 20.43 28.06
CA GLY E 140 42.51 19.74 28.97
C GLY E 140 43.11 19.47 30.34
N ILE E 141 44.05 20.31 30.76
CA ILE E 141 44.62 20.25 32.10
C ILE E 141 44.24 21.48 32.93
N PRO E 142 43.42 21.31 33.95
CA PRO E 142 43.03 22.46 34.79
C PRO E 142 44.10 22.74 35.82
N VAL E 143 44.38 24.01 36.15
CA VAL E 143 45.41 24.31 37.15
C VAL E 143 45.00 23.98 38.60
N THR E 144 43.71 23.90 38.88
CA THR E 144 43.21 23.48 40.20
C THR E 144 42.04 22.51 40.08
N HIS E 145 41.96 21.59 41.03
CA HIS E 145 40.94 20.55 41.05
C HIS E 145 40.84 20.06 42.48
N ARG E 146 39.64 20.14 43.05
CA ARG E 146 39.42 19.92 44.49
C ARG E 146 40.07 18.65 45.01
N GLU E 147 39.98 17.57 44.23
CA GLU E 147 40.52 16.27 44.63
C GLU E 147 42.05 16.25 44.62
N VAL E 148 42.66 17.30 44.06
CA VAL E 148 44.10 17.29 43.82
C VAL E 148 44.88 18.43 44.51
N ASN E 149 44.35 19.65 44.47
CA ASN E 149 45.09 20.79 44.98
C ASN E 149 44.23 21.96 45.46
N HIS E 150 44.71 22.68 46.46
CA HIS E 150 44.07 23.90 46.91
C HIS E 150 45.05 25.03 46.75
N ALA E 151 46.19 24.69 46.12
CA ALA E 151 47.24 25.65 45.82
C ALA E 151 47.93 25.24 44.52
N VAL E 152 48.28 26.22 43.68
CA VAL E 152 49.13 26.03 42.50
C VAL E 152 50.30 26.99 42.60
N THR E 153 51.48 26.58 42.14
CA THR E 153 52.61 27.48 42.16
C THR E 153 53.09 27.68 40.72
N PHE E 154 53.24 28.95 40.35
CA PHE E 154 53.75 29.33 39.03
C PHE E 154 55.18 29.73 39.18
N LEU E 155 56.02 29.42 38.20
CA LEU E 155 57.41 29.88 38.28
C LEU E 155 58.13 30.03 36.95
N THR E 156 59.32 30.60 36.99
CA THR E 156 60.19 30.65 35.81
C THR E 156 61.54 29.94 35.96
N GLY E 157 61.95 29.12 34.97
CA GLY E 157 63.35 28.68 34.81
C GLY E 157 64.17 29.76 34.12
N HIS E 158 65.49 29.66 34.02
CA HIS E 158 66.23 30.78 33.37
C HIS E 158 67.38 31.33 34.23
N VAL E 164 76.34 29.97 39.45
CA VAL E 164 75.11 30.54 38.93
C VAL E 164 74.02 30.58 40.01
N PRO E 165 73.65 31.79 40.45
CA PRO E 165 72.75 31.95 41.61
C PRO E 165 71.28 31.74 41.26
N ASP E 166 70.63 30.89 42.05
CA ASP E 166 69.20 30.78 41.94
C ASP E 166 68.57 31.31 43.21
N ARG E 167 67.85 32.42 43.09
CA ARG E 167 67.20 32.99 44.26
C ARG E 167 66.07 32.08 44.80
N ILE E 168 65.75 30.98 44.09
CA ILE E 168 64.60 30.10 44.41
C ILE E 168 64.90 29.05 45.46
N ASN E 169 63.94 28.87 46.38
CA ASN E 169 63.91 27.76 47.33
C ASN E 169 63.15 26.56 46.77
N TRP E 170 63.90 25.63 46.16
CA TRP E 170 63.33 24.44 45.53
C TRP E 170 62.61 23.46 46.46
N GLN E 171 63.18 23.16 47.63
CA GLN E 171 62.44 22.41 48.65
C GLN E 171 61.08 23.07 48.92
N GLY E 172 61.09 24.39 49.11
CA GLY E 172 59.89 25.17 49.32
C GLY E 172 58.88 24.99 48.21
N ILE E 173 59.29 25.16 46.95
CA ILE E 173 58.40 24.95 45.81
C ILE E 173 57.89 23.52 45.74
N ALA E 174 58.77 22.56 45.97
CA ALA E 174 58.39 21.15 46.00
C ALA E 174 57.31 20.93 47.04
N SER E 175 57.47 21.56 48.20
CA SER E 175 56.56 21.35 49.31
C SER E 175 55.35 22.26 49.15
N GLY E 176 54.21 21.63 49.37
CA GLY E 176 52.93 22.14 48.93
C GLY E 176 52.58 23.39 48.13
N SER E 177 52.77 23.26 46.81
CA SER E 177 51.66 23.30 45.87
C SER E 177 51.77 21.91 45.21
N PRO E 178 50.73 21.03 45.33
CA PRO E 178 50.75 19.77 44.56
C PRO E 178 50.82 19.96 43.04
N VAL E 179 50.41 21.12 42.51
CA VAL E 179 50.61 21.42 41.09
C VAL E 179 51.67 22.52 40.90
N ILE E 180 52.53 22.38 39.90
CA ILE E 180 53.56 23.37 39.67
C ILE E 180 53.53 23.69 38.20
N VAL E 181 53.35 24.98 37.89
CA VAL E 181 53.25 25.42 36.51
C VAL E 181 54.49 26.24 36.18
N MET E 182 55.24 25.78 35.18
CA MET E 182 56.57 26.34 34.93
C MET E 182 56.69 27.01 33.58
N TYR E 183 57.13 28.26 33.61
CA TYR E 183 57.35 29.06 32.43
C TYR E 183 58.83 29.02 32.19
N MET E 184 59.24 28.94 30.90
CA MET E 184 60.66 29.01 30.50
C MET E 184 61.51 27.97 31.19
N ALA E 185 60.98 26.75 31.19
CA ALA E 185 61.64 25.63 31.81
C ALA E 185 62.37 24.71 30.81
N MET E 186 62.14 24.87 29.51
CA MET E 186 62.76 23.97 28.53
C MET E 186 64.29 23.83 28.66
N LYS E 187 65.04 24.89 28.36
CA LYS E 187 66.51 24.80 28.33
C LYS E 187 67.08 24.13 29.57
N HIS E 188 66.43 24.34 30.72
CA HIS E 188 66.96 23.89 31.99
C HIS E 188 66.18 22.73 32.64
N ILE E 189 65.31 22.09 31.86
CA ILE E 189 64.44 21.04 32.37
C ILE E 189 65.12 19.95 33.21
N GLY E 190 66.37 19.61 32.87
CA GLY E 190 67.13 18.55 33.55
C GLY E 190 67.46 18.91 34.98
N ALA E 191 68.03 20.10 35.17
CA ALA E 191 68.32 20.65 36.50
C ALA E 191 67.04 20.90 37.30
N ILE E 192 65.98 21.35 36.61
CA ILE E 192 64.74 21.68 37.29
C ILE E 192 64.07 20.42 37.87
N THR E 193 63.93 19.37 37.05
CA THR E 193 63.36 18.11 37.54
C THR E 193 64.27 17.46 38.58
N ALA E 194 65.57 17.67 38.44
CA ALA E 194 66.48 17.18 39.48
C ALA E 194 66.20 17.87 40.82
N ASN E 195 65.94 19.19 40.79
CA ASN E 195 65.69 19.94 42.02
C ASN E 195 64.40 19.50 42.67
N LEU E 196 63.35 19.40 41.85
CA LEU E 196 62.06 18.94 42.36
C LEU E 196 62.21 17.55 42.99
N ILE E 197 62.93 16.63 42.31
CA ILE E 197 63.13 15.28 42.85
C ILE E 197 63.96 15.36 44.13
N ALA E 198 64.98 16.22 44.13
CA ALA E 198 65.82 16.42 45.31
C ALA E 198 64.93 16.84 46.49
N GLY E 199 63.85 17.55 46.19
CA GLY E 199 62.96 18.06 47.19
C GLY E 199 61.77 17.18 47.53
N GLY E 200 61.79 15.92 47.12
CA GLY E 200 60.83 14.96 47.63
C GLY E 200 59.72 14.57 46.68
N ARG E 201 59.62 15.30 45.58
CA ARG E 201 58.74 14.92 44.49
C ARG E 201 59.09 13.52 43.96
N SER E 202 58.07 12.72 43.66
CA SER E 202 58.27 11.36 43.15
C SER E 202 58.85 11.36 41.72
N PRO E 203 59.96 10.67 41.50
CA PRO E 203 60.46 10.47 40.13
C PRO E 203 59.31 10.13 39.18
N ASP E 204 58.32 9.36 39.63
CA ASP E 204 57.24 8.91 38.76
C ASP E 204 56.06 9.88 38.67
N GLU E 205 56.17 11.03 39.34
CA GLU E 205 55.07 12.00 39.30
C GLU E 205 54.79 12.49 37.88
N PRO E 206 53.53 12.48 37.48
CA PRO E 206 53.14 12.97 36.15
C PRO E 206 53.59 14.41 35.83
N VAL E 207 54.14 14.58 34.64
CA VAL E 207 54.33 15.91 34.08
C VAL E 207 53.85 16.01 32.64
N ALA E 208 53.38 17.20 32.28
CA ALA E 208 52.94 17.45 30.91
C ALA E 208 53.67 18.63 30.33
N PHE E 209 54.11 18.47 29.08
CA PHE E 209 54.63 19.58 28.29
C PHE E 209 53.58 20.06 27.31
N VAL E 210 53.37 21.36 27.25
CA VAL E 210 52.36 21.85 26.33
C VAL E 210 53.02 22.93 25.52
N CYS E 211 53.27 22.63 24.25
CA CYS E 211 54.01 23.53 23.37
C CYS E 211 53.05 24.25 22.46
N ASN E 212 53.31 25.54 22.25
CA ASN E 212 52.45 26.36 21.38
C ASN E 212 50.98 26.13 21.71
N ALA E 213 50.65 26.23 23.00
CA ALA E 213 49.29 26.07 23.48
C ALA E 213 48.31 26.99 22.77
N ALA E 214 47.14 26.43 22.48
CA ALA E 214 46.03 27.18 21.91
C ALA E 214 46.36 27.72 20.53
N THR E 215 47.02 26.90 19.72
CA THR E 215 47.25 27.15 18.29
C THR E 215 47.03 25.83 17.52
N PRO E 216 46.84 25.89 16.20
CA PRO E 216 46.87 24.67 15.37
C PRO E 216 48.11 23.77 15.59
N GLN E 217 49.28 24.35 15.84
CA GLN E 217 50.50 23.54 16.01
C GLN E 217 50.76 23.09 17.47
N GLN E 218 49.72 23.11 18.29
CA GLN E 218 49.83 22.69 19.69
C GLN E 218 50.25 21.23 19.75
N ALA E 219 51.22 20.93 20.60
CA ALA E 219 51.66 19.56 20.83
C ALA E 219 51.79 19.30 22.33
N VAL E 220 51.35 18.13 22.77
CA VAL E 220 51.37 17.81 24.19
C VAL E 220 52.13 16.51 24.46
N LEU E 221 53.08 16.55 25.40
CA LEU E 221 53.78 15.37 25.88
C LEU E 221 53.47 15.04 27.36
N GLU E 222 52.98 13.82 27.60
CA GLU E 222 52.80 13.30 28.96
C GLU E 222 53.98 12.44 29.37
N THR E 223 54.46 12.69 30.56
CA THR E 223 55.70 12.16 31.09
C THR E 223 55.64 12.09 32.61
N THR E 224 56.83 12.27 33.19
CA THR E 224 57.18 11.85 34.53
C THR E 224 58.39 12.73 34.88
N LEU E 225 58.56 13.12 36.15
CA LEU E 225 59.67 14.01 36.50
C LEU E 225 60.99 13.41 36.04
N ALA E 226 61.24 12.15 36.38
CA ALA E 226 62.49 11.50 35.99
C ALA E 226 62.71 11.45 34.47
N ARG E 227 61.67 11.11 33.70
CA ARG E 227 61.82 10.90 32.23
C ARG E 227 61.74 12.15 31.37
N ALA E 228 61.38 13.29 31.96
CA ALA E 228 61.11 14.52 31.22
C ALA E 228 62.22 15.02 30.32
N GLU E 229 63.45 15.07 30.82
CA GLU E 229 64.51 15.70 30.05
C GLU E 229 64.77 14.86 28.80
N ALA E 230 64.81 13.55 28.98
CA ALA E 230 64.94 12.56 27.90
C ALA E 230 63.80 12.61 26.89
N ASP E 231 62.56 12.58 27.41
CA ASP E 231 61.38 12.48 26.56
C ASP E 231 61.17 13.72 25.68
N VAL E 232 61.27 14.91 26.26
CA VAL E 232 61.26 16.17 25.52
C VAL E 232 62.27 16.17 24.35
N ALA E 233 63.52 15.79 24.62
CA ALA E 233 64.50 15.68 23.56
C ALA E 233 63.96 14.72 22.51
N ALA E 234 63.57 13.52 22.94
CA ALA E 234 63.09 12.46 22.03
C ALA E 234 61.95 12.96 21.16
N ALA E 235 60.97 13.62 21.78
CA ALA E 235 59.79 14.11 21.06
C ALA E 235 60.05 15.30 20.14
N GLY E 236 61.21 15.92 20.29
CA GLY E 236 61.64 17.03 19.46
C GLY E 236 60.99 18.36 19.84
N LEU E 237 60.46 18.44 21.05
CA LEU E 237 59.72 19.63 21.45
C LEU E 237 60.61 20.88 21.67
N GLU E 238 60.03 22.06 21.39
CA GLU E 238 60.68 23.38 21.39
C GLU E 238 59.82 24.45 22.11
N PRO E 239 60.46 25.47 22.72
CA PRO E 239 59.73 26.68 23.16
C PRO E 239 58.82 27.25 22.07
N PRO E 240 57.76 27.97 22.43
CA PRO E 240 57.32 28.17 23.82
C PRO E 240 56.53 26.99 24.39
N ALA E 241 56.89 26.58 25.60
CA ALA E 241 56.16 25.51 26.28
C ALA E 241 55.79 25.87 27.73
N ILE E 242 54.69 25.28 28.19
CA ILE E 242 54.38 25.31 29.60
C ILE E 242 54.61 23.90 30.13
N VAL E 243 55.32 23.79 31.25
CA VAL E 243 55.56 22.50 31.86
C VAL E 243 54.72 22.40 33.11
N VAL E 244 53.80 21.43 33.18
CA VAL E 244 52.96 21.25 34.36
C VAL E 244 53.29 19.96 35.12
N VAL E 245 53.54 20.09 36.41
CA VAL E 245 53.88 18.94 37.28
C VAL E 245 52.70 18.66 38.19
N GLY E 246 52.27 17.40 38.28
CA GLY E 246 51.25 17.03 39.23
C GLY E 246 50.01 16.33 38.69
N GLU E 247 49.24 15.74 39.59
CA GLU E 247 48.15 14.83 39.22
C GLU E 247 47.14 15.42 38.23
N VAL E 248 47.04 16.75 38.13
CA VAL E 248 46.09 17.32 37.18
C VAL E 248 46.39 16.82 35.78
N VAL E 249 47.66 16.50 35.52
CA VAL E 249 48.05 15.93 34.24
C VAL E 249 47.23 14.69 33.86
N ARG E 250 46.87 13.86 34.85
CA ARG E 250 46.06 12.65 34.59
C ARG E 250 44.67 12.97 34.06
N LEU E 251 44.23 14.21 34.27
CA LEU E 251 42.88 14.61 33.84
C LEU E 251 42.83 14.80 32.32
N ARG E 252 43.98 15.05 31.71
CA ARG E 252 44.05 15.26 30.26
C ARG E 252 43.35 14.15 29.43
N ALA E 253 43.62 12.87 29.74
CA ALA E 253 42.96 11.77 29.04
C ALA E 253 41.43 11.85 29.10
N ALA E 254 40.90 12.50 30.13
CA ALA E 254 39.46 12.63 30.31
C ALA E 254 38.87 13.98 29.89
N LEU E 255 39.72 15.02 29.81
CA LEU E 255 39.27 16.39 29.54
C LEU E 255 39.75 16.99 28.21
N ASP E 256 40.51 16.22 27.44
CA ASP E 256 41.06 16.68 26.15
C ASP E 256 39.96 16.96 25.13
N TRP E 257 39.39 18.15 25.23
CA TRP E 257 38.27 18.56 24.40
C TRP E 257 38.69 19.01 23.01
N ILE E 258 39.94 19.42 22.86
CA ILE E 258 40.43 19.79 21.53
C ILE E 258 40.77 18.57 20.70
N GLY E 259 41.12 17.47 21.37
CA GLY E 259 41.20 16.17 20.70
C GLY E 259 39.88 15.41 20.74
N ALA E 260 38.77 16.04 20.33
CA ALA E 260 37.48 15.37 20.46
C ALA E 260 36.55 15.77 19.35
N ASP E 262 37.99 16.28 16.77
CA ASP E 262 38.89 15.41 15.98
C ASP E 262 38.66 13.92 16.18
N GLY E 263 38.00 13.54 17.28
CA GLY E 263 37.59 12.16 17.49
C GLY E 263 38.51 11.34 18.38
N ARG E 264 38.48 11.67 19.68
CA ARG E 264 39.23 10.92 20.69
C ARG E 264 38.29 10.50 21.83
N LYS E 265 38.19 9.19 22.05
CA LYS E 265 37.30 8.59 23.04
C LYS E 265 37.79 8.91 24.46
N LEU E 266 37.17 9.92 25.07
CA LEU E 266 37.62 10.49 26.35
C LEU E 266 37.46 9.51 27.54
N ALA E 267 38.52 9.37 28.33
CA ALA E 267 38.50 8.49 29.51
C ALA E 267 37.65 9.05 30.67
N ALA E 268 37.69 8.43 31.84
CA ALA E 268 36.91 8.89 33.00
C ALA E 268 37.74 8.93 34.27
N ASP E 269 37.71 10.06 34.98
CA ASP E 269 38.53 10.26 36.18
C ASP E 269 37.90 11.24 37.16
N GLY F 8 34.01 33.76 11.99
CA GLY F 8 35.17 32.80 11.96
C GLY F 8 35.29 31.94 13.21
N LEU F 9 34.65 32.40 14.28
CA LEU F 9 34.81 31.76 15.58
C LEU F 9 33.87 30.55 15.75
N PRO F 10 34.34 29.51 16.48
CA PRO F 10 33.60 28.24 16.50
C PRO F 10 32.17 28.48 16.96
N ALA F 11 31.23 27.74 16.37
CA ALA F 11 29.83 27.84 16.77
C ALA F 11 29.61 27.09 18.08
N LEU F 12 28.70 27.59 18.91
CA LEU F 12 28.25 26.82 20.06
C LEU F 12 27.18 25.87 19.58
N GLU F 13 27.58 24.63 19.31
CA GLU F 13 26.69 23.64 18.70
C GLU F 13 25.65 23.09 19.66
N LYS F 14 24.43 22.90 19.14
CA LYS F 14 23.33 22.24 19.86
C LYS F 14 23.77 20.98 20.60
N GLY F 15 23.23 20.78 21.80
CA GLY F 15 23.57 19.62 22.60
C GLY F 15 25.00 19.57 23.11
N SER F 16 25.68 20.73 23.18
CA SER F 16 27.01 20.83 23.81
C SER F 16 27.02 21.91 24.90
N VAL F 17 28.08 21.95 25.70
CA VAL F 17 28.19 22.93 26.78
C VAL F 17 29.53 23.64 26.67
N TRP F 18 29.53 24.97 26.75
CA TRP F 18 30.79 25.67 26.92
C TRP F 18 30.91 26.14 28.37
N LEU F 19 31.99 25.73 29.03
CA LEU F 19 32.32 26.29 30.33
C LEU F 19 33.12 27.57 30.06
N VAL F 20 32.52 28.72 30.35
CA VAL F 20 33.06 30.00 29.87
C VAL F 20 33.39 30.98 30.99
N GLY F 21 34.66 31.37 31.07
CA GLY F 21 35.09 32.42 31.99
C GLY F 21 34.46 33.77 31.71
N ALA F 22 34.03 34.49 32.75
CA ALA F 22 33.49 35.85 32.59
C ALA F 22 34.48 36.90 33.09
N GLY F 23 35.60 36.42 33.63
CA GLY F 23 36.59 37.33 34.18
C GLY F 23 36.04 37.96 35.44
N PRO F 24 36.82 38.87 36.02
CA PRO F 24 36.56 39.39 37.37
C PRO F 24 35.35 40.27 37.49
N GLY F 25 34.86 40.86 36.41
CA GLY F 25 33.73 41.76 36.52
C GLY F 25 33.57 42.63 35.30
N ASP F 26 34.58 43.48 35.05
CA ASP F 26 34.60 44.41 33.92
C ASP F 26 34.29 43.66 32.63
N PRO F 27 33.20 44.01 31.94
CA PRO F 27 32.79 43.32 30.71
C PRO F 27 33.82 43.40 29.57
N GLY F 28 34.69 44.40 29.57
CA GLY F 28 35.74 44.49 28.59
C GLY F 28 36.76 43.35 28.71
N LEU F 29 36.67 42.61 29.83
CA LEU F 29 37.59 41.49 30.10
C LEU F 29 37.03 40.16 29.63
N LEU F 30 35.79 40.17 29.14
CA LEU F 30 35.23 39.02 28.43
C LEU F 30 36.14 38.76 27.23
N THR F 31 36.47 37.49 26.98
CA THR F 31 37.17 37.10 25.75
C THR F 31 36.22 37.13 24.59
N LEU F 32 36.79 37.26 23.39
CA LEU F 32 36.03 37.21 22.15
C LEU F 32 35.15 35.95 22.11
N HIS F 33 35.77 34.77 22.35
CA HIS F 33 35.03 33.51 22.47
C HIS F 33 33.85 33.67 23.46
N ALA F 34 34.09 34.33 24.60
CA ALA F 34 33.04 34.52 25.61
C ALA F 34 31.87 35.36 25.09
N ALA F 35 32.18 36.55 24.53
CA ALA F 35 31.18 37.36 23.84
C ALA F 35 30.45 36.50 22.80
N ASN F 36 31.22 35.82 21.97
CA ASN F 36 30.65 34.96 20.94
C ASN F 36 29.62 33.97 21.49
N ALA F 37 29.99 33.22 22.52
CA ALA F 37 29.10 32.23 23.10
C ALA F 37 27.85 32.87 23.72
N LEU F 38 28.01 34.05 24.31
CA LEU F 38 26.89 34.76 24.88
C LEU F 38 25.78 35.05 23.86
N ARG F 39 26.16 35.17 22.59
CA ARG F 39 25.21 35.53 21.54
C ARG F 39 24.37 34.35 21.05
N GLN F 40 24.87 33.14 21.24
CA GLN F 40 24.28 31.97 20.61
C GLN F 40 23.51 31.07 21.57
N ALA F 41 23.89 31.11 22.84
CA ALA F 41 23.31 30.23 23.86
C ALA F 41 21.77 30.32 23.96
N ASP F 42 21.14 29.15 23.93
CA ASP F 42 19.72 29.01 24.22
C ASP F 42 19.48 29.22 25.71
N VAL F 43 20.38 28.65 26.53
CA VAL F 43 20.28 28.71 27.99
C VAL F 43 21.65 29.00 28.64
N ILE F 44 21.66 30.05 29.48
CA ILE F 44 22.88 30.47 30.19
C ILE F 44 22.80 30.22 31.71
N VAL F 45 23.61 29.28 32.19
CA VAL F 45 23.72 29.03 33.63
C VAL F 45 24.92 29.79 34.19
N HIS F 46 24.62 30.98 34.72
CA HIS F 46 25.62 31.88 35.29
C HIS F 46 25.63 31.73 36.81
N ASP F 47 26.76 32.00 37.44
CA ASP F 47 26.85 31.94 38.90
C ASP F 47 26.62 33.32 39.58
N ALA F 48 26.90 33.42 40.92
CA ALA F 48 27.12 34.74 41.59
C ALA F 48 28.02 35.68 40.75
N LEU F 49 27.39 36.63 40.06
CA LEU F 49 28.13 37.47 39.12
C LEU F 49 28.43 38.83 39.72
N VAL F 50 29.68 39.22 39.62
CA VAL F 50 30.13 40.50 40.14
C VAL F 50 29.57 41.63 39.29
N ASN F 51 29.58 41.43 37.97
CA ASN F 51 28.82 42.26 37.03
C ASN F 51 27.72 41.46 36.38
N GLU F 52 26.48 41.86 36.66
CA GLU F 52 25.32 41.36 35.94
C GLU F 52 25.20 42.11 34.62
N ASP F 53 26.33 42.40 34.00
CA ASP F 53 26.40 43.35 32.91
C ASP F 53 26.56 42.69 31.55
N CYS F 54 27.47 41.75 31.52
CA CYS F 54 27.79 41.06 30.30
C CYS F 54 26.62 40.21 29.79
N LEU F 55 25.73 39.80 30.69
CA LEU F 55 24.52 39.05 30.32
C LEU F 55 23.69 39.82 29.30
N LYS F 56 23.80 41.14 29.34
CA LYS F 56 23.18 42.03 28.36
C LYS F 56 23.38 41.61 26.89
N LEU F 57 24.54 41.02 26.56
CA LEU F 57 24.75 40.62 25.17
C LEU F 57 24.27 39.20 24.83
N ALA F 58 23.37 38.69 25.67
CA ALA F 58 22.66 37.44 25.41
C ALA F 58 21.39 37.71 24.61
N ARG F 59 21.37 37.28 23.35
CA ARG F 59 20.23 37.58 22.47
C ARG F 59 18.88 37.29 23.14
N PRO F 60 18.04 38.32 23.24
CA PRO F 60 16.83 38.29 24.09
C PRO F 60 15.86 37.20 23.71
N GLY F 61 15.50 36.34 24.68
CA GLY F 61 14.74 35.14 24.39
C GLY F 61 15.64 33.93 24.60
N ALA F 62 16.61 34.11 25.49
CA ALA F 62 17.42 33.02 26.03
C ALA F 62 17.08 32.94 27.50
N VAL F 63 17.14 31.75 28.07
CA VAL F 63 16.78 31.57 29.47
C VAL F 63 18.02 31.64 30.38
N LEU F 64 17.98 32.56 31.33
CA LEU F 64 19.00 32.71 32.36
C LEU F 64 18.73 31.76 33.54
N GLU F 65 19.78 31.36 34.25
CA GLU F 65 19.66 30.40 35.34
C GLU F 65 20.66 30.61 36.47
N PHE F 66 20.20 31.13 37.60
CA PHE F 66 21.04 31.32 38.78
C PHE F 66 21.43 29.99 39.41
N ALA F 67 22.69 29.60 39.24
CA ALA F 67 23.20 28.35 39.78
C ALA F 67 23.69 28.50 41.23
N GLY F 68 24.11 29.71 41.61
CA GLY F 68 24.81 29.96 42.86
C GLY F 68 24.05 29.82 44.18
N LYS F 69 23.63 30.96 44.75
CA LYS F 69 22.89 30.98 46.02
C LYS F 69 21.88 32.13 46.08
N ARG F 70 20.62 31.79 46.37
CA ARG F 70 19.51 32.76 46.34
C ARG F 70 18.37 32.39 47.32
N GLY F 71 17.48 33.35 47.59
CA GLY F 71 16.31 33.16 48.44
C GLY F 71 16.61 33.12 49.92
N GLY F 72 17.45 32.13 50.34
CA GLY F 72 18.08 32.14 51.66
C GLY F 72 19.59 32.01 51.46
N LYS F 73 20.16 30.86 51.73
CA LYS F 73 21.57 30.57 51.42
C LYS F 73 21.87 29.11 50.97
N PRO F 74 20.93 28.23 50.66
CA PRO F 74 21.23 26.85 50.22
C PRO F 74 21.86 26.75 48.81
N SER F 75 23.16 26.45 48.76
CA SER F 75 23.92 26.32 47.50
C SER F 75 24.04 24.85 47.07
N PRO F 76 23.26 24.43 46.07
CA PRO F 76 23.11 23.00 45.75
C PRO F 76 24.45 22.39 45.33
N LYS F 77 24.66 21.10 45.57
CA LYS F 77 25.98 20.50 45.28
C LYS F 77 26.35 20.65 43.82
N GLN F 78 27.65 20.68 43.54
CA GLN F 78 28.15 20.78 42.18
C GLN F 78 27.44 19.77 41.27
N ARG F 79 27.30 18.53 41.73
CA ARG F 79 26.61 17.46 41.03
C ARG F 79 25.27 17.86 40.41
N ASP F 80 24.52 18.71 41.12
CA ASP F 80 23.21 19.19 40.67
C ASP F 80 23.30 20.20 39.51
N ILE F 81 24.17 21.19 39.68
CA ILE F 81 24.45 22.17 38.63
C ILE F 81 25.00 21.46 37.40
N SER F 82 25.97 20.55 37.64
CA SER F 82 26.56 19.74 36.59
C SER F 82 25.45 19.07 35.81
N LEU F 83 24.62 18.30 36.50
CA LEU F 83 23.63 17.44 35.85
C LEU F 83 22.58 18.22 35.07
N ARG F 84 22.29 19.44 35.53
CA ARG F 84 21.37 20.33 34.83
C ARG F 84 21.96 20.81 33.48
N LEU F 85 23.28 20.94 33.41
CA LEU F 85 23.95 21.23 32.13
C LEU F 85 23.80 20.03 31.18
N VAL F 86 23.97 18.82 31.70
CA VAL F 86 23.74 17.59 30.92
C VAL F 86 22.28 17.53 30.49
N GLU F 87 21.37 17.66 31.46
CA GLU F 87 19.95 17.61 31.18
C GLU F 87 19.55 18.65 30.12
N LEU F 88 20.09 19.86 30.23
CA LEU F 88 19.84 20.89 29.22
C LEU F 88 20.50 20.58 27.89
N ALA F 89 21.69 19.99 27.93
CA ALA F 89 22.40 19.59 26.72
C ALA F 89 21.62 18.53 25.96
N ARG F 90 21.33 17.42 26.63
CA ARG F 90 20.59 16.32 26.02
C ARG F 90 19.24 16.76 25.43
N ALA F 91 18.71 17.89 25.88
CA ALA F 91 17.41 18.37 25.41
C ALA F 91 17.50 19.37 24.23
N GLY F 92 18.64 19.39 23.55
CA GLY F 92 18.80 20.16 22.31
C GLY F 92 19.48 21.52 22.40
N ASN F 93 19.52 22.09 23.60
CA ASN F 93 20.01 23.46 23.83
C ASN F 93 21.48 23.74 23.52
N ARG F 94 21.75 24.99 23.16
CA ARG F 94 23.11 25.50 23.14
C ARG F 94 23.39 26.01 24.57
N VAL F 95 24.04 25.17 25.37
CA VAL F 95 24.23 25.42 26.80
C VAL F 95 25.54 26.16 27.09
N LEU F 96 25.43 27.25 27.84
CA LEU F 96 26.56 28.06 28.22
C LEU F 96 26.61 28.18 29.74
N ARG F 97 27.62 27.56 30.33
CA ARG F 97 27.88 27.66 31.76
C ARG F 97 28.85 28.84 32.01
N LEU F 98 28.27 29.98 32.36
CA LEU F 98 29.03 31.20 32.63
C LEU F 98 29.50 31.17 34.07
N LYS F 99 30.81 31.21 34.26
CA LYS F 99 31.40 31.22 35.59
C LYS F 99 32.32 32.43 35.73
N GLY F 100 32.42 32.94 36.96
CA GLY F 100 33.26 34.09 37.26
C GLY F 100 34.71 33.76 37.05
N GLY F 101 35.50 34.75 36.63
CA GLY F 101 36.93 34.56 36.44
C GLY F 101 37.31 33.58 35.35
N ASP F 102 37.98 32.50 35.73
CA ASP F 102 38.34 31.41 34.84
C ASP F 102 37.74 30.09 35.34
N PRO F 103 37.24 29.27 34.44
CA PRO F 103 36.60 28.00 34.81
C PRO F 103 37.45 27.07 35.68
N PHE F 104 38.76 27.16 35.51
CA PHE F 104 39.66 26.18 36.09
C PHE F 104 40.49 26.71 37.24
N VAL F 105 40.25 27.94 37.67
CA VAL F 105 41.00 28.53 38.78
C VAL F 105 40.00 28.61 39.92
N PHE F 106 39.78 27.44 40.53
CA PHE F 106 39.05 27.34 41.83
C PHE F 106 37.55 27.53 41.54
N GLY F 107 37.11 27.07 40.37
CA GLY F 107 35.75 27.27 39.92
C GLY F 107 34.91 26.01 39.70
N ARG F 108 35.45 24.82 40.04
CA ARG F 108 34.71 23.56 39.84
C ARG F 108 34.49 23.20 38.35
N GLY F 109 35.26 23.84 37.46
CA GLY F 109 35.13 23.65 36.03
C GLY F 109 35.57 22.30 35.50
N GLY F 110 36.66 21.77 36.07
CA GLY F 110 37.13 20.44 35.74
C GLY F 110 36.12 19.41 36.22
N GLU F 111 35.57 19.65 37.41
CA GLU F 111 34.52 18.80 37.96
C GLU F 111 33.32 18.75 37.03
N GLU F 112 32.84 19.92 36.62
CA GLU F 112 31.74 20.02 35.69
C GLU F 112 31.99 19.25 34.39
N ALA F 113 33.16 19.48 33.79
CA ALA F 113 33.56 18.77 32.57
C ALA F 113 33.54 17.26 32.76
N LEU F 114 34.01 16.80 33.92
CA LEU F 114 34.05 15.38 34.26
C LEU F 114 32.67 14.69 34.26
N THR F 115 31.61 15.42 34.59
CA THR F 115 30.24 14.90 34.48
C THR F 115 29.73 14.96 33.02
N LEU F 116 30.06 16.05 32.33
CA LEU F 116 29.78 16.20 30.90
C LEU F 116 30.34 15.05 30.05
N VAL F 117 31.64 14.72 30.27
CA VAL F 117 32.26 13.58 29.61
C VAL F 117 31.50 12.30 30.00
N GLU F 118 31.38 12.10 31.31
CA GLU F 118 30.65 10.99 31.92
C GLU F 118 29.35 10.67 31.19
N HIS F 119 28.68 11.73 30.70
CA HIS F 119 27.33 11.61 30.15
C HIS F 119 27.29 11.79 28.62
N GLN F 120 28.50 11.62 28.01
CA GLN F 120 28.73 11.62 26.56
C GLN F 120 28.31 12.91 25.84
N VAL F 121 28.36 14.03 26.57
CA VAL F 121 28.05 15.36 26.03
C VAL F 121 29.35 16.11 25.74
N PRO F 122 29.56 16.49 24.48
CA PRO F 122 30.75 17.24 24.06
C PRO F 122 30.79 18.62 24.70
N PHE F 123 31.99 19.17 24.88
CA PHE F 123 32.13 20.47 25.51
C PHE F 123 33.33 21.27 25.00
N ARG F 124 33.40 22.53 25.45
CA ARG F 124 34.53 23.43 25.19
C ARG F 124 34.78 24.28 26.44
N ILE F 125 36.05 24.49 26.75
CA ILE F 125 36.47 25.42 27.79
C ILE F 125 36.83 26.70 27.11
N VAL F 126 36.41 27.81 27.70
CA VAL F 126 36.82 29.13 27.24
C VAL F 126 37.43 29.82 28.45
N PRO F 127 38.76 29.87 28.47
CA PRO F 127 39.50 30.56 29.53
C PRO F 127 39.03 31.97 29.83
N GLY F 128 39.19 32.41 31.07
CA GLY F 128 38.89 33.77 31.47
C GLY F 128 39.99 34.43 32.25
N ILE F 129 39.89 35.74 32.40
CA ILE F 129 40.76 36.50 33.28
C ILE F 129 40.41 36.13 34.73
N THR F 130 41.43 35.82 35.51
CA THR F 130 41.21 35.41 36.89
C THR F 130 41.46 36.58 37.82
N ALA F 131 40.77 36.60 38.95
CA ALA F 131 40.81 37.78 39.80
C ALA F 131 42.22 37.89 40.34
N GLY F 132 42.84 36.72 40.58
CA GLY F 132 44.20 36.65 41.10
C GLY F 132 45.25 37.30 40.23
N ILE F 133 44.92 37.51 38.95
CA ILE F 133 45.90 38.15 38.05
C ILE F 133 45.38 39.44 37.40
N GLY F 134 44.24 39.38 36.71
CA GLY F 134 43.62 40.57 36.14
C GLY F 134 43.15 41.53 37.22
N GLY F 135 42.42 40.98 38.20
CA GLY F 135 42.01 41.75 39.35
C GLY F 135 43.15 42.52 39.97
N LEU F 136 44.20 41.81 40.40
CA LEU F 136 45.38 42.48 40.95
C LEU F 136 45.94 43.56 40.02
N ALA F 137 45.92 43.30 38.70
CA ALA F 137 46.42 44.30 37.76
C ALA F 137 45.59 45.56 37.91
N TYR F 138 44.28 45.40 38.06
CA TYR F 138 43.42 46.57 38.15
C TYR F 138 43.75 47.41 39.38
N ALA F 139 44.49 46.84 40.34
CA ALA F 139 44.86 47.57 41.56
C ALA F 139 46.32 48.02 41.53
N GLY F 140 46.96 47.88 40.36
CA GLY F 140 48.35 48.21 40.17
C GLY F 140 49.29 47.23 40.84
N ILE F 141 48.84 46.02 41.11
CA ILE F 141 49.73 45.05 41.75
C ILE F 141 50.08 43.90 40.81
N PRO F 142 51.28 43.91 40.25
CA PRO F 142 51.66 42.81 39.37
C PRO F 142 51.98 41.56 40.19
N VAL F 143 51.62 40.43 39.61
CA VAL F 143 51.73 39.12 40.26
C VAL F 143 53.18 38.62 40.23
N THR F 144 53.95 39.22 39.34
CA THR F 144 55.29 38.77 39.02
C THR F 144 56.09 39.99 38.64
N HIS F 145 57.30 40.08 39.18
CA HIS F 145 58.19 41.18 38.87
C HIS F 145 59.62 40.77 39.17
N ARG F 146 60.50 40.88 38.17
CA ARG F 146 61.86 40.31 38.26
C ARG F 146 62.59 40.59 39.57
N GLU F 147 62.61 41.84 40.03
CA GLU F 147 63.35 42.15 41.26
C GLU F 147 62.70 41.63 42.56
N VAL F 148 61.53 41.02 42.44
CA VAL F 148 60.79 40.57 43.62
C VAL F 148 60.62 39.05 43.70
N ASN F 149 60.24 38.41 42.59
CA ASN F 149 59.86 36.99 42.63
C ASN F 149 59.98 36.24 41.32
N HIS F 150 60.51 35.04 41.44
CA HIS F 150 60.59 34.13 40.34
C HIS F 150 59.50 33.12 40.53
N ALA F 151 58.67 33.33 41.56
CA ALA F 151 57.59 32.40 41.83
C ALA F 151 56.40 33.05 42.52
N VAL F 152 55.20 32.54 42.20
CA VAL F 152 53.93 32.94 42.81
C VAL F 152 53.09 31.73 43.10
N THR F 153 52.38 31.76 44.23
CA THR F 153 51.44 30.69 44.52
C THR F 153 50.02 31.20 44.64
N PHE F 154 49.11 30.55 43.92
CA PHE F 154 47.68 30.84 44.04
C PHE F 154 47.05 29.75 44.91
N LEU F 155 46.10 30.14 45.77
CA LEU F 155 45.55 29.25 46.81
C LEU F 155 44.12 29.63 47.26
N THR F 156 43.35 28.66 47.78
CA THR F 156 42.08 28.93 48.48
C THR F 156 42.23 28.88 49.97
N GLY F 157 41.61 29.84 50.63
CA GLY F 157 41.59 29.84 52.07
C GLY F 157 40.32 29.23 52.59
N HIS F 158 39.46 28.73 51.69
CA HIS F 158 38.10 28.34 52.07
C HIS F 158 38.01 27.37 53.26
N ASP F 159 39.04 26.56 53.50
CA ASP F 159 39.06 25.75 54.73
C ASP F 159 40.40 25.79 55.49
N SER F 160 40.66 26.94 56.11
CA SER F 160 41.77 27.14 57.04
C SER F 160 41.20 27.70 58.35
N SER F 161 40.58 26.84 59.17
CA SER F 161 39.73 27.27 60.29
C SER F 161 40.43 27.62 61.64
N GLY F 162 41.75 27.44 61.70
CA GLY F 162 42.53 27.69 62.92
C GLY F 162 44.03 27.74 62.69
N PRO F 165 40.42 18.98 58.10
CA PRO F 165 40.77 18.88 56.69
C PRO F 165 41.87 19.87 56.25
N ASP F 166 42.98 19.88 56.99
CA ASP F 166 44.17 20.68 56.68
C ASP F 166 44.94 19.99 55.52
N ARG F 167 45.12 20.66 54.38
CA ARG F 167 45.66 19.97 53.20
C ARG F 167 46.71 20.71 52.38
N ILE F 168 47.27 21.78 52.97
CA ILE F 168 47.91 22.84 52.19
C ILE F 168 49.26 23.21 52.73
N ASN F 169 50.34 22.59 52.28
CA ASN F 169 51.62 22.84 52.91
C ASN F 169 52.03 24.33 53.08
N TRP F 170 51.56 24.94 54.19
CA TRP F 170 51.73 26.37 54.45
C TRP F 170 53.19 26.72 54.66
N GLN F 171 54.00 25.75 55.07
CA GLN F 171 55.39 26.05 55.22
C GLN F 171 56.09 26.13 53.85
N GLY F 172 55.72 25.26 52.93
CA GLY F 172 56.37 25.20 51.63
C GLY F 172 56.14 26.51 50.90
N ILE F 173 54.89 26.98 50.99
CA ILE F 173 54.48 28.22 50.39
C ILE F 173 55.22 29.37 51.04
N ALA F 174 55.37 29.31 52.36
CA ALA F 174 55.98 30.43 53.07
C ALA F 174 57.45 30.59 52.72
N SER F 175 58.12 29.48 52.45
CA SER F 175 59.55 29.47 52.21
C SER F 175 59.84 29.53 50.74
N GLY F 176 58.86 29.17 49.92
CA GLY F 176 59.10 28.97 48.51
C GLY F 176 58.51 30.04 47.60
N SER F 177 57.53 30.77 48.12
CA SER F 177 56.74 31.65 47.29
C SER F 177 56.76 33.10 47.72
N PRO F 178 57.70 33.90 47.24
CA PRO F 178 57.75 35.30 47.66
C PRO F 178 56.47 36.07 47.35
N VAL F 179 55.73 35.90 46.26
CA VAL F 179 54.36 36.50 46.25
C VAL F 179 53.35 35.38 46.54
N ILE F 180 52.34 35.66 47.36
CA ILE F 180 51.23 34.73 47.62
C ILE F 180 49.87 35.36 47.27
N VAL F 181 49.07 34.67 46.44
CA VAL F 181 47.77 35.20 45.99
C VAL F 181 46.65 34.32 46.55
N MET F 182 45.75 34.91 47.33
CA MET F 182 44.79 34.12 48.09
C MET F 182 43.35 34.43 47.72
N TYR F 183 42.65 33.38 47.29
CA TYR F 183 41.24 33.41 46.98
C TYR F 183 40.47 32.85 48.17
N MET F 184 39.31 33.43 48.46
CA MET F 184 38.42 32.91 49.49
C MET F 184 39.10 32.79 50.84
N ALA F 185 39.86 33.82 51.20
CA ALA F 185 40.71 33.77 52.37
C ALA F 185 40.26 34.71 53.49
N MET F 186 39.24 35.53 53.22
CA MET F 186 38.76 36.56 54.15
C MET F 186 38.19 36.09 55.50
N LYS F 187 37.33 35.09 55.50
CA LYS F 187 36.82 34.53 56.76
C LYS F 187 37.98 33.96 57.62
N HIS F 188 39.08 33.61 56.97
CA HIS F 188 40.18 32.92 57.64
C HIS F 188 41.48 33.73 57.71
N ILE F 189 41.39 35.05 57.54
CA ILE F 189 42.59 35.88 57.48
C ILE F 189 43.52 35.81 58.70
N GLY F 190 42.96 35.85 59.89
CA GLY F 190 43.75 35.68 61.10
C GLY F 190 44.52 34.37 61.22
N ALA F 191 43.87 33.24 60.92
CA ALA F 191 44.55 31.95 60.94
C ALA F 191 45.68 31.94 59.91
N ILE F 192 45.42 32.45 58.70
CA ILE F 192 46.41 32.39 57.65
C ILE F 192 47.66 33.22 57.98
N THR F 193 47.48 34.47 58.37
CA THR F 193 48.64 35.33 58.64
C THR F 193 49.50 34.79 59.78
N ALA F 194 48.85 34.32 60.85
CA ALA F 194 49.55 33.70 61.99
C ALA F 194 50.44 32.56 61.51
N ASN F 195 49.85 31.75 60.65
CA ASN F 195 50.55 30.69 60.01
C ASN F 195 51.79 31.16 59.25
N LEU F 196 51.63 32.21 58.45
CA LEU F 196 52.73 32.69 57.61
C LEU F 196 53.84 33.25 58.49
N ILE F 197 53.46 33.99 59.55
CA ILE F 197 54.42 34.56 60.47
C ILE F 197 55.15 33.45 61.27
N ALA F 198 54.43 32.39 61.65
CA ALA F 198 55.05 31.32 62.42
C ALA F 198 55.92 30.46 61.52
N GLY F 199 55.75 30.64 60.23
CA GLY F 199 56.59 29.93 59.28
C GLY F 199 57.81 30.73 58.85
N GLY F 200 57.98 31.93 59.40
CA GLY F 200 59.17 32.71 59.13
C GLY F 200 58.98 34.01 58.37
N ARG F 201 57.80 34.23 57.80
CA ARG F 201 57.46 35.46 57.08
C ARG F 201 57.45 36.65 58.01
N SER F 202 57.93 37.79 57.54
CA SER F 202 58.06 38.91 58.47
C SER F 202 56.70 39.43 58.86
N PRO F 203 56.48 39.74 60.13
CA PRO F 203 55.29 40.53 60.48
C PRO F 203 55.51 41.81 59.68
N ASP F 204 54.52 42.65 59.53
CA ASP F 204 54.78 43.87 58.77
C ASP F 204 55.46 43.68 57.40
N GLU F 205 55.32 42.48 56.83
CA GLU F 205 55.51 42.26 55.41
C GLU F 205 54.25 42.72 54.70
N PRO F 206 54.38 43.60 53.72
CA PRO F 206 53.23 44.15 52.99
C PRO F 206 52.21 43.10 52.52
N VAL F 207 50.94 43.41 52.74
CA VAL F 207 49.81 42.61 52.30
C VAL F 207 48.84 43.60 51.66
N ALA F 208 48.08 43.17 50.65
CA ALA F 208 46.97 44.01 50.14
C ALA F 208 45.68 43.22 49.96
N PHE F 209 44.57 43.82 50.36
CA PHE F 209 43.22 43.29 50.16
C PHE F 209 42.60 44.02 49.00
N VAL F 210 42.10 43.28 48.03
CA VAL F 210 41.47 43.86 46.86
C VAL F 210 40.05 43.33 46.71
N CYS F 211 39.08 44.20 47.02
CA CYS F 211 37.66 43.86 46.99
C CYS F 211 36.96 44.30 45.71
N ASN F 212 36.16 43.39 45.16
CA ASN F 212 35.43 43.60 43.91
C ASN F 212 36.32 44.25 42.89
N ALA F 213 37.44 43.57 42.62
CA ALA F 213 38.40 44.01 41.64
C ALA F 213 37.74 44.15 40.28
N ALA F 214 38.16 45.17 39.55
CA ALA F 214 37.76 45.40 38.17
C ALA F 214 36.27 45.73 38.02
N THR F 215 35.75 46.46 39.01
CA THR F 215 34.38 47.01 39.03
C THR F 215 34.40 48.44 39.62
N PRO F 216 33.39 49.26 39.31
CA PRO F 216 33.28 50.58 39.96
C PRO F 216 33.35 50.54 41.50
N GLN F 217 32.95 49.40 42.07
CA GLN F 217 32.96 49.22 43.51
C GLN F 217 34.34 48.90 44.11
N GLN F 218 35.33 48.52 43.28
CA GLN F 218 36.68 48.18 43.77
C GLN F 218 37.21 48.95 44.99
N ALA F 219 37.75 48.21 45.97
CA ALA F 219 38.40 48.80 47.14
C ALA F 219 39.70 48.08 47.54
N VAL F 220 40.72 48.86 47.90
CA VAL F 220 42.01 48.28 48.18
C VAL F 220 42.49 48.73 49.54
N LEU F 221 42.88 47.80 50.40
CA LEU F 221 43.51 48.19 51.64
C LEU F 221 44.86 47.54 51.79
N GLU F 222 45.85 48.38 52.11
CA GLU F 222 47.23 47.96 52.34
C GLU F 222 47.53 47.96 53.80
N THR F 223 48.35 46.99 54.15
CA THR F 223 48.43 46.52 55.49
C THR F 223 49.65 45.61 55.51
N THR F 224 49.68 44.71 56.47
CA THR F 224 50.90 44.07 56.88
C THR F 224 50.44 42.71 57.39
N LEU F 225 51.30 41.69 57.36
CA LEU F 225 50.87 40.37 57.89
C LEU F 225 50.35 40.49 59.33
N ALA F 226 51.10 41.17 60.19
CA ALA F 226 50.66 41.39 61.58
C ALA F 226 49.34 42.16 61.65
N ARG F 227 49.15 43.19 60.82
CA ARG F 227 47.98 44.05 60.98
C ARG F 227 46.78 43.71 60.08
N ALA F 228 46.93 42.72 59.20
CA ALA F 228 45.87 42.43 58.22
C ALA F 228 44.49 42.22 58.87
N GLU F 229 44.45 41.40 59.91
CA GLU F 229 43.21 40.94 60.51
C GLU F 229 42.49 42.04 61.28
N ALA F 230 43.25 42.79 62.06
CA ALA F 230 42.62 43.79 62.91
C ALA F 230 42.03 44.87 62.03
N ASP F 231 42.76 45.27 60.99
CA ASP F 231 42.27 46.41 60.25
C ASP F 231 41.51 46.13 58.95
N VAL F 232 41.44 44.87 58.53
CA VAL F 232 40.37 44.46 57.63
C VAL F 232 39.04 44.52 58.40
N ALA F 233 39.07 44.08 59.66
CA ALA F 233 37.90 44.17 60.53
C ALA F 233 37.46 45.62 60.67
N ALA F 234 38.40 46.50 60.99
CA ALA F 234 38.10 47.92 61.19
C ALA F 234 37.60 48.59 59.91
N ALA F 235 38.08 48.15 58.75
CA ALA F 235 37.65 48.74 57.49
C ALA F 235 36.32 48.15 56.97
N GLY F 236 35.88 47.07 57.60
CA GLY F 236 34.60 46.45 57.27
C GLY F 236 34.57 45.66 55.97
N LEU F 237 35.71 45.51 55.31
CA LEU F 237 35.79 44.96 53.96
C LEU F 237 35.21 43.54 53.81
N GLU F 238 34.69 43.25 52.62
CA GLU F 238 33.95 41.99 52.40
C GLU F 238 34.28 41.25 51.09
N PRO F 239 34.13 39.91 51.09
CA PRO F 239 34.26 39.12 49.85
C PRO F 239 33.23 39.60 48.82
N PRO F 240 33.54 39.49 47.53
CA PRO F 240 34.76 38.80 47.04
C PRO F 240 36.02 39.66 47.14
N ALA F 241 37.08 39.07 47.68
CA ALA F 241 38.38 39.74 47.77
C ALA F 241 39.53 38.83 47.38
N ILE F 242 40.59 39.43 46.85
CA ILE F 242 41.83 38.72 46.69
C ILE F 242 42.75 39.30 47.74
N VAL F 243 43.51 38.43 48.41
CA VAL F 243 44.53 38.90 49.34
C VAL F 243 45.84 38.54 48.71
N VAL F 244 46.73 39.53 48.55
CA VAL F 244 48.07 39.23 48.04
C VAL F 244 49.09 39.56 49.11
N VAL F 245 50.10 38.71 49.26
CA VAL F 245 51.19 38.96 50.21
C VAL F 245 52.52 39.07 49.48
N GLY F 246 53.37 40.00 49.90
CA GLY F 246 54.71 40.14 49.34
C GLY F 246 55.03 41.52 48.80
N GLU F 247 56.31 41.73 48.45
CA GLU F 247 56.82 43.04 48.07
C GLU F 247 56.13 43.70 46.86
N VAL F 248 55.54 42.89 45.98
CA VAL F 248 54.80 43.48 44.84
C VAL F 248 53.73 44.45 45.30
N VAL F 249 53.32 44.34 46.56
CA VAL F 249 52.29 45.24 47.09
C VAL F 249 52.79 46.68 47.09
N ARG F 250 54.08 46.86 47.38
CA ARG F 250 54.73 48.18 47.28
C ARG F 250 54.67 48.83 45.91
N LEU F 251 54.35 48.08 44.87
CA LEU F 251 54.29 48.67 43.52
C LEU F 251 53.02 49.44 43.24
N ARG F 252 52.00 49.27 44.11
CA ARG F 252 50.70 49.90 43.88
C ARG F 252 50.76 51.44 43.92
N ALA F 253 51.52 51.99 44.88
CA ALA F 253 51.79 53.42 44.90
C ALA F 253 52.29 53.90 43.54
N ALA F 254 53.09 53.09 42.85
CA ALA F 254 53.56 53.44 41.51
C ALA F 254 52.59 53.12 40.35
N LEU F 255 51.86 52.01 40.43
CA LEU F 255 51.16 51.52 39.24
C LEU F 255 49.64 51.59 39.29
N ASP F 256 49.14 52.37 40.25
CA ASP F 256 47.70 52.50 40.46
C ASP F 256 47.14 53.40 39.34
N TRP F 257 47.08 52.81 38.15
CA TRP F 257 46.52 53.46 36.97
C TRP F 257 45.02 53.73 37.05
N ILE F 258 44.29 53.01 37.91
CA ILE F 258 42.88 53.32 38.15
C ILE F 258 42.71 54.70 38.77
N GLY F 259 43.81 55.27 39.29
CA GLY F 259 43.96 56.72 39.45
C GLY F 259 43.88 57.51 38.13
N ALA F 260 42.98 57.11 37.23
CA ALA F 260 42.57 57.91 36.08
C ALA F 260 41.65 59.02 36.60
N LEU F 261 41.47 59.01 37.92
CA LEU F 261 40.94 60.15 38.65
C LEU F 261 42.07 60.98 39.27
N ASP F 262 43.23 60.89 38.54
CA ASP F 262 44.43 61.74 38.70
C ASP F 262 45.14 61.76 40.08
N GLY F 263 45.15 60.63 40.79
CA GLY F 263 46.00 60.46 41.96
C GLY F 263 47.44 60.34 41.50
N ARG F 264 48.31 61.22 41.99
CA ARG F 264 49.71 61.31 41.53
C ARG F 264 50.54 60.04 41.79
N LYS F 265 50.23 58.98 41.04
CA LYS F 265 50.81 57.65 41.27
C LYS F 265 52.24 57.53 40.73
N LEU F 266 53.22 57.76 41.61
CA LEU F 266 54.63 57.80 41.22
C LEU F 266 55.61 57.20 42.26
N ALA F 267 56.79 56.80 41.80
CA ALA F 267 57.87 56.31 42.66
C ALA F 267 59.22 56.37 41.93
N PHE G 6 -4.59 -12.71 -24.21
CA PHE G 6 -4.36 -13.18 -25.62
C PHE G 6 -4.98 -14.55 -25.92
N ALA G 7 -4.29 -15.39 -26.70
CA ALA G 7 -4.85 -16.63 -27.24
C ALA G 7 -3.87 -17.80 -27.13
N GLY G 8 -4.36 -18.99 -27.50
CA GLY G 8 -3.74 -20.27 -27.16
C GLY G 8 -4.07 -20.72 -25.74
N LEU G 9 -4.65 -19.81 -24.96
CA LEU G 9 -5.05 -20.05 -23.57
C LEU G 9 -6.26 -20.99 -23.52
N PRO G 10 -6.40 -21.74 -22.44
CA PRO G 10 -7.51 -22.69 -22.27
C PRO G 10 -8.88 -22.00 -22.23
N ALA G 11 -9.89 -22.66 -22.76
CA ALA G 11 -11.22 -22.09 -22.88
C ALA G 11 -12.06 -22.45 -21.66
N LEU G 12 -12.90 -21.52 -21.20
CA LEU G 12 -13.92 -21.82 -20.21
C LEU G 12 -14.99 -22.68 -20.87
N GLU G 13 -15.10 -23.94 -20.42
CA GLU G 13 -15.77 -24.99 -21.16
C GLU G 13 -17.28 -24.96 -21.01
N LYS G 14 -18.11 -25.99 -20.95
CA LYS G 14 -19.51 -25.78 -20.62
C LYS G 14 -19.63 -26.86 -19.60
N GLY G 15 -20.43 -26.61 -18.57
CA GLY G 15 -20.50 -27.49 -17.41
C GLY G 15 -19.42 -27.20 -16.42
N SER G 16 -18.58 -26.22 -16.70
CA SER G 16 -17.49 -25.95 -15.77
C SER G 16 -17.47 -24.57 -15.11
N VAL G 17 -16.77 -24.52 -13.98
CA VAL G 17 -16.66 -23.34 -13.16
C VAL G 17 -15.19 -22.98 -12.96
N TRP G 18 -14.82 -21.76 -13.33
CA TRP G 18 -13.52 -21.25 -12.92
C TRP G 18 -13.65 -20.37 -11.70
N LEU G 19 -12.78 -20.62 -10.73
CA LEU G 19 -12.73 -19.82 -9.52
C LEU G 19 -11.58 -18.84 -9.76
N VAL G 20 -11.92 -17.57 -9.99
CA VAL G 20 -10.93 -16.65 -10.55
C VAL G 20 -10.63 -15.49 -9.64
N GLY G 21 -9.32 -15.22 -9.42
CA GLY G 21 -8.91 -14.05 -8.67
C GLY G 21 -9.13 -12.76 -9.46
N ALA G 22 -9.84 -11.80 -8.88
CA ALA G 22 -9.99 -10.49 -9.53
C ALA G 22 -8.84 -9.58 -9.20
N GLY G 23 -7.99 -9.99 -8.27
CA GLY G 23 -7.02 -9.10 -7.65
C GLY G 23 -7.70 -8.14 -6.70
N PRO G 24 -6.90 -7.23 -6.12
CA PRO G 24 -7.37 -6.27 -5.11
C PRO G 24 -8.23 -5.12 -5.65
N GLY G 25 -8.15 -4.82 -6.93
CA GLY G 25 -8.88 -3.69 -7.46
C GLY G 25 -8.52 -3.27 -8.88
N ASP G 26 -7.32 -2.70 -9.04
CA ASP G 26 -6.82 -2.33 -10.35
C ASP G 26 -7.15 -3.43 -11.38
N PRO G 27 -7.95 -3.10 -12.38
CA PRO G 27 -8.15 -4.08 -13.46
C PRO G 27 -6.73 -4.09 -13.98
N GLY G 28 -6.28 -5.01 -14.77
CA GLY G 28 -4.86 -4.71 -15.04
C GLY G 28 -3.93 -5.42 -14.07
N LEU G 29 -4.34 -5.57 -12.80
CA LEU G 29 -3.78 -6.69 -12.01
C LEU G 29 -4.44 -8.03 -12.36
N LEU G 30 -5.48 -8.03 -13.20
CA LEU G 30 -6.06 -9.29 -13.66
C LEU G 30 -5.00 -10.04 -14.46
N THR G 31 -4.93 -11.35 -14.28
CA THR G 31 -4.15 -12.22 -15.15
C THR G 31 -4.86 -12.35 -16.49
N LEU G 32 -4.07 -12.77 -17.48
CA LEU G 32 -4.55 -13.05 -18.83
C LEU G 32 -5.66 -14.12 -18.77
N HIS G 33 -5.47 -15.11 -17.89
CA HIS G 33 -6.45 -16.16 -17.66
C HIS G 33 -7.79 -15.57 -17.15
N ALA G 34 -7.69 -14.69 -16.14
CA ALA G 34 -8.87 -13.97 -15.63
C ALA G 34 -9.60 -13.21 -16.73
N ALA G 35 -8.86 -12.36 -17.47
CA ALA G 35 -9.42 -11.58 -18.57
C ALA G 35 -10.04 -12.48 -19.63
N ASN G 36 -9.31 -13.50 -20.06
CA ASN G 36 -9.82 -14.47 -21.02
C ASN G 36 -11.15 -15.07 -20.52
N ALA G 37 -11.19 -15.48 -19.24
CA ALA G 37 -12.42 -16.00 -18.66
C ALA G 37 -13.54 -14.95 -18.68
N LEU G 38 -13.21 -13.74 -18.24
CA LEU G 38 -14.19 -12.66 -18.26
C LEU G 38 -14.82 -12.57 -19.64
N ARG G 39 -14.02 -12.74 -20.71
CA ARG G 39 -14.50 -12.55 -22.09
C ARG G 39 -15.46 -13.63 -22.55
N GLN G 40 -15.35 -14.81 -21.99
CA GLN G 40 -16.12 -15.92 -22.52
C GLN G 40 -17.14 -16.55 -21.54
N ALA G 41 -17.29 -15.96 -20.37
CA ALA G 41 -18.24 -16.45 -19.38
C ALA G 41 -19.70 -16.26 -19.81
N ASP G 42 -20.58 -17.10 -19.28
CA ASP G 42 -22.01 -16.95 -19.53
C ASP G 42 -22.65 -16.24 -18.36
N VAL G 43 -22.12 -16.53 -17.17
CA VAL G 43 -22.62 -15.96 -15.95
C VAL G 43 -21.43 -15.83 -15.02
N ILE G 44 -21.29 -14.63 -14.47
CA ILE G 44 -20.21 -14.28 -13.58
C ILE G 44 -20.79 -14.07 -12.19
N VAL G 45 -20.44 -14.96 -11.27
CA VAL G 45 -20.91 -14.85 -9.89
C VAL G 45 -19.82 -14.18 -9.09
N HIS G 46 -20.07 -12.95 -8.65
CA HIS G 46 -19.01 -12.12 -8.09
C HIS G 46 -19.32 -11.60 -6.69
N ASP G 47 -18.26 -11.19 -6.01
CA ASP G 47 -18.28 -10.58 -4.69
C ASP G 47 -18.59 -9.10 -4.72
N ALA G 48 -18.88 -8.60 -3.53
CA ALA G 48 -18.38 -7.28 -3.06
C ALA G 48 -17.11 -6.89 -3.81
N LEU G 49 -17.28 -6.17 -4.91
CA LEU G 49 -16.10 -5.86 -5.75
C LEU G 49 -15.61 -4.47 -5.37
N VAL G 50 -14.29 -4.35 -5.23
CA VAL G 50 -13.65 -3.07 -4.98
C VAL G 50 -13.65 -2.21 -6.27
N ASN G 51 -13.46 -2.87 -7.44
CA ASN G 51 -13.71 -2.29 -8.77
C ASN G 51 -14.71 -3.10 -9.60
N GLU G 52 -15.86 -2.50 -9.88
CA GLU G 52 -16.85 -3.06 -10.81
C GLU G 52 -16.40 -2.77 -12.25
N ASP G 53 -15.08 -2.79 -12.45
CA ASP G 53 -14.46 -2.29 -13.68
C ASP G 53 -14.10 -3.46 -14.59
N CYS G 54 -13.59 -4.55 -13.97
CA CYS G 54 -13.30 -5.79 -14.69
C CYS G 54 -14.57 -6.32 -15.33
N LEU G 55 -15.70 -6.14 -14.65
CA LEU G 55 -16.98 -6.62 -15.16
C LEU G 55 -17.25 -6.12 -16.57
N LYS G 56 -16.64 -5.01 -16.95
CA LYS G 56 -16.86 -4.44 -18.26
C LYS G 56 -16.27 -5.32 -19.35
N LEU G 57 -15.45 -6.31 -18.95
CA LEU G 57 -14.81 -7.19 -19.91
C LEU G 57 -15.71 -8.34 -20.34
N ALA G 58 -16.77 -8.56 -19.56
CA ALA G 58 -17.79 -9.56 -19.84
C ALA G 58 -18.44 -9.28 -21.18
N ARG G 59 -18.80 -10.33 -21.91
CA ARG G 59 -19.47 -10.17 -23.19
C ARG G 59 -20.88 -9.62 -22.96
N PRO G 60 -21.35 -8.79 -23.83
CA PRO G 60 -22.75 -8.33 -23.73
C PRO G 60 -23.69 -9.52 -23.68
N GLY G 61 -24.66 -9.47 -22.77
CA GLY G 61 -25.60 -10.57 -22.64
C GLY G 61 -25.10 -11.68 -21.73
N ALA G 62 -24.00 -11.44 -21.03
CA ALA G 62 -23.57 -12.32 -19.98
C ALA G 62 -24.25 -11.88 -18.72
N VAL G 63 -24.61 -12.79 -17.87
CA VAL G 63 -25.37 -12.46 -16.69
C VAL G 63 -24.43 -12.19 -15.52
N LEU G 64 -24.59 -11.02 -14.89
CA LEU G 64 -23.79 -10.61 -13.75
C LEU G 64 -24.55 -10.88 -12.46
N GLU G 65 -24.04 -11.78 -11.63
CA GLU G 65 -24.78 -12.21 -10.44
C GLU G 65 -23.98 -11.93 -9.18
N PHE G 66 -24.56 -11.12 -8.30
CA PHE G 66 -23.92 -10.77 -7.04
C PHE G 66 -24.21 -11.83 -5.99
N ALA G 67 -23.16 -12.51 -5.51
CA ALA G 67 -23.29 -13.48 -4.41
C ALA G 67 -23.46 -12.74 -3.08
N GLY G 68 -24.55 -13.05 -2.37
CA GLY G 68 -25.17 -12.16 -1.38
C GLY G 68 -24.46 -11.46 -0.23
N LYS G 69 -24.90 -10.23 0.04
CA LYS G 69 -24.65 -9.37 1.23
C LYS G 69 -25.36 -8.04 0.96
N ARG G 70 -26.62 -7.95 1.38
CA ARG G 70 -27.48 -6.82 0.98
C ARG G 70 -27.99 -5.97 2.16
N GLY G 71 -29.29 -5.65 2.11
CA GLY G 71 -29.94 -4.90 3.18
C GLY G 71 -30.81 -5.83 4.01
N GLY G 72 -31.32 -5.31 5.13
CA GLY G 72 -32.09 -6.11 6.07
C GLY G 72 -31.19 -7.03 6.86
N LYS G 73 -31.51 -8.33 6.85
CA LYS G 73 -30.67 -9.33 7.51
C LYS G 73 -29.96 -10.34 6.56
N PRO G 74 -30.65 -11.37 6.06
CA PRO G 74 -29.96 -12.51 5.43
C PRO G 74 -29.08 -12.19 4.20
N SER G 75 -27.78 -12.47 4.34
CA SER G 75 -26.92 -12.78 3.20
C SER G 75 -26.81 -14.30 3.21
N PRO G 76 -26.88 -14.94 2.04
CA PRO G 76 -26.87 -16.41 1.96
C PRO G 76 -25.51 -17.02 2.35
N LYS G 77 -25.53 -18.21 2.95
CA LYS G 77 -24.30 -18.93 3.35
C LYS G 77 -23.46 -19.32 2.15
N GLN G 78 -22.19 -19.61 2.40
CA GLN G 78 -21.31 -20.16 1.39
C GLN G 78 -21.95 -21.31 0.60
N ARG G 79 -22.64 -22.21 1.29
CA ARG G 79 -23.12 -23.41 0.63
C ARG G 79 -24.17 -23.11 -0.43
N ASP G 80 -25.02 -22.12 -0.17
CA ASP G 80 -25.95 -21.64 -1.18
C ASP G 80 -25.23 -21.18 -2.45
N ILE G 81 -24.30 -20.25 -2.30
CA ILE G 81 -23.46 -19.81 -3.41
C ILE G 81 -22.79 -20.98 -4.14
N SER G 82 -22.21 -21.90 -3.37
CA SER G 82 -21.55 -23.06 -3.94
C SER G 82 -22.52 -23.91 -4.79
N LEU G 83 -23.73 -24.11 -4.28
CA LEU G 83 -24.73 -24.89 -5.00
C LEU G 83 -25.23 -24.16 -6.24
N ARG G 84 -25.42 -22.85 -6.10
CA ARG G 84 -25.80 -22.00 -7.21
C ARG G 84 -24.86 -22.26 -8.38
N LEU G 85 -23.58 -22.30 -8.09
CA LEU G 85 -22.54 -22.62 -9.05
C LEU G 85 -22.66 -24.01 -9.67
N VAL G 86 -23.15 -25.01 -8.95
CA VAL G 86 -23.30 -26.32 -9.60
C VAL G 86 -24.53 -26.33 -10.50
N GLU G 87 -25.52 -25.56 -10.09
CA GLU G 87 -26.76 -25.43 -10.82
C GLU G 87 -26.50 -24.77 -12.18
N LEU G 88 -25.78 -23.66 -12.17
CA LEU G 88 -25.41 -22.99 -13.40
C LEU G 88 -24.62 -23.90 -14.34
N ALA G 89 -23.72 -24.69 -13.75
CA ALA G 89 -22.85 -25.59 -14.49
C ALA G 89 -23.61 -26.76 -15.09
N ARG G 90 -24.35 -27.50 -14.28
CA ARG G 90 -25.14 -28.64 -14.79
C ARG G 90 -26.03 -28.25 -15.97
N ALA G 91 -26.42 -26.97 -16.02
CA ALA G 91 -27.30 -26.48 -17.05
C ALA G 91 -26.57 -26.08 -18.32
N GLY G 92 -25.24 -26.14 -18.28
CA GLY G 92 -24.45 -25.94 -19.48
C GLY G 92 -23.85 -24.56 -19.60
N ASN G 93 -23.91 -23.75 -18.54
CA ASN G 93 -23.23 -22.45 -18.53
C ASN G 93 -21.71 -22.56 -18.44
N ARG G 94 -21.01 -21.64 -19.10
CA ARG G 94 -19.62 -21.39 -18.78
C ARG G 94 -19.61 -20.50 -17.52
N VAL G 95 -19.27 -21.09 -16.37
CA VAL G 95 -19.46 -20.39 -15.10
C VAL G 95 -18.18 -19.81 -14.57
N LEU G 96 -18.17 -18.50 -14.34
CA LEU G 96 -17.00 -17.84 -13.77
C LEU G 96 -17.32 -17.26 -12.40
N ARG G 97 -16.71 -17.86 -11.40
CA ARG G 97 -16.83 -17.40 -10.03
C ARG G 97 -15.74 -16.39 -9.77
N LEU G 98 -16.08 -15.11 -9.82
CA LEU G 98 -15.06 -14.08 -9.63
C LEU G 98 -14.88 -13.79 -8.15
N LYS G 99 -13.72 -14.07 -7.59
CA LYS G 99 -13.46 -13.73 -6.20
C LYS G 99 -12.45 -12.62 -6.14
N GLY G 100 -12.55 -11.78 -5.11
CA GLY G 100 -11.62 -10.70 -4.93
C GLY G 100 -10.27 -11.27 -4.52
N GLY G 101 -9.19 -10.62 -4.98
CA GLY G 101 -7.84 -11.03 -4.65
C GLY G 101 -7.45 -12.35 -5.29
N ASP G 102 -7.01 -13.28 -4.43
CA ASP G 102 -6.73 -14.66 -4.84
C ASP G 102 -7.78 -15.63 -4.29
N PRO G 103 -8.24 -16.58 -5.09
CA PRO G 103 -9.24 -17.53 -4.59
C PRO G 103 -8.85 -18.30 -3.33
N PHE G 104 -7.56 -18.49 -3.02
CA PHE G 104 -7.18 -19.34 -1.89
C PHE G 104 -6.60 -18.58 -0.70
N VAL G 105 -6.64 -17.26 -0.78
CA VAL G 105 -6.21 -16.46 0.36
C VAL G 105 -7.42 -15.84 1.05
N PHE G 106 -8.16 -16.70 1.75
CA PHE G 106 -9.13 -16.34 2.81
C PHE G 106 -10.39 -16.00 2.05
N GLY G 107 -10.63 -16.72 0.95
CA GLY G 107 -11.73 -16.42 0.05
C GLY G 107 -12.73 -17.53 -0.06
N ARG G 108 -12.62 -18.56 0.76
CA ARG G 108 -13.57 -19.65 0.73
C ARG G 108 -13.48 -20.51 -0.57
N GLY G 109 -12.43 -20.26 -1.35
CA GLY G 109 -12.24 -20.91 -2.65
C GLY G 109 -12.11 -22.41 -2.59
N GLY G 110 -11.34 -22.88 -1.62
CA GLY G 110 -11.22 -24.30 -1.35
C GLY G 110 -12.57 -24.93 -1.08
N GLU G 111 -13.40 -24.28 -0.24
CA GLU G 111 -14.76 -24.76 0.05
C GLU G 111 -15.63 -24.86 -1.21
N GLU G 112 -15.74 -23.75 -1.96
CA GLU G 112 -16.45 -23.76 -3.23
C GLU G 112 -16.00 -24.91 -4.16
N ALA G 113 -14.68 -25.08 -4.30
CA ALA G 113 -14.13 -26.13 -5.15
C ALA G 113 -14.49 -27.49 -4.59
N LEU G 114 -14.48 -27.61 -3.27
CA LEU G 114 -14.85 -28.86 -2.62
C LEU G 114 -16.30 -29.26 -2.97
N THR G 115 -17.23 -28.30 -2.92
CA THR G 115 -18.61 -28.55 -3.31
C THR G 115 -18.74 -28.92 -4.79
N LEU G 116 -17.99 -28.23 -5.64
CA LEU G 116 -17.89 -28.56 -7.06
C LEU G 116 -17.52 -30.04 -7.30
N VAL G 117 -16.45 -30.49 -6.63
CA VAL G 117 -16.00 -31.89 -6.67
C VAL G 117 -17.09 -32.85 -6.16
N GLU G 118 -17.60 -32.60 -4.96
CA GLU G 118 -18.82 -33.26 -4.44
C GLU G 118 -19.85 -33.58 -5.55
N HIS G 119 -20.12 -32.61 -6.44
CA HIS G 119 -21.21 -32.70 -7.42
C HIS G 119 -20.72 -32.99 -8.87
N GLN G 120 -19.55 -33.60 -8.98
CA GLN G 120 -18.97 -33.98 -10.28
C GLN G 120 -18.94 -32.81 -11.28
N VAL G 121 -18.51 -31.63 -10.82
CA VAL G 121 -18.39 -30.50 -11.71
C VAL G 121 -16.91 -30.19 -11.88
N PRO G 122 -16.40 -30.16 -13.10
CA PRO G 122 -14.98 -29.84 -13.30
C PRO G 122 -14.72 -28.35 -13.06
N PHE G 123 -13.53 -27.99 -12.61
CA PHE G 123 -13.22 -26.59 -12.28
C PHE G 123 -11.77 -26.27 -12.55
N ARG G 124 -11.45 -25.00 -12.75
CA ARG G 124 -10.08 -24.57 -12.83
C ARG G 124 -9.92 -23.55 -11.72
N ILE G 125 -8.70 -23.35 -11.22
CA ILE G 125 -8.45 -22.25 -10.30
C ILE G 125 -7.57 -21.28 -11.06
N VAL G 126 -7.91 -20.00 -11.03
CA VAL G 126 -7.05 -18.96 -11.60
C VAL G 126 -6.59 -18.03 -10.47
N PRO G 127 -5.34 -18.21 -10.07
CA PRO G 127 -4.72 -17.37 -9.05
C PRO G 127 -4.84 -15.86 -9.37
N GLY G 128 -4.89 -15.05 -8.30
CA GLY G 128 -5.03 -13.62 -8.39
C GLY G 128 -4.06 -12.89 -7.47
N ILE G 129 -3.89 -11.59 -7.70
CA ILE G 129 -3.03 -10.80 -6.83
C ILE G 129 -3.79 -10.60 -5.54
N THR G 130 -3.16 -10.96 -4.43
CA THR G 130 -3.76 -10.82 -3.11
C THR G 130 -3.41 -9.47 -2.46
N ALA G 131 -4.36 -8.93 -1.72
CA ALA G 131 -4.19 -7.59 -1.17
C ALA G 131 -2.99 -7.57 -0.24
N GLY G 132 -2.71 -8.71 0.39
CA GLY G 132 -1.63 -8.79 1.36
C GLY G 132 -0.25 -8.67 0.75
N ILE G 133 -0.16 -8.70 -0.59
CA ILE G 133 1.12 -8.56 -1.25
C ILE G 133 1.09 -7.46 -2.32
N GLY G 134 0.31 -7.66 -3.37
CA GLY G 134 0.17 -6.68 -4.41
C GLY G 134 -0.44 -5.41 -3.85
N GLY G 135 -1.44 -5.56 -3.00
CA GLY G 135 -2.07 -4.40 -2.37
C GLY G 135 -1.08 -3.55 -1.57
N LEU G 136 -0.21 -4.23 -0.82
CA LEU G 136 0.74 -3.54 0.02
C LEU G 136 1.78 -2.84 -0.84
N ALA G 137 2.11 -3.45 -1.98
CA ALA G 137 3.09 -2.91 -2.92
C ALA G 137 2.63 -1.56 -3.44
N TYR G 138 1.33 -1.39 -3.59
CA TYR G 138 0.82 -0.14 -4.11
C TYR G 138 0.92 0.96 -3.03
N ALA G 139 1.29 0.57 -1.81
CA ALA G 139 1.45 1.54 -0.75
C ALA G 139 2.93 1.78 -0.47
N GLY G 140 3.77 1.29 -1.38
CA GLY G 140 5.22 1.29 -1.22
C GLY G 140 5.80 0.44 -0.10
N ILE G 141 5.11 -0.63 0.28
CA ILE G 141 5.56 -1.48 1.37
C ILE G 141 5.71 -2.91 0.86
N PRO G 142 6.94 -3.43 0.74
CA PRO G 142 7.15 -4.86 0.44
C PRO G 142 6.86 -5.77 1.62
N VAL G 143 6.41 -6.99 1.34
CA VAL G 143 6.18 -7.99 2.39
C VAL G 143 7.46 -8.65 2.89
N THR G 144 8.48 -8.68 2.04
CA THR G 144 9.81 -9.16 2.40
C THR G 144 10.89 -8.20 1.90
N HIS G 145 11.94 -8.05 2.71
CA HIS G 145 13.09 -7.23 2.39
C HIS G 145 14.18 -7.78 3.29
N ARG G 146 15.30 -8.21 2.71
CA ARG G 146 16.27 -9.06 3.43
C ARG G 146 16.90 -8.43 4.69
N GLU G 147 16.93 -7.10 4.74
CA GLU G 147 17.43 -6.42 5.93
C GLU G 147 16.42 -6.44 7.09
N VAL G 148 15.22 -6.95 6.85
CA VAL G 148 14.16 -6.86 7.85
C VAL G 148 13.58 -8.21 8.21
N ASN G 149 13.35 -9.08 7.22
CA ASN G 149 12.67 -10.33 7.52
C ASN G 149 12.96 -11.48 6.57
N HIS G 150 13.03 -12.67 7.11
CA HIS G 150 13.17 -13.86 6.28
C HIS G 150 11.90 -14.71 6.34
N ALA G 151 10.83 -14.09 6.84
CA ALA G 151 9.56 -14.77 7.06
C ALA G 151 8.46 -13.72 7.20
N VAL G 152 7.33 -13.96 6.54
CA VAL G 152 6.13 -13.17 6.81
C VAL G 152 5.00 -14.11 7.12
N THR G 153 4.12 -13.68 8.01
CA THR G 153 2.90 -14.41 8.35
C THR G 153 1.68 -13.62 7.93
N PHE G 154 0.78 -14.29 7.22
CA PHE G 154 -0.53 -13.71 6.88
C PHE G 154 -1.61 -14.33 7.77
N LEU G 155 -2.45 -13.47 8.35
CA LEU G 155 -3.59 -13.99 9.10
C LEU G 155 -4.93 -13.29 8.85
N THR G 156 -5.98 -13.93 9.31
CA THR G 156 -7.31 -13.33 9.32
C THR G 156 -7.72 -13.02 10.76
N GLY G 157 -8.39 -11.87 10.94
CA GLY G 157 -8.81 -11.39 12.25
C GLY G 157 -10.25 -11.69 12.65
N HIS G 158 -10.88 -12.62 11.92
CA HIS G 158 -12.31 -12.86 11.85
C HIS G 158 -12.53 -14.38 11.72
N ASP G 159 -13.42 -15.00 12.52
CA ASP G 159 -13.90 -16.38 12.16
C ASP G 159 -14.47 -16.36 10.76
N ARG G 167 -8.10 -21.45 17.06
CA ARG G 167 -7.61 -20.20 17.64
C ARG G 167 -6.11 -20.01 17.43
N ILE G 168 -5.76 -18.84 16.93
CA ILE G 168 -4.38 -18.43 16.69
C ILE G 168 -3.50 -18.34 17.95
N ASN G 169 -2.32 -18.94 17.91
CA ASN G 169 -1.33 -18.77 18.97
C ASN G 169 -0.58 -17.47 18.73
N TRP G 170 -0.89 -16.48 19.56
CA TRP G 170 -0.42 -15.12 19.34
C TRP G 170 1.03 -14.92 19.73
N GLN G 171 1.51 -15.71 20.69
CA GLN G 171 2.91 -15.68 21.12
C GLN G 171 3.73 -16.24 19.96
N GLY G 172 3.21 -17.30 19.35
CA GLY G 172 3.81 -17.90 18.19
C GLY G 172 3.96 -16.91 17.06
N ILE G 173 2.85 -16.30 16.65
CA ILE G 173 2.89 -15.29 15.61
C ILE G 173 3.78 -14.11 16.00
N ALA G 174 3.66 -13.66 17.24
CA ALA G 174 4.40 -12.51 17.72
C ALA G 174 5.89 -12.62 17.43
N SER G 175 6.65 -13.43 18.19
CA SER G 175 8.06 -13.52 17.80
C SER G 175 8.33 -14.84 17.19
N GLY G 176 7.73 -14.96 15.98
CA GLY G 176 8.25 -15.83 14.94
C GLY G 176 8.06 -15.36 13.51
N SER G 177 7.81 -14.08 13.25
CA SER G 177 8.11 -13.51 11.93
C SER G 177 8.03 -12.02 12.11
N PRO G 178 9.03 -11.30 11.61
CA PRO G 178 9.06 -9.84 11.85
C PRO G 178 8.08 -9.02 11.04
N VAL G 179 7.41 -9.59 10.05
CA VAL G 179 6.40 -8.84 9.32
C VAL G 179 5.08 -9.58 9.44
N ILE G 180 4.05 -8.89 9.91
CA ILE G 180 2.76 -9.54 10.04
C ILE G 180 1.76 -8.81 9.20
N VAL G 181 1.02 -9.57 8.40
CA VAL G 181 0.08 -9.04 7.44
C VAL G 181 -1.32 -9.56 7.75
N MET G 182 -2.27 -8.67 7.99
CA MET G 182 -3.55 -9.11 8.56
C MET G 182 -4.73 -8.78 7.69
N TYR G 183 -5.47 -9.80 7.32
CA TYR G 183 -6.71 -9.59 6.58
C TYR G 183 -7.87 -9.52 7.56
N MET G 184 -8.89 -8.73 7.23
CA MET G 184 -10.10 -8.60 8.06
C MET G 184 -9.86 -8.29 9.54
N ALA G 185 -9.15 -7.22 9.83
CA ALA G 185 -8.70 -6.97 11.19
C ALA G 185 -9.25 -5.70 11.82
N MET G 186 -9.98 -4.91 11.04
CA MET G 186 -10.56 -3.67 11.55
C MET G 186 -11.42 -3.89 12.79
N LYS G 187 -12.48 -4.68 12.64
CA LYS G 187 -13.46 -4.94 13.68
C LYS G 187 -12.86 -5.30 15.03
N HIS G 188 -11.69 -5.93 15.04
CA HIS G 188 -11.13 -6.41 16.30
C HIS G 188 -9.69 -5.96 16.45
N ILE G 189 -9.40 -4.80 15.86
CA ILE G 189 -8.04 -4.30 15.81
C ILE G 189 -7.45 -4.07 17.20
N GLY G 190 -8.29 -3.61 18.13
CA GLY G 190 -7.91 -3.38 19.51
C GLY G 190 -7.38 -4.64 20.18
N ALA G 191 -8.18 -5.71 20.15
CA ALA G 191 -7.76 -6.98 20.74
C ALA G 191 -6.50 -7.53 20.03
N ILE G 192 -6.53 -7.59 18.69
CA ILE G 192 -5.39 -8.08 17.90
C ILE G 192 -4.07 -7.39 18.26
N THR G 193 -4.07 -6.06 18.34
CA THR G 193 -2.83 -5.39 18.72
C THR G 193 -2.46 -5.70 20.19
N ALA G 194 -3.46 -5.70 21.07
CA ALA G 194 -3.21 -6.02 22.47
C ALA G 194 -2.59 -7.42 22.61
N ASN G 195 -2.97 -8.34 21.73
CA ASN G 195 -2.47 -9.69 21.76
C ASN G 195 -1.01 -9.73 21.36
N LEU G 196 -0.71 -9.04 20.26
CA LEU G 196 0.67 -8.95 19.77
C LEU G 196 1.60 -8.34 20.83
N ILE G 197 1.16 -7.26 21.48
CA ILE G 197 1.95 -6.62 22.51
C ILE G 197 2.13 -7.58 23.70
N ALA G 198 1.05 -8.27 24.07
CA ALA G 198 1.11 -9.32 25.08
C ALA G 198 2.07 -10.41 24.62
N GLY G 199 1.99 -10.75 23.33
CA GLY G 199 2.89 -11.69 22.68
C GLY G 199 4.37 -11.28 22.59
N GLY G 200 4.72 -10.05 22.97
CA GLY G 200 6.12 -9.66 23.01
C GLY G 200 6.52 -8.53 22.09
N ARG G 201 5.62 -8.16 21.19
CA ARG G 201 5.89 -7.09 20.23
C ARG G 201 5.88 -5.73 20.89
N SER G 202 6.71 -4.84 20.38
CA SER G 202 6.84 -3.50 20.93
C SER G 202 5.57 -2.68 20.79
N PRO G 203 5.20 -2.00 21.87
CA PRO G 203 4.10 -1.04 21.79
C PRO G 203 4.36 -0.04 20.68
N ASP G 204 5.63 0.24 20.39
CA ASP G 204 5.93 1.32 19.46
C ASP G 204 6.23 0.87 18.06
N GLU G 205 5.91 -0.38 17.75
CA GLU G 205 6.18 -0.94 16.44
C GLU G 205 5.31 -0.31 15.36
N PRO G 206 5.92 0.07 14.24
CA PRO G 206 5.20 0.64 13.12
C PRO G 206 4.17 -0.33 12.59
N VAL G 207 2.99 0.18 12.29
CA VAL G 207 1.99 -0.56 11.57
C VAL G 207 1.33 0.40 10.59
N ALA G 208 0.78 -0.17 9.52
CA ALA G 208 0.15 0.61 8.49
C ALA G 208 -1.11 -0.07 8.02
N PHE G 209 -2.11 0.75 7.75
CA PHE G 209 -3.41 0.29 7.25
C PHE G 209 -3.51 0.83 5.84
N VAL G 210 -3.89 -0.03 4.92
CA VAL G 210 -4.09 0.38 3.55
C VAL G 210 -5.51 0.01 3.23
N CYS G 211 -6.35 1.03 3.12
CA CYS G 211 -7.75 0.84 2.74
C CYS G 211 -7.87 0.97 1.23
N ASN G 212 -8.68 0.08 0.66
CA ASN G 212 -8.81 0.01 -0.78
C ASN G 212 -7.47 0.09 -1.51
N ALA G 213 -6.51 -0.71 -1.05
CA ALA G 213 -5.27 -0.92 -1.76
C ALA G 213 -5.58 -1.07 -3.22
N ALA G 214 -4.82 -0.36 -4.03
CA ALA G 214 -4.80 -0.51 -5.50
C ALA G 214 -6.03 0.01 -6.23
N THR G 215 -6.70 1.01 -5.64
CA THR G 215 -7.79 1.71 -6.31
C THR G 215 -7.51 3.19 -6.25
N PRO G 216 -8.20 3.98 -7.08
CA PRO G 216 -8.12 5.44 -6.93
C PRO G 216 -8.43 5.89 -5.49
N GLN G 217 -9.22 5.10 -4.73
CA GLN G 217 -9.57 5.48 -3.35
C GLN G 217 -8.55 5.03 -2.29
N GLN G 218 -7.43 4.44 -2.71
CA GLN G 218 -6.42 4.02 -1.75
C GLN G 218 -6.11 5.10 -0.67
N ALA G 219 -5.94 4.66 0.56
CA ALA G 219 -5.75 5.51 1.74
C ALA G 219 -4.90 4.77 2.74
N VAL G 220 -3.91 5.44 3.31
CA VAL G 220 -2.94 4.79 4.19
C VAL G 220 -2.92 5.51 5.55
N LEU G 221 -2.76 4.74 6.62
CA LEU G 221 -2.59 5.30 7.94
C LEU G 221 -1.34 4.67 8.50
N GLU G 222 -0.44 5.48 9.01
CA GLU G 222 0.75 4.97 9.65
C GLU G 222 0.62 5.11 11.16
N THR G 223 0.88 4.02 11.88
CA THR G 223 0.79 4.04 13.33
C THR G 223 1.78 3.11 13.97
N THR G 224 1.28 2.54 15.04
CA THR G 224 2.00 1.87 16.05
C THR G 224 1.05 0.82 16.63
N LEU G 225 1.58 -0.29 17.13
CA LEU G 225 0.70 -1.31 17.73
C LEU G 225 -0.15 -0.71 18.87
N ALA G 226 0.44 0.12 19.72
CA ALA G 226 -0.30 0.75 20.82
C ALA G 226 -1.40 1.73 20.35
N ARG G 227 -1.11 2.52 19.31
CA ARG G 227 -1.99 3.61 18.90
C ARG G 227 -3.00 3.21 17.82
N ALA G 228 -2.87 1.98 17.33
CA ALA G 228 -3.67 1.56 16.18
C ALA G 228 -5.15 1.76 16.41
N GLU G 229 -5.70 1.21 17.48
CA GLU G 229 -7.14 1.27 17.65
C GLU G 229 -7.61 2.73 17.64
N ALA G 230 -6.96 3.55 18.43
CA ALA G 230 -7.30 4.96 18.53
C ALA G 230 -7.17 5.66 17.17
N ASP G 231 -6.16 5.30 16.38
CA ASP G 231 -5.90 6.02 15.16
C ASP G 231 -6.83 5.65 14.00
N VAL G 232 -7.05 4.35 13.80
CA VAL G 232 -8.13 3.87 12.93
C VAL G 232 -9.42 4.65 13.23
N ALA G 233 -9.86 4.67 14.48
CA ALA G 233 -11.10 5.37 14.83
C ALA G 233 -11.04 6.86 14.42
N ALA G 234 -9.98 7.55 14.83
CA ALA G 234 -9.84 8.95 14.46
C ALA G 234 -9.81 9.13 12.92
N ALA G 235 -9.09 8.27 12.21
CA ALA G 235 -9.00 8.47 10.78
C ALA G 235 -10.31 8.12 10.05
N GLY G 236 -11.25 7.47 10.75
CA GLY G 236 -12.52 7.05 10.17
C GLY G 236 -12.37 5.90 9.17
N LEU G 237 -11.23 5.21 9.22
CA LEU G 237 -10.96 4.05 8.36
C LEU G 237 -12.03 2.97 8.44
N GLU G 238 -12.37 2.38 7.29
CA GLU G 238 -13.34 1.28 7.19
C GLU G 238 -12.83 0.15 6.28
N PRO G 239 -13.42 -1.05 6.38
CA PRO G 239 -13.05 -2.12 5.43
C PRO G 239 -13.27 -1.70 3.98
N PRO G 240 -12.62 -2.34 3.02
CA PRO G 240 -11.55 -3.34 3.28
C PRO G 240 -10.16 -2.73 3.56
N ALA G 241 -9.48 -3.22 4.58
CA ALA G 241 -8.11 -2.77 4.81
C ALA G 241 -7.15 -3.94 4.97
N ILE G 242 -5.90 -3.74 4.58
CA ILE G 242 -4.84 -4.67 4.93
C ILE G 242 -3.94 -4.04 6.01
N VAL G 243 -3.70 -4.79 7.08
CA VAL G 243 -2.82 -4.29 8.15
C VAL G 243 -1.46 -4.97 8.08
N VAL G 244 -0.40 -4.18 8.12
CA VAL G 244 0.93 -4.77 8.15
C VAL G 244 1.67 -4.25 9.37
N VAL G 245 2.26 -5.15 10.14
CA VAL G 245 3.04 -4.83 11.32
C VAL G 245 4.51 -5.14 11.02
N GLY G 246 5.41 -4.19 11.34
CA GLY G 246 6.84 -4.41 11.25
C GLY G 246 7.66 -3.40 10.45
N GLU G 247 8.98 -3.48 10.59
CA GLU G 247 9.91 -2.51 9.98
C GLU G 247 9.67 -2.16 8.49
N VAL G 248 9.22 -3.10 7.68
CA VAL G 248 8.94 -2.81 6.25
C VAL G 248 8.01 -1.60 6.04
N VAL G 249 7.33 -1.16 7.10
CA VAL G 249 6.47 0.02 7.04
C VAL G 249 7.31 1.27 6.79
N ARG G 250 8.59 1.21 7.15
CA ARG G 250 9.47 2.37 7.02
C ARG G 250 9.88 2.54 5.58
N LEU G 251 9.77 1.47 4.81
CA LEU G 251 10.14 1.47 3.39
C LEU G 251 9.20 2.34 2.56
N ARG G 252 8.07 2.72 3.15
CA ARG G 252 7.04 3.43 2.43
C ARG G 252 7.54 4.80 2.00
N ALA G 253 8.41 5.39 2.79
CA ALA G 253 8.93 6.72 2.53
C ALA G 253 9.98 6.66 1.43
N ALA G 254 10.43 5.44 1.16
CA ALA G 254 11.45 5.18 0.15
C ALA G 254 10.87 4.56 -1.10
N LEU G 255 9.78 3.81 -0.97
CA LEU G 255 9.24 3.04 -2.08
C LEU G 255 7.85 3.46 -2.58
N ASP G 256 7.28 4.51 -2.01
CA ASP G 256 5.96 4.97 -2.44
C ASP G 256 5.94 5.50 -3.89
N TRP G 257 6.00 4.58 -4.86
CA TRP G 257 6.01 4.96 -6.27
C TRP G 257 4.72 5.62 -6.74
N ILE G 258 3.57 5.21 -6.18
CA ILE G 258 2.30 5.89 -6.46
C ILE G 258 2.40 7.32 -5.98
N GLY G 259 2.88 7.48 -4.75
CA GLY G 259 3.18 8.80 -4.23
C GLY G 259 4.04 9.62 -5.17
N ALA G 260 5.14 9.04 -5.66
CA ALA G 260 6.06 9.74 -6.53
C ALA G 260 5.43 10.28 -7.85
N LEU G 261 4.25 9.78 -8.23
CA LEU G 261 3.58 10.23 -9.46
C LEU G 261 3.09 11.67 -9.32
N ASP G 262 2.33 11.91 -8.25
CA ASP G 262 2.12 13.25 -7.73
C ASP G 262 3.44 13.47 -7.03
N GLY G 263 3.82 14.65 -6.57
CA GLY G 263 5.26 14.83 -6.48
C GLY G 263 6.11 14.31 -5.31
N ARG G 264 5.72 13.24 -4.64
CA ARG G 264 6.45 12.75 -3.46
C ARG G 264 7.94 12.58 -3.75
N LYS G 265 8.76 13.12 -2.86
CA LYS G 265 10.21 13.02 -3.01
C LYS G 265 10.69 11.86 -2.16
N LEU G 266 11.08 10.77 -2.80
CA LEU G 266 11.35 9.50 -2.14
C LEU G 266 12.66 9.50 -1.40
N ALA G 267 12.61 9.04 -0.16
CA ALA G 267 13.75 9.02 0.74
C ALA G 267 14.69 7.84 0.50
N ALA G 268 15.82 7.82 1.20
CA ALA G 268 16.79 6.73 1.07
C ALA G 268 16.73 5.70 2.20
N ASP G 269 17.38 4.57 1.96
CA ASP G 269 17.42 3.44 2.87
C ASP G 269 17.63 3.77 4.37
N PRO G 270 16.75 3.26 5.23
CA PRO G 270 17.15 2.97 6.62
C PRO G 270 17.95 1.65 6.65
N PHE G 271 19.21 1.74 6.21
CA PHE G 271 20.12 0.59 6.03
C PHE G 271 20.42 -0.15 7.34
N ASP H 4 -8.20 -4.59 -24.55
CA ASP H 4 -8.72 -3.83 -25.75
C ASP H 4 -8.49 -2.35 -25.49
N LEU H 5 -9.07 -1.87 -24.38
CA LEU H 5 -8.63 -0.70 -23.61
C LEU H 5 -7.34 -0.98 -22.78
N PHE H 6 -6.55 -1.93 -23.26
CA PHE H 6 -5.17 -2.09 -22.89
C PHE H 6 -4.52 -0.71 -22.97
N ALA H 7 -5.03 0.13 -23.88
CA ALA H 7 -4.77 1.56 -23.87
C ALA H 7 -5.80 2.11 -22.89
N GLY H 8 -5.29 2.80 -21.88
CA GLY H 8 -6.05 3.10 -20.67
C GLY H 8 -5.11 2.68 -19.56
N LEU H 9 -4.31 1.65 -19.85
CA LEU H 9 -3.29 1.21 -18.93
C LEU H 9 -2.12 2.17 -19.06
N PRO H 10 -1.34 2.35 -18.01
CA PRO H 10 -0.22 3.30 -18.04
C PRO H 10 0.89 2.85 -18.99
N ALA H 11 1.48 3.81 -19.68
CA ALA H 11 2.65 3.55 -20.51
C ALA H 11 3.92 3.33 -19.66
N LEU H 12 4.80 2.47 -20.15
CA LEU H 12 6.15 2.35 -19.62
C LEU H 12 6.96 3.50 -20.24
N GLU H 13 7.12 4.58 -19.48
CA GLU H 13 7.80 5.80 -19.96
C GLU H 13 9.30 5.60 -20.24
N LYS H 14 9.79 6.26 -21.29
CA LYS H 14 11.25 6.34 -21.49
C LYS H 14 11.80 6.85 -20.19
N GLY H 15 12.95 6.33 -19.78
CA GLY H 15 13.59 6.84 -18.59
C GLY H 15 13.22 6.13 -17.30
N SER H 16 12.22 5.24 -17.33
CA SER H 16 11.77 4.61 -16.10
C SER H 16 12.00 3.10 -16.09
N VAL H 17 11.93 2.48 -14.91
CA VAL H 17 12.08 1.02 -14.77
C VAL H 17 10.85 0.36 -14.12
N TRP H 18 10.21 -0.58 -14.79
CA TRP H 18 9.17 -1.31 -14.09
C TRP H 18 9.72 -2.63 -13.58
N LEU H 19 9.48 -2.86 -12.30
CA LEU H 19 9.81 -4.12 -11.64
C LEU H 19 8.55 -4.95 -11.71
N VAL H 20 8.58 -5.95 -12.57
CA VAL H 20 7.36 -6.64 -12.97
C VAL H 20 7.45 -8.12 -12.64
N GLY H 21 6.37 -8.66 -12.06
CA GLY H 21 6.29 -10.09 -11.78
C GLY H 21 5.82 -10.96 -12.93
N ALA H 22 6.62 -11.95 -13.32
CA ALA H 22 6.27 -12.87 -14.41
C ALA H 22 5.37 -13.97 -13.96
N GLY H 23 5.20 -14.09 -12.63
CA GLY H 23 4.48 -15.23 -12.08
C GLY H 23 5.39 -16.45 -12.09
N PRO H 24 4.86 -17.59 -11.66
CA PRO H 24 5.64 -18.84 -11.47
C PRO H 24 5.99 -19.58 -12.75
N GLY H 25 5.33 -19.28 -13.86
CA GLY H 25 5.67 -19.93 -15.12
C GLY H 25 4.63 -19.79 -16.21
N ASP H 26 3.47 -20.38 -15.98
CA ASP H 26 2.35 -20.28 -16.90
C ASP H 26 2.17 -18.85 -17.37
N PRO H 27 2.33 -18.61 -18.66
CA PRO H 27 2.21 -17.24 -19.21
C PRO H 27 0.82 -16.66 -19.04
N GLY H 28 -0.19 -17.52 -18.88
CA GLY H 28 -1.54 -17.07 -18.61
C GLY H 28 -1.68 -16.36 -17.25
N LEU H 29 -0.65 -16.47 -16.41
CA LEU H 29 -0.65 -15.84 -15.10
C LEU H 29 0.01 -14.45 -15.09
N LEU H 30 0.67 -14.06 -16.18
CA LEU H 30 1.07 -12.67 -16.42
C LEU H 30 -0.15 -11.75 -16.16
N THR H 31 0.03 -10.66 -15.41
CA THR H 31 -1.04 -9.66 -15.31
C THR H 31 -1.14 -8.84 -16.59
N LEU H 32 -2.31 -8.23 -16.79
CA LEU H 32 -2.50 -7.30 -17.89
C LEU H 32 -1.38 -6.20 -17.88
N HIS H 33 -1.09 -5.61 -16.71
CA HIS H 33 0.05 -4.71 -16.54
C HIS H 33 1.36 -5.32 -17.10
N ALA H 34 1.64 -6.57 -16.76
CA ALA H 34 2.87 -7.21 -17.24
C ALA H 34 2.86 -7.43 -18.76
N ALA H 35 1.72 -7.84 -19.31
CA ALA H 35 1.63 -8.06 -20.74
C ALA H 35 1.86 -6.75 -21.49
N ASN H 36 1.20 -5.70 -21.03
CA ASN H 36 1.37 -4.35 -21.55
C ASN H 36 2.82 -3.86 -21.46
N ALA H 37 3.44 -4.07 -20.30
CA ALA H 37 4.87 -3.74 -20.15
C ALA H 37 5.74 -4.42 -21.20
N LEU H 38 5.52 -5.72 -21.36
CA LEU H 38 6.30 -6.56 -22.25
C LEU H 38 6.25 -6.02 -23.68
N ARG H 39 5.06 -5.58 -24.08
CA ARG H 39 4.77 -5.04 -25.41
C ARG H 39 5.38 -3.66 -25.65
N GLN H 40 5.80 -2.97 -24.59
CA GLN H 40 6.33 -1.60 -24.71
C GLN H 40 7.83 -1.53 -24.51
N ALA H 41 8.40 -2.47 -23.76
CA ALA H 41 9.79 -2.36 -23.32
C ALA H 41 10.79 -2.19 -24.45
N ASP H 42 11.86 -1.45 -24.16
CA ASP H 42 13.00 -1.37 -25.08
C ASP H 42 14.02 -2.44 -24.75
N VAL H 43 14.07 -2.77 -23.46
CA VAL H 43 15.03 -3.76 -22.96
C VAL H 43 14.37 -4.52 -21.83
N ILE H 44 14.46 -5.84 -21.85
CA ILE H 44 13.81 -6.65 -20.82
C ILE H 44 14.91 -7.39 -20.07
N VAL H 45 15.10 -7.03 -18.81
CA VAL H 45 16.13 -7.67 -17.99
C VAL H 45 15.45 -8.72 -17.12
N HIS H 46 15.66 -9.98 -17.51
CA HIS H 46 15.02 -11.12 -16.88
C HIS H 46 16.01 -12.04 -16.19
N ASP H 47 15.51 -12.90 -15.29
CA ASP H 47 16.33 -13.98 -14.71
C ASP H 47 15.97 -15.31 -15.37
N ALA H 48 16.71 -16.36 -15.00
CA ALA H 48 16.47 -17.70 -15.51
C ALA H 48 15.09 -18.20 -15.11
N LEU H 49 14.72 -17.99 -13.83
CA LEU H 49 13.41 -18.42 -13.29
C LEU H 49 12.24 -17.79 -14.11
N VAL H 50 12.58 -17.49 -15.36
CA VAL H 50 11.65 -17.10 -16.42
C VAL H 50 11.47 -18.23 -17.43
N ASN H 51 10.72 -18.02 -18.52
CA ASN H 51 10.10 -19.04 -19.36
C ASN H 51 9.69 -18.47 -20.71
N GLU H 52 10.58 -18.54 -21.69
CA GLU H 52 10.45 -17.76 -22.94
C GLU H 52 9.06 -17.53 -23.61
N ASP H 53 8.02 -18.22 -23.14
CA ASP H 53 6.68 -17.90 -23.64
C ASP H 53 6.36 -16.42 -23.35
N CYS H 54 6.74 -15.95 -22.16
CA CYS H 54 6.53 -14.56 -21.76
C CYS H 54 7.26 -13.59 -22.68
N LEU H 55 8.47 -13.96 -23.06
CA LEU H 55 9.31 -13.09 -23.86
C LEU H 55 8.80 -12.90 -25.29
N LYS H 56 7.96 -13.82 -25.76
CA LYS H 56 7.37 -13.72 -27.10
C LYS H 56 6.48 -12.49 -27.21
N LEU H 57 6.04 -11.98 -26.07
CA LEU H 57 5.21 -10.77 -26.04
C LEU H 57 5.99 -9.47 -26.38
N ALA H 58 7.32 -9.52 -26.27
CA ALA H 58 8.22 -8.39 -26.49
C ALA H 58 8.17 -7.89 -27.91
N ARG H 59 8.09 -6.58 -28.11
CA ARG H 59 8.13 -6.05 -29.46
C ARG H 59 9.45 -6.52 -30.11
N PRO H 60 9.46 -6.69 -31.43
CA PRO H 60 10.70 -7.08 -32.10
C PRO H 60 11.62 -5.86 -32.05
N GLY H 61 12.92 -6.09 -32.06
CA GLY H 61 13.84 -4.98 -31.87
C GLY H 61 14.14 -4.74 -30.41
N ALA H 62 13.30 -5.22 -29.50
CA ALA H 62 13.61 -5.20 -28.06
C ALA H 62 14.80 -6.10 -27.75
N VAL H 63 15.67 -5.68 -26.83
CA VAL H 63 16.72 -6.61 -26.44
C VAL H 63 16.33 -7.38 -25.20
N LEU H 64 16.48 -8.68 -25.29
CA LEU H 64 16.30 -9.53 -24.14
C LEU H 64 17.66 -9.68 -23.48
N GLU H 65 17.73 -9.39 -22.18
CA GLU H 65 18.97 -9.54 -21.45
C GLU H 65 18.75 -10.37 -20.20
N PHE H 66 19.49 -11.47 -20.13
CA PHE H 66 19.51 -12.32 -18.95
C PHE H 66 20.46 -11.71 -17.93
N ALA H 67 19.99 -11.61 -16.69
CA ALA H 67 20.78 -11.10 -15.56
C ALA H 67 21.51 -12.25 -14.85
N GLY H 68 20.86 -12.82 -13.83
CA GLY H 68 21.16 -14.13 -13.22
C GLY H 68 22.54 -14.79 -13.17
N LYS H 69 22.56 -16.12 -13.34
CA LYS H 69 23.80 -16.93 -13.30
C LYS H 69 24.02 -17.82 -14.54
N ARG H 70 25.23 -17.74 -15.10
CA ARG H 70 25.62 -18.47 -16.31
C ARG H 70 27.13 -18.76 -16.33
N GLY H 71 27.58 -19.54 -17.31
CA GLY H 71 29.00 -19.68 -17.60
C GLY H 71 29.77 -20.73 -16.81
N GLY H 72 30.99 -20.36 -16.40
CA GLY H 72 31.89 -21.27 -15.70
C GLY H 72 31.49 -21.54 -14.25
N PRO H 74 30.92 -17.03 -12.15
CA PRO H 74 30.11 -16.85 -10.94
C PRO H 74 28.80 -16.06 -11.21
N SER H 75 28.09 -15.84 -10.13
CA SER H 75 26.85 -15.06 -10.20
C SER H 75 27.14 -13.60 -9.85
N PRO H 76 26.92 -12.68 -10.80
CA PRO H 76 27.18 -11.24 -10.58
C PRO H 76 26.22 -10.74 -9.52
N LYS H 77 26.67 -9.86 -8.63
CA LYS H 77 25.83 -9.52 -7.49
C LYS H 77 24.66 -8.60 -7.84
N GLN H 78 23.57 -8.79 -7.14
CA GLN H 78 22.41 -7.91 -7.19
C GLN H 78 22.73 -6.45 -7.53
N ARG H 79 23.77 -5.89 -6.90
CA ARG H 79 24.07 -4.47 -7.07
C ARG H 79 24.41 -4.12 -8.51
N ASP H 80 25.13 -4.99 -9.18
CA ASP H 80 25.44 -4.74 -10.58
C ASP H 80 24.20 -4.80 -11.51
N ILE H 81 23.24 -5.67 -11.18
CA ILE H 81 21.98 -5.72 -11.92
C ILE H 81 21.18 -4.41 -11.76
N SER H 82 21.09 -3.92 -10.53
CA SER H 82 20.37 -2.68 -10.27
C SER H 82 21.05 -1.49 -10.94
N LEU H 83 22.39 -1.49 -10.93
CA LEU H 83 23.13 -0.40 -11.54
C LEU H 83 22.92 -0.39 -13.06
N ARG H 84 22.92 -1.58 -13.67
CA ARG H 84 22.60 -1.73 -15.09
C ARG H 84 21.19 -1.23 -15.43
N LEU H 85 20.24 -1.43 -14.53
CA LEU H 85 18.90 -0.87 -14.68
C LEU H 85 18.92 0.64 -14.66
N VAL H 86 19.79 1.22 -13.84
CA VAL H 86 19.96 2.67 -13.78
C VAL H 86 20.62 3.17 -15.08
N GLU H 87 21.65 2.46 -15.50
CA GLU H 87 22.35 2.74 -16.73
C GLU H 87 21.32 2.83 -17.87
N LEU H 88 20.46 1.83 -17.97
CA LEU H 88 19.51 1.70 -19.07
C LEU H 88 18.46 2.80 -19.07
N ALA H 89 17.97 3.15 -17.90
CA ALA H 89 16.96 4.20 -17.80
C ALA H 89 17.56 5.58 -18.12
N ARG H 90 18.78 5.85 -17.63
CA ARG H 90 19.47 7.11 -17.88
C ARG H 90 19.75 7.35 -19.36
N ALA H 91 19.94 6.26 -20.09
CA ALA H 91 20.05 6.30 -21.54
C ALA H 91 18.70 6.55 -22.24
N GLY H 92 17.61 6.44 -21.47
CA GLY H 92 16.28 6.80 -21.92
C GLY H 92 15.49 5.66 -22.53
N ASN H 93 15.82 4.41 -22.16
CA ASN H 93 15.07 3.23 -22.60
C ASN H 93 13.81 3.07 -21.77
N ARG H 94 12.80 2.39 -22.33
CA ARG H 94 11.70 1.92 -21.53
C ARG H 94 12.15 0.59 -20.97
N VAL H 95 12.42 0.55 -19.67
CA VAL H 95 13.13 -0.56 -19.03
C VAL H 95 12.22 -1.49 -18.24
N LEU H 96 12.22 -2.76 -18.58
CA LEU H 96 11.43 -3.73 -17.83
C LEU H 96 12.34 -4.72 -17.11
N ARG H 97 12.28 -4.73 -15.79
CA ARG H 97 12.98 -5.76 -15.00
C ARG H 97 11.93 -6.83 -14.71
N LEU H 98 12.03 -7.98 -15.38
CA LEU H 98 11.05 -9.06 -15.28
C LEU H 98 11.60 -10.06 -14.26
N LYS H 99 10.87 -10.24 -13.16
CA LYS H 99 11.27 -11.14 -12.07
C LYS H 99 10.28 -12.25 -11.93
N GLY H 100 10.79 -13.43 -11.52
CA GLY H 100 9.97 -14.60 -11.33
C GLY H 100 9.02 -14.36 -10.18
N GLY H 101 7.77 -14.79 -10.33
CA GLY H 101 6.79 -14.69 -9.26
C GLY H 101 6.35 -13.26 -9.05
N ASP H 102 6.44 -12.81 -7.80
CA ASP H 102 6.23 -11.42 -7.41
C ASP H 102 7.57 -10.71 -7.08
N PRO H 103 7.73 -9.44 -7.46
CA PRO H 103 8.97 -8.72 -7.15
C PRO H 103 9.28 -8.52 -5.64
N PHE H 104 8.30 -8.67 -4.74
CA PHE H 104 8.53 -8.40 -3.34
C PHE H 104 8.53 -9.63 -2.45
N VAL H 105 8.34 -10.80 -3.04
CA VAL H 105 8.37 -12.03 -2.26
C VAL H 105 9.72 -12.69 -2.53
N PHE H 106 10.66 -12.41 -1.62
CA PHE H 106 12.04 -12.88 -1.74
C PHE H 106 12.72 -12.72 -3.11
N GLY H 107 12.44 -11.64 -3.83
CA GLY H 107 13.02 -11.47 -5.15
C GLY H 107 13.98 -10.31 -5.33
N ARG H 108 14.55 -9.82 -4.22
CA ARG H 108 15.34 -8.58 -4.19
C ARG H 108 14.73 -7.40 -4.96
N GLY H 109 13.40 -7.37 -5.06
CA GLY H 109 12.75 -6.26 -5.69
C GLY H 109 12.95 -4.97 -4.91
N GLY H 110 12.85 -5.00 -3.58
CA GLY H 110 13.02 -3.80 -2.78
C GLY H 110 14.43 -3.23 -2.83
N GLU H 111 15.42 -4.11 -2.92
CA GLU H 111 16.80 -3.68 -3.10
C GLU H 111 16.95 -2.93 -4.41
N GLU H 112 16.41 -3.48 -5.51
CA GLU H 112 16.54 -2.90 -6.85
C GLU H 112 15.91 -1.52 -6.88
N ALA H 113 14.71 -1.45 -6.30
CA ALA H 113 13.95 -0.23 -6.22
C ALA H 113 14.68 0.85 -5.40
N LEU H 114 15.39 0.43 -4.33
CA LEU H 114 16.08 1.38 -3.48
C LEU H 114 17.21 2.00 -4.27
N THR H 115 17.89 1.17 -5.06
CA THR H 115 18.97 1.63 -5.93
C THR H 115 18.41 2.59 -6.97
N LEU H 116 17.28 2.22 -7.57
CA LEU H 116 16.56 3.13 -8.44
C LEU H 116 16.32 4.51 -7.77
N VAL H 117 15.72 4.55 -6.57
CA VAL H 117 15.48 5.81 -5.88
C VAL H 117 16.83 6.51 -5.57
N GLU H 118 17.81 5.74 -5.13
CA GLU H 118 19.14 6.28 -4.82
C GLU H 118 19.72 7.06 -6.01
N HIS H 119 19.43 6.61 -7.24
CA HIS H 119 19.97 7.20 -8.45
C HIS H 119 18.96 8.05 -9.24
N GLN H 120 17.92 8.54 -8.58
CA GLN H 120 16.88 9.41 -9.21
C GLN H 120 16.09 8.81 -10.38
N VAL H 121 15.92 7.49 -10.39
CA VAL H 121 15.16 6.87 -11.46
C VAL H 121 13.72 6.55 -11.02
N PRO H 122 12.71 7.08 -11.72
CA PRO H 122 11.31 6.72 -11.40
C PRO H 122 11.09 5.24 -11.73
N PHE H 123 10.07 4.62 -11.14
CA PHE H 123 9.82 3.18 -11.29
C PHE H 123 8.38 2.85 -10.99
N ARG H 124 7.92 1.70 -11.47
CA ARG H 124 6.65 1.13 -11.07
C ARG H 124 6.90 -0.28 -10.54
N ILE H 125 6.09 -0.74 -9.59
CA ILE H 125 6.08 -2.16 -9.23
C ILE H 125 4.85 -2.76 -9.88
N VAL H 126 4.98 -3.94 -10.45
CA VAL H 126 3.82 -4.64 -10.97
C VAL H 126 3.83 -6.01 -10.32
N PRO H 127 2.95 -6.17 -9.36
CA PRO H 127 2.80 -7.44 -8.64
C PRO H 127 2.62 -8.61 -9.56
N GLY H 128 3.14 -9.77 -9.14
CA GLY H 128 2.95 -11.01 -9.85
C GLY H 128 2.38 -12.11 -8.96
N ILE H 129 2.00 -13.22 -9.57
CA ILE H 129 1.56 -14.39 -8.84
C ILE H 129 2.81 -15.02 -8.23
N THR H 130 2.78 -15.24 -6.92
CA THR H 130 3.90 -15.85 -6.23
C THR H 130 3.79 -17.35 -6.19
N ALA H 131 4.93 -18.02 -6.31
CA ALA H 131 4.91 -19.47 -6.36
C ALA H 131 4.24 -20.05 -5.10
N GLY H 132 4.44 -19.37 -3.97
CA GLY H 132 3.90 -19.84 -2.71
C GLY H 132 2.39 -19.81 -2.61
N ILE H 133 1.69 -19.23 -3.58
CA ILE H 133 0.22 -19.22 -3.57
C ILE H 133 -0.34 -19.77 -4.89
N GLY H 134 -0.10 -19.08 -5.99
CA GLY H 134 -0.47 -19.55 -7.32
C GLY H 134 0.12 -20.89 -7.69
N GLY H 135 1.43 -21.04 -7.50
CA GLY H 135 2.11 -22.29 -7.71
C GLY H 135 1.49 -23.44 -6.94
N LEU H 136 1.27 -23.23 -5.65
CA LEU H 136 0.60 -24.23 -4.85
C LEU H 136 -0.82 -24.50 -5.38
N ALA H 137 -1.50 -23.46 -5.87
CA ALA H 137 -2.84 -23.68 -6.39
C ALA H 137 -2.81 -24.69 -7.53
N TYR H 138 -1.71 -24.73 -8.29
CA TYR H 138 -1.67 -25.60 -9.47
C TYR H 138 -1.36 -27.05 -9.13
N ALA H 139 -0.92 -27.31 -7.91
CA ALA H 139 -0.75 -28.65 -7.39
C ALA H 139 -1.94 -29.03 -6.52
N GLY H 140 -2.97 -28.18 -6.55
CA GLY H 140 -4.19 -28.43 -5.83
C GLY H 140 -4.13 -28.21 -4.33
N ILE H 141 -3.22 -27.34 -3.89
CA ILE H 141 -3.08 -27.09 -2.47
C ILE H 141 -3.37 -25.64 -2.16
N PRO H 142 -4.49 -25.37 -1.51
CA PRO H 142 -4.81 -24.00 -1.12
C PRO H 142 -3.95 -23.61 0.07
N VAL H 143 -3.48 -22.37 0.04
CA VAL H 143 -2.54 -21.89 1.03
C VAL H 143 -3.29 -21.61 2.34
N THR H 144 -4.60 -21.43 2.22
CA THR H 144 -5.46 -21.07 3.32
C THR H 144 -6.72 -21.93 3.16
N HIS H 145 -7.24 -22.47 4.27
CA HIS H 145 -8.50 -23.20 4.26
C HIS H 145 -9.17 -23.20 5.62
N ARG H 146 -10.31 -22.54 5.68
CA ARG H 146 -11.14 -22.29 6.87
C ARG H 146 -11.08 -23.32 8.00
N GLU H 147 -11.25 -24.60 7.65
CA GLU H 147 -11.07 -25.68 8.60
C GLU H 147 -9.65 -25.59 9.18
N VAL H 148 -8.66 -25.55 8.31
CA VAL H 148 -7.27 -25.82 8.68
C VAL H 148 -6.50 -24.69 9.39
N ASN H 149 -6.64 -23.47 8.89
CA ASN H 149 -5.75 -22.43 9.38
C ASN H 149 -6.31 -21.03 9.26
N HIS H 150 -5.95 -20.21 10.24
CA HIS H 150 -6.23 -18.78 10.14
C HIS H 150 -4.94 -17.99 9.94
N ALA H 151 -3.86 -18.71 9.60
CA ALA H 151 -2.52 -18.12 9.47
C ALA H 151 -1.65 -18.95 8.53
N VAL H 152 -0.73 -18.28 7.83
CA VAL H 152 0.29 -18.95 7.02
C VAL H 152 1.55 -18.12 7.10
N THR H 153 2.69 -18.81 7.13
CA THR H 153 3.99 -18.16 7.08
C THR H 153 4.74 -18.52 5.80
N PHE H 154 5.37 -17.51 5.20
CA PHE H 154 6.14 -17.70 3.99
C PHE H 154 7.54 -17.37 4.44
N LEU H 155 8.51 -18.19 4.01
CA LEU H 155 9.88 -18.01 4.47
C LEU H 155 10.92 -18.43 3.43
N THR H 156 12.15 -17.89 3.54
CA THR H 156 13.33 -18.42 2.81
C THR H 156 14.00 -19.40 3.69
N GLY H 157 14.44 -20.49 3.11
CA GLY H 157 15.35 -21.38 3.80
C GLY H 157 16.77 -21.19 3.26
N HIS H 158 17.02 -20.11 2.54
CA HIS H 158 18.30 -19.90 1.84
C HIS H 158 19.51 -19.91 2.76
N ASP H 159 19.44 -19.18 3.88
CA ASP H 159 20.56 -19.15 4.81
C ASP H 159 20.37 -20.05 6.04
N SER H 160 19.72 -21.20 5.82
CA SER H 160 19.36 -22.13 6.91
C SER H 160 20.20 -23.41 7.07
N SER H 161 21.52 -23.31 6.94
CA SER H 161 22.44 -24.40 7.26
C SER H 161 22.73 -24.45 8.76
N VAL H 164 25.82 -21.54 10.53
CA VAL H 164 24.54 -20.91 10.87
C VAL H 164 24.76 -19.60 11.61
N PRO H 165 24.34 -18.46 10.98
CA PRO H 165 23.35 -17.55 11.59
C PRO H 165 22.14 -17.44 10.67
N ASP H 166 21.07 -18.19 11.01
CA ASP H 166 19.73 -17.98 10.45
C ASP H 166 19.06 -16.97 11.37
N ARG H 167 18.45 -15.94 10.77
CA ARG H 167 17.72 -14.94 11.56
C ARG H 167 16.28 -15.35 11.88
N ILE H 168 15.80 -16.42 11.23
CA ILE H 168 14.46 -16.93 11.50
C ILE H 168 14.30 -17.38 12.94
N ASN H 169 13.18 -17.01 13.59
CA ASN H 169 12.74 -17.65 14.82
C ASN H 169 11.92 -18.90 14.52
N TRP H 170 12.65 -20.02 14.53
CA TRP H 170 12.08 -21.31 14.15
C TRP H 170 11.07 -21.82 15.17
N GLN H 171 11.25 -21.45 16.46
CA GLN H 171 10.30 -21.79 17.50
C GLN H 171 8.92 -21.18 17.27
N GLY H 172 8.89 -19.90 16.88
CA GLY H 172 7.65 -19.17 16.68
C GLY H 172 6.94 -19.71 15.45
N ILE H 173 7.71 -19.89 14.38
CA ILE H 173 7.16 -20.44 13.15
C ILE H 173 6.42 -21.74 13.44
N ALA H 174 7.05 -22.60 14.24
CA ALA H 174 6.50 -23.90 14.57
C ALA H 174 5.22 -23.73 15.41
N SER H 175 5.30 -22.85 16.39
CA SER H 175 4.19 -22.53 17.28
C SER H 175 2.98 -21.92 16.59
N GLY H 176 3.21 -20.95 15.73
CA GLY H 176 2.16 -20.02 15.42
C GLY H 176 1.53 -20.13 14.05
N SER H 177 2.14 -20.93 13.18
CA SER H 177 1.75 -20.95 11.79
C SER H 177 1.38 -22.34 11.37
N PRO H 178 0.09 -22.71 11.42
CA PRO H 178 -0.36 -24.07 11.04
C PRO H 178 0.00 -24.49 9.62
N VAL H 179 0.20 -23.55 8.70
CA VAL H 179 0.69 -23.89 7.38
C VAL H 179 1.95 -23.06 7.18
N ILE H 180 3.02 -23.69 6.73
CA ILE H 180 4.29 -23.01 6.46
C ILE H 180 4.63 -23.23 5.00
N VAL H 181 4.84 -22.14 4.28
CA VAL H 181 5.22 -22.17 2.88
C VAL H 181 6.67 -21.71 2.71
N MET H 182 7.48 -22.57 2.12
CA MET H 182 8.93 -22.36 2.20
C MET H 182 9.62 -22.20 0.86
N TYR H 183 10.12 -21.00 0.61
CA TYR H 183 10.92 -20.73 -0.58
C TYR H 183 12.37 -21.06 -0.33
N MET H 184 13.07 -21.46 -1.40
CA MET H 184 14.51 -21.78 -1.40
C MET H 184 14.92 -22.72 -0.26
N ALA H 185 14.29 -23.87 -0.16
CA ALA H 185 14.47 -24.71 1.03
C ALA H 185 14.99 -26.13 0.72
N MET H 186 15.27 -26.41 -0.54
CA MET H 186 15.74 -27.74 -0.93
C MET H 186 17.12 -28.07 -0.35
N LYS H 187 18.07 -27.19 -0.59
CA LYS H 187 19.41 -27.38 -0.09
C LYS H 187 19.46 -27.64 1.43
N HIS H 188 18.65 -26.93 2.21
CA HIS H 188 18.77 -27.09 3.66
C HIS H 188 17.56 -27.79 4.31
N ILE H 189 16.92 -28.66 3.54
CA ILE H 189 15.69 -29.30 3.97
C ILE H 189 15.85 -30.16 5.21
N GLY H 190 17.00 -30.84 5.34
CA GLY H 190 17.22 -31.64 6.52
C GLY H 190 17.29 -30.73 7.72
N ALA H 191 18.04 -29.64 7.59
CA ALA H 191 18.17 -28.70 8.70
C ALA H 191 16.81 -28.06 9.03
N ILE H 192 16.07 -27.67 7.99
CA ILE H 192 14.85 -26.92 8.17
C ILE H 192 13.87 -27.80 8.91
N THR H 193 13.71 -28.99 8.39
CA THR H 193 12.79 -29.97 8.89
C THR H 193 13.10 -30.30 10.36
N ALA H 194 14.38 -30.27 10.70
CA ALA H 194 14.82 -30.56 12.05
C ALA H 194 14.41 -29.43 12.98
N ASN H 195 14.64 -28.17 12.56
CA ASN H 195 14.13 -27.00 13.28
C ASN H 195 12.64 -27.10 13.59
N LEU H 196 11.87 -27.48 12.56
CA LEU H 196 10.43 -27.60 12.65
C LEU H 196 10.02 -28.65 13.68
N ILE H 197 10.67 -29.82 13.67
CA ILE H 197 10.44 -30.84 14.69
C ILE H 197 10.92 -30.36 16.07
N ALA H 198 12.07 -29.70 16.12
CA ALA H 198 12.56 -29.14 17.39
C ALA H 198 11.53 -28.19 18.03
N GLY H 199 10.73 -27.55 17.18
CA GLY H 199 9.73 -26.58 17.60
C GLY H 199 8.39 -27.14 18.08
N GLY H 200 8.19 -28.44 17.97
CA GLY H 200 6.97 -29.04 18.50
C GLY H 200 6.06 -29.60 17.42
N ARG H 201 6.46 -29.43 16.17
CA ARG H 201 5.75 -30.04 15.06
C ARG H 201 5.92 -31.52 15.09
N SER H 202 4.86 -32.19 14.68
CA SER H 202 4.82 -33.63 14.61
C SER H 202 5.69 -34.10 13.46
N PRO H 203 6.55 -35.08 13.72
CA PRO H 203 7.22 -35.80 12.63
C PRO H 203 6.08 -36.31 11.80
N ASP H 204 6.33 -36.80 10.61
CA ASP H 204 5.14 -37.27 9.86
C ASP H 204 3.88 -36.32 9.85
N GLU H 205 4.10 -35.01 10.03
CA GLU H 205 3.10 -34.04 9.64
C GLU H 205 3.25 -33.93 8.14
N PRO H 206 2.12 -33.91 7.43
CA PRO H 206 2.14 -33.86 5.96
C PRO H 206 2.95 -32.69 5.42
N VAL H 207 3.79 -32.98 4.43
CA VAL H 207 4.57 -31.98 3.69
C VAL H 207 4.43 -32.24 2.20
N ALA H 208 4.39 -31.17 1.41
CA ALA H 208 4.44 -31.33 -0.04
C ALA H 208 5.53 -30.47 -0.70
N PHE H 209 6.13 -31.03 -1.74
CA PHE H 209 7.09 -30.33 -2.57
C PHE H 209 6.48 -30.19 -3.93
N VAL H 210 6.46 -28.96 -4.44
CA VAL H 210 6.01 -28.72 -5.81
C VAL H 210 7.15 -28.10 -6.61
N CYS H 211 7.76 -28.92 -7.45
CA CYS H 211 8.81 -28.49 -8.36
C CYS H 211 8.18 -27.94 -9.62
N ASN H 212 8.69 -26.81 -10.09
CA ASN H 212 8.24 -26.15 -11.31
C ASN H 212 6.72 -26.00 -11.40
N ALA H 213 6.14 -25.57 -10.27
CA ALA H 213 4.72 -25.24 -10.19
C ALA H 213 4.28 -24.40 -11.37
N ALA H 214 3.14 -24.76 -11.95
CA ALA H 214 2.51 -24.01 -13.04
C ALA H 214 3.32 -23.98 -14.33
N THR H 215 4.07 -25.06 -14.57
CA THR H 215 4.69 -25.32 -15.87
C THR H 215 4.31 -26.73 -16.27
N PRO H 216 4.43 -27.05 -17.56
CA PRO H 216 4.16 -28.44 -17.97
C PRO H 216 5.16 -29.40 -17.29
N GLN H 217 6.27 -28.92 -16.74
CA GLN H 217 7.19 -29.83 -16.02
C GLN H 217 6.75 -30.11 -14.58
N GLN H 218 5.69 -29.45 -14.10
CA GLN H 218 5.34 -29.58 -12.68
C GLN H 218 5.44 -31.02 -12.13
N ALA H 219 6.15 -31.16 -11.02
CA ALA H 219 6.22 -32.41 -10.27
C ALA H 219 5.92 -32.21 -8.79
N VAL H 220 5.27 -33.18 -8.18
CA VAL H 220 4.84 -33.08 -6.80
C VAL H 220 5.32 -34.27 -5.96
N LEU H 221 5.80 -33.98 -4.75
CA LEU H 221 6.11 -35.06 -3.83
C LEU H 221 5.38 -34.87 -2.53
N GLU H 222 4.60 -35.88 -2.15
CA GLU H 222 3.99 -35.88 -0.83
C GLU H 222 4.73 -36.75 0.16
N THR H 223 4.75 -36.27 1.41
CA THR H 223 5.75 -36.71 2.35
C THR H 223 5.35 -36.15 3.70
N THR H 224 6.34 -36.05 4.58
CA THR H 224 6.14 -35.96 6.02
C THR H 224 7.39 -35.24 6.53
N LEU H 225 7.32 -34.47 7.62
CA LEU H 225 8.50 -33.73 8.06
C LEU H 225 9.72 -34.64 8.27
N ALA H 226 9.48 -35.77 8.95
CA ALA H 226 10.53 -36.74 9.24
C ALA H 226 11.07 -37.35 7.96
N ARG H 227 10.19 -37.58 7.00
CA ARG H 227 10.56 -38.33 5.80
C ARG H 227 11.10 -37.41 4.69
N ALA H 228 10.79 -36.11 4.80
CA ALA H 228 11.11 -35.11 3.77
C ALA H 228 12.47 -35.23 3.15
N GLU H 229 13.53 -35.22 3.97
CA GLU H 229 14.88 -35.17 3.40
C GLU H 229 15.14 -36.43 2.62
N ALA H 230 14.85 -37.57 3.23
CA ALA H 230 15.16 -38.84 2.58
C ALA H 230 14.46 -38.93 1.23
N ASP H 231 13.17 -38.62 1.19
CA ASP H 231 12.49 -38.97 -0.04
C ASP H 231 12.38 -37.90 -1.10
N VAL H 232 12.93 -36.71 -0.83
CA VAL H 232 13.32 -35.79 -1.90
C VAL H 232 14.63 -36.24 -2.56
N ALA H 233 15.50 -36.90 -1.81
CA ALA H 233 16.75 -37.42 -2.39
C ALA H 233 16.42 -38.60 -3.29
N ALA H 234 15.57 -39.49 -2.79
CA ALA H 234 15.08 -40.66 -3.52
C ALA H 234 14.36 -40.30 -4.84
N ALA H 235 13.57 -39.22 -4.83
CA ALA H 235 12.81 -38.85 -6.02
C ALA H 235 13.66 -38.01 -6.97
N GLY H 236 14.90 -37.75 -6.55
CA GLY H 236 15.84 -36.95 -7.31
C GLY H 236 15.42 -35.50 -7.47
N LEU H 237 14.49 -35.04 -6.64
CA LEU H 237 13.90 -33.70 -6.78
C LEU H 237 14.94 -32.59 -6.70
N GLU H 238 14.73 -31.53 -7.47
CA GLU H 238 15.71 -30.45 -7.55
C GLU H 238 15.03 -29.10 -7.67
N PRO H 239 15.69 -28.01 -7.27
CA PRO H 239 15.07 -26.67 -7.35
C PRO H 239 14.72 -26.33 -8.80
N PRO H 240 13.84 -25.36 -9.06
CA PRO H 240 13.09 -24.60 -8.03
C PRO H 240 11.86 -25.37 -7.51
N ALA H 241 11.62 -25.27 -6.20
CA ALA H 241 10.55 -26.01 -5.53
C ALA H 241 9.95 -25.13 -4.45
N ILE H 242 8.64 -25.25 -4.24
CA ILE H 242 8.00 -24.68 -3.05
C ILE H 242 7.67 -25.81 -2.05
N VAL H 243 7.97 -25.61 -0.79
CA VAL H 243 7.68 -26.64 0.19
C VAL H 243 6.56 -26.14 1.06
N VAL H 244 5.48 -26.91 1.15
CA VAL H 244 4.39 -26.55 2.02
C VAL H 244 4.30 -27.57 3.16
N VAL H 245 4.09 -27.06 4.38
CA VAL H 245 3.90 -27.90 5.57
C VAL H 245 2.50 -27.68 6.14
N GLY H 246 1.76 -28.78 6.35
CA GLY H 246 0.51 -28.69 7.08
C GLY H 246 -0.67 -29.39 6.44
N GLU H 247 -1.81 -29.39 7.12
CA GLU H 247 -2.95 -30.20 6.67
C GLU H 247 -3.51 -29.86 5.29
N VAL H 248 -3.32 -28.64 4.82
CA VAL H 248 -3.77 -28.31 3.44
C VAL H 248 -3.15 -29.24 2.41
N VAL H 249 -2.02 -29.85 2.73
CA VAL H 249 -1.46 -30.85 1.85
C VAL H 249 -2.47 -31.95 1.54
N ARG H 250 -3.29 -32.34 2.52
CA ARG H 250 -4.31 -33.38 2.33
C ARG H 250 -5.37 -33.03 1.29
N LEU H 251 -5.56 -31.74 1.01
CA LEU H 251 -6.56 -31.31 0.03
C LEU H 251 -6.22 -31.70 -1.41
N ARG H 252 -4.93 -31.98 -1.65
CA ARG H 252 -4.48 -32.29 -3.00
C ARG H 252 -5.34 -33.42 -3.61
N ALA H 253 -5.69 -34.45 -2.85
CA ALA H 253 -6.54 -35.55 -3.39
C ALA H 253 -7.93 -35.07 -3.83
N ALA H 254 -8.39 -33.96 -3.26
CA ALA H 254 -9.69 -33.43 -3.63
C ALA H 254 -9.63 -32.27 -4.64
N LEU H 255 -8.49 -31.58 -4.71
CA LEU H 255 -8.44 -30.31 -5.46
C LEU H 255 -7.46 -30.27 -6.60
N ASP H 256 -6.81 -31.38 -6.89
CA ASP H 256 -5.89 -31.43 -8.00
C ASP H 256 -6.61 -31.31 -9.35
N TRP H 257 -7.08 -30.10 -9.67
CA TRP H 257 -7.75 -29.86 -10.95
C TRP H 257 -6.87 -30.09 -12.17
N ILE H 258 -5.58 -29.78 -12.09
CA ILE H 258 -4.71 -30.11 -13.20
C ILE H 258 -4.64 -31.62 -13.35
N GLY H 259 -4.56 -32.36 -12.24
CA GLY H 259 -4.67 -33.80 -12.33
C GLY H 259 -5.96 -34.22 -13.05
N ALA H 260 -7.09 -33.65 -12.61
CA ALA H 260 -8.40 -33.96 -13.18
C ALA H 260 -8.43 -33.87 -14.72
N LEU H 261 -7.65 -32.95 -15.29
CA LEU H 261 -7.63 -32.81 -16.74
C LEU H 261 -7.20 -34.12 -17.41
N ASP H 262 -6.31 -34.90 -16.78
CA ASP H 262 -5.85 -36.18 -17.33
C ASP H 262 -6.52 -37.45 -16.74
N GLY H 263 -7.70 -37.28 -16.16
CA GLY H 263 -8.45 -38.42 -15.68
C GLY H 263 -8.44 -38.59 -14.17
N ARG H 264 -7.73 -37.74 -13.42
CA ARG H 264 -7.68 -37.95 -11.99
C ARG H 264 -9.06 -37.80 -11.38
N LYS H 265 -9.51 -38.84 -10.70
CA LYS H 265 -10.81 -38.83 -10.02
C LYS H 265 -10.65 -38.21 -8.64
N LEU H 266 -11.06 -36.96 -8.50
CA LEU H 266 -10.89 -36.30 -7.22
C LEU H 266 -12.02 -36.62 -6.25
N ALA H 267 -11.71 -36.62 -4.96
CA ALA H 267 -12.66 -37.08 -3.94
C ALA H 267 -12.62 -36.17 -2.73
N ALA H 268 -13.79 -35.67 -2.32
CA ALA H 268 -13.87 -34.63 -1.29
C ALA H 268 -14.45 -35.11 0.05
N ASP H 269 -13.77 -36.07 0.70
CA ASP H 269 -14.23 -36.74 1.94
C ASP H 269 -15.44 -37.66 1.73
N PHE I 6 -66.67 -7.65 -9.67
CA PHE I 6 -66.27 -6.82 -8.48
C PHE I 6 -65.36 -5.62 -8.84
N ALA I 7 -64.57 -5.18 -7.87
CA ALA I 7 -63.77 -3.95 -7.98
C ALA I 7 -62.43 -4.03 -7.22
N GLY I 8 -61.52 -3.14 -7.60
CA GLY I 8 -60.12 -3.20 -7.23
C GLY I 8 -59.40 -3.44 -8.55
N LEU I 9 -60.22 -3.78 -9.55
CA LEU I 9 -59.75 -4.03 -10.91
C LEU I 9 -59.33 -2.73 -11.59
N PRO I 10 -58.47 -2.83 -12.59
CA PRO I 10 -57.97 -1.62 -13.27
C PRO I 10 -59.08 -0.89 -13.98
N ALA I 11 -58.97 0.43 -14.04
CA ALA I 11 -59.89 1.26 -14.82
C ALA I 11 -59.51 1.19 -16.29
N LEU I 12 -60.51 1.37 -17.16
CA LEU I 12 -60.28 1.53 -18.59
C LEU I 12 -60.05 3.00 -18.86
N GLU I 13 -58.79 3.41 -18.80
CA GLU I 13 -58.44 4.81 -18.93
C GLU I 13 -58.83 5.38 -20.29
N LYS I 14 -59.19 6.65 -20.28
CA LYS I 14 -59.45 7.44 -21.47
C LYS I 14 -58.24 7.49 -22.42
N GLY I 15 -58.50 7.43 -23.73
CA GLY I 15 -57.45 7.54 -24.71
C GLY I 15 -56.69 6.24 -24.90
N SER I 16 -57.17 5.20 -24.22
CA SER I 16 -56.64 3.85 -24.34
C SER I 16 -57.68 2.88 -24.91
N VAL I 17 -57.21 1.75 -25.43
CA VAL I 17 -58.08 0.73 -26.02
C VAL I 17 -57.91 -0.62 -25.32
N TRP I 18 -59.00 -1.22 -24.90
CA TRP I 18 -58.92 -2.60 -24.42
C TRP I 18 -59.39 -3.60 -25.49
N LEU I 19 -58.55 -4.59 -25.78
CA LEU I 19 -58.91 -5.72 -26.63
C LEU I 19 -59.41 -6.83 -25.72
N VAL I 20 -60.71 -7.10 -25.80
CA VAL I 20 -61.38 -7.94 -24.81
C VAL I 20 -62.07 -9.17 -25.40
N GLY I 21 -61.76 -10.33 -24.81
CA GLY I 21 -62.44 -11.58 -25.12
C GLY I 21 -63.85 -11.63 -24.57
N ALA I 22 -64.81 -11.89 -25.47
CA ALA I 22 -66.20 -12.08 -25.07
C ALA I 22 -66.52 -13.54 -24.72
N GLY I 23 -65.59 -14.46 -24.99
CA GLY I 23 -65.90 -15.87 -24.89
C GLY I 23 -66.74 -16.36 -26.07
N PRO I 24 -67.09 -17.65 -26.07
CA PRO I 24 -67.76 -18.26 -27.23
C PRO I 24 -69.23 -17.92 -27.33
N GLY I 25 -69.77 -17.20 -26.36
CA GLY I 25 -71.16 -16.80 -26.45
C GLY I 25 -71.88 -16.64 -25.12
N ASP I 26 -71.85 -17.68 -24.29
CA ASP I 26 -72.50 -17.63 -22.98
C ASP I 26 -71.86 -16.49 -22.19
N PRO I 27 -72.61 -15.43 -21.86
CA PRO I 27 -72.10 -14.37 -20.97
C PRO I 27 -71.94 -15.10 -19.66
N GLY I 28 -71.20 -14.58 -18.71
CA GLY I 28 -70.93 -15.44 -17.57
C GLY I 28 -69.74 -16.31 -17.85
N LEU I 29 -69.39 -16.46 -19.13
CA LEU I 29 -68.08 -16.94 -19.53
C LEU I 29 -67.18 -15.73 -19.78
N LEU I 30 -67.77 -14.53 -19.72
CA LEU I 30 -66.97 -13.31 -19.64
C LEU I 30 -66.05 -13.34 -18.42
N THR I 31 -64.87 -12.76 -18.55
CA THR I 31 -64.04 -12.53 -17.37
C THR I 31 -64.57 -11.31 -16.64
N LEU I 32 -64.31 -11.22 -15.34
CA LEU I 32 -64.68 -10.05 -14.55
C LEU I 32 -64.17 -8.76 -15.19
N HIS I 33 -62.89 -8.76 -15.62
CA HIS I 33 -62.30 -7.65 -16.38
C HIS I 33 -63.16 -7.23 -17.57
N ALA I 34 -63.64 -8.21 -18.36
CA ALA I 34 -64.59 -7.94 -19.45
C ALA I 34 -65.81 -7.17 -18.96
N ALA I 35 -66.55 -7.74 -18.03
CA ALA I 35 -67.75 -7.09 -17.50
C ALA I 35 -67.44 -5.68 -17.03
N ASN I 36 -66.31 -5.53 -16.34
CA ASN I 36 -65.80 -4.24 -15.93
C ASN I 36 -65.61 -3.27 -17.11
N ALA I 37 -64.92 -3.73 -18.16
CA ALA I 37 -64.77 -2.93 -19.36
C ALA I 37 -66.11 -2.57 -20.01
N LEU I 38 -67.01 -3.55 -20.14
CA LEU I 38 -68.33 -3.30 -20.73
C LEU I 38 -69.06 -2.20 -19.96
N ARG I 39 -68.97 -2.27 -18.64
CA ARG I 39 -69.72 -1.42 -17.72
C ARG I 39 -69.19 0.03 -17.69
N GLN I 40 -68.08 0.28 -18.36
CA GLN I 40 -67.48 1.63 -18.32
C GLN I 40 -66.95 2.18 -19.65
N ALA I 41 -67.09 1.41 -20.72
CA ALA I 41 -66.64 1.86 -22.03
C ALA I 41 -67.46 3.05 -22.56
N ASP I 42 -66.77 3.95 -23.26
CA ASP I 42 -67.41 5.08 -23.95
C ASP I 42 -67.90 4.70 -25.33
N VAL I 43 -67.27 3.68 -25.92
CA VAL I 43 -67.70 3.12 -27.20
C VAL I 43 -67.16 1.70 -27.39
N ILE I 44 -68.04 0.81 -27.85
CA ILE I 44 -67.70 -0.58 -28.04
C ILE I 44 -67.75 -0.92 -29.53
N VAL I 45 -66.61 -1.31 -30.08
CA VAL I 45 -66.49 -1.81 -31.43
C VAL I 45 -66.46 -3.34 -31.33
N HIS I 46 -67.49 -3.99 -31.85
CA HIS I 46 -67.68 -5.42 -31.62
C HIS I 46 -67.91 -6.22 -32.91
N ASP I 47 -67.68 -7.53 -32.87
CA ASP I 47 -67.91 -8.38 -34.04
C ASP I 47 -69.34 -8.93 -34.14
N ALA I 48 -69.55 -9.65 -35.24
CA ALA I 48 -70.32 -10.91 -35.29
C ALA I 48 -70.38 -11.60 -33.92
N LEU I 49 -71.40 -11.29 -33.14
CA LEU I 49 -71.45 -11.81 -31.78
C LEU I 49 -72.44 -12.95 -31.69
N VAL I 50 -71.96 -14.09 -31.18
CA VAL I 50 -72.82 -15.26 -30.92
C VAL I 50 -73.85 -15.02 -29.79
N ASN I 51 -73.52 -14.14 -28.83
CA ASN I 51 -74.53 -13.57 -27.91
C ASN I 51 -74.47 -12.06 -27.90
N GLU I 52 -75.59 -11.45 -28.30
CA GLU I 52 -75.77 -10.01 -28.22
C GLU I 52 -76.19 -9.65 -26.79
N ASP I 53 -75.86 -10.53 -25.84
CA ASP I 53 -76.33 -10.40 -24.47
C ASP I 53 -75.44 -9.47 -23.65
N CYS I 54 -74.13 -9.58 -23.89
CA CYS I 54 -73.12 -8.90 -23.10
C CYS I 54 -73.08 -7.40 -23.36
N LEU I 55 -73.66 -6.99 -24.49
CA LEU I 55 -73.80 -5.57 -24.80
C LEU I 55 -74.77 -4.88 -23.84
N LYS I 56 -75.60 -5.68 -23.15
CA LYS I 56 -76.55 -5.16 -22.18
C LYS I 56 -75.87 -4.85 -20.85
N LEU I 57 -74.55 -5.00 -20.80
CA LEU I 57 -73.78 -4.62 -19.62
C LEU I 57 -73.23 -3.20 -19.77
N ALA I 58 -73.43 -2.62 -20.96
CA ALA I 58 -72.90 -1.30 -21.27
C ALA I 58 -73.62 -0.19 -20.53
N ARG I 59 -72.87 0.85 -20.13
CA ARG I 59 -73.45 2.12 -19.69
C ARG I 59 -74.30 2.67 -20.83
N PRO I 60 -75.40 3.36 -20.53
CA PRO I 60 -76.44 3.52 -21.56
C PRO I 60 -76.25 4.73 -22.49
N GLY I 61 -75.14 5.45 -22.30
CA GLY I 61 -74.66 6.40 -23.30
C GLY I 61 -73.35 5.86 -23.87
N ALA I 62 -73.40 4.69 -24.50
CA ALA I 62 -72.24 4.14 -25.18
C ALA I 62 -72.56 3.87 -26.64
N VAL I 63 -71.83 4.53 -27.53
CA VAL I 63 -71.94 4.27 -28.96
C VAL I 63 -71.61 2.80 -29.18
N LEU I 64 -72.35 2.15 -30.07
CA LEU I 64 -72.19 0.72 -30.26
C LEU I 64 -71.92 0.40 -31.73
N GLU I 65 -70.67 0.69 -32.15
CA GLU I 65 -70.24 0.46 -33.53
C GLU I 65 -70.12 -1.02 -33.85
N PHE I 66 -70.56 -1.40 -35.05
CA PHE I 66 -70.53 -2.79 -35.49
C PHE I 66 -69.37 -2.97 -36.44
N ALA I 67 -68.36 -3.71 -35.98
CA ALA I 67 -67.09 -3.83 -36.69
C ALA I 67 -67.17 -4.48 -38.07
N GLY I 68 -67.97 -5.55 -38.19
CA GLY I 68 -67.86 -6.47 -39.32
C GLY I 68 -68.88 -6.46 -40.46
N LYS I 69 -69.57 -7.60 -40.62
CA LYS I 69 -70.40 -7.88 -41.80
C LYS I 69 -71.54 -6.89 -42.04
N PRO I 74 -70.18 -2.68 -48.19
CA PRO I 74 -68.82 -3.23 -48.27
C PRO I 74 -68.56 -4.30 -47.19
N SER I 75 -67.30 -4.73 -47.04
CA SER I 75 -66.92 -5.69 -46.00
C SER I 75 -65.52 -5.37 -45.45
N PRO I 76 -65.46 -4.61 -44.34
CA PRO I 76 -64.24 -3.86 -43.93
C PRO I 76 -63.04 -4.71 -43.54
N LYS I 77 -61.85 -4.31 -43.98
CA LYS I 77 -60.60 -5.00 -43.61
C LYS I 77 -60.01 -4.46 -42.29
N GLN I 78 -59.35 -5.36 -41.56
CA GLN I 78 -58.63 -5.06 -40.32
C GLN I 78 -58.09 -3.62 -40.23
N ARG I 79 -57.43 -3.16 -41.29
CA ARG I 79 -56.85 -1.82 -41.31
C ARG I 79 -57.85 -0.76 -40.86
N ASP I 80 -59.06 -0.80 -41.42
CA ASP I 80 -60.07 0.21 -41.13
C ASP I 80 -60.59 0.13 -39.70
N ILE I 81 -60.76 -1.10 -39.19
CA ILE I 81 -61.20 -1.31 -37.82
C ILE I 81 -60.13 -0.81 -36.88
N SER I 82 -58.90 -1.30 -37.06
CA SER I 82 -57.77 -0.90 -36.24
C SER I 82 -57.63 0.62 -36.19
N LEU I 83 -57.62 1.26 -37.36
CA LEU I 83 -57.52 2.72 -37.44
C LEU I 83 -58.69 3.44 -36.75
N ARG I 84 -59.91 2.95 -36.99
CA ARG I 84 -61.08 3.37 -36.23
C ARG I 84 -60.74 3.45 -34.74
N LEU I 85 -60.27 2.33 -34.17
CA LEU I 85 -59.87 2.29 -32.76
C LEU I 85 -58.93 3.42 -32.37
N VAL I 86 -57.85 3.61 -33.11
CA VAL I 86 -56.90 4.67 -32.79
C VAL I 86 -57.54 6.06 -32.87
N GLU I 87 -58.39 6.28 -33.89
CA GLU I 87 -59.07 7.57 -34.06
C GLU I 87 -60.06 7.89 -32.92
N LEU I 88 -60.70 6.84 -32.40
CA LEU I 88 -61.55 6.91 -31.21
C LEU I 88 -60.71 7.28 -29.97
N ALA I 89 -59.53 6.66 -29.86
CA ALA I 89 -58.69 6.83 -28.68
C ALA I 89 -58.12 8.25 -28.53
N ARG I 90 -57.62 8.81 -29.64
CA ARG I 90 -57.09 10.16 -29.61
C ARG I 90 -58.16 11.21 -29.25
N ALA I 91 -59.41 10.90 -29.60
CA ALA I 91 -60.52 11.75 -29.21
C ALA I 91 -60.66 11.79 -27.69
N GLY I 92 -60.32 10.69 -27.03
CA GLY I 92 -60.34 10.63 -25.58
C GLY I 92 -61.34 9.65 -24.97
N ASN I 93 -62.00 8.87 -25.83
CA ASN I 93 -62.93 7.83 -25.36
C ASN I 93 -62.23 6.74 -24.54
N ARG I 94 -63.00 6.05 -23.71
CA ARG I 94 -62.57 4.80 -23.12
C ARG I 94 -63.04 3.79 -24.13
N VAL I 95 -62.11 3.22 -24.89
CA VAL I 95 -62.44 2.44 -26.06
C VAL I 95 -62.42 0.96 -25.73
N LEU I 96 -63.32 0.22 -26.36
CA LEU I 96 -63.45 -1.20 -26.10
C LEU I 96 -63.71 -1.93 -27.39
N ARG I 97 -62.74 -2.76 -27.76
CA ARG I 97 -62.84 -3.67 -28.89
C ARG I 97 -63.25 -5.02 -28.34
N LEU I 98 -64.49 -5.41 -28.53
CA LEU I 98 -64.97 -6.67 -27.99
C LEU I 98 -64.89 -7.75 -29.06
N LYS I 99 -63.95 -8.67 -28.92
CA LYS I 99 -63.81 -9.74 -29.91
C LYS I 99 -64.45 -11.03 -29.43
N GLY I 100 -64.92 -11.83 -30.36
CA GLY I 100 -65.41 -13.16 -30.05
C GLY I 100 -64.27 -14.03 -29.56
N GLY I 101 -64.59 -14.91 -28.63
CA GLY I 101 -63.64 -15.85 -28.06
C GLY I 101 -62.57 -15.15 -27.27
N ASP I 102 -61.33 -15.31 -27.70
CA ASP I 102 -60.19 -14.68 -27.07
C ASP I 102 -59.49 -13.82 -28.11
N PRO I 103 -58.99 -12.66 -27.74
CA PRO I 103 -58.42 -11.76 -28.74
C PRO I 103 -57.19 -12.33 -29.50
N PHE I 104 -56.46 -13.30 -28.94
CA PHE I 104 -55.23 -13.78 -29.59
C PHE I 104 -55.34 -15.18 -30.24
N VAL I 105 -56.52 -15.78 -30.17
CA VAL I 105 -56.72 -17.11 -30.74
C VAL I 105 -57.53 -16.88 -32.01
N PHE I 106 -56.81 -16.40 -33.03
CA PHE I 106 -57.22 -16.48 -34.46
C PHE I 106 -58.18 -15.34 -34.69
N GLY I 107 -58.00 -14.25 -33.95
CA GLY I 107 -58.95 -13.15 -34.04
C GLY I 107 -58.37 -11.82 -34.44
N ARG I 108 -57.15 -11.83 -34.98
CA ARG I 108 -56.50 -10.61 -35.45
C ARG I 108 -56.09 -9.61 -34.34
N GLY I 109 -56.12 -10.08 -33.08
CA GLY I 109 -55.71 -9.28 -31.95
C GLY I 109 -54.29 -8.72 -31.98
N GLY I 110 -53.34 -9.53 -32.43
CA GLY I 110 -51.96 -9.07 -32.51
C GLY I 110 -51.85 -7.91 -33.46
N GLU I 111 -52.56 -8.01 -34.59
CA GLU I 111 -52.59 -6.96 -35.60
C GLU I 111 -53.09 -5.63 -35.01
N GLU I 112 -54.26 -5.68 -34.37
CA GLU I 112 -54.88 -4.48 -33.83
C GLU I 112 -53.94 -3.89 -32.80
N ALA I 113 -53.47 -4.73 -31.88
CA ALA I 113 -52.49 -4.31 -30.88
C ALA I 113 -51.31 -3.62 -31.57
N LEU I 114 -50.75 -4.25 -32.60
CA LEU I 114 -49.63 -3.64 -33.35
C LEU I 114 -49.99 -2.24 -33.84
N THR I 115 -51.19 -2.09 -34.42
CA THR I 115 -51.62 -0.81 -34.97
C THR I 115 -51.73 0.21 -33.82
N LEU I 116 -52.36 -0.21 -32.72
CA LEU I 116 -52.43 0.58 -31.50
C LEU I 116 -51.04 1.09 -31.12
N VAL I 117 -50.09 0.18 -30.95
CA VAL I 117 -48.73 0.51 -30.53
C VAL I 117 -48.06 1.56 -31.43
N GLU I 118 -48.05 1.30 -32.74
CA GLU I 118 -47.41 2.20 -33.69
C GLU I 118 -48.06 3.60 -33.67
N HIS I 119 -49.34 3.68 -33.26
CA HIS I 119 -50.04 4.97 -33.12
C HIS I 119 -50.01 5.52 -31.71
N GLN I 120 -49.42 4.74 -30.79
CA GLN I 120 -49.15 5.17 -29.42
C GLN I 120 -50.41 5.22 -28.55
N VAL I 121 -51.37 4.39 -28.88
CA VAL I 121 -52.48 4.16 -27.99
C VAL I 121 -52.04 3.11 -26.95
N PRO I 122 -52.09 3.48 -25.67
CA PRO I 122 -51.88 2.50 -24.61
C PRO I 122 -53.03 1.50 -24.71
N PHE I 123 -52.79 0.21 -24.47
CA PHE I 123 -53.86 -0.77 -24.55
C PHE I 123 -53.68 -1.86 -23.49
N ARG I 124 -54.70 -2.69 -23.35
CA ARG I 124 -54.64 -3.86 -22.50
C ARG I 124 -55.30 -5.00 -23.28
N ILE I 125 -54.78 -6.21 -23.13
CA ILE I 125 -55.43 -7.43 -23.62
C ILE I 125 -56.18 -8.03 -22.45
N VAL I 126 -57.48 -8.23 -22.61
CA VAL I 126 -58.25 -9.00 -21.64
C VAL I 126 -58.50 -10.33 -22.32
N PRO I 127 -57.84 -11.39 -21.87
CA PRO I 127 -58.06 -12.76 -22.37
C PRO I 127 -59.50 -13.20 -22.30
N GLY I 128 -59.87 -14.13 -23.16
CA GLY I 128 -61.23 -14.67 -23.21
C GLY I 128 -61.27 -16.18 -23.27
N ILE I 129 -62.45 -16.77 -23.07
CA ILE I 129 -62.59 -18.20 -23.31
C ILE I 129 -62.67 -18.45 -24.82
N THR I 130 -61.82 -19.34 -25.32
CA THR I 130 -61.81 -19.66 -26.74
C THR I 130 -62.74 -20.85 -27.01
N ALA I 131 -63.31 -20.90 -28.21
CA ALA I 131 -64.26 -21.96 -28.53
C ALA I 131 -63.59 -23.33 -28.46
N GLY I 132 -62.33 -23.42 -28.93
CA GLY I 132 -61.59 -24.65 -29.00
C GLY I 132 -61.30 -25.34 -27.68
N ILE I 133 -61.61 -24.67 -26.57
CA ILE I 133 -61.36 -25.27 -25.27
C ILE I 133 -62.59 -25.19 -24.36
N GLY I 134 -63.08 -23.98 -24.11
CA GLY I 134 -64.29 -23.81 -23.33
C GLY I 134 -65.53 -24.31 -24.06
N GLY I 135 -65.66 -23.91 -25.32
CA GLY I 135 -66.71 -24.44 -26.17
C GLY I 135 -66.76 -25.96 -26.10
N LEU I 136 -65.65 -26.60 -26.41
CA LEU I 136 -65.65 -28.06 -26.43
C LEU I 136 -66.06 -28.61 -25.07
N ALA I 137 -65.66 -27.94 -23.99
CA ALA I 137 -66.12 -28.33 -22.66
C ALA I 137 -67.67 -28.32 -22.52
N TYR I 138 -68.34 -27.35 -23.17
CA TYR I 138 -69.82 -27.28 -23.15
C TYR I 138 -70.44 -28.46 -23.91
N ALA I 139 -69.63 -29.10 -24.75
CA ALA I 139 -70.01 -30.34 -25.41
C ALA I 139 -69.54 -31.59 -24.62
N GLY I 140 -68.84 -31.36 -23.51
CA GLY I 140 -68.22 -32.44 -22.77
C GLY I 140 -67.01 -33.08 -23.46
N ILE I 141 -66.21 -32.30 -24.19
CA ILE I 141 -64.99 -32.83 -24.82
C ILE I 141 -63.74 -32.09 -24.37
N PRO I 142 -62.96 -32.70 -23.47
CA PRO I 142 -61.73 -32.05 -22.98
C PRO I 142 -60.64 -32.03 -24.06
N VAL I 143 -59.95 -30.91 -24.22
CA VAL I 143 -58.89 -30.89 -25.23
C VAL I 143 -57.68 -31.78 -24.89
N THR I 144 -57.47 -32.06 -23.60
CA THR I 144 -56.45 -33.01 -23.18
C THR I 144 -56.95 -33.98 -22.11
N HIS I 145 -56.39 -35.18 -22.10
CA HIS I 145 -56.69 -36.17 -21.10
C HIS I 145 -55.52 -37.15 -21.17
N ARG I 146 -54.83 -37.32 -20.05
CA ARG I 146 -53.58 -38.08 -19.94
C ARG I 146 -53.85 -39.54 -19.59
N GLU I 147 -54.69 -40.28 -20.33
CA GLU I 147 -54.41 -40.52 -21.73
C GLU I 147 -55.47 -40.53 -22.81
N VAL I 148 -55.19 -39.65 -23.76
CA VAL I 148 -55.41 -39.82 -25.16
C VAL I 148 -54.22 -39.09 -25.73
N ASN I 149 -53.79 -38.04 -25.03
CA ASN I 149 -52.85 -37.07 -25.57
C ASN I 149 -51.96 -36.38 -24.56
N HIS I 150 -50.76 -36.02 -25.00
CA HIS I 150 -49.86 -35.15 -24.26
C HIS I 150 -49.67 -33.85 -25.06
N ALA I 151 -50.35 -33.80 -26.20
CA ALA I 151 -50.28 -32.68 -27.13
C ALA I 151 -51.67 -32.43 -27.71
N VAL I 152 -51.96 -31.17 -28.04
CA VAL I 152 -53.14 -30.76 -28.79
C VAL I 152 -52.70 -29.70 -29.78
N THR I 153 -53.18 -29.81 -31.01
CA THR I 153 -52.99 -28.72 -31.96
C THR I 153 -54.29 -27.98 -32.31
N PHE I 154 -54.24 -26.65 -32.15
CA PHE I 154 -55.31 -25.77 -32.57
C PHE I 154 -54.89 -25.15 -33.89
N LEU I 155 -55.81 -25.19 -34.85
CA LEU I 155 -55.53 -24.63 -36.17
C LEU I 155 -56.72 -23.92 -36.80
N THR I 156 -56.44 -23.10 -37.80
CA THR I 156 -57.48 -22.46 -38.62
C THR I 156 -57.58 -23.16 -39.98
N GLY I 157 -58.80 -23.45 -40.42
CA GLY I 157 -59.01 -24.10 -41.71
C GLY I 157 -59.18 -23.08 -42.82
N HIS I 158 -59.23 -21.80 -42.44
CA HIS I 158 -59.45 -20.69 -43.35
C HIS I 158 -58.17 -20.31 -44.06
N ASP I 159 -58.07 -20.74 -45.31
CA ASP I 159 -56.94 -20.47 -46.18
C ASP I 159 -56.77 -18.97 -46.47
N ARG I 167 -49.84 -22.01 -45.57
CA ARG I 167 -48.90 -23.09 -45.29
C ARG I 167 -49.23 -23.75 -43.93
N ILE I 168 -49.41 -25.07 -43.96
CA ILE I 168 -49.67 -25.86 -42.75
C ILE I 168 -49.06 -27.23 -42.94
N ASN I 169 -48.13 -27.60 -42.08
CA ASN I 169 -47.66 -28.97 -42.14
C ASN I 169 -48.65 -29.98 -41.60
N TRP I 170 -49.51 -30.47 -42.49
CA TRP I 170 -50.50 -31.47 -42.12
C TRP I 170 -49.90 -32.77 -41.67
N GLN I 171 -48.85 -33.21 -42.34
CA GLN I 171 -48.20 -34.45 -41.92
C GLN I 171 -47.71 -34.31 -40.47
N GLY I 172 -47.14 -33.15 -40.17
CA GLY I 172 -46.60 -32.90 -38.85
C GLY I 172 -47.71 -32.93 -37.82
N ILE I 173 -48.84 -32.33 -38.15
CA ILE I 173 -50.03 -32.33 -37.29
C ILE I 173 -50.57 -33.77 -37.11
N ALA I 174 -50.60 -34.56 -38.18
CA ALA I 174 -51.11 -35.92 -38.16
C ALA I 174 -50.34 -36.91 -37.25
N SER I 175 -49.03 -37.03 -37.44
CA SER I 175 -48.16 -37.62 -36.42
C SER I 175 -48.06 -36.53 -35.38
N GLY I 176 -47.57 -36.78 -34.18
CA GLY I 176 -47.41 -35.62 -33.30
C GLY I 176 -48.61 -35.13 -32.52
N SER I 177 -49.78 -35.02 -33.12
CA SER I 177 -50.92 -34.42 -32.39
C SER I 177 -52.17 -35.28 -32.24
N PRO I 178 -52.25 -36.10 -31.18
CA PRO I 178 -53.35 -37.07 -31.09
C PRO I 178 -54.70 -36.37 -30.92
N VAL I 179 -54.69 -35.08 -30.61
CA VAL I 179 -55.94 -34.30 -30.65
C VAL I 179 -55.75 -33.05 -31.49
N ILE I 180 -56.65 -32.83 -32.44
CA ILE I 180 -56.57 -31.69 -33.34
C ILE I 180 -57.85 -30.87 -33.19
N VAL I 181 -57.70 -29.56 -32.99
CA VAL I 181 -58.85 -28.71 -32.76
C VAL I 181 -58.91 -27.65 -33.86
N MET I 182 -60.07 -27.51 -34.49
CA MET I 182 -60.14 -26.77 -35.74
C MET I 182 -61.20 -25.65 -35.81
N TYR I 183 -60.71 -24.43 -36.04
CA TYR I 183 -61.49 -23.23 -36.26
C TYR I 183 -61.62 -23.01 -37.75
N MET I 184 -62.77 -22.53 -38.19
CA MET I 184 -62.99 -22.14 -39.59
C MET I 184 -62.69 -23.23 -40.61
N ALA I 185 -63.18 -24.44 -40.35
CA ALA I 185 -62.78 -25.61 -41.10
C ALA I 185 -63.92 -26.25 -41.84
N MET I 186 -65.08 -25.60 -41.85
CA MET I 186 -66.28 -26.21 -42.42
C MET I 186 -66.37 -26.16 -43.94
N LYS I 187 -65.93 -25.03 -44.53
CA LYS I 187 -65.88 -24.92 -45.99
C LYS I 187 -64.81 -25.82 -46.61
N HIS I 188 -63.85 -26.30 -45.83
CA HIS I 188 -62.82 -27.14 -46.38
C HIS I 188 -62.69 -28.48 -45.65
N ILE I 189 -63.76 -28.89 -44.98
CA ILE I 189 -63.75 -30.11 -44.18
C ILE I 189 -63.34 -31.37 -44.96
N GLY I 190 -63.79 -31.47 -46.21
CA GLY I 190 -63.43 -32.55 -47.10
C GLY I 190 -61.95 -32.63 -47.43
N ALA I 191 -61.35 -31.48 -47.77
CA ALA I 191 -59.93 -31.44 -48.08
C ALA I 191 -59.13 -31.71 -46.80
N ILE I 192 -59.58 -31.14 -45.69
CA ILE I 192 -58.87 -31.33 -44.44
C ILE I 192 -58.84 -32.80 -44.01
N THR I 193 -59.98 -33.49 -44.00
CA THR I 193 -60.02 -34.91 -43.59
C THR I 193 -59.19 -35.82 -44.53
N ALA I 194 -59.38 -35.71 -45.84
CA ALA I 194 -58.58 -36.43 -46.81
C ALA I 194 -57.08 -36.25 -46.48
N ASN I 195 -56.74 -35.03 -46.14
CA ASN I 195 -55.38 -34.75 -45.79
C ASN I 195 -54.88 -35.48 -44.55
N LEU I 196 -55.75 -35.64 -43.55
CA LEU I 196 -55.41 -36.33 -42.33
C LEU I 196 -55.32 -37.84 -42.60
N ILE I 197 -56.34 -38.39 -43.28
CA ILE I 197 -56.33 -39.81 -43.63
C ILE I 197 -55.06 -40.20 -44.38
N ALA I 198 -54.68 -39.39 -45.38
CA ALA I 198 -53.50 -39.68 -46.20
C ALA I 198 -52.22 -39.45 -45.44
N GLY I 199 -52.32 -38.78 -44.32
CA GLY I 199 -51.17 -38.57 -43.45
C GLY I 199 -51.01 -39.71 -42.47
N GLY I 200 -51.96 -40.63 -42.47
CA GLY I 200 -51.85 -41.86 -41.72
C GLY I 200 -52.92 -41.99 -40.66
N ARG I 201 -53.72 -40.95 -40.49
CA ARG I 201 -54.84 -41.03 -39.58
C ARG I 201 -55.89 -41.99 -40.11
N SER I 202 -56.52 -42.69 -39.18
CA SER I 202 -57.44 -43.75 -39.53
C SER I 202 -58.76 -43.15 -40.05
N PRO I 203 -59.24 -43.68 -41.17
CA PRO I 203 -60.56 -43.29 -41.69
C PRO I 203 -61.65 -43.30 -40.60
N ASP I 204 -61.50 -44.17 -39.60
CA ASP I 204 -62.50 -44.34 -38.54
C ASP I 204 -62.27 -43.51 -37.27
N GLU I 205 -61.23 -42.71 -37.23
CA GLU I 205 -60.97 -41.91 -36.03
C GLU I 205 -62.20 -41.03 -35.73
N PRO I 206 -62.61 -40.95 -34.47
CA PRO I 206 -63.77 -40.11 -34.10
C PRO I 206 -63.53 -38.63 -34.37
N VAL I 207 -64.58 -37.93 -34.84
CA VAL I 207 -64.56 -36.47 -34.88
C VAL I 207 -65.86 -35.81 -34.43
N ALA I 208 -65.72 -34.64 -33.82
CA ALA I 208 -66.92 -33.90 -33.43
C ALA I 208 -67.04 -32.49 -34.01
N PHE I 209 -68.27 -32.17 -34.40
CA PHE I 209 -68.63 -30.83 -34.81
C PHE I 209 -69.46 -30.27 -33.70
N VAL I 210 -69.02 -29.13 -33.16
CA VAL I 210 -69.77 -28.40 -32.14
C VAL I 210 -70.09 -27.02 -32.72
N CYS I 211 -71.33 -26.87 -33.18
CA CYS I 211 -71.80 -25.60 -33.72
C CYS I 211 -72.39 -24.72 -32.62
N ASN I 212 -72.09 -23.42 -32.69
CA ASN I 212 -72.60 -22.43 -31.75
C ASN I 212 -72.45 -22.91 -30.29
N ALA I 213 -71.22 -23.35 -29.98
CA ALA I 213 -70.83 -23.74 -28.63
C ALA I 213 -71.21 -22.70 -27.57
N ALA I 214 -71.61 -23.20 -26.40
CA ALA I 214 -71.96 -22.38 -25.25
C ALA I 214 -73.09 -21.38 -25.54
N THR I 215 -74.05 -21.82 -26.34
CA THR I 215 -75.29 -21.10 -26.58
C THR I 215 -76.42 -22.10 -26.58
N PRO I 216 -77.66 -21.63 -26.38
CA PRO I 216 -78.83 -22.51 -26.31
C PRO I 216 -79.07 -23.26 -27.62
N GLN I 217 -78.62 -22.69 -28.74
CA GLN I 217 -78.71 -23.38 -30.03
C GLN I 217 -77.52 -24.30 -30.32
N GLN I 218 -76.65 -24.53 -29.32
CA GLN I 218 -75.53 -25.46 -29.49
C GLN I 218 -75.98 -26.77 -30.15
N ALA I 219 -75.19 -27.27 -31.10
CA ALA I 219 -75.50 -28.54 -31.77
C ALA I 219 -74.22 -29.36 -31.94
N VAL I 220 -74.32 -30.67 -31.72
CA VAL I 220 -73.13 -31.55 -31.78
C VAL I 220 -73.33 -32.76 -32.67
N LEU I 221 -72.34 -33.02 -33.51
CA LEU I 221 -72.35 -34.17 -34.41
C LEU I 221 -71.12 -35.02 -34.19
N GLU I 222 -71.36 -36.26 -33.73
CA GLU I 222 -70.31 -37.24 -33.58
C GLU I 222 -70.23 -38.06 -34.85
N THR I 223 -69.14 -37.89 -35.58
CA THR I 223 -68.81 -38.61 -36.80
C THR I 223 -67.40 -39.17 -36.69
N THR I 224 -66.75 -39.20 -37.88
CA THR I 224 -65.57 -39.96 -38.17
C THR I 224 -64.79 -39.19 -39.25
N LEU I 225 -63.49 -39.39 -39.37
CA LEU I 225 -62.72 -38.66 -40.37
C LEU I 225 -63.25 -38.85 -41.79
N ALA I 226 -63.66 -40.07 -42.13
CA ALA I 226 -64.12 -40.38 -43.49
C ALA I 226 -65.56 -39.98 -43.74
N ARG I 227 -66.42 -40.10 -42.72
CA ARG I 227 -67.83 -39.80 -42.92
C ARG I 227 -68.10 -38.29 -42.83
N ALA I 228 -67.17 -37.55 -42.20
CA ALA I 228 -67.37 -36.14 -41.80
C ALA I 228 -68.08 -35.23 -42.81
N GLU I 229 -67.45 -35.05 -43.97
CA GLU I 229 -67.98 -34.23 -45.06
C GLU I 229 -69.41 -34.61 -45.46
N ALA I 230 -69.67 -35.90 -45.58
CA ALA I 230 -71.01 -36.37 -45.95
C ALA I 230 -71.99 -36.08 -44.82
N ASP I 231 -71.56 -36.32 -43.59
CA ASP I 231 -72.45 -36.20 -42.45
C ASP I 231 -72.85 -34.76 -42.19
N VAL I 232 -71.86 -33.88 -42.25
CA VAL I 232 -72.05 -32.43 -42.12
C VAL I 232 -73.07 -31.88 -43.14
N ALA I 233 -72.96 -32.32 -44.40
CA ALA I 233 -73.86 -31.82 -45.42
C ALA I 233 -75.29 -32.34 -45.20
N ALA I 234 -75.40 -33.57 -44.71
CA ALA I 234 -76.69 -34.18 -44.40
C ALA I 234 -77.29 -33.64 -43.10
N ALA I 235 -76.45 -33.03 -42.26
CA ALA I 235 -76.92 -32.42 -41.03
C ALA I 235 -77.39 -30.98 -41.25
N GLY I 236 -77.01 -30.42 -42.40
CA GLY I 236 -77.28 -29.02 -42.71
C GLY I 236 -76.43 -28.06 -41.90
N LEU I 237 -75.53 -28.61 -41.10
CA LEU I 237 -74.79 -27.88 -40.08
C LEU I 237 -73.98 -26.74 -40.67
N GLU I 238 -73.87 -25.65 -39.90
CA GLU I 238 -73.28 -24.39 -40.34
C GLU I 238 -72.30 -23.79 -39.34
N PRO I 239 -71.33 -22.99 -39.84
CA PRO I 239 -70.50 -22.11 -39.00
C PRO I 239 -71.37 -21.24 -38.11
N PRO I 240 -70.86 -20.82 -36.97
CA PRO I 240 -69.51 -21.18 -36.51
C PRO I 240 -69.48 -22.52 -35.81
N ALA I 241 -68.47 -23.34 -36.12
CA ALA I 241 -68.37 -24.64 -35.51
C ALA I 241 -66.96 -24.87 -35.06
N ILE I 242 -66.74 -25.75 -34.09
CA ILE I 242 -65.39 -26.24 -33.85
C ILE I 242 -65.39 -27.74 -34.18
N VAL I 243 -64.42 -28.13 -35.01
CA VAL I 243 -64.20 -29.53 -35.33
C VAL I 243 -63.06 -30.04 -34.48
N VAL I 244 -63.28 -31.12 -33.74
CA VAL I 244 -62.21 -31.73 -32.97
C VAL I 244 -61.96 -33.16 -33.48
N VAL I 245 -60.68 -33.55 -33.63
CA VAL I 245 -60.33 -34.88 -34.12
C VAL I 245 -59.58 -35.59 -33.01
N GLY I 246 -59.95 -36.84 -32.70
CA GLY I 246 -59.20 -37.63 -31.73
C GLY I 246 -60.04 -38.36 -30.69
N GLU I 247 -59.40 -39.28 -29.96
CA GLU I 247 -60.09 -40.16 -29.02
C GLU I 247 -60.86 -39.40 -27.94
N VAL I 248 -60.53 -38.13 -27.70
CA VAL I 248 -61.23 -37.36 -26.65
C VAL I 248 -62.70 -37.20 -26.96
N VAL I 249 -63.09 -37.45 -28.21
CA VAL I 249 -64.50 -37.33 -28.60
C VAL I 249 -65.30 -38.43 -27.93
N ARG I 250 -64.70 -39.62 -27.83
CA ARG I 250 -65.36 -40.73 -27.12
C ARG I 250 -65.85 -40.36 -25.72
N LEU I 251 -65.21 -39.38 -25.07
CA LEU I 251 -65.61 -39.00 -23.71
C LEU I 251 -66.95 -38.27 -23.61
N ARG I 252 -67.38 -37.67 -24.70
CA ARG I 252 -68.64 -36.95 -24.74
C ARG I 252 -69.79 -37.75 -24.14
N ALA I 253 -69.97 -38.98 -24.56
CA ALA I 253 -71.05 -39.81 -24.03
C ALA I 253 -71.04 -39.83 -22.49
N ALA I 254 -69.85 -39.72 -21.90
CA ALA I 254 -69.73 -39.74 -20.45
C ALA I 254 -69.75 -38.36 -19.79
N LEU I 255 -69.25 -37.32 -20.47
CA LEU I 255 -69.12 -36.01 -19.83
C LEU I 255 -70.05 -34.91 -20.35
N ASP I 256 -71.06 -35.32 -21.14
CA ASP I 256 -72.05 -34.39 -21.66
C ASP I 256 -72.95 -33.93 -20.51
N TRP I 257 -72.51 -32.86 -19.85
CA TRP I 257 -73.21 -32.34 -18.68
C TRP I 257 -74.29 -31.35 -19.07
N ILE I 258 -74.15 -30.71 -20.23
CA ILE I 258 -75.20 -29.86 -20.76
C ILE I 258 -76.36 -30.75 -21.20
N GLY I 259 -76.02 -31.91 -21.76
CA GLY I 259 -77.00 -32.91 -22.16
C GLY I 259 -77.92 -33.25 -21.00
N ALA I 260 -77.34 -33.77 -19.92
CA ALA I 260 -78.06 -33.95 -18.65
C ALA I 260 -77.70 -32.72 -17.84
N LEU I 261 -78.42 -31.61 -17.97
CA LEU I 261 -79.84 -31.47 -17.71
C LEU I 261 -80.85 -31.65 -18.83
N ASP I 262 -81.07 -32.91 -19.21
CA ASP I 262 -82.21 -33.35 -20.04
C ASP I 262 -82.32 -34.86 -19.90
N GLY I 263 -82.57 -35.57 -21.01
CA GLY I 263 -82.79 -37.01 -20.95
C GLY I 263 -81.59 -37.91 -21.23
N ARG I 264 -80.38 -37.45 -20.91
CA ARG I 264 -79.15 -38.20 -21.23
C ARG I 264 -78.41 -38.79 -20.01
N LYS I 265 -78.36 -40.12 -19.95
CA LYS I 265 -77.61 -40.85 -18.91
C LYS I 265 -76.15 -41.05 -19.32
N LEU I 266 -75.23 -40.78 -18.40
CA LEU I 266 -73.79 -40.77 -18.68
C LEU I 266 -73.13 -42.12 -18.34
N ALA I 267 -72.35 -42.66 -19.28
CA ALA I 267 -71.75 -44.00 -19.13
C ALA I 267 -70.24 -43.98 -18.84
N ALA I 268 -69.87 -44.35 -17.60
CA ALA I 268 -68.47 -44.33 -17.15
C ALA I 268 -67.64 -45.46 -17.75
N LEU J 5 -76.29 -3.38 -15.13
CA LEU J 5 -76.93 -4.73 -14.93
C LEU J 5 -76.10 -5.78 -14.14
N PHE J 6 -76.45 -5.90 -12.85
CA PHE J 6 -76.37 -7.18 -12.16
C PHE J 6 -77.76 -7.79 -12.11
N ALA J 7 -77.79 -9.12 -12.18
CA ALA J 7 -79.01 -9.86 -12.46
C ALA J 7 -78.98 -11.21 -11.72
N GLY J 8 -78.99 -12.32 -12.59
CA GLY J 8 -78.87 -13.68 -12.08
C GLY J 8 -77.93 -14.45 -12.99
N LEU J 9 -77.92 -15.77 -12.83
CA LEU J 9 -77.21 -16.71 -13.72
C LEU J 9 -77.81 -18.09 -13.42
N PRO J 10 -77.10 -19.20 -13.69
CA PRO J 10 -77.39 -20.50 -13.07
C PRO J 10 -76.84 -20.62 -11.65
N ALA J 11 -77.44 -21.51 -10.84
CA ALA J 11 -77.05 -21.71 -9.46
C ALA J 11 -76.37 -23.05 -9.20
N LEU J 12 -75.50 -23.09 -8.20
CA LEU J 12 -74.76 -24.29 -7.83
C LEU J 12 -75.48 -25.11 -6.77
N GLU J 13 -76.15 -26.17 -7.22
CA GLU J 13 -76.96 -27.03 -6.35
C GLU J 13 -76.20 -27.86 -5.30
N LYS J 14 -76.93 -28.29 -4.28
CA LYS J 14 -76.45 -29.23 -3.28
C LYS J 14 -76.32 -30.61 -3.92
N GLY J 15 -75.27 -31.34 -3.56
CA GLY J 15 -75.04 -32.65 -4.15
C GLY J 15 -74.54 -32.57 -5.58
N SER J 16 -74.12 -31.37 -5.99
CA SER J 16 -73.58 -31.17 -7.32
C SER J 16 -72.21 -30.49 -7.24
N VAL J 17 -71.29 -30.92 -8.10
CA VAL J 17 -69.89 -30.48 -8.05
C VAL J 17 -69.54 -29.69 -9.29
N TRP J 18 -68.91 -28.55 -9.11
CA TRP J 18 -68.44 -27.76 -10.25
C TRP J 18 -66.92 -27.81 -10.34
N LEU J 19 -66.42 -28.20 -11.50
CA LEU J 19 -65.01 -28.10 -11.78
C LEU J 19 -64.83 -26.72 -12.41
N VAL J 20 -64.23 -25.81 -11.64
CA VAL J 20 -64.14 -24.42 -12.06
C VAL J 20 -62.71 -24.03 -12.35
N GLY J 21 -62.54 -23.25 -13.41
CA GLY J 21 -61.23 -22.76 -13.78
C GLY J 21 -61.03 -21.42 -13.14
N ALA J 22 -59.93 -21.30 -12.39
CA ALA J 22 -59.54 -20.06 -11.73
C ALA J 22 -58.74 -19.14 -12.64
N GLY J 23 -58.31 -19.66 -13.78
CA GLY J 23 -57.40 -18.91 -14.62
C GLY J 23 -56.00 -18.95 -14.05
N PRO J 24 -55.09 -18.22 -14.69
CA PRO J 24 -53.66 -18.27 -14.35
C PRO J 24 -53.25 -17.53 -13.08
N GLY J 25 -53.98 -16.51 -12.65
CA GLY J 25 -53.54 -15.79 -11.48
C GLY J 25 -54.38 -14.58 -11.16
N ASP J 26 -54.21 -13.52 -11.95
CA ASP J 26 -55.06 -12.34 -11.88
C ASP J 26 -56.51 -12.69 -11.51
N PRO J 27 -56.97 -12.29 -10.32
CA PRO J 27 -58.36 -12.58 -9.93
C PRO J 27 -59.41 -12.02 -10.90
N GLY J 28 -59.04 -11.03 -11.72
CA GLY J 28 -59.97 -10.41 -12.65
C GLY J 28 -60.21 -11.27 -13.87
N LEU J 29 -59.53 -12.40 -13.90
CA LEU J 29 -59.56 -13.30 -15.03
C LEU J 29 -60.56 -14.44 -14.71
N LEU J 30 -61.10 -14.43 -13.50
CA LEU J 30 -62.19 -15.31 -13.14
C LEU J 30 -63.35 -15.08 -14.09
N THR J 31 -64.14 -16.12 -14.32
CA THR J 31 -65.35 -16.03 -15.11
C THR J 31 -66.51 -15.53 -14.27
N LEU J 32 -67.51 -14.90 -14.90
CA LEU J 32 -68.71 -14.54 -14.18
C LEU J 32 -69.19 -15.80 -13.45
N HIS J 33 -69.41 -16.88 -14.20
CA HIS J 33 -69.68 -18.20 -13.62
C HIS J 33 -68.79 -18.50 -12.38
N ALA J 34 -67.47 -18.43 -12.55
CA ALA J 34 -66.53 -18.75 -11.47
C ALA J 34 -66.84 -17.93 -10.21
N ALA J 35 -66.84 -16.61 -10.32
CA ALA J 35 -67.22 -15.74 -9.20
C ALA J 35 -68.57 -16.12 -8.60
N ASN J 36 -69.52 -16.47 -9.46
CA ASN J 36 -70.80 -16.92 -8.96
C ASN J 36 -70.67 -18.21 -8.15
N ALA J 37 -69.88 -19.15 -8.68
CA ALA J 37 -69.63 -20.41 -7.99
C ALA J 37 -68.94 -20.16 -6.66
N LEU J 38 -67.98 -19.24 -6.63
CA LEU J 38 -67.29 -18.85 -5.40
C LEU J 38 -68.26 -18.40 -4.28
N ARG J 39 -69.25 -17.58 -4.64
CA ARG J 39 -70.21 -17.04 -3.67
C ARG J 39 -71.14 -18.06 -3.03
N GLN J 40 -71.37 -19.18 -3.71
CA GLN J 40 -72.42 -20.12 -3.31
C GLN J 40 -71.92 -21.39 -2.65
N ALA J 41 -70.68 -21.76 -2.95
CA ALA J 41 -70.09 -23.02 -2.46
C ALA J 41 -69.99 -23.12 -0.94
N ASP J 42 -70.39 -24.27 -0.40
CA ASP J 42 -70.20 -24.58 1.01
C ASP J 42 -68.77 -25.04 1.24
N VAL J 43 -68.17 -25.57 0.18
CA VAL J 43 -66.84 -26.18 0.26
C VAL J 43 -66.04 -25.91 -1.02
N ILE J 44 -64.85 -25.32 -0.86
CA ILE J 44 -63.97 -25.02 -1.97
C ILE J 44 -62.72 -25.88 -1.90
N VAL J 45 -62.71 -26.97 -2.65
CA VAL J 45 -61.54 -27.82 -2.75
C VAL J 45 -60.63 -27.22 -3.83
N HIS J 46 -59.45 -26.76 -3.40
CA HIS J 46 -58.51 -26.03 -4.24
C HIS J 46 -57.08 -26.53 -4.04
N ASP J 47 -56.20 -26.21 -4.98
CA ASP J 47 -54.80 -26.67 -4.95
C ASP J 47 -53.80 -25.50 -4.79
N ALA J 48 -52.50 -25.81 -4.93
CA ALA J 48 -51.42 -24.88 -5.33
C ALA J 48 -51.89 -23.66 -6.16
N LEU J 49 -52.40 -22.64 -5.49
CA LEU J 49 -52.94 -21.49 -6.22
C LEU J 49 -51.88 -20.44 -6.36
N VAL J 50 -51.68 -19.95 -7.59
CA VAL J 50 -50.77 -18.82 -7.81
C VAL J 50 -51.26 -17.51 -7.13
N ASN J 51 -52.58 -17.32 -7.09
CA ASN J 51 -53.18 -16.24 -6.31
C ASN J 51 -54.17 -16.80 -5.28
N GLU J 52 -53.82 -16.64 -4.01
CA GLU J 52 -54.71 -16.97 -2.91
C GLU J 52 -55.74 -15.85 -2.73
N ASP J 53 -56.20 -15.29 -3.85
CA ASP J 53 -57.04 -14.09 -3.84
C ASP J 53 -58.49 -14.40 -4.17
N CYS J 54 -58.67 -15.36 -5.09
CA CYS J 54 -59.98 -15.85 -5.55
C CYS J 54 -60.81 -16.43 -4.43
N LEU J 55 -60.14 -16.80 -3.33
CA LEU J 55 -60.81 -17.36 -2.17
C LEU J 55 -61.49 -16.30 -1.31
N LYS J 56 -61.11 -15.04 -1.50
CA LYS J 56 -61.72 -13.91 -0.82
C LYS J 56 -63.18 -13.70 -1.22
N LEU J 57 -63.58 -14.29 -2.34
CA LEU J 57 -64.95 -14.17 -2.83
C LEU J 57 -65.90 -15.15 -2.14
N ALA J 58 -65.32 -16.20 -1.58
CA ALA J 58 -66.09 -17.24 -0.91
C ALA J 58 -66.93 -16.66 0.22
N ARG J 59 -68.20 -17.04 0.26
CA ARG J 59 -69.07 -16.67 1.38
C ARG J 59 -68.47 -17.18 2.70
N PRO J 60 -68.16 -16.27 3.64
CA PRO J 60 -67.53 -16.64 4.90
C PRO J 60 -68.30 -17.76 5.61
N GLY J 61 -67.58 -18.77 6.08
CA GLY J 61 -68.20 -19.93 6.69
C GLY J 61 -68.22 -21.14 5.77
N ALA J 62 -67.42 -21.07 4.71
CA ALA J 62 -67.25 -22.18 3.77
C ALA J 62 -65.84 -22.76 3.94
N VAL J 63 -65.77 -24.07 4.21
CA VAL J 63 -64.50 -24.72 4.51
C VAL J 63 -63.60 -24.81 3.28
N LEU J 64 -62.40 -24.27 3.42
CA LEU J 64 -61.40 -24.31 2.35
C LEU J 64 -60.52 -25.52 2.52
N GLU J 65 -60.59 -26.42 1.55
CA GLU J 65 -59.81 -27.64 1.57
C GLU J 65 -58.62 -27.55 0.61
N PHE J 66 -57.48 -28.05 1.05
CA PHE J 66 -56.26 -28.07 0.25
C PHE J 66 -56.08 -29.46 -0.37
N ALA J 67 -55.99 -29.48 -1.71
CA ALA J 67 -55.81 -30.73 -2.44
C ALA J 67 -54.38 -30.94 -2.94
N GLY J 68 -53.53 -29.92 -2.75
CA GLY J 68 -52.13 -29.96 -3.17
C GLY J 68 -51.19 -30.60 -2.15
N LYS J 69 -49.88 -30.41 -2.39
CA LYS J 69 -48.81 -31.04 -1.58
C LYS J 69 -48.69 -30.49 -0.15
N ARG J 70 -48.72 -31.39 0.83
CA ARG J 70 -48.83 -30.98 2.24
C ARG J 70 -47.62 -31.41 3.11
N GLY J 71 -46.43 -30.94 2.74
CA GLY J 71 -45.22 -31.12 3.55
C GLY J 71 -44.73 -32.54 3.76
N GLY J 72 -45.39 -33.27 4.66
CA GLY J 72 -44.99 -34.60 5.08
C GLY J 72 -44.64 -35.58 3.95
N PRO J 74 -45.45 -37.08 0.63
CA PRO J 74 -46.09 -37.39 -0.66
C PRO J 74 -47.19 -36.38 -1.03
N SER J 75 -47.45 -36.24 -2.34
CA SER J 75 -48.56 -35.41 -2.85
C SER J 75 -49.74 -36.31 -3.24
N PRO J 76 -50.91 -36.09 -2.62
CA PRO J 76 -52.00 -37.10 -2.60
C PRO J 76 -52.41 -37.60 -3.99
N LYS J 77 -52.73 -38.89 -4.09
CA LYS J 77 -53.14 -39.49 -5.37
C LYS J 77 -54.48 -38.93 -5.84
N GLN J 78 -54.59 -38.73 -7.15
CA GLN J 78 -55.74 -38.09 -7.80
C GLN J 78 -57.09 -38.70 -7.45
N ARG J 79 -57.15 -40.03 -7.36
CA ARG J 79 -58.39 -40.70 -6.98
C ARG J 79 -58.86 -40.29 -5.58
N ASP J 80 -57.92 -40.09 -4.64
CA ASP J 80 -58.27 -39.66 -3.28
C ASP J 80 -59.00 -38.31 -3.28
N ILE J 81 -58.59 -37.39 -4.15
CA ILE J 81 -59.25 -36.10 -4.33
C ILE J 81 -60.60 -36.23 -5.02
N SER J 82 -60.64 -36.99 -6.12
CA SER J 82 -61.86 -37.24 -6.86
C SER J 82 -62.94 -37.79 -5.91
N LEU J 83 -62.55 -38.80 -5.14
CA LEU J 83 -63.46 -39.48 -4.25
C LEU J 83 -63.95 -38.55 -3.15
N ARG J 84 -63.06 -37.74 -2.58
CA ARG J 84 -63.45 -36.79 -1.54
C ARG J 84 -64.56 -35.90 -2.09
N LEU J 85 -64.37 -35.41 -3.31
CA LEU J 85 -65.38 -34.62 -3.99
C LEU J 85 -66.77 -35.29 -3.93
N VAL J 86 -66.82 -36.57 -4.31
CA VAL J 86 -68.05 -37.36 -4.29
C VAL J 86 -68.58 -37.48 -2.87
N GLU J 87 -67.72 -37.96 -1.98
CA GLU J 87 -68.05 -38.12 -0.58
C GLU J 87 -68.61 -36.81 -0.01
N LEU J 88 -68.03 -35.68 -0.37
CA LEU J 88 -68.52 -34.38 0.08
C LEU J 88 -69.92 -34.05 -0.47
N ALA J 89 -70.10 -34.30 -1.76
CA ALA J 89 -71.37 -34.01 -2.43
C ALA J 89 -72.53 -34.86 -1.90
N ARG J 90 -72.23 -36.10 -1.52
CA ARG J 90 -73.25 -37.00 -0.96
C ARG J 90 -73.79 -36.52 0.39
N ALA J 91 -73.01 -35.68 1.09
CA ALA J 91 -73.42 -35.08 2.35
C ALA J 91 -74.37 -33.87 2.15
N GLY J 92 -74.49 -33.43 0.91
CA GLY J 92 -75.42 -32.37 0.56
C GLY J 92 -74.76 -31.04 0.28
N ASN J 93 -73.44 -31.06 0.11
CA ASN J 93 -72.68 -29.84 -0.08
C ASN J 93 -72.85 -29.18 -1.46
N ARG J 94 -72.60 -27.88 -1.51
CA ARG J 94 -72.41 -27.17 -2.76
C ARG J 94 -70.90 -27.21 -2.98
N VAL J 95 -70.48 -28.11 -3.88
CA VAL J 95 -69.06 -28.44 -4.02
C VAL J 95 -68.38 -27.69 -5.17
N LEU J 96 -67.33 -26.95 -4.81
CA LEU J 96 -66.53 -26.24 -5.78
C LEU J 96 -65.12 -26.84 -5.82
N ARG J 97 -64.78 -27.44 -6.97
CA ARG J 97 -63.41 -27.87 -7.21
C ARG J 97 -62.72 -26.75 -8.00
N LEU J 98 -61.95 -25.93 -7.29
CA LEU J 98 -61.27 -24.79 -7.88
C LEU J 98 -59.91 -25.19 -8.41
N LYS J 99 -59.76 -25.06 -9.73
CA LYS J 99 -58.61 -25.54 -10.47
C LYS J 99 -57.88 -24.40 -11.17
N GLY J 100 -56.55 -24.42 -11.12
CA GLY J 100 -55.75 -23.39 -11.73
C GLY J 100 -55.91 -23.44 -13.24
N GLY J 101 -55.95 -22.27 -13.86
CA GLY J 101 -56.09 -22.22 -15.30
C GLY J 101 -57.48 -22.66 -15.70
N ASP J 102 -57.54 -23.70 -16.53
CA ASP J 102 -58.78 -24.21 -17.07
C ASP J 102 -58.77 -25.68 -16.73
N PRO J 103 -59.94 -26.25 -16.41
CA PRO J 103 -60.03 -27.62 -15.90
C PRO J 103 -59.62 -28.70 -16.89
N PHE J 104 -59.62 -28.37 -18.18
CA PHE J 104 -59.48 -29.38 -19.22
C PHE J 104 -58.13 -29.28 -19.96
N VAL J 105 -57.29 -28.33 -19.56
CA VAL J 105 -55.98 -28.16 -20.16
C VAL J 105 -54.88 -28.68 -19.21
N PHE J 106 -54.38 -29.89 -19.47
CA PHE J 106 -53.44 -30.58 -18.57
C PHE J 106 -53.80 -30.49 -17.08
N GLY J 107 -55.09 -30.42 -16.76
CA GLY J 107 -55.48 -30.23 -15.37
C GLY J 107 -56.26 -31.35 -14.69
N ARG J 108 -56.19 -32.56 -15.23
CA ARG J 108 -57.01 -33.72 -14.80
C ARG J 108 -58.50 -33.48 -14.49
N GLY J 109 -59.09 -32.45 -15.10
CA GLY J 109 -60.50 -32.18 -14.91
C GLY J 109 -61.36 -33.34 -15.39
N GLY J 110 -60.98 -33.88 -16.55
CA GLY J 110 -61.70 -34.96 -17.21
C GLY J 110 -61.68 -36.21 -16.37
N GLU J 111 -60.54 -36.49 -15.74
CA GLU J 111 -60.45 -37.57 -14.76
C GLU J 111 -61.46 -37.42 -13.63
N GLU J 112 -61.51 -36.23 -13.05
CA GLU J 112 -62.37 -35.94 -11.92
C GLU J 112 -63.82 -36.08 -12.30
N ALA J 113 -64.23 -35.34 -13.34
CA ALA J 113 -65.57 -35.46 -13.89
C ALA J 113 -65.93 -36.93 -14.06
N LEU J 114 -65.01 -37.70 -14.65
CA LEU J 114 -65.17 -39.13 -14.89
C LEU J 114 -65.50 -39.93 -13.62
N THR J 115 -64.80 -39.64 -12.51
CA THR J 115 -65.17 -40.24 -11.22
C THR J 115 -66.52 -39.71 -10.74
N LEU J 116 -66.81 -38.45 -11.08
CA LEU J 116 -68.08 -37.82 -10.71
C LEU J 116 -69.28 -38.49 -11.39
N VAL J 117 -69.14 -38.78 -12.69
CA VAL J 117 -70.18 -39.47 -13.45
C VAL J 117 -70.44 -40.86 -12.85
N GLU J 118 -69.35 -41.54 -12.52
CA GLU J 118 -69.33 -42.89 -11.96
C GLU J 118 -70.17 -43.05 -10.70
N HIS J 119 -70.65 -41.94 -10.13
CA HIS J 119 -70.94 -41.91 -8.70
C HIS J 119 -72.24 -41.34 -8.07
N GLN J 120 -73.39 -41.22 -8.76
CA GLN J 120 -73.54 -40.53 -10.03
C GLN J 120 -73.81 -39.09 -9.56
N VAL J 121 -72.75 -38.31 -9.49
CA VAL J 121 -72.85 -36.96 -8.97
C VAL J 121 -72.95 -35.98 -10.12
N PRO J 122 -74.01 -35.16 -10.11
CA PRO J 122 -74.16 -34.07 -11.09
C PRO J 122 -72.98 -33.09 -11.06
N PHE J 123 -72.60 -32.54 -12.21
CA PHE J 123 -71.45 -31.65 -12.29
C PHE J 123 -71.55 -30.63 -13.43
N ARG J 124 -70.87 -29.51 -13.25
CA ARG J 124 -70.72 -28.50 -14.28
C ARG J 124 -69.21 -28.29 -14.52
N ILE J 125 -68.82 -28.08 -15.79
CA ILE J 125 -67.50 -27.53 -16.09
C ILE J 125 -67.62 -26.03 -16.28
N VAL J 126 -66.70 -25.30 -15.66
CA VAL J 126 -66.62 -23.86 -15.87
C VAL J 126 -65.25 -23.50 -16.48
N PRO J 127 -65.17 -23.39 -17.81
CA PRO J 127 -63.92 -22.99 -18.48
C PRO J 127 -63.19 -21.82 -17.81
N GLY J 128 -61.86 -21.86 -17.81
CA GLY J 128 -61.05 -20.73 -17.40
C GLY J 128 -59.95 -20.36 -18.39
N ILE J 129 -59.34 -19.20 -18.18
CA ILE J 129 -58.15 -18.79 -18.91
C ILE J 129 -56.99 -19.75 -18.57
N THR J 130 -56.33 -20.28 -19.60
CA THR J 130 -55.22 -21.21 -19.47
C THR J 130 -53.91 -20.40 -19.54
N ALA J 131 -52.87 -20.84 -18.87
CA ALA J 131 -51.63 -20.06 -18.90
C ALA J 131 -51.06 -20.09 -20.31
N GLY J 132 -51.24 -21.22 -20.99
CA GLY J 132 -50.96 -21.35 -22.43
C GLY J 132 -51.41 -20.16 -23.28
N ILE J 133 -52.58 -19.56 -22.99
CA ILE J 133 -53.10 -18.47 -23.83
C ILE J 133 -53.12 -17.07 -23.19
N GLY J 134 -53.88 -16.89 -22.13
CA GLY J 134 -53.96 -15.60 -21.46
C GLY J 134 -52.67 -15.21 -20.79
N GLY J 135 -52.03 -16.16 -20.12
CA GLY J 135 -50.72 -15.96 -19.52
C GLY J 135 -49.76 -15.39 -20.54
N LEU J 136 -49.66 -16.07 -21.67
CA LEU J 136 -48.82 -15.56 -22.76
C LEU J 136 -49.28 -14.17 -23.18
N ALA J 137 -50.59 -13.93 -23.24
CA ALA J 137 -51.03 -12.55 -23.55
C ALA J 137 -50.44 -11.53 -22.55
N TYR J 138 -50.27 -11.95 -21.30
CA TYR J 138 -49.82 -11.00 -20.30
C TYR J 138 -48.32 -10.78 -20.43
N ALA J 139 -47.69 -11.42 -21.42
CA ALA J 139 -46.30 -11.14 -21.70
C ALA J 139 -46.11 -10.47 -23.05
N GLY J 140 -47.21 -10.19 -23.75
CA GLY J 140 -47.21 -9.55 -25.07
C GLY J 140 -46.90 -10.56 -26.18
N ILE J 141 -47.23 -11.84 -25.95
CA ILE J 141 -47.02 -12.87 -26.95
C ILE J 141 -48.34 -13.54 -27.34
N PRO J 142 -48.83 -13.20 -28.53
CA PRO J 142 -50.01 -13.85 -29.08
C PRO J 142 -49.70 -15.28 -29.46
N VAL J 143 -50.62 -16.16 -29.12
CA VAL J 143 -50.48 -17.57 -29.41
C VAL J 143 -50.63 -17.82 -30.94
N THR J 144 -51.14 -16.80 -31.64
CA THR J 144 -51.56 -16.89 -33.04
C THR J 144 -51.37 -15.51 -33.71
N HIS J 145 -50.95 -15.50 -34.97
CA HIS J 145 -50.68 -14.28 -35.75
C HIS J 145 -50.47 -14.69 -37.21
N ARG J 146 -51.35 -14.21 -38.09
CA ARG J 146 -51.43 -14.64 -39.50
C ARG J 146 -50.08 -14.75 -40.24
N GLU J 147 -49.17 -13.80 -39.98
CA GLU J 147 -47.87 -13.75 -40.64
C GLU J 147 -46.84 -14.81 -40.14
N VAL J 148 -47.23 -15.55 -39.10
CA VAL J 148 -46.35 -16.44 -38.37
C VAL J 148 -46.85 -17.87 -38.36
N ASN J 149 -48.14 -18.07 -38.09
CA ASN J 149 -48.67 -19.41 -37.91
C ASN J 149 -50.16 -19.54 -38.20
N HIS J 150 -50.59 -20.74 -38.61
CA HIS J 150 -52.00 -21.05 -38.80
C HIS J 150 -52.36 -22.22 -37.91
N ALA J 151 -51.34 -22.75 -37.23
CA ALA J 151 -51.48 -23.77 -36.19
C ALA J 151 -50.64 -23.40 -34.96
N VAL J 152 -50.97 -23.98 -33.79
CA VAL J 152 -50.21 -23.86 -32.54
C VAL J 152 -50.44 -25.17 -31.83
N THR J 153 -49.37 -25.73 -31.27
CA THR J 153 -49.43 -26.96 -30.51
C THR J 153 -49.25 -26.74 -29.00
N PHE J 154 -50.21 -27.17 -28.19
CA PHE J 154 -50.01 -27.10 -26.76
C PHE J 154 -49.52 -28.45 -26.34
N LEU J 155 -48.54 -28.50 -25.43
CA LEU J 155 -48.03 -29.77 -24.95
C LEU J 155 -47.55 -29.75 -23.49
N THR J 156 -47.38 -30.97 -22.94
CA THR J 156 -46.76 -31.22 -21.62
C THR J 156 -45.38 -31.80 -21.70
N GLY J 157 -44.47 -31.24 -20.90
CA GLY J 157 -43.13 -31.76 -20.81
C GLY J 157 -42.89 -32.66 -19.62
N HIS J 158 -43.95 -33.02 -18.89
CA HIS J 158 -43.80 -33.70 -17.59
C HIS J 158 -43.00 -34.99 -17.69
N ASP J 159 -43.29 -35.80 -18.70
CA ASP J 159 -42.70 -37.14 -18.86
C ASP J 159 -41.56 -37.17 -19.90
N SER J 160 -40.94 -36.04 -20.17
CA SER J 160 -39.95 -36.00 -21.24
C SER J 160 -38.52 -35.85 -20.73
N SER J 161 -38.12 -36.71 -19.79
CA SER J 161 -36.81 -36.61 -19.15
C SER J 161 -35.61 -36.96 -20.05
N GLY J 162 -35.82 -37.85 -21.02
CA GLY J 162 -34.75 -38.33 -21.87
C GLY J 162 -34.51 -39.79 -21.53
N LEU J 163 -35.63 -40.51 -21.44
CA LEU J 163 -35.67 -41.87 -20.90
C LEU J 163 -36.83 -42.65 -21.51
N VAL J 164 -36.97 -43.93 -21.13
CA VAL J 164 -38.11 -44.78 -21.54
C VAL J 164 -39.27 -43.83 -21.82
N PRO J 165 -39.62 -43.74 -23.13
CA PRO J 165 -39.96 -42.43 -23.72
C PRO J 165 -41.43 -42.07 -23.77
N ASP J 166 -41.65 -40.72 -23.93
CA ASP J 166 -42.99 -40.22 -24.20
C ASP J 166 -43.58 -41.00 -25.34
N ARG J 167 -44.91 -40.98 -25.37
CA ARG J 167 -45.53 -40.97 -26.66
C ARG J 167 -45.61 -39.51 -27.03
N ILE J 168 -44.49 -38.85 -27.29
CA ILE J 168 -44.56 -37.65 -28.08
C ILE J 168 -43.65 -37.89 -29.27
N ASN J 169 -44.28 -37.67 -30.44
CA ASN J 169 -43.55 -37.67 -31.68
C ASN J 169 -42.96 -36.26 -31.78
N TRP J 170 -41.74 -36.09 -31.31
CA TRP J 170 -41.09 -34.79 -31.33
C TRP J 170 -40.92 -34.23 -32.74
N GLN J 171 -40.52 -35.08 -33.67
CA GLN J 171 -40.37 -34.63 -35.02
C GLN J 171 -41.72 -34.13 -35.54
N GLY J 172 -42.79 -34.89 -35.26
CA GLY J 172 -44.12 -34.47 -35.64
C GLY J 172 -44.45 -33.12 -35.03
N ILE J 173 -44.18 -32.98 -33.73
CA ILE J 173 -44.45 -31.71 -33.06
C ILE J 173 -43.60 -30.55 -33.60
N ALA J 174 -42.32 -30.85 -33.85
CA ALA J 174 -41.40 -29.91 -34.48
C ALA J 174 -42.00 -29.45 -35.81
N SER J 175 -42.53 -30.38 -36.61
CA SER J 175 -43.02 -30.04 -37.95
C SER J 175 -44.42 -29.41 -38.02
N GLY J 176 -45.34 -29.92 -37.20
CA GLY J 176 -46.74 -29.52 -37.26
C GLY J 176 -47.15 -28.06 -37.14
N SER J 177 -46.50 -27.28 -36.29
CA SER J 177 -46.92 -25.91 -36.08
C SER J 177 -45.68 -25.11 -35.81
N PRO J 178 -45.65 -23.93 -36.43
CA PRO J 178 -44.52 -23.03 -36.22
C PRO J 178 -44.46 -22.43 -34.81
N VAL J 179 -45.52 -22.54 -34.01
CA VAL J 179 -45.50 -22.14 -32.60
C VAL J 179 -45.78 -23.29 -31.61
N ILE J 180 -44.90 -23.50 -30.62
CA ILE J 180 -45.14 -24.54 -29.60
C ILE J 180 -45.35 -23.91 -28.22
N VAL J 181 -46.39 -24.32 -27.52
CA VAL J 181 -46.62 -23.77 -26.21
C VAL J 181 -46.52 -24.93 -25.21
N MET J 182 -45.61 -24.84 -24.25
CA MET J 182 -45.28 -26.00 -23.42
C MET J 182 -45.52 -25.81 -21.93
N TYR J 183 -46.34 -26.69 -21.38
CA TYR J 183 -46.66 -26.63 -19.97
C TYR J 183 -45.76 -27.63 -19.34
N MET J 184 -45.29 -27.31 -18.13
CA MET J 184 -44.57 -28.26 -17.34
C MET J 184 -43.30 -28.71 -18.01
N ALA J 185 -42.54 -27.77 -18.56
CA ALA J 185 -41.38 -28.12 -19.34
C ALA J 185 -40.02 -27.62 -18.80
N MET J 186 -39.98 -27.06 -17.61
CA MET J 186 -38.70 -26.55 -17.08
C MET J 186 -37.65 -27.60 -16.68
N LYS J 187 -38.03 -28.56 -15.84
CA LYS J 187 -37.12 -29.61 -15.36
C LYS J 187 -36.40 -30.25 -16.55
N HIS J 188 -37.20 -30.53 -17.58
CA HIS J 188 -36.78 -31.30 -18.73
C HIS J 188 -36.45 -30.46 -19.97
N ILE J 189 -36.26 -29.15 -19.77
CA ILE J 189 -36.03 -28.18 -20.84
C ILE J 189 -34.82 -28.54 -21.69
N GLY J 190 -33.72 -28.92 -21.04
CA GLY J 190 -32.56 -29.46 -21.71
C GLY J 190 -32.98 -30.45 -22.78
N ALA J 191 -33.76 -31.48 -22.41
CA ALA J 191 -34.05 -32.58 -23.32
C ALA J 191 -35.09 -32.19 -24.34
N ILE J 192 -36.03 -31.33 -23.95
CA ILE J 192 -37.16 -30.99 -24.81
C ILE J 192 -36.61 -30.20 -25.95
N THR J 193 -35.75 -29.27 -25.59
CA THR J 193 -35.02 -28.41 -26.50
C THR J 193 -34.14 -29.25 -27.46
N ALA J 194 -33.47 -30.27 -26.94
CA ALA J 194 -32.71 -31.11 -27.82
C ALA J 194 -33.67 -31.85 -28.79
N ASN J 195 -34.83 -32.29 -28.32
CA ASN J 195 -35.73 -33.01 -29.21
C ASN J 195 -36.12 -32.14 -30.41
N LEU J 196 -36.54 -30.90 -30.12
CA LEU J 196 -36.96 -29.97 -31.17
C LEU J 196 -35.84 -29.64 -32.16
N ILE J 197 -34.65 -29.35 -31.63
CA ILE J 197 -33.48 -29.17 -32.50
C ILE J 197 -33.24 -30.42 -33.38
N ALA J 198 -33.41 -31.61 -32.82
CA ALA J 198 -33.11 -32.82 -33.58
C ALA J 198 -34.23 -32.99 -34.59
N GLY J 199 -35.35 -32.30 -34.35
CA GLY J 199 -36.49 -32.35 -35.23
C GLY J 199 -36.50 -31.28 -36.30
N GLY J 200 -35.40 -30.53 -36.46
CA GLY J 200 -35.26 -29.58 -37.55
C GLY J 200 -35.49 -28.14 -37.17
N ARG J 201 -36.11 -27.91 -36.02
CA ARG J 201 -36.13 -26.57 -35.46
C ARG J 201 -34.71 -26.00 -35.36
N SER J 202 -34.54 -24.75 -35.77
CA SER J 202 -33.24 -24.11 -35.77
C SER J 202 -32.71 -23.91 -34.34
N PRO J 203 -31.44 -24.20 -34.09
CA PRO J 203 -30.87 -23.77 -32.81
C PRO J 203 -31.13 -22.25 -32.80
N ASP J 204 -31.01 -21.58 -31.69
CA ASP J 204 -31.29 -20.13 -31.82
C ASP J 204 -32.49 -19.65 -32.71
N GLU J 205 -33.63 -20.33 -32.58
CA GLU J 205 -34.96 -19.83 -32.95
C GLU J 205 -35.54 -19.27 -31.65
N PRO J 206 -36.22 -18.11 -31.68
CA PRO J 206 -36.56 -17.44 -30.41
C PRO J 206 -37.45 -18.31 -29.50
N VAL J 207 -37.22 -18.23 -28.20
CA VAL J 207 -38.04 -18.94 -27.24
C VAL J 207 -38.29 -17.95 -26.13
N ALA J 208 -39.42 -18.07 -25.44
CA ALA J 208 -39.64 -17.24 -24.26
C ALA J 208 -40.16 -18.07 -23.09
N PHE J 209 -39.63 -17.77 -21.92
CA PHE J 209 -40.11 -18.36 -20.68
C PHE J 209 -40.97 -17.33 -20.01
N VAL J 210 -42.19 -17.71 -19.66
CA VAL J 210 -43.06 -16.82 -18.90
C VAL J 210 -43.39 -17.43 -17.55
N CYS J 211 -42.84 -16.83 -16.51
CA CYS J 211 -42.99 -17.33 -15.14
C CYS J 211 -44.04 -16.56 -14.41
N ASN J 212 -44.92 -17.28 -13.71
CA ASN J 212 -45.98 -16.70 -12.91
C ASN J 212 -46.74 -15.68 -13.70
N ALA J 213 -47.14 -16.07 -14.91
CA ALA J 213 -47.93 -15.21 -15.77
C ALA J 213 -49.14 -14.67 -15.02
N ALA J 214 -49.49 -13.41 -15.29
CA ALA J 214 -50.68 -12.73 -14.78
C ALA J 214 -50.68 -12.55 -13.25
N THR J 215 -49.49 -12.25 -12.74
CA THR J 215 -49.26 -11.98 -11.31
C THR J 215 -48.23 -10.85 -11.17
N PRO J 216 -48.23 -10.13 -10.06
CA PRO J 216 -47.16 -9.14 -9.81
C PRO J 216 -45.75 -9.76 -9.89
N GLN J 217 -45.59 -11.05 -9.59
CA GLN J 217 -44.29 -11.73 -9.70
C GLN J 217 -43.92 -12.21 -11.13
N GLN J 218 -44.69 -11.78 -12.14
CA GLN J 218 -44.45 -12.24 -13.51
C GLN J 218 -43.01 -11.95 -13.93
N ALA J 219 -42.40 -12.86 -14.67
CA ALA J 219 -41.02 -12.70 -15.09
C ALA J 219 -40.83 -13.39 -16.43
N VAL J 220 -40.16 -12.71 -17.36
CA VAL J 220 -40.05 -13.24 -18.72
C VAL J 220 -38.59 -13.29 -19.15
N LEU J 221 -38.19 -14.40 -19.77
CA LEU J 221 -36.89 -14.51 -20.38
C LEU J 221 -37.00 -14.87 -21.84
N GLU J 222 -36.36 -14.06 -22.68
CA GLU J 222 -36.24 -14.36 -24.10
C GLU J 222 -34.88 -14.91 -24.36
N THR J 223 -34.83 -15.86 -25.28
CA THR J 223 -33.74 -16.80 -25.39
C THR J 223 -34.02 -17.57 -26.68
N THR J 224 -33.39 -18.72 -26.85
CA THR J 224 -33.23 -19.36 -28.14
C THR J 224 -33.31 -20.84 -27.85
N LEU J 225 -33.71 -21.68 -28.82
CA LEU J 225 -33.78 -23.10 -28.48
C LEU J 225 -32.44 -23.64 -27.94
N ALA J 226 -31.31 -23.28 -28.55
CA ALA J 226 -29.98 -23.75 -28.07
C ALA J 226 -29.54 -23.21 -26.70
N ARG J 227 -29.95 -21.98 -26.35
CA ARG J 227 -29.45 -21.37 -25.11
C ARG J 227 -30.44 -21.50 -23.97
N ALA J 228 -31.63 -22.04 -24.26
CA ALA J 228 -32.72 -21.98 -23.31
C ALA J 228 -32.34 -22.60 -21.99
N GLU J 229 -31.78 -23.80 -22.02
CA GLU J 229 -31.49 -24.50 -20.79
C GLU J 229 -30.52 -23.72 -19.90
N ALA J 230 -29.41 -23.28 -20.50
CA ALA J 230 -28.35 -22.63 -19.73
C ALA J 230 -28.91 -21.35 -19.18
N ASP J 231 -29.69 -20.70 -20.01
CA ASP J 231 -29.92 -19.37 -19.57
C ASP J 231 -31.22 -19.15 -18.80
N VAL J 232 -32.11 -20.15 -18.82
CA VAL J 232 -33.13 -20.20 -17.78
C VAL J 232 -32.46 -20.34 -16.41
N ALA J 233 -31.44 -21.19 -16.29
CA ALA J 233 -30.77 -21.31 -15.01
C ALA J 233 -30.03 -20.02 -14.66
N ALA J 234 -29.48 -19.35 -15.67
CA ALA J 234 -28.76 -18.10 -15.45
C ALA J 234 -29.73 -17.06 -14.93
N ALA J 235 -30.97 -17.12 -15.39
CA ALA J 235 -31.96 -16.13 -15.01
C ALA J 235 -32.55 -16.41 -13.64
N GLY J 236 -32.21 -17.57 -13.08
CA GLY J 236 -32.81 -18.03 -11.84
C GLY J 236 -34.30 -18.34 -11.89
N LEU J 237 -34.85 -18.59 -13.07
CA LEU J 237 -36.30 -18.83 -13.20
C LEU J 237 -36.76 -20.18 -12.67
N GLU J 238 -38.04 -20.24 -12.26
CA GLU J 238 -38.62 -21.42 -11.62
C GLU J 238 -40.09 -21.62 -12.01
N PRO J 239 -40.62 -22.85 -11.91
CA PRO J 239 -42.05 -23.11 -12.15
C PRO J 239 -42.92 -22.29 -11.21
N PRO J 240 -44.20 -22.05 -11.54
CA PRO J 240 -44.78 -22.43 -12.85
C PRO J 240 -44.38 -21.52 -14.02
N ALA J 241 -44.05 -22.12 -15.17
CA ALA J 241 -43.70 -21.34 -16.34
C ALA J 241 -44.37 -21.91 -17.57
N ILE J 242 -44.60 -21.06 -18.56
CA ILE J 242 -44.99 -21.52 -19.87
C ILE J 242 -43.77 -21.26 -20.74
N VAL J 243 -43.36 -22.25 -21.51
CA VAL J 243 -42.32 -22.06 -22.52
C VAL J 243 -42.98 -22.02 -23.90
N VAL J 244 -42.75 -20.95 -24.66
CA VAL J 244 -43.30 -20.85 -26.01
C VAL J 244 -42.17 -20.76 -27.02
N VAL J 245 -42.32 -21.47 -28.14
CA VAL J 245 -41.30 -21.50 -29.18
C VAL J 245 -41.87 -20.91 -30.48
N GLY J 246 -41.08 -20.09 -31.16
CA GLY J 246 -41.48 -19.57 -32.45
C GLY J 246 -41.51 -18.06 -32.57
N GLU J 247 -41.84 -17.60 -33.77
CA GLU J 247 -41.60 -16.20 -34.17
C GLU J 247 -42.47 -15.24 -33.41
N VAL J 248 -43.55 -15.73 -32.81
CA VAL J 248 -44.46 -14.83 -32.07
C VAL J 248 -43.72 -14.20 -30.87
N VAL J 249 -42.65 -14.84 -30.43
CA VAL J 249 -41.88 -14.38 -29.30
C VAL J 249 -41.33 -13.00 -29.64
N ARG J 250 -41.04 -12.78 -30.92
CA ARG J 250 -40.55 -11.47 -31.38
C ARG J 250 -41.57 -10.33 -31.20
N LEU J 251 -42.84 -10.66 -31.04
CA LEU J 251 -43.87 -9.64 -30.84
C LEU J 251 -43.84 -9.01 -29.44
N ARG J 252 -43.09 -9.63 -28.51
CA ARG J 252 -43.12 -9.15 -27.14
C ARG J 252 -42.60 -7.70 -27.05
N ALA J 253 -41.53 -7.42 -27.78
CA ALA J 253 -40.94 -6.09 -27.73
C ALA J 253 -41.94 -5.02 -28.17
N ALA J 254 -42.98 -5.39 -28.92
CA ALA J 254 -44.00 -4.41 -29.29
C ALA J 254 -45.25 -4.46 -28.43
N LEU J 255 -45.59 -5.64 -27.92
CA LEU J 255 -46.90 -5.85 -27.31
C LEU J 255 -46.89 -6.01 -25.80
N ASP J 256 -45.73 -5.81 -25.18
CA ASP J 256 -45.56 -5.89 -23.75
C ASP J 256 -46.30 -4.74 -23.03
N TRP J 257 -47.62 -4.86 -22.99
CA TRP J 257 -48.46 -3.85 -22.37
C TRP J 257 -48.37 -3.82 -20.84
N ILE J 258 -48.10 -4.94 -20.18
CA ILE J 258 -47.74 -4.91 -18.74
C ILE J 258 -46.54 -4.00 -18.47
N GLY J 259 -45.62 -3.87 -19.43
CA GLY J 259 -44.76 -2.69 -19.49
C GLY J 259 -45.61 -1.42 -19.65
N ALA J 260 -46.68 -1.32 -18.86
CA ALA J 260 -47.49 -0.11 -18.71
C ALA J 260 -46.56 0.82 -17.98
N LEU J 261 -46.53 0.68 -16.65
CA LEU J 261 -45.60 1.33 -15.69
C LEU J 261 -44.32 2.05 -16.18
N ASP J 262 -43.48 1.35 -16.97
CA ASP J 262 -42.18 1.88 -17.44
C ASP J 262 -42.11 2.33 -18.92
N GLY J 263 -41.27 1.69 -19.74
CA GLY J 263 -41.13 2.05 -21.14
C GLY J 263 -42.16 1.37 -22.03
N ALA K 7 -11.25 -24.54 33.42
CA ALA K 7 -10.61 -25.75 32.80
C ALA K 7 -9.14 -25.49 32.42
N GLY K 8 -8.50 -26.55 31.88
CA GLY K 8 -7.09 -26.53 31.52
C GLY K 8 -6.55 -27.94 31.54
N LEU K 9 -7.38 -28.86 31.03
CA LEU K 9 -7.18 -30.32 31.11
C LEU K 9 -7.14 -31.01 29.72
N PRO K 10 -7.20 -32.35 29.67
CA PRO K 10 -7.29 -33.13 28.42
C PRO K 10 -7.86 -32.41 27.18
N ALA K 11 -7.04 -32.36 26.14
CA ALA K 11 -7.38 -31.71 24.89
C ALA K 11 -7.80 -32.73 23.83
N LEU K 12 -8.61 -32.29 22.88
CA LEU K 12 -9.06 -33.15 21.80
C LEU K 12 -8.01 -33.19 20.69
N GLU K 13 -7.31 -34.32 20.58
CA GLU K 13 -6.15 -34.46 19.69
C GLU K 13 -6.48 -34.38 18.19
N LYS K 14 -5.45 -34.05 17.41
CA LYS K 14 -5.58 -33.72 15.98
C LYS K 14 -6.14 -34.79 15.04
N GLY K 15 -6.04 -36.06 15.42
CA GLY K 15 -6.50 -37.15 14.57
C GLY K 15 -7.35 -38.22 15.26
N SER K 16 -8.07 -37.82 16.30
CA SER K 16 -8.80 -38.75 17.16
C SER K 16 -10.29 -38.42 17.28
N VAL K 17 -11.01 -39.22 18.07
CA VAL K 17 -12.46 -39.17 18.14
C VAL K 17 -12.92 -39.35 19.58
N TRP K 18 -13.62 -38.37 20.12
CA TRP K 18 -14.27 -38.56 21.41
C TRP K 18 -15.74 -38.99 21.23
N LEU K 19 -16.11 -40.10 21.85
CA LEU K 19 -17.51 -40.49 21.97
C LEU K 19 -18.08 -39.86 23.27
N VAL K 20 -18.80 -38.75 23.11
CA VAL K 20 -19.21 -37.93 24.25
C VAL K 20 -20.72 -37.93 24.54
N GLY K 21 -21.06 -38.17 25.82
CA GLY K 21 -22.43 -38.12 26.29
C GLY K 21 -22.94 -36.71 26.53
N ALA K 22 -24.08 -36.39 25.93
CA ALA K 22 -24.67 -35.04 26.03
C ALA K 22 -25.62 -34.90 27.23
N GLY K 23 -25.93 -36.02 27.88
CA GLY K 23 -26.97 -36.04 28.88
C GLY K 23 -28.37 -36.00 28.25
N PRO K 24 -29.42 -36.09 29.08
CA PRO K 24 -30.78 -36.28 28.58
C PRO K 24 -31.37 -35.08 27.86
N GLY K 25 -30.89 -33.85 28.10
CA GLY K 25 -31.33 -32.68 27.35
C GLY K 25 -30.86 -31.30 27.82
N ASP K 26 -30.69 -31.16 29.14
CA ASP K 26 -30.36 -29.89 29.82
C ASP K 26 -28.83 -29.62 29.81
N PRO K 27 -28.40 -28.49 29.23
CA PRO K 27 -26.96 -28.18 29.08
C PRO K 27 -26.11 -28.16 30.36
N GLY K 28 -26.68 -27.78 31.51
CA GLY K 28 -25.99 -27.90 32.79
C GLY K 28 -25.54 -29.32 33.12
N LEU K 29 -26.28 -30.30 32.60
CA LEU K 29 -25.98 -31.71 32.83
C LEU K 29 -24.80 -32.20 31.97
N LEU K 30 -24.43 -31.42 30.98
CA LEU K 30 -23.19 -31.63 30.22
C LEU K 30 -22.00 -31.65 31.18
N THR K 31 -21.13 -32.64 30.97
CA THR K 31 -19.91 -32.76 31.75
C THR K 31 -18.93 -31.62 31.39
N LEU K 32 -18.03 -31.28 32.33
CA LEU K 32 -16.96 -30.33 32.02
C LEU K 32 -16.14 -30.83 30.82
N HIS K 33 -15.90 -32.15 30.77
CA HIS K 33 -15.19 -32.81 29.66
C HIS K 33 -15.95 -32.70 28.34
N ALA K 34 -17.26 -32.92 28.41
CA ALA K 34 -18.15 -32.69 27.28
C ALA K 34 -18.05 -31.25 26.80
N ALA K 35 -18.14 -30.30 27.76
CA ALA K 35 -18.09 -28.87 27.47
C ALA K 35 -16.88 -28.47 26.64
N ASN K 36 -15.68 -28.72 27.15
CA ASN K 36 -14.46 -28.36 26.43
C ASN K 36 -14.17 -29.26 25.22
N ALA K 37 -14.89 -30.37 25.11
CA ALA K 37 -14.88 -31.20 23.89
C ALA K 37 -15.61 -30.47 22.76
N LEU K 38 -16.86 -30.09 23.03
CA LEU K 38 -17.67 -29.28 22.12
C LEU K 38 -16.90 -28.09 21.58
N ARG K 39 -16.27 -27.34 22.49
CA ARG K 39 -15.66 -26.06 22.15
C ARG K 39 -14.43 -26.16 21.24
N GLN K 40 -13.55 -27.12 21.50
CA GLN K 40 -12.32 -27.27 20.72
C GLN K 40 -12.42 -28.33 19.61
N ALA K 41 -13.64 -28.60 19.15
CA ALA K 41 -13.88 -29.61 18.11
C ALA K 41 -14.19 -28.99 16.76
N ASP K 42 -13.76 -29.68 15.70
CA ASP K 42 -13.98 -29.22 14.32
C ASP K 42 -15.17 -29.89 13.62
N VAL K 43 -15.46 -31.14 13.98
CA VAL K 43 -16.62 -31.84 13.44
C VAL K 43 -17.36 -32.63 14.51
N ILE K 44 -18.63 -32.28 14.72
CA ILE K 44 -19.48 -32.95 15.68
C ILE K 44 -20.61 -33.71 14.99
N VAL K 45 -20.54 -35.04 15.06
CA VAL K 45 -21.61 -35.92 14.59
C VAL K 45 -22.47 -36.31 15.78
N HIS K 46 -23.74 -35.94 15.72
CA HIS K 46 -24.68 -36.17 16.82
C HIS K 46 -25.92 -36.92 16.34
N ASP K 47 -26.54 -37.70 17.22
CA ASP K 47 -27.82 -38.34 16.90
C ASP K 47 -28.99 -37.36 17.11
N ALA K 48 -30.20 -37.81 16.78
CA ALA K 48 -31.40 -36.96 16.83
C ALA K 48 -31.76 -36.46 18.23
N LEU K 49 -31.42 -37.24 19.29
CA LEU K 49 -31.84 -37.04 20.67
C LEU K 49 -31.51 -35.62 21.14
N VAL K 50 -30.29 -35.14 20.91
CA VAL K 50 -29.81 -33.86 21.43
C VAL K 50 -30.50 -32.67 20.76
N ASN K 51 -31.54 -32.15 21.41
CA ASN K 51 -32.25 -30.97 20.91
C ASN K 51 -31.42 -29.69 21.12
N GLU K 52 -31.75 -28.65 20.35
CA GLU K 52 -30.93 -27.44 20.19
C GLU K 52 -30.26 -26.81 21.43
N ASP K 53 -30.62 -27.31 22.62
CA ASP K 53 -30.11 -26.82 23.89
C ASP K 53 -28.58 -26.79 23.97
N CYS K 54 -27.94 -27.91 23.61
CA CYS K 54 -26.51 -28.13 23.82
C CYS K 54 -25.62 -27.59 22.69
N LEU K 55 -25.98 -27.89 21.46
CA LEU K 55 -25.07 -27.70 20.31
C LEU K 55 -24.89 -26.24 19.87
N LYS K 56 -25.49 -25.31 20.60
CA LYS K 56 -25.18 -23.89 20.43
C LYS K 56 -23.91 -23.54 21.22
N LEU K 57 -23.52 -24.43 22.12
CA LEU K 57 -22.29 -24.26 22.92
C LEU K 57 -21.07 -24.90 22.25
N ALA K 58 -20.80 -24.51 21.00
CA ALA K 58 -19.63 -24.97 20.23
C ALA K 58 -19.12 -23.85 19.31
N ARG K 59 -17.95 -24.04 18.71
CA ARG K 59 -17.37 -23.04 17.81
C ARG K 59 -18.05 -23.00 16.44
N PRO K 60 -18.47 -21.80 16.00
CA PRO K 60 -19.33 -21.61 14.82
C PRO K 60 -18.83 -22.22 13.49
N GLY K 61 -17.52 -22.41 13.33
CA GLY K 61 -16.97 -23.02 12.12
C GLY K 61 -16.88 -24.54 12.20
N ALA K 62 -17.82 -25.17 12.90
CA ALA K 62 -17.83 -26.63 13.04
C ALA K 62 -18.91 -27.28 12.18
N VAL K 63 -18.50 -28.18 11.29
CA VAL K 63 -19.41 -28.86 10.36
C VAL K 63 -20.35 -29.84 11.08
N LEU K 64 -21.55 -29.35 11.41
CA LEU K 64 -22.56 -30.13 12.12
C LEU K 64 -23.14 -31.24 11.24
N GLU K 65 -23.17 -32.46 11.77
CA GLU K 65 -23.58 -33.65 11.01
C GLU K 65 -24.70 -34.45 11.66
N PHE K 66 -25.53 -35.09 10.84
CA PHE K 66 -26.69 -35.82 11.31
C PHE K 66 -26.59 -37.33 11.12
N ALA K 67 -27.11 -38.08 12.09
CA ALA K 67 -27.16 -39.54 12.02
C ALA K 67 -28.22 -40.02 11.04
N GLY K 68 -29.49 -39.71 11.32
CA GLY K 68 -30.58 -40.12 10.44
C GLY K 68 -31.99 -39.74 10.85
N LYS K 69 -32.64 -38.93 10.01
CA LYS K 69 -34.07 -38.59 10.12
C LYS K 69 -34.61 -37.91 8.85
N GLY K 71 -38.14 -36.24 6.28
CA GLY K 71 -39.54 -36.67 6.33
C GLY K 71 -39.76 -38.02 5.65
N GLY K 72 -39.59 -39.10 6.44
CA GLY K 72 -39.59 -40.45 5.90
C GLY K 72 -38.15 -40.90 5.86
N LYS K 73 -37.70 -41.50 6.97
CA LYS K 73 -36.27 -41.58 7.31
C LYS K 73 -35.56 -42.93 7.10
N PRO K 74 -34.68 -43.01 6.07
CA PRO K 74 -33.66 -44.06 6.03
C PRO K 74 -32.39 -43.64 6.78
N SER K 75 -31.63 -44.61 7.30
CA SER K 75 -30.40 -44.32 8.04
C SER K 75 -29.29 -45.33 7.80
N LYS K 77 -27.27 -47.40 8.53
CA LYS K 77 -26.98 -48.56 9.37
C LYS K 77 -25.68 -48.34 10.17
N GLN K 78 -25.80 -48.44 11.52
CA GLN K 78 -24.79 -47.99 12.48
C GLN K 78 -23.32 -48.10 12.04
N ARG K 79 -22.94 -49.22 11.44
CA ARG K 79 -21.57 -49.41 10.97
C ARG K 79 -21.11 -48.27 10.04
N ASP K 80 -22.05 -47.69 9.29
CA ASP K 80 -21.78 -46.54 8.43
C ASP K 80 -21.36 -45.30 9.22
N ILE K 81 -22.08 -45.02 10.31
CA ILE K 81 -21.78 -43.89 11.19
C ILE K 81 -20.38 -44.04 11.80
N SER K 82 -20.08 -45.22 12.34
CA SER K 82 -18.74 -45.54 12.84
C SER K 82 -17.68 -45.31 11.76
N LEU K 83 -17.93 -45.83 10.56
CA LEU K 83 -17.01 -45.70 9.42
C LEU K 83 -16.78 -44.22 9.06
N ARG K 84 -17.86 -43.43 9.05
CA ARG K 84 -17.77 -41.99 8.82
C ARG K 84 -16.85 -41.28 9.83
N LEU K 85 -16.87 -41.75 11.09
CA LEU K 85 -15.95 -41.26 12.12
C LEU K 85 -14.48 -41.58 11.81
N VAL K 86 -14.20 -42.80 11.34
CA VAL K 86 -12.83 -43.19 10.98
C VAL K 86 -12.31 -42.45 9.74
N GLU K 87 -13.21 -42.13 8.81
CA GLU K 87 -12.86 -41.41 7.58
C GLU K 87 -12.61 -39.92 7.87
N LEU K 88 -13.30 -39.41 8.88
CA LEU K 88 -13.05 -38.06 9.42
C LEU K 88 -11.69 -38.00 10.12
N ALA K 89 -11.43 -38.95 11.01
CA ALA K 89 -10.18 -39.00 11.78
C ALA K 89 -8.96 -39.11 10.89
N ARG K 90 -9.08 -39.93 9.84
CA ARG K 90 -8.01 -40.14 8.87
C ARG K 90 -7.67 -38.85 8.11
N ALA K 91 -8.69 -38.00 7.92
CA ALA K 91 -8.55 -36.70 7.25
C ALA K 91 -8.02 -35.59 8.17
N GLY K 92 -7.59 -35.95 9.38
CA GLY K 92 -6.92 -35.03 10.29
C GLY K 92 -7.84 -34.17 11.12
N ASN K 93 -9.11 -34.55 11.19
CA ASN K 93 -10.10 -33.88 12.02
C ASN K 93 -9.98 -34.27 13.50
N ARG K 94 -10.20 -33.29 14.38
CA ARG K 94 -10.50 -33.57 15.78
C ARG K 94 -12.01 -33.85 15.82
N VAL K 95 -12.38 -35.12 16.01
CA VAL K 95 -13.78 -35.56 15.81
C VAL K 95 -14.53 -35.80 17.10
N LEU K 96 -15.68 -35.15 17.23
CA LEU K 96 -16.53 -35.34 18.40
C LEU K 96 -17.83 -36.06 18.04
N ARG K 97 -17.94 -37.32 18.48
CA ARG K 97 -19.18 -38.10 18.35
C ARG K 97 -20.08 -37.87 19.57
N LEU K 98 -21.21 -37.22 19.34
CA LEU K 98 -22.04 -36.65 20.41
C LEU K 98 -23.34 -37.41 20.62
N LYS K 99 -23.27 -38.41 21.50
CA LYS K 99 -24.36 -39.32 21.79
C LYS K 99 -25.30 -38.78 22.89
N GLY K 100 -26.60 -39.06 22.75
CA GLY K 100 -27.57 -38.70 23.78
C GLY K 100 -27.26 -39.43 25.08
N GLY K 101 -27.52 -38.77 26.21
CA GLY K 101 -27.28 -39.35 27.51
C GLY K 101 -25.83 -39.75 27.78
N ASP K 102 -25.61 -41.04 27.92
CA ASP K 102 -24.27 -41.58 28.13
C ASP K 102 -23.91 -42.61 27.06
N PRO K 103 -22.73 -42.49 26.45
CA PRO K 103 -22.37 -43.32 25.29
C PRO K 103 -22.58 -44.81 25.51
N PHE K 104 -22.48 -45.30 26.76
CA PHE K 104 -22.47 -46.75 27.06
C PHE K 104 -23.77 -47.31 27.66
N VAL K 105 -24.83 -46.51 27.73
CA VAL K 105 -26.10 -47.00 28.25
C VAL K 105 -27.10 -47.04 27.09
N PHE K 106 -27.22 -48.20 26.47
CA PHE K 106 -28.03 -48.43 25.25
C PHE K 106 -27.86 -47.40 24.11
N GLY K 107 -26.73 -46.70 24.12
CA GLY K 107 -26.25 -46.02 22.91
C GLY K 107 -25.70 -47.10 22.00
N ARG K 108 -24.72 -46.76 21.18
CA ARG K 108 -24.01 -47.82 20.48
C ARG K 108 -22.55 -47.47 20.51
N GLY K 109 -22.11 -47.07 21.70
CA GLY K 109 -20.80 -46.50 21.92
C GLY K 109 -19.68 -47.51 21.98
N GLY K 110 -19.96 -48.67 22.57
CA GLY K 110 -19.01 -49.77 22.58
C GLY K 110 -18.73 -50.19 21.16
N GLU K 111 -19.82 -50.31 20.39
CA GLU K 111 -19.82 -50.69 18.97
C GLU K 111 -19.05 -49.71 18.07
N GLU K 112 -19.25 -48.41 18.29
CA GLU K 112 -18.56 -47.37 17.52
C GLU K 112 -17.07 -47.35 17.82
N ALA K 113 -16.72 -47.67 19.06
CA ALA K 113 -15.36 -47.59 19.55
C ALA K 113 -14.47 -48.68 18.97
N LEU K 114 -15.00 -49.89 18.82
CA LEU K 114 -14.19 -50.99 18.28
C LEU K 114 -14.05 -50.98 16.74
N THR K 115 -14.93 -50.24 16.06
CA THR K 115 -14.75 -49.91 14.64
C THR K 115 -13.62 -48.88 14.49
N LEU K 116 -13.53 -47.98 15.47
CA LEU K 116 -12.45 -47.01 15.60
C LEU K 116 -11.14 -47.75 15.85
N VAL K 117 -11.18 -48.67 16.81
CA VAL K 117 -10.02 -49.50 17.16
C VAL K 117 -9.52 -50.30 15.95
N GLU K 118 -10.43 -51.01 15.30
CA GLU K 118 -10.10 -51.85 14.15
C GLU K 118 -9.56 -51.01 12.99
N HIS K 119 -9.92 -49.73 12.95
CA HIS K 119 -9.41 -48.81 11.94
C HIS K 119 -8.24 -47.95 12.45
N GLN K 120 -7.64 -48.37 13.57
CA GLN K 120 -6.43 -47.74 14.13
C GLN K 120 -6.58 -46.24 14.42
N VAL K 121 -7.68 -45.90 15.09
CA VAL K 121 -8.04 -44.52 15.40
C VAL K 121 -8.16 -44.37 16.92
N PRO K 122 -7.38 -43.46 17.52
CA PRO K 122 -7.41 -43.25 18.97
C PRO K 122 -8.75 -42.67 19.41
N PHE K 123 -9.12 -42.90 20.66
CA PHE K 123 -10.42 -42.43 21.15
C PHE K 123 -10.47 -42.21 22.65
N ARG K 124 -11.35 -41.30 23.04
CA ARG K 124 -11.70 -41.08 24.44
C ARG K 124 -13.21 -41.25 24.59
N ILE K 125 -13.62 -41.92 25.66
CA ILE K 125 -15.02 -41.95 26.08
C ILE K 125 -15.21 -40.87 27.14
N VAL K 126 -16.16 -39.96 26.91
CA VAL K 126 -16.61 -39.04 27.96
C VAL K 126 -18.01 -39.45 28.41
N PRO K 127 -18.09 -39.98 29.64
CA PRO K 127 -19.37 -40.30 30.28
C PRO K 127 -20.34 -39.14 30.34
N GLY K 128 -21.64 -39.46 30.39
CA GLY K 128 -22.68 -38.45 30.52
C GLY K 128 -23.79 -38.88 31.47
N ILE K 129 -24.71 -37.95 31.73
CA ILE K 129 -25.90 -38.23 32.56
C ILE K 129 -26.91 -39.02 31.76
N THR K 130 -27.29 -40.18 32.27
CA THR K 130 -28.26 -41.04 31.60
C THR K 130 -29.70 -40.71 32.00
N ALA K 131 -30.61 -40.83 31.03
CA ALA K 131 -32.03 -40.52 31.23
C ALA K 131 -32.65 -41.31 32.37
N GLY K 132 -32.22 -42.56 32.53
CA GLY K 132 -32.69 -43.43 33.58
C GLY K 132 -32.28 -43.04 34.98
N ILE K 133 -31.29 -42.17 35.15
CA ILE K 133 -30.92 -41.72 36.49
C ILE K 133 -31.21 -40.23 36.64
N GLY K 134 -30.43 -39.41 35.94
CA GLY K 134 -30.60 -37.97 35.94
C GLY K 134 -31.97 -37.53 35.46
N GLY K 135 -32.42 -38.10 34.35
CA GLY K 135 -33.74 -37.83 33.83
C GLY K 135 -34.81 -38.07 34.87
N LEU K 136 -34.77 -39.25 35.50
CA LEU K 136 -35.70 -39.58 36.56
C LEU K 136 -35.59 -38.61 37.74
N ALA K 137 -34.35 -38.21 38.06
CA ALA K 137 -34.09 -37.23 39.12
C ALA K 137 -34.82 -35.91 38.85
N TYR K 138 -34.84 -35.47 37.59
CA TYR K 138 -35.54 -34.25 37.20
C TYR K 138 -37.06 -34.41 37.30
N ALA K 139 -37.49 -35.63 37.60
CA ALA K 139 -38.92 -35.92 37.77
C ALA K 139 -39.29 -36.22 39.23
N GLY K 140 -38.31 -36.18 40.13
CA GLY K 140 -38.55 -36.37 41.55
C GLY K 140 -38.43 -37.82 42.03
N ILE K 141 -37.92 -38.70 41.16
CA ILE K 141 -37.79 -40.11 41.48
C ILE K 141 -36.31 -40.52 41.52
N PRO K 142 -35.81 -40.88 42.71
CA PRO K 142 -34.48 -41.48 42.81
C PRO K 142 -34.53 -42.98 42.48
N VAL K 143 -33.54 -43.47 41.72
CA VAL K 143 -33.48 -44.88 41.31
C VAL K 143 -33.21 -45.84 42.48
N THR K 144 -32.57 -45.32 43.55
CA THR K 144 -32.47 -46.04 44.83
C THR K 144 -33.02 -45.22 45.98
N HIS K 145 -33.30 -45.90 47.10
CA HIS K 145 -33.65 -45.31 48.39
C HIS K 145 -33.74 -46.46 49.37
N ARG K 146 -32.98 -46.39 50.46
CA ARG K 146 -32.79 -47.49 51.43
C ARG K 146 -34.00 -48.42 51.68
N GLU K 147 -35.20 -47.82 51.81
CA GLU K 147 -36.43 -48.56 52.10
C GLU K 147 -36.97 -49.38 50.92
N VAL K 148 -37.05 -48.74 49.75
CA VAL K 148 -37.56 -49.41 48.56
C VAL K 148 -36.64 -50.52 47.99
N ASN K 149 -35.37 -50.21 47.80
CA ASN K 149 -34.49 -51.11 47.05
C ASN K 149 -32.98 -51.13 47.39
N HIS K 150 -32.36 -52.28 47.10
CA HIS K 150 -30.92 -52.48 47.18
C HIS K 150 -30.33 -52.74 45.77
N ALA K 151 -31.21 -52.77 44.77
CA ALA K 151 -30.86 -53.11 43.40
C ALA K 151 -31.77 -52.36 42.42
N VAL K 152 -31.25 -52.08 41.23
CA VAL K 152 -32.01 -51.47 40.14
C VAL K 152 -31.66 -52.12 38.81
N THR K 153 -32.67 -52.48 38.04
CA THR K 153 -32.42 -53.03 36.72
C THR K 153 -32.75 -52.01 35.64
N PHE K 154 -31.74 -51.74 34.82
CA PHE K 154 -31.90 -50.95 33.62
C PHE K 154 -32.01 -51.94 32.50
N LEU K 155 -33.03 -51.74 31.66
CA LEU K 155 -33.18 -52.56 30.46
C LEU K 155 -33.69 -51.76 29.25
N THR K 156 -33.50 -52.35 28.08
CA THR K 156 -34.08 -51.84 26.85
C THR K 156 -35.31 -52.68 26.48
N GLY K 157 -36.42 -52.00 26.21
CA GLY K 157 -37.66 -52.65 25.81
C GLY K 157 -37.82 -52.69 24.30
N HIS K 158 -36.77 -52.29 23.55
CA HIS K 158 -36.80 -52.34 22.09
C HIS K 158 -37.33 -53.71 21.63
N VAL K 164 -42.30 -64.89 19.38
CA VAL K 164 -40.86 -65.19 19.34
C VAL K 164 -40.06 -64.22 20.23
N PRO K 165 -39.42 -64.76 21.27
CA PRO K 165 -38.45 -64.00 22.09
C PRO K 165 -37.30 -63.38 21.27
N ASP K 166 -36.92 -62.15 21.62
CA ASP K 166 -35.50 -61.74 21.56
C ASP K 166 -35.12 -61.36 23.00
N ARG K 167 -34.68 -62.38 23.74
CA ARG K 167 -35.08 -62.54 25.13
C ARG K 167 -34.24 -62.00 26.28
N ILE K 168 -35.00 -61.68 27.32
CA ILE K 168 -34.61 -61.21 28.63
C ILE K 168 -35.34 -62.21 29.53
N ASN K 169 -34.80 -62.48 30.71
CA ASN K 169 -35.55 -63.26 31.69
C ASN K 169 -36.52 -62.32 32.39
N TRP K 170 -37.77 -62.28 31.93
CA TRP K 170 -38.76 -61.36 32.50
C TRP K 170 -39.06 -61.71 33.95
N GLN K 171 -39.23 -63.00 34.21
CA GLN K 171 -39.39 -63.50 35.57
C GLN K 171 -38.11 -63.21 36.40
N GLY K 172 -36.96 -63.33 35.76
CA GLY K 172 -35.69 -63.01 36.40
C GLY K 172 -35.64 -61.54 36.78
N ILE K 173 -36.03 -60.68 35.82
CA ILE K 173 -36.12 -59.24 36.02
C ILE K 173 -37.20 -58.86 37.05
N ALA K 174 -38.36 -59.50 36.95
CA ALA K 174 -39.44 -59.33 37.93
C ALA K 174 -38.99 -59.58 39.37
N SER K 175 -38.27 -60.68 39.59
CA SER K 175 -37.78 -61.04 40.92
C SER K 175 -36.52 -60.28 41.38
N GLY K 176 -35.66 -59.90 40.43
CA GLY K 176 -34.35 -59.34 40.74
C GLY K 176 -34.26 -58.04 41.52
N SER K 177 -35.05 -57.04 41.13
CA SER K 177 -34.93 -55.69 41.70
C SER K 177 -36.30 -55.05 41.91
N PRO K 178 -36.53 -54.50 43.09
CA PRO K 178 -37.80 -53.83 43.37
C PRO K 178 -37.99 -52.58 42.50
N VAL K 179 -36.93 -52.09 41.87
CA VAL K 179 -37.03 -50.96 40.93
C VAL K 179 -36.51 -51.32 39.55
N ILE K 180 -37.33 -51.07 38.54
CA ILE K 180 -36.98 -51.38 37.15
C ILE K 180 -37.04 -50.09 36.36
N VAL K 181 -36.07 -49.88 35.49
CA VAL K 181 -35.99 -48.65 34.72
C VAL K 181 -35.79 -49.02 33.25
N MET K 182 -36.68 -48.55 32.40
CA MET K 182 -36.74 -49.04 31.02
C MET K 182 -36.56 -47.99 29.94
N TYR K 183 -35.64 -48.29 29.02
CA TYR K 183 -35.37 -47.47 27.86
C TYR K 183 -36.09 -48.05 26.68
N MET K 184 -36.57 -47.17 25.81
CA MET K 184 -37.17 -47.59 24.55
C MET K 184 -38.27 -48.64 24.74
N ALA K 185 -39.11 -48.44 25.74
CA ALA K 185 -40.13 -49.42 26.10
C ALA K 185 -41.55 -49.00 25.67
N MET K 186 -41.65 -47.84 25.02
CA MET K 186 -42.94 -47.21 24.71
C MET K 186 -43.88 -48.01 23.76
N LYS K 187 -43.34 -48.46 22.61
CA LYS K 187 -44.10 -49.24 21.62
C LYS K 187 -44.31 -50.71 22.02
N HIS K 188 -43.81 -51.13 23.18
CA HIS K 188 -44.00 -52.49 23.63
C HIS K 188 -44.49 -52.48 25.08
N ILE K 189 -45.01 -51.34 25.54
CA ILE K 189 -45.43 -51.21 26.94
C ILE K 189 -46.43 -52.26 27.37
N GLY K 190 -47.42 -52.52 26.51
CA GLY K 190 -48.39 -53.59 26.73
C GLY K 190 -47.68 -54.89 27.03
N ALA K 191 -46.91 -55.39 26.07
CA ALA K 191 -46.21 -56.67 26.23
C ALA K 191 -45.26 -56.70 27.43
N ILE K 192 -44.57 -55.58 27.68
CA ILE K 192 -43.62 -55.50 28.79
C ILE K 192 -44.32 -55.56 30.16
N THR K 193 -45.34 -54.73 30.35
CA THR K 193 -46.17 -54.77 31.56
C THR K 193 -46.83 -56.14 31.74
N ALA K 194 -47.26 -56.72 30.60
CA ALA K 194 -47.81 -58.08 30.55
C ALA K 194 -46.83 -59.11 31.12
N ASN K 195 -45.59 -59.01 30.69
CA ASN K 195 -44.53 -59.88 31.19
C ASN K 195 -44.33 -59.71 32.70
N LEU K 196 -44.20 -58.45 33.13
CA LEU K 196 -43.90 -58.11 34.53
C LEU K 196 -44.97 -58.63 35.48
N ILE K 197 -46.23 -58.48 35.07
CA ILE K 197 -47.35 -59.06 35.80
C ILE K 197 -47.31 -60.60 35.76
N ALA K 198 -46.97 -61.17 34.59
CA ALA K 198 -46.86 -62.64 34.47
C ALA K 198 -45.74 -63.23 35.35
N GLY K 199 -44.73 -62.41 35.65
CA GLY K 199 -43.64 -62.82 36.53
C GLY K 199 -43.83 -62.47 38.00
N GLY K 200 -45.07 -62.24 38.42
CA GLY K 200 -45.41 -62.04 39.82
C GLY K 200 -45.47 -60.60 40.33
N ARG K 201 -45.29 -59.63 39.45
CA ARG K 201 -45.40 -58.22 39.85
C ARG K 201 -46.87 -57.85 39.98
N SER K 202 -47.16 -56.99 40.96
CA SER K 202 -48.53 -56.60 41.24
C SER K 202 -49.14 -55.76 40.12
N PRO K 203 -50.31 -56.19 39.63
CA PRO K 203 -51.08 -55.37 38.70
C PRO K 203 -51.08 -53.88 39.11
N ASP K 204 -51.05 -53.62 40.40
CA ASP K 204 -51.24 -52.27 40.94
C ASP K 204 -49.96 -51.54 41.32
N GLU K 205 -48.83 -52.07 40.87
CA GLU K 205 -47.55 -51.45 41.13
C GLU K 205 -47.46 -50.11 40.39
N PRO K 206 -47.05 -49.06 41.12
CA PRO K 206 -46.85 -47.73 40.52
C PRO K 206 -45.79 -47.76 39.43
N VAL K 207 -46.12 -47.18 38.28
CA VAL K 207 -45.11 -46.86 37.27
C VAL K 207 -45.21 -45.41 36.88
N ALA K 208 -44.11 -44.85 36.40
CA ALA K 208 -44.12 -43.47 35.93
C ALA K 208 -43.48 -43.38 34.55
N PHE K 209 -44.17 -42.69 33.65
CA PHE K 209 -43.58 -42.35 32.36
C PHE K 209 -43.03 -40.94 32.46
N VAL K 210 -41.75 -40.81 32.14
CA VAL K 210 -41.06 -39.51 32.11
C VAL K 210 -40.62 -39.17 30.68
N CYS K 211 -41.36 -38.23 30.06
CA CYS K 211 -41.13 -37.84 28.66
C CYS K 211 -40.30 -36.58 28.53
N ASN K 212 -39.27 -36.63 27.69
CA ASN K 212 -38.32 -35.53 27.49
C ASN K 212 -37.77 -34.96 28.81
N ALA K 213 -37.39 -35.88 29.71
CA ALA K 213 -36.77 -35.56 30.99
C ALA K 213 -35.66 -34.52 30.85
N ALA K 214 -35.65 -33.55 31.78
CA ALA K 214 -34.60 -32.55 31.85
C ALA K 214 -34.64 -31.55 30.68
N THR K 215 -35.85 -31.32 30.14
CA THR K 215 -36.13 -30.26 29.18
C THR K 215 -37.41 -29.54 29.64
N PRO K 216 -37.61 -28.28 29.24
CA PRO K 216 -38.90 -27.60 29.48
C PRO K 216 -40.13 -28.42 29.03
N GLN K 217 -39.98 -29.27 28.00
CA GLN K 217 -41.07 -30.08 27.45
C GLN K 217 -41.46 -31.28 28.33
N GLN K 218 -40.76 -31.47 29.45
CA GLN K 218 -40.93 -32.66 30.29
C GLN K 218 -42.38 -32.92 30.78
N ALA K 219 -42.89 -34.12 30.48
CA ALA K 219 -44.19 -34.57 30.95
C ALA K 219 -44.01 -35.85 31.76
N VAL K 220 -44.60 -35.87 32.96
CA VAL K 220 -44.61 -37.07 33.80
C VAL K 220 -46.03 -37.60 33.92
N LEU K 221 -46.19 -38.91 33.81
CA LEU K 221 -47.47 -39.57 34.05
C LEU K 221 -47.31 -40.65 35.09
N GLU K 222 -47.99 -40.51 36.22
CA GLU K 222 -47.98 -41.56 37.23
C GLU K 222 -49.08 -42.58 36.91
N THR K 223 -48.75 -43.87 37.06
CA THR K 223 -49.69 -44.96 36.82
C THR K 223 -49.40 -46.21 37.63
N THR K 224 -49.69 -47.33 36.97
CA THR K 224 -49.78 -48.65 37.52
C THR K 224 -49.44 -49.59 36.35
N LEU K 225 -48.91 -50.79 36.63
CA LEU K 225 -48.52 -51.73 35.57
C LEU K 225 -49.69 -52.19 34.67
N ALA K 226 -50.85 -52.50 35.27
CA ALA K 226 -52.03 -52.95 34.51
C ALA K 226 -52.63 -51.85 33.61
N ARG K 227 -52.56 -50.61 34.08
CA ARG K 227 -53.23 -49.48 33.43
C ARG K 227 -52.30 -48.61 32.57
N ALA K 228 -51.00 -48.92 32.61
CA ALA K 228 -49.99 -48.18 31.86
C ALA K 228 -50.27 -48.03 30.36
N GLU K 229 -50.49 -49.14 29.64
CA GLU K 229 -50.71 -49.11 28.19
C GLU K 229 -51.87 -48.17 27.77
N ALA K 230 -53.00 -48.28 28.48
CA ALA K 230 -54.18 -47.44 28.20
C ALA K 230 -53.98 -45.98 28.62
N ASP K 231 -53.22 -45.76 29.69
CA ASP K 231 -52.98 -44.42 30.22
C ASP K 231 -52.11 -43.59 29.29
N VAL K 232 -51.11 -44.25 28.66
CA VAL K 232 -50.21 -43.61 27.69
C VAL K 232 -50.96 -43.21 26.43
N ALA K 233 -51.97 -44.00 26.08
CA ALA K 233 -52.84 -43.74 24.94
C ALA K 233 -54.03 -42.86 25.31
N ALA K 234 -54.01 -42.30 26.53
CA ALA K 234 -55.06 -41.37 26.97
C ALA K 234 -54.46 -40.00 27.22
N ALA K 235 -53.20 -39.97 27.68
CA ALA K 235 -52.49 -38.73 27.92
C ALA K 235 -51.79 -38.26 26.65
N GLY K 236 -51.73 -39.15 25.66
CA GLY K 236 -51.08 -38.89 24.40
C GLY K 236 -49.56 -38.73 24.47
N LEU K 237 -48.94 -39.39 25.46
CA LEU K 237 -47.49 -39.36 25.66
C LEU K 237 -46.73 -40.12 24.58
N GLU K 238 -45.60 -39.57 24.16
CA GLU K 238 -44.82 -40.13 23.08
C GLU K 238 -43.35 -40.37 23.48
N PRO K 239 -42.59 -41.13 22.67
CA PRO K 239 -41.12 -41.17 22.82
C PRO K 239 -40.50 -39.80 22.60
N PRO K 240 -39.33 -39.52 23.20
CA PRO K 240 -38.62 -40.46 24.09
C PRO K 240 -39.01 -40.37 25.58
N ALA K 241 -39.28 -41.52 26.19
CA ALA K 241 -39.63 -41.59 27.60
C ALA K 241 -38.83 -42.66 28.31
N ILE K 242 -38.54 -42.45 29.59
CA ILE K 242 -38.02 -43.48 30.46
C ILE K 242 -39.20 -43.96 31.28
N VAL K 243 -39.37 -45.29 31.39
CA VAL K 243 -40.43 -45.88 32.19
C VAL K 243 -39.82 -46.50 33.44
N VAL K 244 -40.32 -46.10 34.61
CA VAL K 244 -39.87 -46.67 35.88
C VAL K 244 -40.99 -47.43 36.57
N VAL K 245 -40.65 -48.58 37.15
CA VAL K 245 -41.57 -49.43 37.91
C VAL K 245 -41.02 -49.57 39.32
N GLY K 246 -41.89 -49.45 40.31
CA GLY K 246 -41.51 -49.68 41.67
C GLY K 246 -41.86 -48.55 42.61
N GLU K 247 -41.78 -48.83 43.91
CA GLU K 247 -42.24 -47.93 44.97
C GLU K 247 -41.66 -46.52 44.95
N VAL K 248 -40.45 -46.37 44.36
CA VAL K 248 -39.80 -45.05 44.24
C VAL K 248 -40.61 -43.98 43.49
N VAL K 249 -41.57 -44.41 42.66
CA VAL K 249 -42.51 -43.50 42.01
C VAL K 249 -43.37 -42.78 43.06
N ARG K 250 -43.60 -43.43 44.20
CA ARG K 250 -44.33 -42.80 45.30
C ARG K 250 -43.64 -41.57 45.90
N LEU K 251 -42.32 -41.48 45.71
CA LEU K 251 -41.52 -40.34 46.19
C LEU K 251 -41.70 -39.06 45.37
N ARG K 252 -42.26 -39.16 44.17
CA ARG K 252 -42.43 -38.00 43.29
C ARG K 252 -43.31 -36.85 43.88
N ALA K 253 -44.45 -37.20 44.50
CA ALA K 253 -45.35 -36.20 45.09
C ALA K 253 -44.69 -35.36 46.21
N ALA K 254 -43.63 -35.89 46.80
CA ALA K 254 -42.89 -35.25 47.88
C ALA K 254 -41.52 -34.72 47.45
N LEU K 255 -41.06 -35.13 46.26
CA LEU K 255 -39.73 -34.76 45.76
C LEU K 255 -39.71 -34.01 44.43
N ASP K 256 -40.88 -33.74 43.85
CA ASP K 256 -40.93 -32.98 42.60
C ASP K 256 -40.43 -31.57 42.85
N TRP K 257 -39.13 -31.37 42.68
CA TRP K 257 -38.49 -30.06 42.86
C TRP K 257 -38.68 -29.20 41.63
N ILE K 258 -38.64 -29.82 40.45
CA ILE K 258 -38.81 -29.12 39.18
C ILE K 258 -40.23 -28.55 39.03
N GLY K 259 -41.23 -29.31 39.50
CA GLY K 259 -42.63 -28.95 39.40
C GLY K 259 -43.05 -27.84 40.34
N ALA K 260 -42.93 -28.06 41.66
CA ALA K 260 -43.24 -26.96 42.60
C ALA K 260 -41.95 -26.37 43.21
N PRO L 10 -29.18 -21.40 35.90
CA PRO L 10 -29.90 -21.04 37.15
C PRO L 10 -28.94 -20.66 38.29
N ALA L 11 -29.47 -20.03 39.34
CA ALA L 11 -28.67 -19.65 40.51
C ALA L 11 -28.99 -20.47 41.75
N LEU L 12 -27.96 -20.72 42.57
CA LEU L 12 -28.13 -21.32 43.89
C LEU L 12 -28.55 -20.19 44.86
N GLU L 13 -29.85 -20.01 45.01
CA GLU L 13 -30.40 -18.91 45.80
C GLU L 13 -30.19 -19.13 47.32
N LYS L 14 -30.31 -18.04 48.07
CA LYS L 14 -30.22 -18.07 49.54
C LYS L 14 -31.30 -18.92 50.19
N GLY L 15 -30.93 -19.62 51.26
CA GLY L 15 -31.88 -20.44 52.01
C GLY L 15 -32.26 -21.73 51.29
N SER L 16 -31.59 -22.03 50.18
CA SER L 16 -31.81 -23.29 49.47
C SER L 16 -30.59 -24.23 49.55
N VAL L 17 -30.83 -25.53 49.34
CA VAL L 17 -29.79 -26.55 49.39
C VAL L 17 -29.70 -27.23 48.03
N TRP L 18 -28.49 -27.41 47.53
CA TRP L 18 -28.29 -28.12 46.27
C TRP L 18 -27.55 -29.43 46.52
N LEU L 19 -28.25 -30.55 46.32
CA LEU L 19 -27.70 -31.89 46.45
C LEU L 19 -27.03 -32.26 45.13
N VAL L 20 -25.70 -32.14 45.09
CA VAL L 20 -24.94 -32.12 43.84
C VAL L 20 -23.91 -33.26 43.78
N GLY L 21 -23.95 -34.05 42.70
CA GLY L 21 -22.99 -35.11 42.49
C GLY L 21 -21.61 -34.65 42.03
N ALA L 22 -20.56 -35.22 42.63
CA ALA L 22 -19.17 -34.86 42.32
C ALA L 22 -18.49 -35.92 41.46
N GLY L 23 -19.25 -36.90 40.99
CA GLY L 23 -18.74 -37.92 40.11
C GLY L 23 -17.77 -38.92 40.74
N PRO L 24 -17.15 -39.74 39.89
CA PRO L 24 -16.23 -40.80 40.34
C PRO L 24 -14.93 -40.26 40.94
N GLY L 25 -14.55 -39.04 40.57
CA GLY L 25 -13.34 -38.44 41.07
C GLY L 25 -12.82 -37.35 40.14
N ASP L 26 -12.59 -37.71 38.87
CA ASP L 26 -12.09 -36.78 37.85
C ASP L 26 -12.87 -35.46 37.83
N PRO L 27 -12.20 -34.35 38.15
CA PRO L 27 -12.83 -33.02 38.09
C PRO L 27 -13.56 -32.79 36.78
N GLY L 28 -13.06 -33.38 35.70
CA GLY L 28 -13.67 -33.24 34.39
C GLY L 28 -15.03 -33.89 34.23
N LEU L 29 -15.42 -34.74 35.18
CA LEU L 29 -16.70 -35.45 35.15
C LEU L 29 -17.82 -34.70 35.89
N LEU L 30 -17.47 -33.62 36.57
CA LEU L 30 -18.42 -32.66 37.13
C LEU L 30 -19.32 -32.06 36.03
N THR L 31 -20.64 -32.07 36.26
CA THR L 31 -21.57 -31.39 35.36
C THR L 31 -21.33 -29.88 35.42
N LEU L 32 -21.72 -29.15 34.38
CA LEU L 32 -21.67 -27.70 34.41
C LEU L 32 -22.35 -27.17 35.68
N HIS L 33 -23.62 -27.57 35.90
CA HIS L 33 -24.37 -27.25 37.11
C HIS L 33 -23.53 -27.37 38.39
N ALA L 34 -22.66 -28.37 38.42
CA ALA L 34 -21.82 -28.63 39.59
C ALA L 34 -20.75 -27.55 39.77
N ALA L 35 -20.03 -27.23 38.70
CA ALA L 35 -19.03 -26.15 38.71
C ALA L 35 -19.67 -24.79 38.98
N ASN L 36 -20.88 -24.61 38.44
CA ASN L 36 -21.76 -23.49 38.78
C ASN L 36 -22.04 -23.40 40.28
N ALA L 37 -22.44 -24.52 40.89
CA ALA L 37 -22.91 -24.56 42.27
C ALA L 37 -21.79 -24.48 43.32
N LEU L 38 -20.63 -25.01 42.96
CA LEU L 38 -19.48 -25.01 43.84
C LEU L 38 -19.01 -23.58 44.11
N ARG L 39 -18.90 -22.80 43.03
CA ARG L 39 -18.35 -21.43 43.09
C ARG L 39 -19.28 -20.42 43.79
N GLN L 40 -20.56 -20.76 43.90
CA GLN L 40 -21.55 -19.88 44.51
C GLN L 40 -21.97 -20.33 45.90
N ALA L 41 -21.52 -21.52 46.31
CA ALA L 41 -21.84 -22.04 47.64
C ALA L 41 -21.25 -21.16 48.75
N ASP L 42 -22.03 -20.94 49.80
CA ASP L 42 -21.52 -20.27 51.01
C ASP L 42 -20.83 -21.31 51.89
N VAL L 43 -21.33 -22.55 51.81
CA VAL L 43 -20.78 -23.68 52.55
C VAL L 43 -20.94 -24.99 51.75
N ILE L 44 -19.88 -25.79 51.71
CA ILE L 44 -19.94 -27.10 51.09
C ILE L 44 -19.86 -28.18 52.16
N VAL L 45 -20.86 -29.06 52.18
CA VAL L 45 -20.85 -30.25 53.04
C VAL L 45 -20.60 -31.46 52.15
N HIS L 46 -19.39 -32.02 52.25
CA HIS L 46 -18.91 -33.05 51.31
C HIS L 46 -18.49 -34.36 51.99
N ASP L 47 -18.50 -35.43 51.25
CA ASP L 47 -18.11 -36.74 51.77
C ASP L 47 -16.59 -36.96 51.79
N ALA L 48 -16.21 -38.17 52.20
CA ALA L 48 -14.92 -38.78 51.80
C ALA L 48 -14.84 -38.72 50.26
N LEU L 49 -14.08 -37.74 49.78
CA LEU L 49 -14.00 -37.46 48.36
C LEU L 49 -12.81 -38.18 47.75
N VAL L 50 -13.02 -38.80 46.59
CA VAL L 50 -11.96 -39.49 45.88
C VAL L 50 -10.97 -38.49 45.24
N ASN L 51 -11.51 -37.36 44.76
CA ASN L 51 -10.69 -36.24 44.29
C ASN L 51 -10.99 -34.97 45.09
N GLU L 52 -10.07 -34.62 45.98
CA GLU L 52 -10.14 -33.36 46.73
C GLU L 52 -9.71 -32.18 45.85
N ASP L 53 -9.39 -32.49 44.57
CA ASP L 53 -9.07 -31.44 43.60
C ASP L 53 -10.34 -30.73 43.15
N CYS L 54 -11.48 -31.28 43.55
CA CYS L 54 -12.79 -30.70 43.27
C CYS L 54 -13.02 -29.43 44.10
N LEU L 55 -12.65 -29.48 45.37
CA LEU L 55 -12.89 -28.38 46.32
C LEU L 55 -12.26 -27.05 45.89
N LYS L 56 -11.05 -27.12 45.34
CA LYS L 56 -10.29 -25.94 44.92
C LYS L 56 -10.86 -25.27 43.66
N LEU L 57 -12.16 -25.41 43.43
CA LEU L 57 -12.85 -24.72 42.35
C LEU L 57 -13.84 -23.72 42.94
N ALA L 58 -14.10 -23.85 44.24
CA ALA L 58 -15.06 -22.99 44.95
C ALA L 58 -14.46 -21.62 45.27
N ARG L 59 -15.31 -20.73 45.80
CA ARG L 59 -14.89 -19.37 46.11
C ARG L 59 -14.05 -19.29 47.40
N PRO L 60 -12.95 -18.53 47.37
CA PRO L 60 -12.19 -18.25 48.59
C PRO L 60 -13.09 -17.54 49.59
N GLY L 61 -13.47 -18.27 50.64
CA GLY L 61 -14.44 -17.78 51.60
C GLY L 61 -15.50 -18.82 51.92
N ALA L 62 -15.55 -19.88 51.12
CA ALA L 62 -16.48 -21.00 51.35
C ALA L 62 -15.98 -21.87 52.50
N VAL L 63 -16.91 -22.59 53.13
CA VAL L 63 -16.58 -23.45 54.27
C VAL L 63 -16.59 -24.94 53.89
N LEU L 64 -15.71 -25.71 54.53
CA LEU L 64 -15.52 -27.12 54.21
C LEU L 64 -15.80 -28.00 55.44
N GLU L 65 -16.71 -28.96 55.27
CA GLU L 65 -17.13 -29.85 56.37
C GLU L 65 -16.80 -31.32 56.13
N PHE L 66 -16.05 -31.91 57.06
CA PHE L 66 -15.74 -33.35 57.08
C PHE L 66 -17.00 -34.13 57.47
N ALA L 67 -17.79 -34.54 56.48
CA ALA L 67 -19.01 -35.30 56.74
C ALA L 67 -18.75 -36.80 56.84
N GLY L 68 -17.49 -37.20 56.70
CA GLY L 68 -17.06 -38.59 56.89
C GLY L 68 -16.44 -38.83 58.26
N LYS L 69 -15.85 -40.02 58.44
CA LYS L 69 -15.25 -40.40 59.72
C LYS L 69 -13.92 -39.68 59.99
N ARG L 70 -13.81 -39.10 61.18
CA ARG L 70 -12.61 -38.37 61.59
C ARG L 70 -11.70 -39.24 62.46
N GLY L 71 -10.58 -39.65 61.86
CA GLY L 71 -9.65 -40.57 62.53
C GLY L 71 -9.89 -42.01 62.12
N GLY L 72 -11.17 -42.39 62.04
CA GLY L 72 -11.55 -43.73 61.65
C GLY L 72 -12.63 -44.30 62.55
N PRO L 74 -15.64 -41.59 64.38
CA PRO L 74 -16.99 -41.06 64.60
C PRO L 74 -17.52 -40.31 63.37
N SER L 75 -18.30 -41.03 62.54
CA SER L 75 -18.96 -40.44 61.37
C SER L 75 -20.43 -40.19 61.66
N PRO L 76 -20.88 -38.94 61.50
CA PRO L 76 -22.24 -38.54 61.87
C PRO L 76 -23.33 -39.39 61.21
N LYS L 77 -24.38 -39.73 61.98
CA LYS L 77 -25.56 -40.41 61.46
C LYS L 77 -26.29 -39.43 60.53
N GLN L 78 -26.88 -39.96 59.46
CA GLN L 78 -27.48 -39.14 58.39
C GLN L 78 -28.45 -38.05 58.89
N ARG L 79 -29.09 -38.31 60.02
CA ARG L 79 -29.96 -37.33 60.69
C ARG L 79 -29.28 -35.97 60.84
N ASP L 80 -28.09 -35.97 61.43
CA ASP L 80 -27.35 -34.74 61.71
C ASP L 80 -26.95 -34.00 60.43
N ILE L 81 -26.54 -34.77 59.41
CA ILE L 81 -26.17 -34.21 58.10
C ILE L 81 -27.35 -33.50 57.45
N SER L 82 -28.48 -34.20 57.37
CA SER L 82 -29.73 -33.64 56.87
C SER L 82 -30.12 -32.36 57.62
N LEU L 83 -30.09 -32.42 58.96
CA LEU L 83 -30.47 -31.31 59.83
C LEU L 83 -29.48 -30.15 59.76
N ARG L 84 -28.22 -30.49 59.46
CA ARG L 84 -27.16 -29.52 59.24
C ARG L 84 -27.51 -28.66 58.02
N LEU L 85 -28.01 -29.31 56.97
CA LEU L 85 -28.49 -28.60 55.78
C LEU L 85 -29.67 -27.68 56.11
N VAL L 86 -30.58 -28.17 56.96
CA VAL L 86 -31.73 -27.41 57.42
C VAL L 86 -31.28 -26.17 58.19
N GLU L 87 -30.37 -26.39 59.13
CA GLU L 87 -29.87 -25.33 60.00
C GLU L 87 -29.11 -24.24 59.25
N LEU L 88 -28.40 -24.64 58.19
CA LEU L 88 -27.58 -23.71 57.40
C LEU L 88 -28.41 -22.83 56.47
N ALA L 89 -29.36 -23.46 55.77
CA ALA L 89 -30.31 -22.77 54.88
C ALA L 89 -31.21 -21.77 55.61
N ARG L 90 -31.62 -22.11 56.83
CA ARG L 90 -32.45 -21.22 57.66
C ARG L 90 -31.78 -19.89 57.96
N ALA L 91 -30.45 -19.88 57.97
CA ALA L 91 -29.68 -18.67 58.21
C ALA L 91 -29.33 -17.93 56.90
N GLY L 92 -29.87 -18.41 55.79
CA GLY L 92 -29.68 -17.77 54.50
C GLY L 92 -28.41 -18.15 53.74
N ASN L 93 -27.63 -19.08 54.28
CA ASN L 93 -26.44 -19.59 53.62
C ASN L 93 -26.81 -20.40 52.37
N ARG L 94 -26.16 -20.09 51.24
CA ARG L 94 -26.33 -20.88 50.01
C ARG L 94 -25.61 -22.21 50.22
N VAL L 95 -26.39 -23.29 50.39
CA VAL L 95 -25.84 -24.58 50.79
C VAL L 95 -25.45 -25.50 49.62
N LEU L 96 -24.37 -26.26 49.83
CA LEU L 96 -23.95 -27.30 48.88
C LEU L 96 -23.73 -28.63 49.58
N ARG L 97 -24.52 -29.61 49.17
CA ARG L 97 -24.34 -30.98 49.63
C ARG L 97 -23.64 -31.73 48.49
N LEU L 98 -22.37 -32.03 48.73
CA LEU L 98 -21.45 -32.49 47.69
C LEU L 98 -21.14 -33.98 47.81
N LYS L 99 -22.00 -34.80 47.21
CA LYS L 99 -21.86 -36.24 47.29
C LYS L 99 -20.97 -36.78 46.21
N GLY L 100 -20.19 -37.81 46.56
CA GLY L 100 -19.48 -38.60 45.56
C GLY L 100 -20.50 -39.15 44.58
N GLY L 101 -20.07 -39.36 43.34
CA GLY L 101 -20.92 -39.96 42.31
C GLY L 101 -22.20 -39.19 42.07
N ASP L 102 -23.31 -39.92 41.96
CA ASP L 102 -24.66 -39.34 41.81
C ASP L 102 -25.37 -39.39 43.16
N PRO L 103 -26.07 -38.31 43.53
CA PRO L 103 -26.73 -38.24 44.84
C PRO L 103 -27.85 -39.27 45.03
N PHE L 104 -28.43 -39.77 43.93
CA PHE L 104 -29.52 -40.76 44.01
C PHE L 104 -29.11 -42.24 43.79
N VAL L 105 -27.84 -42.48 43.49
CA VAL L 105 -27.35 -43.85 43.28
C VAL L 105 -26.57 -44.27 44.53
N PHE L 106 -27.35 -44.65 45.57
CA PHE L 106 -26.84 -45.35 46.78
C PHE L 106 -26.14 -44.32 47.67
N GLY L 107 -26.53 -43.06 47.53
CA GLY L 107 -25.86 -41.99 48.24
C GLY L 107 -26.71 -41.27 49.27
N ARG L 108 -27.82 -41.88 49.67
CA ARG L 108 -28.72 -41.34 50.69
C ARG L 108 -29.29 -39.96 50.35
N GLY L 109 -29.34 -39.67 49.06
CA GLY L 109 -29.67 -38.34 48.59
C GLY L 109 -31.13 -37.92 48.70
N GLY L 110 -32.04 -38.83 48.36
CA GLY L 110 -33.47 -38.55 48.42
C GLY L 110 -33.99 -38.57 49.84
N GLU L 111 -33.29 -39.34 50.67
CA GLU L 111 -33.46 -39.35 52.12
C GLU L 111 -33.24 -37.95 52.72
N GLU L 112 -32.15 -37.31 52.30
CA GLU L 112 -31.85 -35.93 52.70
C GLU L 112 -32.90 -34.98 52.15
N ALA L 113 -33.19 -35.11 50.86
CA ALA L 113 -34.19 -34.30 50.18
C ALA L 113 -35.55 -34.37 50.89
N LEU L 114 -35.80 -35.49 51.55
CA LEU L 114 -37.01 -35.73 52.35
C LEU L 114 -37.03 -34.88 53.61
N THR L 115 -35.86 -34.63 54.19
CA THR L 115 -35.73 -33.77 55.37
C THR L 115 -35.62 -32.31 54.95
N LEU L 116 -35.11 -32.09 53.74
CA LEU L 116 -35.13 -30.77 53.11
C LEU L 116 -36.57 -30.31 52.90
N VAL L 117 -37.44 -31.24 52.43
CA VAL L 117 -38.86 -30.95 52.21
C VAL L 117 -39.64 -30.87 53.52
N GLU L 118 -39.31 -31.78 54.45
CA GLU L 118 -39.87 -31.81 55.80
C GLU L 118 -39.74 -30.49 56.56
N HIS L 119 -38.71 -29.71 56.22
CA HIS L 119 -38.39 -28.47 56.91
C HIS L 119 -38.54 -27.27 55.95
N GLN L 120 -39.56 -27.40 55.08
CA GLN L 120 -39.77 -26.64 53.83
C GLN L 120 -38.61 -25.88 53.18
N VAL L 121 -37.43 -26.49 53.21
CA VAL L 121 -36.24 -25.95 52.53
C VAL L 121 -36.35 -26.29 51.04
N PRO L 122 -36.32 -25.28 50.18
CA PRO L 122 -36.31 -25.50 48.72
C PRO L 122 -35.00 -26.20 48.33
N PHE L 123 -35.08 -27.10 47.35
CA PHE L 123 -33.90 -27.90 47.01
C PHE L 123 -33.78 -28.20 45.52
N ARG L 124 -32.58 -28.53 45.08
CA ARG L 124 -32.31 -28.93 43.71
C ARG L 124 -31.42 -30.15 43.71
N ILE L 125 -31.69 -31.06 42.78
CA ILE L 125 -30.86 -32.23 42.57
C ILE L 125 -30.02 -32.01 41.34
N VAL L 126 -28.70 -32.11 41.51
CA VAL L 126 -27.77 -32.11 40.40
C VAL L 126 -27.20 -33.53 40.27
N PRO L 127 -27.68 -34.25 39.27
CA PRO L 127 -27.18 -35.60 39.01
C PRO L 127 -25.76 -35.57 38.49
N GLY L 128 -25.02 -36.65 38.71
CA GLY L 128 -23.61 -36.71 38.31
C GLY L 128 -23.19 -38.07 37.81
N ILE L 129 -21.98 -38.17 37.28
CA ILE L 129 -21.49 -39.45 36.79
C ILE L 129 -21.34 -40.42 37.95
N THR L 130 -22.06 -41.53 37.86
CA THR L 130 -21.96 -42.59 38.86
C THR L 130 -20.75 -43.48 38.57
N ALA L 131 -20.17 -44.04 39.64
CA ALA L 131 -18.97 -44.88 39.52
C ALA L 131 -19.28 -46.12 38.67
N GLY L 132 -20.48 -46.67 38.85
CA GLY L 132 -20.93 -47.82 38.09
C GLY L 132 -21.18 -47.69 36.59
N ILE L 133 -21.23 -46.48 36.04
CA ILE L 133 -21.35 -46.34 34.58
C ILE L 133 -20.12 -45.66 33.98
N GLY L 134 -19.74 -44.53 34.58
CA GLY L 134 -18.63 -43.72 34.10
C GLY L 134 -17.27 -44.16 34.63
N GLY L 135 -17.25 -44.62 35.87
CA GLY L 135 -16.07 -45.28 36.39
C GLY L 135 -15.70 -46.47 35.52
N LEU L 136 -16.70 -47.30 35.21
CA LEU L 136 -16.51 -48.47 34.36
C LEU L 136 -16.01 -48.12 32.95
N ALA L 137 -16.44 -46.98 32.43
CA ALA L 137 -15.99 -46.52 31.12
C ALA L 137 -14.49 -46.17 31.15
N TYR L 138 -14.04 -45.63 32.28
CA TYR L 138 -12.62 -45.29 32.47
C TYR L 138 -11.73 -46.55 32.58
N ALA L 139 -12.39 -47.71 32.70
CA ALA L 139 -11.70 -48.99 32.70
C ALA L 139 -11.88 -49.72 31.36
N GLY L 140 -12.62 -49.07 30.46
CA GLY L 140 -12.90 -49.64 29.15
C GLY L 140 -13.98 -50.70 29.21
N ILE L 141 -14.85 -50.63 30.22
CA ILE L 141 -15.95 -51.59 30.33
C ILE L 141 -17.30 -50.90 30.15
N PRO L 142 -17.98 -51.17 29.02
CA PRO L 142 -19.30 -50.59 28.80
C PRO L 142 -20.33 -51.42 29.53
N VAL L 143 -21.14 -50.71 30.30
CA VAL L 143 -22.18 -51.31 31.13
C VAL L 143 -23.26 -52.05 30.31
N THR L 144 -23.24 -51.81 29.00
CA THR L 144 -24.24 -52.26 28.05
C THR L 144 -23.58 -52.52 26.69
N HIS L 145 -23.99 -53.60 26.03
CA HIS L 145 -23.46 -53.95 24.71
C HIS L 145 -24.36 -54.88 23.92
N ARG L 146 -24.66 -54.50 22.68
CA ARG L 146 -25.65 -55.19 21.85
C ARG L 146 -25.72 -56.71 22.03
N GLU L 147 -24.61 -57.42 21.86
CA GLU L 147 -24.64 -58.89 21.90
C GLU L 147 -24.49 -59.47 23.30
N VAL L 148 -24.27 -58.63 24.31
CA VAL L 148 -24.01 -59.16 25.63
C VAL L 148 -25.26 -59.13 26.53
N ASN L 149 -25.91 -57.97 26.62
CA ASN L 149 -27.01 -57.76 27.55
C ASN L 149 -28.06 -56.79 27.05
N HIS L 150 -29.31 -57.04 27.41
CA HIS L 150 -30.41 -56.12 27.14
C HIS L 150 -30.86 -55.58 28.50
N ALA L 151 -30.21 -56.06 29.56
CA ALA L 151 -30.46 -55.60 30.93
C ALA L 151 -29.15 -55.45 31.77
N VAL L 152 -29.14 -54.51 32.73
CA VAL L 152 -28.03 -54.35 33.70
C VAL L 152 -28.59 -54.05 35.08
N THR L 153 -28.03 -54.67 36.12
CA THR L 153 -28.48 -54.46 37.48
C THR L 153 -27.41 -53.80 38.34
N PHE L 154 -27.75 -52.67 38.94
CA PHE L 154 -26.88 -52.02 39.92
C PHE L 154 -27.37 -52.50 41.27
N LEU L 155 -26.45 -52.71 42.22
CA LEU L 155 -26.79 -53.17 43.56
C LEU L 155 -25.73 -52.76 44.61
N THR L 156 -26.09 -52.79 45.92
CA THR L 156 -25.12 -52.59 47.02
C THR L 156 -24.79 -53.87 47.75
N GLY L 157 -23.58 -53.93 48.30
CA GLY L 157 -23.14 -55.09 49.06
C GLY L 157 -23.33 -54.99 50.57
N HIS L 158 -23.90 -53.89 51.04
CA HIS L 158 -24.11 -53.66 52.48
C HIS L 158 -24.71 -54.89 53.22
N ASP L 159 -24.23 -55.13 54.45
CA ASP L 159 -24.63 -56.27 55.29
C ASP L 159 -24.63 -57.63 54.59
N ARG L 167 -31.89 -58.84 51.87
CA ARG L 167 -33.04 -58.15 51.29
C ARG L 167 -33.00 -58.09 49.76
N ILE L 168 -31.78 -58.25 49.20
CA ILE L 168 -31.60 -58.59 47.76
C ILE L 168 -32.16 -59.96 47.37
N ASN L 169 -32.93 -60.00 46.27
CA ASN L 169 -33.21 -61.29 45.59
C ASN L 169 -32.10 -61.76 44.63
N TRP L 170 -31.25 -62.66 45.13
CA TRP L 170 -30.02 -63.02 44.43
C TRP L 170 -30.19 -63.96 43.22
N GLN L 171 -31.19 -64.87 43.26
CA GLN L 171 -31.47 -65.77 42.15
C GLN L 171 -32.03 -64.98 40.98
N GLY L 172 -32.90 -64.02 41.29
CA GLY L 172 -33.49 -63.13 40.31
C GLY L 172 -32.42 -62.33 39.58
N ILE L 173 -31.54 -61.72 40.37
CA ILE L 173 -30.38 -61.02 39.81
C ILE L 173 -29.56 -61.95 38.90
N ALA L 174 -29.07 -63.08 39.43
CA ALA L 174 -28.23 -64.00 38.66
C ALA L 174 -28.85 -64.37 37.31
N SER L 175 -30.16 -64.60 37.32
CA SER L 175 -30.85 -65.14 36.15
C SER L 175 -31.45 -64.12 35.15
N GLY L 176 -31.52 -62.85 35.55
CA GLY L 176 -32.21 -61.86 34.74
C GLY L 176 -31.30 -60.87 34.05
N SER L 177 -30.16 -60.63 34.66
CA SER L 177 -29.27 -59.59 34.20
C SER L 177 -27.88 -60.17 34.01
N PRO L 178 -27.46 -60.35 32.76
CA PRO L 178 -26.03 -60.55 32.48
C PRO L 178 -25.47 -59.16 32.77
N VAL L 179 -24.21 -59.00 33.12
CA VAL L 179 -23.79 -57.67 33.64
C VAL L 179 -24.48 -57.24 34.95
N ILE L 180 -23.75 -57.45 36.04
CA ILE L 180 -24.17 -57.06 37.35
C ILE L 180 -23.09 -56.09 37.76
N VAL L 181 -23.52 -54.90 38.17
CA VAL L 181 -22.64 -53.83 38.62
C VAL L 181 -22.83 -53.66 40.13
N MET L 182 -21.75 -53.76 40.89
CA MET L 182 -21.90 -53.86 42.35
C MET L 182 -21.10 -52.85 43.17
N TYR L 183 -21.80 -51.96 43.87
CA TYR L 183 -21.23 -50.97 44.78
C TYR L 183 -21.06 -51.61 46.14
N MET L 184 -20.05 -51.14 46.87
CA MET L 184 -19.77 -51.60 48.24
C MET L 184 -19.85 -53.12 48.42
N ALA L 185 -19.20 -53.87 47.54
CA ALA L 185 -19.34 -55.32 47.56
C ALA L 185 -18.05 -56.06 47.91
N MET L 186 -17.04 -55.31 48.36
CA MET L 186 -15.71 -55.90 48.62
C MET L 186 -15.66 -56.79 49.88
N LYS L 187 -16.40 -56.39 50.92
CA LYS L 187 -16.34 -57.09 52.20
C LYS L 187 -17.18 -58.39 52.23
N HIS L 188 -18.12 -58.52 51.30
CA HIS L 188 -19.00 -59.69 51.25
C HIS L 188 -18.88 -60.44 49.92
N ILE L 189 -17.87 -60.16 49.19
CA ILE L 189 -17.61 -60.75 47.87
C ILE L 189 -17.53 -62.29 47.84
N GLY L 190 -17.39 -62.91 49.00
CA GLY L 190 -17.36 -64.36 49.11
C GLY L 190 -18.69 -64.99 48.78
N ALA L 191 -19.66 -64.76 49.69
CA ALA L 191 -21.02 -65.23 49.51
C ALA L 191 -21.70 -64.59 48.29
N ILE L 192 -21.29 -63.34 47.93
CA ILE L 192 -21.89 -62.74 46.74
C ILE L 192 -21.63 -63.60 45.50
N THR L 193 -20.36 -63.91 45.24
CA THR L 193 -19.99 -64.76 44.11
C THR L 193 -20.53 -66.19 44.25
N ALA L 194 -20.41 -66.76 45.46
CA ALA L 194 -20.92 -68.10 45.74
C ALA L 194 -22.42 -68.16 45.47
N ASN L 195 -23.13 -67.16 45.95
CA ASN L 195 -24.54 -67.02 45.66
C ASN L 195 -24.88 -66.98 44.17
N LEU L 196 -24.15 -66.16 43.41
CA LEU L 196 -24.30 -66.13 41.96
C LEU L 196 -23.98 -67.51 41.35
N ILE L 197 -22.88 -68.15 41.76
CA ILE L 197 -22.53 -69.45 41.24
C ILE L 197 -23.66 -70.44 41.53
N ALA L 198 -24.13 -70.45 42.78
CA ALA L 198 -25.14 -71.41 43.20
C ALA L 198 -26.47 -71.13 42.48
N GLY L 199 -26.65 -69.87 42.08
CA GLY L 199 -27.84 -69.47 41.35
C GLY L 199 -27.80 -69.81 39.87
N GLY L 200 -26.64 -70.22 39.38
CA GLY L 200 -26.52 -70.75 38.03
C GLY L 200 -25.44 -70.10 37.21
N ARG L 201 -24.84 -69.03 37.73
CA ARG L 201 -23.80 -68.28 37.03
C ARG L 201 -22.55 -69.14 36.94
N SER L 202 -22.01 -69.24 35.73
CA SER L 202 -20.80 -70.01 35.51
C SER L 202 -19.74 -69.63 36.55
N PRO L 203 -19.14 -70.63 37.21
CA PRO L 203 -17.84 -70.41 37.86
C PRO L 203 -16.88 -70.06 36.73
N ASP L 204 -15.90 -69.24 37.01
CA ASP L 204 -15.02 -68.71 35.94
C ASP L 204 -15.69 -67.88 34.79
N GLU L 205 -16.73 -67.11 35.18
CA GLU L 205 -17.32 -66.04 34.38
C GLU L 205 -16.59 -64.73 34.71
N PRO L 206 -16.24 -63.92 33.70
CA PRO L 206 -15.46 -62.69 33.93
C PRO L 206 -16.06 -61.71 34.96
N VAL L 207 -15.17 -61.16 35.80
CA VAL L 207 -15.45 -60.15 36.81
C VAL L 207 -14.32 -59.11 36.72
N ALA L 208 -14.59 -57.88 37.12
CA ALA L 208 -13.56 -56.85 37.18
C ALA L 208 -13.78 -55.94 38.36
N PHE L 209 -12.74 -55.74 39.14
CA PHE L 209 -12.78 -54.78 40.22
C PHE L 209 -12.11 -53.54 39.69
N VAL L 210 -12.84 -52.43 39.69
CA VAL L 210 -12.29 -51.14 39.30
C VAL L 210 -12.20 -50.24 40.53
N CYS L 211 -11.00 -50.19 41.10
CA CYS L 211 -10.73 -49.38 42.29
C CYS L 211 -10.28 -47.97 41.88
N ASN L 212 -10.75 -46.97 42.63
CA ASN L 212 -10.46 -45.55 42.38
C ASN L 212 -10.61 -45.13 40.89
N ALA L 213 -11.76 -45.48 40.32
CA ALA L 213 -12.10 -45.21 38.93
C ALA L 213 -12.11 -43.72 38.61
N ALA L 214 -11.67 -43.40 37.39
CA ALA L 214 -11.59 -42.02 36.87
C ALA L 214 -10.60 -41.14 37.60
N THR L 215 -9.63 -41.75 38.28
CA THR L 215 -8.58 -41.00 38.97
C THR L 215 -7.21 -41.46 38.49
N PRO L 216 -6.24 -40.55 38.45
CA PRO L 216 -4.82 -40.91 38.26
C PRO L 216 -4.42 -42.17 39.05
N GLN L 217 -5.12 -42.47 40.14
CA GLN L 217 -4.79 -43.61 41.00
C GLN L 217 -5.64 -44.85 40.76
N GLN L 218 -6.30 -44.92 39.59
CA GLN L 218 -7.14 -46.06 39.18
C GLN L 218 -6.35 -47.36 39.00
N ALA L 219 -6.91 -48.46 39.50
CA ALA L 219 -6.36 -49.79 39.30
C ALA L 219 -7.48 -50.75 38.93
N VAL L 220 -7.22 -51.67 38.01
CA VAL L 220 -8.24 -52.63 37.60
C VAL L 220 -7.72 -54.06 37.82
N LEU L 221 -8.62 -54.96 38.19
CA LEU L 221 -8.28 -56.35 38.35
C LEU L 221 -9.32 -57.23 37.69
N GLU L 222 -8.86 -58.17 36.87
CA GLU L 222 -9.77 -59.07 36.18
C GLU L 222 -9.69 -60.46 36.76
N THR L 223 -10.84 -60.98 37.15
CA THR L 223 -10.89 -62.23 37.88
C THR L 223 -11.89 -63.21 37.30
N THR L 224 -12.50 -63.93 38.12
CA THR L 224 -13.70 -64.72 37.83
C THR L 224 -14.58 -64.87 39.06
N LEU L 225 -15.83 -65.15 38.98
CA LEU L 225 -16.57 -65.29 40.23
C LEU L 225 -16.36 -66.62 40.98
N ALA L 226 -15.42 -67.44 40.53
CA ALA L 226 -14.95 -68.56 41.36
C ALA L 226 -13.65 -68.15 42.01
N ARG L 227 -13.02 -67.10 41.44
CA ARG L 227 -11.69 -66.66 41.82
C ARG L 227 -11.68 -65.25 42.44
N ALA L 228 -12.84 -64.58 42.41
CA ALA L 228 -12.95 -63.18 42.82
C ALA L 228 -12.52 -62.99 44.27
N GLU L 229 -13.03 -63.85 45.13
CA GLU L 229 -12.64 -63.89 46.54
C GLU L 229 -11.15 -64.13 46.68
N ALA L 230 -10.64 -65.13 45.95
CA ALA L 230 -9.24 -65.56 46.01
C ALA L 230 -8.24 -64.46 45.66
N ASP L 231 -8.27 -63.95 44.42
CA ASP L 231 -7.25 -62.99 43.96
C ASP L 231 -7.64 -61.52 44.07
N VAL L 232 -8.60 -61.18 45.03
CA VAL L 232 -8.76 -59.75 45.34
C VAL L 232 -7.92 -59.42 46.59
N ALA L 233 -7.82 -60.56 47.39
CA ALA L 233 -7.07 -60.60 48.64
C ALA L 233 -5.56 -60.62 48.38
N ALA L 234 -5.15 -61.37 47.35
CA ALA L 234 -3.75 -61.39 46.90
C ALA L 234 -3.38 -60.09 46.16
N ALA L 235 -4.38 -59.43 45.58
CA ALA L 235 -4.17 -58.17 44.87
C ALA L 235 -3.97 -56.98 45.82
N GLY L 236 -4.37 -57.17 47.08
CA GLY L 236 -4.27 -56.12 48.10
C GLY L 236 -5.26 -54.99 47.90
N LEU L 237 -6.11 -55.14 46.88
CA LEU L 237 -7.08 -54.11 46.48
C LEU L 237 -8.03 -53.69 47.60
N GLU L 238 -8.48 -52.44 47.54
CA GLU L 238 -9.28 -51.83 48.61
C GLU L 238 -10.48 -51.06 48.04
N PRO L 239 -11.46 -50.75 48.91
CA PRO L 239 -12.49 -49.76 48.58
C PRO L 239 -11.86 -48.37 48.40
N PRO L 240 -12.49 -47.41 47.69
CA PRO L 240 -13.80 -47.60 47.04
C PRO L 240 -13.71 -48.49 45.80
N ALA L 241 -14.64 -49.44 45.66
CA ALA L 241 -14.59 -50.38 44.53
C ALA L 241 -15.90 -50.72 43.83
N ILE L 242 -15.87 -50.56 42.52
CA ILE L 242 -16.93 -51.10 41.67
C ILE L 242 -16.55 -52.49 41.21
N VAL L 243 -17.47 -53.43 41.39
CA VAL L 243 -17.33 -54.79 40.88
C VAL L 243 -18.31 -54.97 39.72
N VAL L 244 -17.80 -55.39 38.57
CA VAL L 244 -18.66 -55.64 37.44
C VAL L 244 -18.57 -57.11 37.04
N VAL L 245 -19.74 -57.72 36.89
CA VAL L 245 -19.81 -59.12 36.52
C VAL L 245 -20.49 -59.26 35.15
N GLY L 246 -19.80 -59.90 34.21
CA GLY L 246 -20.43 -60.30 32.96
C GLY L 246 -19.51 -60.24 31.77
N GLU L 247 -19.99 -60.74 30.64
CA GLU L 247 -19.21 -60.79 29.40
C GLU L 247 -18.61 -59.45 28.96
N VAL L 248 -19.24 -58.32 29.32
CA VAL L 248 -18.68 -56.99 29.01
C VAL L 248 -17.23 -56.77 29.54
N VAL L 249 -16.83 -57.57 30.52
CA VAL L 249 -15.50 -57.50 31.10
C VAL L 249 -14.43 -57.71 30.02
N ARG L 250 -14.73 -58.63 29.09
CA ARG L 250 -13.86 -58.98 27.95
C ARG L 250 -13.61 -57.83 26.98
N LEU L 251 -14.38 -56.75 27.09
CA LEU L 251 -14.25 -55.62 26.16
C LEU L 251 -13.14 -54.68 26.58
N ARG L 252 -12.62 -54.87 27.79
CA ARG L 252 -11.58 -53.99 28.32
C ARG L 252 -10.30 -54.11 27.48
N ALA L 253 -9.98 -55.35 27.05
CA ALA L 253 -8.91 -55.62 26.10
C ALA L 253 -9.10 -54.96 24.72
N ALA L 254 -10.33 -54.53 24.44
CA ALA L 254 -10.69 -53.89 23.17
C ALA L 254 -10.89 -52.39 23.29
N LEU L 255 -11.25 -51.94 24.48
CA LEU L 255 -11.70 -50.56 24.68
C LEU L 255 -10.99 -49.82 25.81
N ASP L 256 -9.81 -50.29 26.20
CA ASP L 256 -9.04 -49.62 27.26
C ASP L 256 -8.31 -48.41 26.68
N TRP L 257 -8.96 -47.25 26.74
CA TRP L 257 -8.48 -46.03 26.09
C TRP L 257 -7.48 -45.23 26.93
N ILE L 258 -7.54 -45.36 28.25
CA ILE L 258 -6.48 -44.84 29.13
C ILE L 258 -5.22 -45.69 28.97
N GLY L 259 -5.36 -46.91 28.46
CA GLY L 259 -4.26 -47.84 28.22
C GLY L 259 -3.66 -47.60 26.80
N ALA L 260 -4.55 -47.35 25.85
CA ALA L 260 -4.17 -46.55 24.67
C ALA L 260 -3.80 -45.15 25.25
N LEU L 261 -3.24 -44.30 24.40
CA LEU L 261 -2.51 -43.11 24.86
C LEU L 261 -1.32 -43.32 25.77
N ASP L 262 -1.19 -44.51 26.40
CA ASP L 262 0.06 -44.75 27.14
C ASP L 262 1.03 -45.64 26.40
N GLY L 263 0.51 -46.78 25.97
CA GLY L 263 1.30 -47.67 25.13
C GLY L 263 0.33 -48.53 24.31
N ARG L 264 -0.24 -49.48 24.87
CA ARG L 264 -1.18 -50.59 24.74
C ARG L 264 -2.40 -50.55 23.80
N LYS L 265 -2.89 -51.69 23.41
CA LYS L 265 -3.28 -52.46 22.25
C LYS L 265 -4.04 -52.10 21.02
N LEU L 266 -5.24 -52.69 20.94
CA LEU L 266 -5.70 -53.16 19.63
C LEU L 266 -7.17 -53.48 19.66
N ALA L 267 -7.46 -54.77 19.92
CA ALA L 267 -8.76 -55.38 20.23
C ALA L 267 -8.85 -56.63 19.38
N ALA L 268 -9.56 -57.62 19.91
CA ALA L 268 -10.08 -58.72 19.08
C ALA L 268 -11.19 -59.42 19.83
N ASP L 269 -12.36 -59.45 19.19
CA ASP L 269 -13.39 -60.41 19.45
C ASP L 269 -12.96 -61.81 18.94
N SAH M . 42.69 6.13 -52.20
CA SAH M . 43.67 7.21 -52.27
CB SAH M . 43.11 8.46 -52.93
CG SAH M . 42.90 8.39 -54.46
SD SAH M . 42.35 9.92 -55.25
C SAH M . 44.19 7.50 -50.88
O SAH M . 43.62 7.06 -49.88
OXT SAH M . 45.22 8.17 -50.71
C5' SAH M . 44.03 10.47 -55.69
C4' SAH M . 44.46 11.71 -54.92
O4' SAH M . 45.04 11.31 -53.70
C3' SAH M . 45.49 12.60 -55.57
O3' SAH M . 44.97 13.60 -56.39
C2' SAH M . 46.22 13.21 -54.39
O2' SAH M . 45.55 14.33 -53.88
C1' SAH M . 46.13 12.13 -53.35
N9 SAH M . 47.38 11.34 -53.27
C8 SAH M . 47.54 10.02 -53.55
N7 SAH M . 48.81 9.69 -53.35
C5 SAH M . 49.48 10.77 -52.91
C6 SAH M . 50.81 10.98 -52.54
N6 SAH M . 51.71 10.02 -52.56
N1 SAH M . 51.19 12.24 -52.16
C2 SAH M . 50.27 13.28 -52.10
N3 SAH M . 48.97 13.06 -52.47
C4 SAH M . 48.59 11.82 -52.87
C1 GOL N . 46.99 5.42 -42.07
O1 GOL N . 47.83 6.23 -41.25
C2 GOL N . 45.66 6.02 -42.54
O2 GOL N . 45.98 6.66 -43.73
C3 GOL N . 44.60 4.99 -42.93
O3 GOL N . 43.83 4.52 -41.85
C1 GOL O . 44.25 17.90 -59.48
O1 GOL O . 44.30 18.16 -58.11
C2 GOL O . 43.72 16.50 -59.73
O2 GOL O . 42.39 16.56 -60.21
C3 GOL O . 44.57 15.82 -60.80
O3 GOL O . 43.83 14.77 -61.37
C1 GOL P . 45.61 13.66 -28.79
O1 GOL P . 44.34 13.27 -29.30
C2 GOL P . 46.41 14.29 -29.90
O2 GOL P . 45.50 14.95 -30.75
C3 GOL P . 47.43 15.25 -29.27
O3 GOL P . 48.75 15.10 -29.80
N SAH Q . 45.07 6.56 -32.92
CA SAH Q . 43.91 5.70 -32.82
CB SAH Q . 42.87 6.34 -31.91
CG SAH Q . 43.12 6.09 -30.43
SD SAH Q . 42.13 7.11 -29.29
C SAH Q . 43.35 5.36 -34.20
O SAH Q . 43.85 5.81 -35.23
OXT SAH Q . 42.39 4.60 -34.37
C5' SAH Q . 41.07 5.68 -28.91
C4' SAH Q . 39.74 5.56 -29.67
O4' SAH Q . 39.92 4.97 -30.94
C3' SAH Q . 38.68 4.66 -29.04
O3' SAH Q . 38.01 5.19 -27.93
C2' SAH Q . 37.77 4.33 -30.20
O2' SAH Q . 36.86 5.36 -30.52
C1' SAH Q . 38.79 4.23 -31.33
N9 SAH Q . 39.20 2.84 -31.63
C8 SAH Q . 40.47 2.39 -31.52
N7 SAH Q . 40.51 1.10 -31.88
C5 SAH Q . 39.27 0.70 -32.21
C6 SAH Q . 38.77 -0.53 -32.64
N6 SAH Q . 39.57 -1.56 -32.81
N1 SAH Q . 37.42 -0.64 -32.91
C2 SAH Q . 36.60 0.45 -32.76
N3 SAH Q . 37.11 1.67 -32.33
C4 SAH Q . 38.43 1.79 -32.06
C1 GOL R . 36.19 8.23 -23.20
O1 GOL R . 37.47 8.66 -23.60
C2 GOL R . 35.88 6.92 -23.91
O2 GOL R . 36.28 5.85 -23.09
C3 GOL R . 34.40 6.82 -24.22
O3 GOL R . 34.22 6.61 -25.60
N SAH S . 0.55 41.65 -0.70
CA SAH S . 0.22 41.71 -2.11
CB SAH S . 1.35 41.06 -2.93
CG SAH S . 2.62 41.89 -2.98
SD SAH S . 4.02 41.17 -3.87
C SAH S . -1.15 41.06 -2.38
O SAH S . -1.80 40.47 -1.53
OXT SAH S . -1.72 41.11 -3.46
C5' SAH S . 3.62 42.05 -5.40
C4' SAH S . 2.87 41.19 -6.41
O4' SAH S . 1.48 41.20 -6.16
C3' SAH S . 2.99 41.63 -7.85
O3' SAH S . 4.16 41.19 -8.47
C2' SAH S . 1.76 41.00 -8.47
O2' SAH S . 1.97 39.65 -8.81
C1' SAH S . 0.73 41.04 -7.35
N9 SAH S . -0.20 42.18 -7.50
C8 SAH S . -0.40 43.17 -6.59
N7 SAH S . -1.33 44.00 -7.08
C5 SAH S . -1.73 43.58 -8.27
C6 SAH S . -2.66 44.06 -9.18
N6 SAH S . -3.34 45.17 -8.95
N1 SAH S . -2.88 43.40 -10.35
C2 SAH S . -2.18 42.25 -10.62
N3 SAH S . -1.26 41.78 -9.73
C4 SAH S . -1.04 42.42 -8.56
C1 GOL T . 9.06 40.78 -9.58
O1 GOL T . 9.22 41.99 -8.88
C2 GOL T . 8.40 41.09 -10.90
O2 GOL T . 9.14 42.11 -11.53
C3 GOL T . 8.32 39.86 -11.80
O3 GOL T . 6.97 39.56 -12.05
C1 GOL U . -18.09 26.97 -4.29
O1 GOL U . -16.80 26.51 -3.99
C2 GOL U . -18.19 27.05 -5.81
O2 GOL U . -18.21 25.74 -6.28
C3 GOL U . -19.47 27.70 -6.34
O3 GOL U . -19.15 28.60 -7.38
N SAH V . -16.43 32.20 1.60
CA SAH V . -15.95 32.00 2.96
CB SAH V . -15.91 30.49 3.26
CG SAH V . -17.28 29.82 3.18
SD SAH V . -17.42 28.08 3.67
C SAH V . -14.61 32.71 3.16
O SAH V . -14.09 33.43 2.30
OXT SAH V . -13.94 32.68 4.20
C5' SAH V . -17.37 28.37 5.46
C4' SAH V . -16.09 27.89 6.11
O4' SAH V . -15.17 28.97 6.22
C3' SAH V . -16.23 27.37 7.54
O3' SAH V . -16.47 26.00 7.62
C2' SAH V . -14.87 27.64 8.10
O2' SAH V . -13.97 26.67 7.65
C1' SAH V . -14.47 28.93 7.43
N9 SAH V . -14.79 30.15 8.21
C8 SAH V . -15.67 31.13 7.82
N7 SAH V . -15.71 32.08 8.75
C5 SAH V . -14.86 31.74 9.74
C6 SAH V . -14.52 32.38 10.93
N6 SAH V . -15.07 33.55 11.25
N1 SAH V . -13.61 31.78 11.77
C2 SAH V . -13.04 30.57 11.42
N3 SAH V . -13.38 29.95 10.24
C4 SAH V . -14.28 30.52 9.41
C1 GOL W . -8.00 38.83 3.30
O1 GOL W . -6.75 39.34 3.74
C2 GOL W . -7.93 38.20 1.90
O2 GOL W . -8.42 36.91 2.02
C3 GOL W . -8.82 38.86 0.88
O3 GOL W . -8.60 38.28 -0.39
C1 GOL X . 7.18 38.27 1.77
O1 GOL X . 6.85 37.64 0.56
C2 GOL X . 6.59 37.49 2.94
O2 GOL X . 6.55 36.15 2.51
C3 GOL X . 7.50 37.62 4.17
O3 GOL X . 6.79 38.13 5.30
C1 GOL Y . -16.97 20.48 9.10
O1 GOL Y . -16.15 21.56 9.49
C2 GOL Y . -18.38 20.97 8.82
O2 GOL Y . -18.36 22.19 8.12
C3 GOL Y . -19.10 19.95 7.95
O3 GOL Y . -20.12 20.60 7.26
N SAH Z . 53.29 36.74 29.70
CA SAH Z . 53.27 35.43 29.04
CB SAH Z . 54.60 34.72 29.24
CG SAH Z . 55.85 35.50 28.80
SD SAH Z . 57.49 34.70 29.02
C SAH Z . 52.05 34.63 29.53
O SAH Z . 51.18 35.11 30.26
OXT SAH Z . 51.82 33.46 29.23
C5' SAH Z . 57.20 33.45 27.74
C4' SAH Z . 57.00 32.03 28.24
O4' SAH Z . 55.62 31.75 28.48
C3' SAH Z . 57.44 30.97 27.25
O3' SAH Z . 58.78 30.59 27.40
C2' SAH Z . 56.54 29.80 27.57
O2' SAH Z . 57.04 29.14 28.70
C1' SAH Z . 55.26 30.48 28.01
N9 SAH Z . 54.33 30.58 26.87
C8 SAH Z . 53.93 31.73 26.24
N7 SAH Z . 53.08 31.38 25.26
C5 SAH Z . 52.94 30.05 25.24
C6 SAH Z . 52.20 29.17 24.44
N6 SAH Z . 51.41 29.61 23.46
N1 SAH Z . 52.27 27.83 24.67
C2 SAH Z . 53.06 27.34 25.69
N3 SAH Z . 53.79 28.21 26.46
C4 SAH Z . 53.73 29.54 26.24
C1 GOL AA . 63.24 28.92 27.91
O1 GOL AA . 62.79 27.67 27.45
C2 GOL AA . 63.61 29.84 26.75
O2 GOL AA . 63.22 31.16 27.05
C3 GOL AA . 65.12 29.84 26.58
O3 GOL AA . 65.69 30.44 27.73
C1 GOL BA . 37.25 22.04 41.91
O1 GOL BA . 37.24 21.18 40.78
C2 GOL BA . 38.36 23.07 41.85
O2 GOL BA . 38.01 24.14 41.01
C3 GOL BA . 38.63 23.60 43.24
O3 GOL BA . 40.01 23.46 43.53
N SAH CA . 36.31 31.70 39.11
CA SAH CA . 36.95 32.66 40.00
CB SAH CA . 37.13 32.05 41.38
CG SAH CA . 35.85 31.52 42.02
SD SAH CA . 35.95 31.35 43.82
C SAH CA . 38.28 33.10 39.40
O SAH CA . 38.76 32.51 38.44
OXT SAH CA . 38.91 34.07 39.82
C5' SAH CA . 35.51 33.08 44.05
C4' SAH CA . 36.66 33.82 44.71
O4' SAH CA . 37.41 34.49 43.73
C3' SAH CA . 36.25 34.87 45.72
O3' SAH CA . 36.21 34.34 47.01
C2' SAH CA . 37.35 35.89 45.62
O2' SAH CA . 38.45 35.51 46.42
C1' SAH CA . 37.79 35.77 44.19
N9 SAH CA . 37.20 36.80 43.30
C8 SAH CA . 36.37 36.60 42.22
N7 SAH CA . 36.08 37.78 41.65
C5 SAH CA . 36.73 38.74 42.35
C6 SAH CA . 36.80 40.09 42.19
N6 SAH CA . 36.13 40.66 41.21
N1 SAH CA . 37.56 40.84 43.05
C2 SAH CA . 38.26 40.24 44.08
N3 SAH CA . 38.19 38.88 44.21
C4 SAH CA . 37.44 38.14 43.37
C1 GOL DA . 44.50 36.86 33.19
O1 GOL DA . 44.78 37.89 34.10
C2 GOL DA . 44.45 35.46 33.81
O2 GOL DA . 43.12 35.01 33.69
C3 GOL DA . 45.26 34.50 32.95
O3 GOL DA . 44.54 33.34 32.58
C1 GOL EA . 59.21 39.70 33.90
O1 GOL EA . 59.34 38.32 34.15
C2 GOL EA . 58.62 40.37 35.12
O2 GOL EA . 58.88 39.52 36.19
C3 GOL EA . 59.30 41.73 35.33
O3 GOL EA . 58.38 42.82 35.33
C1 GOL FA . 34.66 31.65 52.28
O1 GOL FA . 34.04 30.89 51.27
C2 GOL FA . 35.07 33.00 51.69
O2 GOL FA . 33.93 33.67 51.19
C3 GOL FA . 35.75 33.86 52.73
O3 GOL FA . 36.63 34.75 52.09
N SAH GA . -8.98 -13.52 -1.18
CA SAH GA . -8.82 -12.10 -0.89
CB SAH GA . -9.20 -11.76 0.55
CG SAH GA . -10.68 -11.98 0.85
SD SAH GA . -11.35 -11.65 2.51
C SAH GA . -7.39 -11.66 -1.23
O SAH GA . -6.52 -12.46 -1.58
OXT SAH GA . -7.02 -10.49 -1.18
C5' SAH GA . -11.40 -9.84 2.34
C4' SAH GA . -10.29 -9.07 3.05
O4' SAH GA . -9.18 -8.85 2.20
C3' SAH GA . -10.71 -7.68 3.48
O3' SAH GA . -11.29 -7.64 4.75
C2' SAH GA . -9.43 -6.87 3.46
O2' SAH GA . -8.68 -7.03 4.62
C1' SAH GA . -8.66 -7.54 2.36
N9 SAH GA . -8.72 -6.78 1.09
C8 SAH GA . -9.23 -7.25 -0.07
N7 SAH GA . -9.08 -6.29 -1.01
C5 SAH GA . -8.47 -5.22 -0.48
C6 SAH GA . -8.08 -3.99 -1.00
N6 SAH GA . -8.28 -3.67 -2.28
N1 SAH GA . -7.46 -3.08 -0.18
C2 SAH GA . -7.22 -3.39 1.14
N3 SAH GA . -7.61 -4.61 1.65
C4 SAH GA . -8.23 -5.52 0.86
C1 GOL HA . -15.59 -6.40 8.67
O1 GOL HA . -16.10 -6.64 7.39
C2 GOL HA . -14.18 -7.00 8.79
O2 GOL HA . -13.49 -6.73 7.60
C3 GOL HA . -13.37 -6.30 9.87
O3 GOL HA . -12.14 -5.91 9.29
C1 GOL IA . 15.08 -10.52 -1.21
O1 GOL IA . 14.78 -11.75 -0.61
C2 GOL IA . 14.21 -9.46 -0.56
O2 GOL IA . 13.83 -9.99 0.69
C3 GOL IA . 15.03 -8.19 -0.37
O3 GOL IA . 14.55 -7.09 -1.13
N SAH JA . 9.69 -13.84 -6.42
CA SAH JA . 9.55 -15.28 -6.42
CB SAH JA . 10.61 -15.90 -5.50
CG SAH JA . 12.05 -15.72 -5.99
SD SAH JA . 13.35 -16.66 -5.12
C SAH JA . 8.11 -15.65 -6.04
O SAH JA . 7.27 -14.81 -5.74
OXT SAH JA . 7.67 -16.78 -5.99
C5' SAH JA . 13.12 -18.21 -6.03
C4' SAH JA . 12.43 -19.30 -5.23
O4' SAH JA . 11.03 -19.20 -5.41
C3' SAH JA . 12.77 -20.74 -5.60
O3' SAH JA . 13.86 -21.31 -4.91
C2' SAH JA . 11.50 -21.47 -5.25
O2' SAH JA . 11.45 -21.73 -3.86
C1' SAH JA . 10.43 -20.46 -5.58
N9 SAH JA . 9.88 -20.60 -6.97
C8 SAH JA . 9.91 -19.69 -7.97
N7 SAH JA . 9.30 -20.20 -9.05
C5 SAH JA . 8.85 -21.43 -8.75
C6 SAH JA . 8.14 -22.42 -9.45
N6 SAH JA . 7.75 -22.26 -10.72
N1 SAH JA . 7.83 -23.60 -8.84
C2 SAH JA . 8.20 -23.83 -7.54
N3 SAH JA . 8.89 -22.87 -6.85
C4 SAH JA . 9.21 -21.70 -7.44
C1 GOL KA . -1.31 -14.76 -6.29
O1 GOL KA . -1.78 -16.11 -6.29
C2 GOL KA . -0.32 -14.34 -5.20
O2 GOL KA . 0.83 -15.08 -5.44
C3 GOL KA . 0.14 -12.93 -5.51
O3 GOL KA . -0.14 -12.03 -4.48
C1 GOL LA . 18.10 -24.13 -2.56
O1 GOL LA . 16.72 -24.36 -2.67
C2 GOL LA . 18.54 -22.94 -3.41
O2 GOL LA . 19.24 -22.00 -2.62
C3 GOL LA . 19.49 -23.43 -4.49
O3 GOL LA . 19.14 -22.81 -5.71
N SAH MA . -61.14 -15.68 -31.24
CA SAH MA . -62.15 -16.71 -31.47
CB SAH MA . -62.03 -17.25 -32.90
CG SAH MA . -62.47 -16.26 -33.99
SD SAH MA . -62.45 -16.83 -35.72
C SAH MA . -62.02 -17.76 -30.37
O SAH MA . -61.17 -17.67 -29.50
OXT SAH MA . -62.78 -18.72 -30.24
C5' SAH MA . -64.15 -17.44 -35.72
C4' SAH MA . -64.21 -18.96 -35.67
O4' SAH MA . -64.20 -19.35 -34.33
C3' SAH MA . -65.46 -19.58 -36.27
O3' SAH MA . -65.29 -19.95 -37.60
C2' SAH MA . -65.66 -20.82 -35.44
O2' SAH MA . -64.95 -21.89 -35.99
C1' SAH MA . -65.01 -20.48 -34.12
N9 SAH MA . -66.05 -20.15 -33.14
C8 SAH MA . -66.30 -18.93 -32.58
N7 SAH MA . -67.33 -19.06 -31.73
C5 SAH MA . -67.73 -20.34 -31.73
C6 SAH MA . -68.74 -21.02 -31.06
N6 SAH MA . -69.53 -20.37 -30.20
N1 SAH MA . -68.93 -22.37 -31.28
C2 SAH MA . -68.12 -23.07 -32.17
N3 SAH MA . -67.12 -22.38 -32.84
C4 SAH MA . -66.94 -21.05 -32.62
C1 GOL NA . -59.22 -20.02 -23.64
O1 GOL NA . -60.21 -20.80 -23.02
C2 GOL NA . -58.42 -19.21 -22.63
O2 GOL NA . -57.60 -20.11 -21.92
C3 GOL NA . -57.49 -18.21 -23.33
O3 GOL NA . -57.59 -16.88 -22.87
C1 GOL OA . -66.26 -21.46 -41.07
O1 GOL OA . -65.94 -22.81 -40.94
C2 GOL OA . -65.58 -20.89 -42.30
O2 GOL OA . -65.44 -21.94 -43.22
C3 GOL OA . -66.44 -19.78 -42.89
O3 GOL OA . -65.69 -19.09 -43.88
C1 GOL PA . -55.43 -35.81 -17.45
O1 GOL PA . -56.84 -35.72 -17.30
C2 GOL PA . -54.76 -34.44 -17.53
O2 GOL PA . -53.35 -34.54 -17.51
C3 GOL PA . -55.17 -33.73 -18.80
O3 GOL PA . -54.29 -34.10 -19.82
N SAH QA . -55.05 -26.40 -16.09
CA SAH QA . -53.87 -25.55 -15.98
CB SAH QA . -52.60 -26.36 -16.17
CG SAH QA . -52.30 -27.31 -15.01
SD SAH QA . -50.69 -28.11 -15.05
C SAH QA . -53.95 -24.39 -16.96
O SAH QA . -54.78 -24.36 -17.87
OXT SAH QA . -53.18 -23.45 -16.85
C5' SAH QA . -49.77 -26.69 -14.40
C4' SAH QA . -48.75 -26.08 -15.37
O4' SAH QA . -49.36 -24.97 -15.98
C3' SAH QA . -47.49 -25.52 -14.72
O3' SAH QA . -46.42 -26.42 -14.60
C2' SAH QA . -47.10 -24.41 -15.66
O2' SAH QA . -46.41 -24.95 -16.75
C1' SAH QA . -48.44 -23.92 -16.15
N9 SAH QA . -48.93 -22.72 -15.44
C8 SAH QA . -50.04 -22.66 -14.66
N7 SAH QA . -50.19 -21.41 -14.19
C5 SAH QA . -49.20 -20.66 -14.68
C6 SAH QA . -48.89 -19.30 -14.52
N6 SAH QA . -49.65 -18.53 -13.77
N1 SAH QA . -47.78 -18.79 -15.16
C2 SAH QA . -47.00 -19.60 -15.95
N3 SAH QA . -47.32 -20.93 -16.10
C4 SAH QA . -48.40 -21.45 -15.48
C1 GOL RA . -55.62 -13.72 -37.00
O1 GOL RA . -56.11 -15.02 -36.86
C2 GOL RA . -54.35 -13.63 -36.22
O2 GOL RA . -53.67 -14.83 -36.52
C3 GOL RA . -53.55 -12.43 -36.68
O3 GOL RA . -53.22 -11.55 -35.61
C1 GOL SA . -43.26 -28.90 -12.91
O1 GOL SA . -42.85 -29.87 -11.99
C2 GOL SA . -42.03 -28.35 -13.62
O2 GOL SA . -41.38 -29.37 -14.33
C3 GOL SA . -42.49 -27.28 -14.58
O3 GOL SA . -41.70 -27.34 -15.74
N SAH TA . -27.53 -43.38 25.80
CA SAH TA . -28.76 -42.76 26.26
CB SAH TA . -29.94 -43.60 25.82
CG SAH TA . -30.29 -43.39 24.35
SD SAH TA . -31.33 -44.69 23.64
C SAH TA . -28.74 -42.54 27.77
O SAH TA . -27.76 -42.84 28.45
OXT SAH TA . -29.69 -42.04 28.38
C5' SAH TA . -32.78 -43.59 23.60
C4' SAH TA . -33.77 -43.85 24.72
O4' SAH TA . -33.30 -43.27 25.92
C3' SAH TA . -35.14 -43.23 24.48
O3' SAH TA . -36.04 -44.10 23.82
C2' SAH TA . -35.62 -42.94 25.87
O2' SAH TA . -36.23 -44.07 26.43
C1' SAH TA . -34.35 -42.64 26.64
N9 SAH TA . -34.14 -41.19 26.71
C8 SAH TA . -33.13 -40.48 26.12
N7 SAH TA . -33.27 -39.17 26.44
C5 SAH TA . -34.36 -39.03 27.22
C6 SAH TA . -34.96 -37.92 27.81
N6 SAH TA . -34.46 -36.71 27.65
N1 SAH TA . -36.09 -38.10 28.57
C2 SAH TA . -36.63 -39.36 28.76
N3 SAH TA . -36.02 -40.44 28.17
C4 SAH TA . -34.91 -40.28 27.40
C1 GOL UA . -24.60 -41.91 35.60
O1 GOL UA . -23.34 -41.77 34.99
C2 GOL UA . -25.47 -40.68 35.35
O2 GOL UA . -26.41 -40.98 34.36
C3 GOL UA . -26.22 -40.30 36.63
O3 GOL UA . -26.69 -38.97 36.58
C1 GOL VA . -37.85 -47.54 20.76
O1 GOL VA . -38.39 -48.68 20.13
C2 GOL VA . -38.90 -46.44 20.89
O2 GOL VA . -39.41 -46.18 19.61
C3 GOL VA . -40.04 -46.90 21.80
O3 GOL VA . -39.95 -46.23 23.03
N SAH WA . -23.27 -42.15 44.98
CA SAH WA . -22.08 -42.91 44.62
CB SAH WA . -22.00 -44.15 45.48
CG SAH WA . -21.59 -43.90 46.93
SD SAH WA . -21.68 -45.41 47.95
C SAH WA . -22.07 -43.23 43.12
O SAH WA . -22.90 -42.73 42.35
OXT SAH WA . -21.22 -43.98 42.61
C5' SAH WA . -19.88 -45.68 47.95
C4' SAH WA . -19.47 -46.73 46.93
O4' SAH WA . -19.41 -46.15 45.66
C3' SAH WA . -18.09 -47.37 47.13
O3' SAH WA . -18.10 -48.47 48.02
C2' SAH WA . -17.72 -47.81 45.74
O2' SAH WA . -18.23 -49.08 45.43
C1' SAH WA . -18.44 -46.81 44.86
N9 SAH WA . -17.54 -45.80 44.29
C8 SAH WA . -17.65 -44.44 44.40
N7 SAH WA . -16.63 -43.88 43.72
C5 SAH WA . -15.88 -44.87 43.18
C6 SAH WA . -14.72 -44.87 42.38
N6 SAH WA . -14.15 -43.72 42.03
N1 SAH WA . -14.17 -46.07 41.97
C2 SAH WA . -14.76 -47.28 42.33
N3 SAH WA . -15.89 -47.27 43.11
C4 SAH WA . -16.44 -46.09 43.53
C1 GOL XA . -16.73 -51.19 50.19
O1 GOL XA . -16.65 -52.37 49.42
C2 GOL XA . -17.60 -51.42 51.43
O2 GOL XA . -17.61 -52.80 51.77
C3 GOL XA . -17.03 -50.57 52.58
O3 GOL XA . -17.98 -50.48 53.63
#